data_8AJB
#
_entry.id   8AJB
#
loop_
_entity.id
_entity.type
_entity.pdbx_description
1 polymer Crescentin
2 polymer 'Crescentin-specific megabody MB13'
#
loop_
_entity_poly.entity_id
_entity_poly.type
_entity_poly.pdbx_seq_one_letter_code
_entity_poly.pdbx_strand_id
1 'polypeptide(L)'
;MRLLSKNSRETKNGKPTVLGDEARAEAMQHQIESTQAIGQRYETIHGGLDSIGRVMEHLKAIEPLIAEIRGPVSQEFEAR
RAEHAELIAVRANLDQAQRQIALIQAEEREVSARLAAAETALGESDARRQTQDAALEDNALEIDRLRNALLQSDLKVSSL
DASLRDATARIEHLVQDVEGLRVQAQDIDARRGDAEAALARANQDNALLGEEAATLKKRVDQAGLDLARLSRIETDLEAQ
LAAERARVQAVENALAAHQADSGRTIRGLESQVEANRAEISALQTRLETATGRADKLEEMNGQISARLADSSAQQKAVER
RAGDLNVALERALDRIRALEEEADGLRQRHAGVDTARATAIERADQLAKSAVAQEKALKRAEERAQQLRARLDAMQEAQD
QVRRDSATHEAKIAELQATIERLTSEAALAEGALEAARRDRSRLQMALLGASDGDVAASA
;
A,B,C,D,G,H,I,J,M,N,O,P,S,T,U,V
2 'polypeptide(L)'
;EVQLQESGGGLVYKEETQSGLNNYARVVEKGQYDSLEIPAQVAASWESGRDDAAVFGFIDKEQLDKYVANGGKRSDWTVK
FAENRSQDGTLLGYSLLQESVDQASYMYSDNHYLAEMATILGKPEEAKRYRQLAQQLADYINTCMFDPTTQFYYDVRIED
KPLANGCAGKPIVERGKGPEGWSPLFNGAATQANADAVVKVMLDPKEFNTFVPLGTAALTNPAFGADIYWRGRVWVDQFW
FGLKGMERYGYRDDALKLADTFFRHAKGLTADGPIQENYNPLTGAQQGAPNFSWSAAHLYMLYNDFFRKQASGGGSGGGG
SGGGGSGNADNYKNVINRTGAPQYMKDYDYDDHQRFNPFFDLGAWHGHLLPDGPNTMGGFPGVALLTEEYINFMASNFDR
LTVWQDGKKVDFTLEAYSIPGALVQKLTAKDVQVEMTLRFATPRTSLLETKITSNKPLDLVWDGELLEKLEAKEGKPLSD
KTIAGEYPDYQRKISATRDGLKVTFGKVRATWDLLTSGESEYQVHKSLPVQTEINGNRFTSKAHINGSTTLYTTYSHLLT
AQEVSKEQMQIRDILARPAFYLTASQQRWEEYLKKGLTNPDATPEQTRVAVKAIETLNGNWRSPGGAVKFNTVTPSVTGR
WFSGNQTWPWDTWKQAFAMAHFNPDIAKENIRAVFSWQIQPGDSVRPQDVGFVPDLIAWNLSPERGGDGGNWNERNTKPS
LAAWSVMEVYNVTQDKTWVAEMYPKLVAYHDWWLRNRDHNGNGVPEYGATRDKAHNTESGEMLFTVKKDSLRLSCASSRS
IDGINIMRWYRQAPGKQRGMVAVVTGWGSTNYVDSVKGRFIISRDSAKDTVYLQMNNLKPEDTAVYSCNAIYRGSEYWGQ
GTQVTVSSGENLYFQGSHHHHHHHHHH
;
E,F,K,L,Q,R,W,X
#
# COMPACT_ATOMS: atom_id res chain seq x y z
N GLU A 33 23.00 22.04 -97.88
CA GLU A 33 23.37 22.35 -96.50
C GLU A 33 22.49 23.47 -95.95
N SER A 34 22.04 24.34 -96.85
CA SER A 34 21.39 25.58 -96.50
C SER A 34 20.20 25.44 -95.56
N THR A 35 19.48 24.31 -95.61
CA THR A 35 18.39 24.09 -94.66
C THR A 35 18.64 22.89 -93.76
N GLN A 36 19.01 21.76 -94.34
CA GLN A 36 19.21 20.57 -93.52
C GLN A 36 20.32 20.77 -92.50
N ALA A 37 21.43 21.40 -92.89
CA ALA A 37 22.45 21.75 -91.93
C ALA A 37 21.90 22.74 -90.90
N ILE A 38 21.19 23.78 -91.38
CA ILE A 38 20.55 24.69 -90.43
C ILE A 38 19.50 23.94 -89.63
N GLY A 39 18.93 22.89 -90.20
CA GLY A 39 18.08 22.02 -89.43
C GLY A 39 18.79 21.51 -88.21
N GLN A 40 19.82 20.68 -88.43
CA GLN A 40 20.52 20.06 -87.30
C GLN A 40 21.05 21.12 -86.35
N ARG A 41 21.51 22.24 -86.91
CA ARG A 41 21.99 23.32 -86.05
C ARG A 41 20.88 23.84 -85.16
N TYR A 42 19.65 23.94 -85.68
CA TYR A 42 18.59 24.48 -84.84
C TYR A 42 18.12 23.47 -83.82
N GLU A 43 18.13 22.19 -84.16
CA GLU A 43 17.92 21.22 -83.09
C GLU A 43 18.97 21.36 -82.01
N THR A 44 20.24 21.59 -82.38
CA THR A 44 21.25 21.81 -81.35
C THR A 44 20.95 23.06 -80.54
N ILE A 45 20.47 24.12 -81.20
CA ILE A 45 20.19 25.36 -80.49
C ILE A 45 19.11 25.13 -79.44
N HIS A 46 18.02 24.48 -79.82
CA HIS A 46 16.94 24.25 -78.86
C HIS A 46 17.32 23.22 -77.81
N GLY A 47 18.08 22.19 -78.19
CA GLY A 47 18.57 21.28 -77.20
C GLY A 47 19.36 22.00 -76.14
N GLY A 48 20.25 22.90 -76.55
CA GLY A 48 21.03 23.66 -75.59
C GLY A 48 20.18 24.57 -74.74
N LEU A 49 19.26 25.30 -75.37
CA LEU A 49 18.46 26.24 -74.60
C LEU A 49 17.63 25.52 -73.55
N ASP A 50 16.93 24.47 -73.95
CA ASP A 50 16.09 23.75 -73.00
C ASP A 50 16.93 22.99 -72.00
N SER A 51 18.14 22.56 -72.38
CA SER A 51 19.01 21.89 -71.43
C SER A 51 19.43 22.84 -70.33
N ILE A 52 19.77 24.06 -70.70
CA ILE A 52 20.04 25.08 -69.69
C ILE A 52 18.80 25.30 -68.85
N GLY A 53 17.62 25.25 -69.48
CA GLY A 53 16.39 25.35 -68.72
C GLY A 53 16.25 24.24 -67.68
N ARG A 54 16.60 23.03 -68.07
CA ARG A 54 16.53 21.90 -67.16
C ARG A 54 17.50 22.08 -66.00
N VAL A 55 18.73 22.52 -66.31
CA VAL A 55 19.70 22.74 -65.25
C VAL A 55 19.22 23.81 -64.29
N MET A 56 18.66 24.89 -64.83
CA MET A 56 18.10 25.91 -63.96
C MET A 56 16.97 25.35 -63.11
N GLU A 57 16.17 24.45 -63.66
CA GLU A 57 15.12 23.84 -62.85
C GLU A 57 15.72 23.04 -61.71
N HIS A 58 16.79 22.29 -61.98
CA HIS A 58 17.44 21.57 -60.88
C HIS A 58 17.96 22.52 -59.83
N LEU A 59 18.53 23.64 -60.24
CA LEU A 59 18.90 24.72 -59.34
C LEU A 59 17.71 25.24 -58.54
N LYS A 60 16.53 25.28 -59.13
CA LYS A 60 15.38 25.92 -58.51
C LYS A 60 15.10 25.42 -57.10
N ALA A 61 15.46 24.18 -56.80
CA ALA A 61 15.07 23.53 -55.56
C ALA A 61 16.16 23.59 -54.49
N ILE A 62 16.97 24.64 -54.47
CA ILE A 62 18.08 24.64 -53.53
C ILE A 62 17.72 25.44 -52.28
N GLU A 63 16.94 26.51 -52.43
CA GLU A 63 16.46 27.29 -51.28
C GLU A 63 15.76 26.47 -50.20
N PRO A 64 14.89 25.51 -50.53
CA PRO A 64 14.30 24.69 -49.45
C PRO A 64 15.35 24.04 -48.57
N LEU A 65 16.50 23.67 -49.15
CA LEU A 65 17.60 23.20 -48.33
C LEU A 65 18.06 24.29 -47.37
N ILE A 66 18.09 25.54 -47.81
CA ILE A 66 18.47 26.62 -46.91
C ILE A 66 17.46 26.74 -45.78
N ALA A 67 16.16 26.66 -46.08
CA ALA A 67 15.18 26.73 -45.01
C ALA A 67 15.34 25.60 -44.01
N GLU A 68 15.62 24.38 -44.49
CA GLU A 68 15.91 23.26 -43.62
C GLU A 68 17.16 23.45 -42.80
N ILE A 69 18.15 24.16 -43.32
CA ILE A 69 19.40 24.38 -42.63
C ILE A 69 19.32 25.61 -41.71
N ARG A 70 18.12 26.17 -41.55
CA ARG A 70 17.97 27.30 -40.63
C ARG A 70 16.86 27.20 -39.60
N GLY A 71 15.66 26.69 -39.93
CA GLY A 71 14.51 26.98 -39.10
C GLY A 71 14.56 26.44 -37.67
N PRO A 72 14.37 25.13 -37.51
CA PRO A 72 14.60 24.54 -36.19
C PRO A 72 16.05 24.60 -35.77
N VAL A 73 16.93 24.88 -36.72
CA VAL A 73 18.33 25.14 -36.42
C VAL A 73 18.43 26.31 -35.45
N SER A 74 17.94 27.48 -35.90
CA SER A 74 17.89 28.65 -35.02
C SER A 74 16.98 28.40 -33.82
N GLN A 75 16.00 27.50 -33.96
CA GLN A 75 15.18 27.15 -32.80
C GLN A 75 16.03 26.61 -31.65
N GLU A 76 16.93 25.66 -31.93
CA GLU A 76 17.82 25.26 -30.84
C GLU A 76 18.84 26.32 -30.50
N PHE A 77 19.12 27.26 -31.42
CA PHE A 77 20.10 28.26 -31.00
C PHE A 77 19.48 29.19 -29.97
N GLU A 78 18.16 29.26 -29.95
CA GLU A 78 17.47 29.83 -28.79
C GLU A 78 17.42 28.83 -27.63
N ALA A 79 17.29 27.55 -27.94
CA ALA A 79 17.16 26.54 -26.88
C ALA A 79 18.43 26.47 -26.03
N ARG A 80 19.56 26.92 -26.57
CA ARG A 80 20.78 26.99 -25.76
C ARG A 80 20.58 27.93 -24.58
N ARG A 81 20.03 29.12 -24.84
CA ARG A 81 19.68 30.02 -23.75
C ARG A 81 18.55 29.46 -22.92
N ALA A 82 17.66 28.68 -23.54
CA ALA A 82 16.56 28.08 -22.78
C ALA A 82 17.07 27.10 -21.72
N GLU A 83 18.06 26.28 -22.06
CA GLU A 83 18.50 25.17 -21.23
C GLU A 83 19.93 25.34 -20.72
N HIS A 84 20.44 26.57 -20.77
CA HIS A 84 21.65 26.94 -20.06
C HIS A 84 21.38 27.35 -18.61
N ALA A 85 20.13 27.35 -18.15
CA ALA A 85 19.77 27.85 -16.84
C ALA A 85 19.61 26.76 -15.78
N GLU A 86 19.09 25.58 -16.12
CA GLU A 86 18.92 24.56 -15.10
C GLU A 86 20.26 23.97 -14.65
N LEU A 87 21.32 24.22 -15.40
CA LEU A 87 22.67 24.00 -14.91
C LEU A 87 23.11 25.11 -13.96
N ILE A 88 22.66 26.34 -14.19
CA ILE A 88 22.82 27.36 -13.17
C ILE A 88 22.02 26.98 -11.93
N ALA A 89 20.89 26.29 -12.12
CA ALA A 89 20.13 25.76 -10.99
C ALA A 89 20.94 24.74 -10.20
N VAL A 90 21.73 23.90 -10.87
CA VAL A 90 22.58 22.98 -10.13
C VAL A 90 23.78 23.71 -9.55
N ARG A 91 24.15 24.85 -10.13
CA ARG A 91 25.11 25.72 -9.46
C ARG A 91 24.56 26.19 -8.13
N ALA A 92 23.30 26.60 -8.12
CA ALA A 92 22.61 26.94 -6.87
C ALA A 92 22.49 25.74 -5.94
N ASN A 93 22.26 24.55 -6.49
CA ASN A 93 22.22 23.34 -5.68
C ASN A 93 23.54 23.13 -4.96
N LEU A 94 24.66 23.24 -5.67
CA LEU A 94 25.96 23.12 -5.03
C LEU A 94 26.20 24.23 -4.02
N ASP A 95 25.79 25.45 -4.33
CA ASP A 95 25.97 26.53 -3.36
C ASP A 95 25.19 26.28 -2.09
N GLN A 96 23.92 25.84 -2.23
CA GLN A 96 23.10 25.60 -1.04
C GLN A 96 23.62 24.41 -0.25
N ALA A 97 24.07 23.37 -0.94
CA ALA A 97 24.70 22.26 -0.24
C ALA A 97 25.96 22.72 0.47
N GLN A 98 26.71 23.64 -0.12
CA GLN A 98 27.95 24.08 0.50
C GLN A 98 27.67 24.82 1.80
N ARG A 99 26.77 25.81 1.78
CA ARG A 99 26.59 26.48 3.06
C ARG A 99 25.77 25.63 4.03
N GLN A 100 25.06 24.61 3.54
CA GLN A 100 24.45 23.66 4.46
C GLN A 100 25.50 22.81 5.15
N ILE A 101 26.54 22.42 4.41
CA ILE A 101 27.70 21.80 5.04
C ILE A 101 28.24 22.71 6.11
N ALA A 102 28.37 23.99 5.81
CA ALA A 102 28.84 24.91 6.84
C ALA A 102 27.93 24.88 8.06
N LEU A 103 26.61 24.89 7.84
CA LEU A 103 25.66 24.94 8.95
C LEU A 103 25.75 23.69 9.81
N ILE A 104 25.67 22.52 9.19
CA ILE A 104 25.75 21.28 9.95
C ILE A 104 27.11 21.13 10.60
N GLN A 105 28.17 21.67 9.97
CA GLN A 105 29.48 21.64 10.60
C GLN A 105 29.48 22.45 11.88
N ALA A 106 28.89 23.65 11.84
CA ALA A 106 28.82 24.46 13.05
C ALA A 106 28.01 23.78 14.14
N GLU A 107 26.87 23.19 13.77
CA GLU A 107 26.06 22.48 14.75
C GLU A 107 26.82 21.31 15.36
N GLU A 108 27.58 20.59 14.54
CA GLU A 108 28.43 19.54 15.05
C GLU A 108 29.43 20.08 16.04
N ARG A 109 29.99 21.25 15.74
CA ARG A 109 30.93 21.87 16.68
C ARG A 109 30.26 22.16 18.02
N GLU A 110 29.04 22.69 17.97
CA GLU A 110 28.33 23.03 19.20
C GLU A 110 28.01 21.77 20.01
N VAL A 111 27.56 20.72 19.33
CA VAL A 111 27.23 19.49 20.04
C VAL A 111 28.47 18.86 20.63
N SER A 112 29.60 18.90 19.91
CA SER A 112 30.83 18.35 20.46
C SER A 112 31.32 19.17 21.64
N ALA A 113 31.07 20.48 21.64
CA ALA A 113 31.44 21.30 22.79
C ALA A 113 30.59 20.95 24.02
N ARG A 114 29.28 20.79 23.83
CA ARG A 114 28.45 20.33 24.93
C ARG A 114 28.91 18.98 25.43
N LEU A 115 29.26 18.09 24.51
CA LEU A 115 29.74 16.77 24.91
C LEU A 115 31.05 16.86 25.68
N ALA A 116 31.95 17.75 25.28
CA ALA A 116 33.22 17.89 26.01
C ALA A 116 32.98 18.41 27.43
N ALA A 117 32.11 19.41 27.57
CA ALA A 117 31.80 19.92 28.90
C ALA A 117 31.15 18.86 29.77
N ALA A 118 30.22 18.10 29.20
CA ALA A 118 29.58 17.01 29.95
C ALA A 118 30.60 15.95 30.35
N GLU A 119 31.52 15.61 29.47
CA GLU A 119 32.52 14.62 29.83
C GLU A 119 33.49 15.11 30.88
N THR A 120 33.75 16.43 30.93
CA THR A 120 34.56 16.94 32.03
C THR A 120 33.80 16.90 33.36
N ALA A 121 32.55 17.36 33.36
CA ALA A 121 31.78 17.36 34.60
C ALA A 121 31.52 15.95 35.10
N LEU A 122 31.32 14.99 34.21
CA LEU A 122 31.12 13.61 34.65
C LEU A 122 32.36 13.07 35.35
N GLY A 123 33.54 13.30 34.78
CA GLY A 123 34.75 12.85 35.43
C GLY A 123 34.97 13.49 36.78
N GLU A 124 34.74 14.81 36.85
CA GLU A 124 34.91 15.49 38.13
C GLU A 124 33.93 14.96 39.17
N SER A 125 32.68 14.73 38.76
CA SER A 125 31.70 14.16 39.69
C SER A 125 32.11 12.79 40.15
N ASP A 126 32.63 11.96 39.24
CA ASP A 126 32.97 10.60 39.64
C ASP A 126 34.14 10.60 40.62
N ALA A 127 35.14 11.47 40.38
CA ALA A 127 36.26 11.57 41.31
C ALA A 127 35.81 12.05 42.69
N ARG A 128 35.04 13.15 42.72
CA ARG A 128 34.53 13.66 43.98
C ARG A 128 33.69 12.60 44.68
N ARG A 129 32.91 11.86 43.92
CA ARG A 129 32.09 10.80 44.47
C ARG A 129 32.96 9.74 45.11
N GLN A 130 34.06 9.36 44.46
CA GLN A 130 34.92 8.34 45.05
C GLN A 130 35.54 8.84 46.34
N THR A 131 36.00 10.09 46.37
CA THR A 131 36.61 10.62 47.59
C THR A 131 35.59 10.63 48.73
N GLN A 132 34.42 11.23 48.51
CA GLN A 132 33.44 11.25 49.58
C GLN A 132 32.87 9.88 49.86
N ASP A 133 32.94 8.95 48.92
CA ASP A 133 32.46 7.61 49.20
C ASP A 133 33.39 6.89 50.18
N ALA A 134 34.70 6.98 49.94
CA ALA A 134 35.64 6.45 50.90
C ALA A 134 35.51 7.14 52.25
N ALA A 135 35.36 8.47 52.24
CA ALA A 135 35.21 9.19 53.49
C ALA A 135 33.96 8.76 54.23
N LEU A 136 32.87 8.49 53.52
CA LEU A 136 31.64 8.12 54.20
C LEU A 136 31.72 6.70 54.74
N GLU A 137 32.42 5.82 54.04
CA GLU A 137 32.67 4.49 54.61
C GLU A 137 33.51 4.58 55.88
N ASP A 138 34.56 5.40 55.85
CA ASP A 138 35.39 5.58 57.05
C ASP A 138 34.57 6.19 58.18
N ASN A 139 33.69 7.12 57.85
CA ASN A 139 32.80 7.71 58.83
C ASN A 139 31.90 6.65 59.45
N ALA A 140 31.40 5.72 58.64
CA ALA A 140 30.58 4.65 59.18
C ALA A 140 31.37 3.80 60.18
N LEU A 141 32.59 3.43 59.81
CA LEU A 141 33.41 2.63 60.72
C LEU A 141 33.70 3.39 62.02
N GLU A 142 34.07 4.66 61.91
CA GLU A 142 34.40 5.45 63.10
C GLU A 142 33.20 5.60 64.01
N ILE A 143 32.02 5.84 63.43
CA ILE A 143 30.84 5.93 64.27
C ILE A 143 30.59 4.60 64.96
N ASP A 144 30.85 3.48 64.28
CA ASP A 144 30.74 2.20 64.97
C ASP A 144 31.68 2.14 66.17
N ARG A 145 32.91 2.62 65.99
CA ARG A 145 33.87 2.61 67.11
C ARG A 145 33.36 3.46 68.27
N LEU A 146 32.88 4.65 67.98
CA LEU A 146 32.38 5.51 69.06
C LEU A 146 31.19 4.88 69.76
N ARG A 147 30.31 4.21 69.01
CA ARG A 147 29.21 3.51 69.67
C ARG A 147 29.72 2.41 70.59
N ASN A 148 30.81 1.74 70.19
CA ASN A 148 31.37 0.68 71.04
C ASN A 148 32.00 1.28 72.31
N ALA A 149 32.74 2.37 72.17
CA ALA A 149 33.33 3.01 73.35
C ALA A 149 32.22 3.51 74.28
N LEU A 150 31.14 4.01 73.70
CA LEU A 150 29.99 4.36 74.53
C LEU A 150 29.43 3.13 75.22
N LEU A 151 29.39 1.99 74.52
CA LEU A 151 29.01 0.74 75.15
C LEU A 151 29.80 0.51 76.43
N GLN A 152 31.12 0.43 76.30
CA GLN A 152 31.92 0.04 77.45
C GLN A 152 31.82 1.07 78.56
N SER A 153 31.92 2.36 78.23
CA SER A 153 31.96 3.35 79.30
C SER A 153 30.59 3.49 79.96
N ASP A 154 29.51 3.27 79.23
CA ASP A 154 28.20 3.33 79.86
C ASP A 154 27.96 2.12 80.75
N LEU A 155 28.33 0.93 80.27
CA LEU A 155 28.25 -0.24 81.14
C LEU A 155 29.01 -0.01 82.43
N LYS A 156 30.22 0.52 82.32
CA LYS A 156 31.05 0.62 83.51
C LYS A 156 30.64 1.80 84.38
N VAL A 157 30.01 2.84 83.81
CA VAL A 157 29.44 3.84 84.70
C VAL A 157 28.28 3.26 85.46
N SER A 158 27.45 2.44 84.82
CA SER A 158 26.31 1.86 85.51
C SER A 158 26.76 0.94 86.64
N SER A 159 27.72 0.05 86.36
CA SER A 159 28.19 -0.87 87.37
C SER A 159 28.85 -0.13 88.52
N LEU A 160 29.72 0.82 88.22
CA LEU A 160 30.38 1.57 89.27
C LEU A 160 29.38 2.38 90.08
N ASP A 161 28.31 2.85 89.43
CA ASP A 161 27.28 3.59 90.14
C ASP A 161 26.55 2.70 91.14
N ALA A 162 26.16 1.50 90.70
CA ALA A 162 25.52 0.58 91.63
C ALA A 162 26.43 0.22 92.78
N SER A 163 27.71 -0.01 92.49
CA SER A 163 28.66 -0.33 93.55
C SER A 163 28.76 0.81 94.55
N LEU A 164 28.74 2.05 94.07
CA LEU A 164 28.89 3.14 95.03
C LEU A 164 27.61 3.36 95.82
N ARG A 165 26.44 3.06 95.25
CA ARG A 165 25.24 3.08 96.06
C ARG A 165 25.31 2.03 97.17
N ASP A 166 25.76 0.82 96.82
CA ASP A 166 26.03 -0.19 97.84
C ASP A 166 26.94 0.35 98.93
N ALA A 167 28.05 0.96 98.54
CA ALA A 167 29.01 1.45 99.52
C ALA A 167 28.38 2.51 100.42
N THR A 168 27.63 3.43 99.83
CA THR A 168 26.99 4.46 100.64
C THR A 168 26.04 3.85 101.64
N ALA A 169 25.16 2.94 101.19
CA ALA A 169 24.21 2.32 102.09
C ALA A 169 24.92 1.62 103.23
N ARG A 170 25.95 0.84 102.92
CA ARG A 170 26.71 0.20 103.97
C ARG A 170 27.29 1.23 104.92
N ILE A 171 27.63 2.41 104.40
CA ILE A 171 28.19 3.45 105.26
C ILE A 171 27.17 3.89 106.29
N GLU A 172 25.95 4.24 105.88
CA GLU A 172 25.05 4.76 106.91
C GLU A 172 24.63 3.64 107.87
N HIS A 173 24.45 2.42 107.34
CA HIS A 173 24.13 1.31 108.24
C HIS A 173 25.22 1.13 109.29
N LEU A 174 26.49 1.13 108.87
CA LEU A 174 27.55 0.87 109.83
C LEU A 174 27.76 2.06 110.76
N VAL A 175 27.43 3.27 110.30
CA VAL A 175 27.49 4.42 111.20
C VAL A 175 26.43 4.27 112.29
N GLN A 176 25.24 3.83 111.92
CA GLN A 176 24.23 3.54 112.93
C GLN A 176 24.72 2.45 113.88
N ASP A 177 25.41 1.44 113.35
CA ASP A 177 25.94 0.39 114.21
C ASP A 177 26.97 0.96 115.18
N VAL A 178 27.86 1.83 114.71
CA VAL A 178 28.89 2.38 115.57
C VAL A 178 28.27 3.21 116.68
N GLU A 179 27.31 4.07 116.33
CA GLU A 179 26.68 4.89 117.36
C GLU A 179 25.89 4.03 118.35
N GLY A 180 25.20 3.00 117.86
CA GLY A 180 24.47 2.13 118.76
C GLY A 180 25.37 1.41 119.73
N LEU A 181 26.50 0.90 119.23
CA LEU A 181 27.42 0.22 120.14
C LEU A 181 28.09 1.20 121.09
N ARG A 182 28.28 2.46 120.70
CA ARG A 182 28.73 3.44 121.68
C ARG A 182 27.70 3.56 122.81
N VAL A 183 26.43 3.73 122.45
CA VAL A 183 25.39 3.90 123.47
C VAL A 183 25.31 2.68 124.37
N GLN A 184 25.37 1.50 123.78
CA GLN A 184 25.31 0.28 124.57
C GLN A 184 26.52 0.17 125.47
N ALA A 185 27.67 0.70 125.03
CA ALA A 185 28.84 0.75 125.90
C ALA A 185 28.61 1.64 127.10
N GLN A 186 27.96 2.80 126.92
CA GLN A 186 27.66 3.60 128.13
C GLN A 186 26.65 2.88 129.02
N ASP A 187 25.75 2.08 128.46
CA ASP A 187 24.86 1.29 129.30
C ASP A 187 25.66 0.32 130.17
N ILE A 188 26.63 -0.37 129.55
CA ILE A 188 27.52 -1.25 130.32
C ILE A 188 28.27 -0.45 131.38
N ASP A 189 28.69 0.77 131.04
CA ASP A 189 29.43 1.59 131.99
C ASP A 189 28.58 1.95 133.19
N ALA A 190 27.30 2.27 132.97
CA ALA A 190 26.39 2.57 134.08
C ALA A 190 26.22 1.34 134.96
N ARG A 191 26.06 0.16 134.34
CA ARG A 191 25.99 -1.05 135.14
C ARG A 191 27.25 -1.23 135.98
N ARG A 192 28.42 -0.98 135.38
CA ARG A 192 29.67 -1.15 136.13
C ARG A 192 29.75 -0.19 137.30
N GLY A 193 29.34 1.06 137.09
CA GLY A 193 29.35 2.01 138.19
C GLY A 193 28.46 1.56 139.34
N ASP A 194 27.24 1.09 139.02
CA ASP A 194 26.36 0.58 140.05
C ASP A 194 27.00 -0.60 140.77
N ALA A 195 27.67 -1.46 140.01
CA ALA A 195 28.31 -2.63 140.60
C ALA A 195 29.41 -2.21 141.56
N GLU A 196 30.19 -1.19 141.20
CA GLU A 196 31.24 -0.73 142.08
C GLU A 196 30.67 -0.16 143.37
N ALA A 197 29.59 0.61 143.26
CA ALA A 197 28.93 1.12 144.47
C ALA A 197 28.43 -0.02 145.35
N ALA A 198 27.84 -1.04 144.73
CA ALA A 198 27.36 -2.18 145.50
C ALA A 198 28.49 -2.91 146.18
N LEU A 199 29.62 -3.07 145.48
CA LEU A 199 30.78 -3.70 146.10
C LEU A 199 31.28 -2.89 147.28
N ALA A 200 31.26 -1.56 147.16
CA ALA A 200 31.69 -0.71 148.26
C ALA A 200 30.82 -0.93 149.49
N ARG A 201 29.49 -0.84 149.33
CA ARG A 201 28.64 -1.05 150.49
C ARG A 201 28.74 -2.47 151.01
N ALA A 202 28.97 -3.45 150.13
CA ALA A 202 29.16 -4.81 150.59
C ALA A 202 30.39 -4.94 151.45
N ASN A 203 31.49 -4.29 151.04
CA ASN A 203 32.71 -4.37 151.83
C ASN A 203 32.53 -3.70 153.20
N GLN A 204 31.85 -2.55 153.22
CA GLN A 204 31.68 -1.89 154.51
C GLN A 204 30.77 -2.70 155.44
N ASP A 205 29.72 -3.31 154.89
CA ASP A 205 28.87 -4.15 155.72
C ASP A 205 29.63 -5.38 156.22
N ASN A 206 30.53 -5.92 155.39
CA ASN A 206 31.36 -7.01 155.83
C ASN A 206 32.23 -6.60 157.01
N ALA A 207 32.83 -5.41 156.94
CA ALA A 207 33.65 -4.95 158.06
C ALA A 207 32.80 -4.78 159.32
N LEU A 208 31.61 -4.19 159.19
CA LEU A 208 30.72 -4.03 160.33
C LEU A 208 30.35 -5.36 160.97
N LEU A 209 29.90 -6.31 160.17
CA LEU A 209 29.55 -7.62 160.67
C LEU A 209 30.73 -8.33 161.28
N GLY A 210 31.93 -8.18 160.72
CA GLY A 210 33.10 -8.80 161.31
C GLY A 210 33.41 -8.25 162.67
N GLU A 211 33.36 -6.93 162.82
CA GLU A 211 33.59 -6.34 164.14
C GLU A 211 32.55 -6.84 165.14
N GLU A 212 31.28 -6.84 164.73
CA GLU A 212 30.23 -7.30 165.63
C GLU A 212 30.44 -8.75 166.03
N ALA A 213 30.80 -9.61 165.08
CA ALA A 213 30.99 -11.01 165.37
C ALA A 213 32.15 -11.23 166.32
N ALA A 214 33.27 -10.52 166.10
CA ALA A 214 34.41 -10.66 166.99
C ALA A 214 34.05 -10.22 168.41
N THR A 215 33.40 -9.06 168.53
CA THR A 215 33.04 -8.58 169.86
C THR A 215 32.10 -9.54 170.56
N LEU A 216 31.10 -10.07 169.84
CA LEU A 216 30.15 -10.96 170.48
C LEU A 216 30.76 -12.32 170.78
N LYS A 217 31.74 -12.75 170.00
CA LYS A 217 32.43 -13.98 170.32
C LYS A 217 33.24 -13.83 171.61
N LYS A 218 33.95 -12.71 171.74
CA LYS A 218 34.65 -12.44 172.99
C LYS A 218 33.67 -12.37 174.15
N ARG A 219 32.54 -11.72 173.95
CA ARG A 219 31.52 -11.64 174.98
C ARG A 219 31.06 -13.02 175.41
N VAL A 220 30.76 -13.91 174.46
CA VAL A 220 30.17 -15.20 174.83
C VAL A 220 31.22 -16.09 175.45
N ASP A 221 32.48 -15.94 175.07
CA ASP A 221 33.55 -16.65 175.77
C ASP A 221 33.66 -16.20 177.22
N GLN A 222 33.68 -14.89 177.45
CA GLN A 222 33.76 -14.38 178.82
C GLN A 222 32.54 -14.81 179.61
N ALA A 223 31.38 -14.85 178.96
CA ALA A 223 30.17 -15.30 179.61
C ALA A 223 30.30 -16.76 180.03
N GLY A 224 30.85 -17.60 179.15
CA GLY A 224 31.07 -18.98 179.52
C GLY A 224 31.96 -19.10 180.74
N LEU A 225 33.04 -18.31 180.77
CA LEU A 225 33.94 -18.37 181.92
C LEU A 225 33.23 -17.95 183.20
N ASP A 226 32.51 -16.83 183.16
CA ASP A 226 31.83 -16.35 184.35
C ASP A 226 30.78 -17.33 184.83
N LEU A 227 30.00 -17.90 183.91
CA LEU A 227 29.01 -18.89 184.29
C LEU A 227 29.68 -20.09 184.93
N ALA A 228 30.83 -20.51 184.41
CA ALA A 228 31.52 -21.64 185.01
C ALA A 228 31.91 -21.35 186.45
N ARG A 229 32.51 -20.18 186.69
CA ARG A 229 32.99 -19.92 188.04
C ARG A 229 31.84 -19.64 189.00
N LEU A 230 30.74 -19.07 188.50
CA LEU A 230 29.53 -19.01 189.32
C LEU A 230 29.03 -20.40 189.68
N SER A 231 29.04 -21.33 188.73
CA SER A 231 28.61 -22.69 189.05
C SER A 231 29.50 -23.27 190.15
N ARG A 232 30.80 -23.09 190.03
CA ARG A 232 31.70 -23.57 191.06
C ARG A 232 31.33 -22.98 192.42
N ILE A 233 31.20 -21.66 192.50
CA ILE A 233 30.98 -21.06 193.80
C ILE A 233 29.62 -21.46 194.34
N GLU A 234 28.62 -21.63 193.50
CA GLU A 234 27.32 -22.01 194.05
C GLU A 234 27.36 -23.45 194.56
N THR A 235 28.15 -24.31 193.91
CA THR A 235 28.35 -25.65 194.46
C THR A 235 29.03 -25.57 195.81
N ASP A 236 30.02 -24.68 195.94
CA ASP A 236 30.66 -24.49 197.23
C ASP A 236 29.66 -24.08 198.29
N LEU A 237 28.77 -23.15 197.95
CA LEU A 237 27.76 -22.72 198.90
C LEU A 237 26.82 -23.86 199.27
N GLU A 238 26.44 -24.67 198.29
CA GLU A 238 25.69 -25.89 198.60
C GLU A 238 26.39 -26.70 199.68
N ALA A 239 27.69 -26.92 199.49
CA ALA A 239 28.46 -27.75 200.42
C ALA A 239 28.52 -27.11 201.79
N GLN A 240 28.84 -25.83 201.86
CA GLN A 240 28.94 -25.17 203.14
C GLN A 240 27.61 -25.18 203.86
N LEU A 241 26.53 -24.93 203.13
CA LEU A 241 25.20 -24.99 203.71
C LEU A 241 24.96 -26.34 204.36
N ALA A 242 25.18 -27.42 203.60
CA ALA A 242 24.97 -28.74 204.18
C ALA A 242 25.82 -28.94 205.42
N ALA A 243 27.09 -28.54 205.35
CA ALA A 243 28.02 -28.81 206.44
C ALA A 243 27.59 -28.10 207.70
N GLU A 244 27.34 -26.81 207.63
CA GLU A 244 27.00 -26.11 208.86
C GLU A 244 25.57 -26.36 209.29
N ARG A 245 24.68 -26.75 208.38
CA ARG A 245 23.36 -27.23 208.84
C ARG A 245 23.52 -28.46 209.71
N ALA A 246 24.34 -29.41 209.27
CA ALA A 246 24.65 -30.52 210.13
C ALA A 246 25.21 -30.02 211.45
N ARG A 247 26.12 -29.06 211.39
CA ARG A 247 26.69 -28.48 212.60
C ARG A 247 25.60 -28.05 213.57
N VAL A 248 24.80 -27.07 213.16
CA VAL A 248 23.88 -26.42 214.08
C VAL A 248 22.78 -27.37 214.53
N GLN A 249 22.31 -28.26 213.65
CA GLN A 249 21.24 -29.15 214.06
C GLN A 249 21.73 -30.22 215.03
N ALA A 250 22.86 -30.87 214.69
CA ALA A 250 23.45 -31.81 215.63
C ALA A 250 23.80 -31.11 216.93
N VAL A 251 24.09 -29.81 216.87
CA VAL A 251 24.36 -29.08 218.10
C VAL A 251 23.09 -28.85 218.89
N GLU A 252 21.96 -28.60 218.22
CA GLU A 252 20.69 -28.56 218.95
C GLU A 252 20.51 -29.83 219.74
N ASN A 253 20.64 -30.97 219.06
CA ASN A 253 20.43 -32.25 219.74
C ASN A 253 21.43 -32.44 220.89
N ALA A 254 22.71 -32.19 220.63
CA ALA A 254 23.74 -32.47 221.62
C ALA A 254 23.58 -31.58 222.85
N LEU A 255 23.40 -30.29 222.63
CA LEU A 255 23.21 -29.39 223.75
C LEU A 255 21.94 -29.69 224.52
N ALA A 256 20.84 -30.00 223.82
CA ALA A 256 19.62 -30.33 224.54
C ALA A 256 19.85 -31.52 225.44
N ALA A 257 20.46 -32.57 224.91
CA ALA A 257 20.70 -33.76 225.73
C ALA A 257 21.57 -33.42 226.93
N HIS A 258 22.67 -32.72 226.70
CA HIS A 258 23.60 -32.52 227.80
C HIS A 258 23.00 -31.62 228.86
N GLN A 259 22.28 -30.56 228.45
CA GLN A 259 21.65 -29.71 229.45
C GLN A 259 20.63 -30.49 230.25
N ALA A 260 19.90 -31.39 229.58
CA ALA A 260 18.96 -32.23 230.31
C ALA A 260 19.68 -33.08 231.34
N ASP A 261 20.81 -33.66 230.95
CA ASP A 261 21.58 -34.50 231.86
C ASP A 261 22.04 -33.69 233.07
N SER A 262 22.55 -32.49 232.83
CA SER A 262 23.02 -31.65 233.91
C SER A 262 21.89 -31.33 234.88
N GLY A 263 20.73 -30.95 234.33
CA GLY A 263 19.60 -30.60 235.18
C GLY A 263 19.11 -31.77 236.02
N ARG A 264 19.05 -32.96 235.43
CA ARG A 264 18.58 -34.11 236.21
C ARG A 264 19.57 -34.48 237.29
N THR A 265 20.89 -34.44 237.01
CA THR A 265 21.84 -34.70 238.08
C THR A 265 21.69 -33.66 239.18
N ILE A 266 21.41 -32.41 238.79
CA ILE A 266 21.28 -31.34 239.78
C ILE A 266 20.10 -31.62 240.71
N ARG A 267 18.93 -31.93 240.13
CA ARG A 267 17.77 -32.18 240.97
C ARG A 267 17.89 -33.50 241.74
N GLY A 268 18.53 -34.50 241.17
CA GLY A 268 18.81 -35.71 241.94
C GLY A 268 19.69 -35.43 243.14
N LEU A 269 20.73 -34.63 242.93
CA LEU A 269 21.61 -34.30 244.06
C LEU A 269 20.86 -33.51 245.11
N GLU A 270 19.98 -32.61 244.69
CA GLU A 270 19.14 -31.91 245.66
C GLU A 270 18.28 -32.89 246.46
N SER A 271 17.64 -33.82 245.75
CA SER A 271 16.86 -34.85 246.44
C SER A 271 17.72 -35.59 247.43
N GLN A 272 18.97 -35.85 247.06
CA GLN A 272 19.89 -36.53 247.95
C GLN A 272 20.15 -35.67 249.18
N VAL A 273 20.08 -34.36 249.00
CA VAL A 273 20.19 -33.46 250.15
C VAL A 273 19.04 -33.68 251.12
N GLU A 274 17.79 -33.69 250.64
CA GLU A 274 16.73 -33.98 251.59
C GLU A 274 16.85 -35.39 252.14
N ALA A 275 17.47 -36.28 251.36
CA ALA A 275 17.74 -37.63 251.86
C ALA A 275 18.69 -37.61 253.05
N ASN A 276 19.72 -36.75 252.99
CA ASN A 276 20.55 -36.52 254.18
C ASN A 276 19.70 -36.00 255.32
N ARG A 277 18.79 -35.07 255.03
CA ARG A 277 17.83 -34.65 256.03
C ARG A 277 16.90 -35.81 256.36
N GLN B 40 17.85 42.39 -81.11
CA GLN B 40 17.32 41.34 -80.24
C GLN B 40 18.37 40.25 -80.01
N ARG B 41 19.16 39.93 -81.01
CA ARG B 41 20.18 38.91 -80.82
C ARG B 41 21.39 39.46 -80.08
N TYR B 42 21.64 40.77 -80.20
CA TYR B 42 22.59 41.42 -79.30
C TYR B 42 22.11 41.30 -77.85
N GLU B 43 20.81 41.49 -77.63
CA GLU B 43 20.25 41.27 -76.30
C GLU B 43 20.34 39.81 -75.89
N THR B 44 20.28 38.89 -76.85
CA THR B 44 20.50 37.47 -76.54
C THR B 44 21.91 37.24 -75.99
N ILE B 45 22.89 37.84 -76.66
CA ILE B 45 24.28 37.76 -76.18
C ILE B 45 24.39 38.35 -74.78
N HIS B 46 23.84 39.55 -74.59
CA HIS B 46 23.94 40.22 -73.31
C HIS B 46 23.15 39.46 -72.23
N GLY B 47 22.09 38.76 -72.62
CA GLY B 47 21.39 37.93 -71.68
C GLY B 47 22.23 36.77 -71.19
N GLY B 48 22.94 36.12 -72.12
CA GLY B 48 23.92 35.14 -71.68
C GLY B 48 24.91 35.72 -70.70
N LEU B 49 25.45 36.91 -71.03
CA LEU B 49 26.46 37.52 -70.18
C LEU B 49 25.91 37.87 -68.79
N ASP B 50 24.70 38.41 -68.72
CA ASP B 50 24.15 38.85 -67.44
C ASP B 50 23.70 37.68 -66.57
N SER B 51 23.17 36.61 -67.18
CA SER B 51 22.90 35.41 -66.41
C SER B 51 24.19 34.89 -65.80
N ILE B 52 25.26 34.88 -66.59
CA ILE B 52 26.57 34.49 -66.06
C ILE B 52 26.96 35.40 -64.89
N GLY B 53 26.76 36.71 -65.04
CA GLY B 53 27.18 37.64 -64.00
C GLY B 53 26.45 37.43 -62.68
N ARG B 54 25.12 37.29 -62.73
CA ARG B 54 24.38 37.03 -61.50
C ARG B 54 24.73 35.67 -60.92
N VAL B 55 25.08 34.71 -61.77
CA VAL B 55 25.57 33.44 -61.25
C VAL B 55 26.84 33.65 -60.43
N MET B 56 27.79 34.45 -60.93
CA MET B 56 28.96 34.73 -60.09
C MET B 56 28.58 35.48 -58.82
N GLU B 57 27.60 36.38 -58.91
CA GLU B 57 27.12 37.07 -57.71
C GLU B 57 26.76 36.07 -56.63
N HIS B 58 25.94 35.09 -56.98
CA HIS B 58 25.76 33.95 -56.09
C HIS B 58 27.08 33.36 -55.63
N LEU B 59 27.86 32.81 -56.55
CA LEU B 59 28.98 31.97 -56.15
C LEU B 59 29.83 32.66 -55.08
N LYS B 60 30.16 33.93 -55.33
CA LYS B 60 30.87 34.78 -54.39
C LYS B 60 30.03 35.17 -53.19
N ALA B 61 28.72 34.93 -53.19
CA ALA B 61 27.97 35.08 -51.95
C ALA B 61 27.95 33.78 -51.13
N ILE B 62 27.53 32.68 -51.75
CA ILE B 62 27.45 31.41 -51.05
C ILE B 62 28.77 31.09 -50.38
N GLU B 63 29.84 30.90 -51.17
CA GLU B 63 31.02 30.30 -50.57
C GLU B 63 31.53 31.08 -49.37
N PRO B 64 31.61 32.41 -49.41
CA PRO B 64 31.87 33.14 -48.16
C PRO B 64 30.80 32.93 -47.10
N LEU B 65 29.52 32.99 -47.47
CA LEU B 65 28.45 32.84 -46.49
C LEU B 65 28.47 31.46 -45.84
N ILE B 66 28.71 30.42 -46.64
CA ILE B 66 28.92 29.10 -46.06
C ILE B 66 30.14 29.10 -45.16
N ALA B 67 31.17 29.90 -45.49
CA ALA B 67 32.33 29.94 -44.63
C ALA B 67 31.99 30.49 -43.24
N GLU B 68 31.31 31.64 -43.19
CA GLU B 68 30.97 32.15 -41.88
C GLU B 68 30.06 31.18 -41.16
N ILE B 69 29.09 30.59 -41.86
CA ILE B 69 28.24 29.58 -41.23
C ILE B 69 29.08 28.42 -40.67
N ARG B 70 30.18 28.09 -41.33
CA ARG B 70 31.08 27.08 -40.77
C ARG B 70 31.62 27.55 -39.43
N GLY B 71 31.91 28.83 -39.31
CA GLY B 71 32.48 29.39 -38.09
C GLY B 71 31.87 28.98 -36.75
N PRO B 72 30.59 29.33 -36.52
CA PRO B 72 29.98 29.04 -35.22
C PRO B 72 29.98 27.58 -34.91
N VAL B 73 29.86 26.73 -35.93
CA VAL B 73 29.92 25.30 -35.70
C VAL B 73 31.13 24.97 -34.84
N SER B 74 32.33 25.25 -35.34
CA SER B 74 33.53 24.84 -34.63
C SER B 74 33.65 25.56 -33.28
N GLN B 75 33.57 26.89 -33.29
CA GLN B 75 33.93 27.58 -32.05
C GLN B 75 32.86 27.43 -30.96
N GLU B 76 31.61 27.25 -31.33
CA GLU B 76 30.65 27.04 -30.27
C GLU B 76 30.36 25.57 -29.98
N PHE B 77 30.89 24.60 -30.74
CA PHE B 77 31.13 23.30 -30.09
C PHE B 77 32.22 23.38 -29.05
N GLU B 78 33.24 24.20 -29.28
CA GLU B 78 34.18 24.38 -28.17
C GLU B 78 33.45 24.91 -26.95
N ALA B 79 32.56 25.88 -27.17
CA ALA B 79 31.78 26.42 -26.05
C ALA B 79 30.93 25.35 -25.38
N ARG B 80 30.24 24.53 -26.18
CA ARG B 80 29.42 23.49 -25.60
C ARG B 80 30.24 22.46 -24.86
N ARG B 81 31.47 22.21 -25.30
CA ARG B 81 32.36 21.32 -24.55
C ARG B 81 32.76 21.95 -23.23
N ALA B 82 32.98 23.27 -23.22
CA ALA B 82 33.23 23.95 -21.96
C ALA B 82 32.05 23.76 -21.02
N GLU B 83 30.84 23.93 -21.53
CA GLU B 83 29.65 23.69 -20.73
C GLU B 83 29.60 22.26 -20.23
N HIS B 84 29.90 21.30 -21.10
CA HIS B 84 29.83 19.89 -20.72
C HIS B 84 30.81 19.58 -19.59
N ALA B 85 32.03 20.09 -19.71
CA ALA B 85 33.03 19.87 -18.66
C ALA B 85 32.60 20.53 -17.35
N GLU B 86 31.99 21.72 -17.45
CA GLU B 86 31.53 22.37 -16.23
C GLU B 86 30.43 21.59 -15.56
N LEU B 87 29.48 21.06 -16.32
CA LEU B 87 28.44 20.26 -15.68
C LEU B 87 28.84 18.82 -15.48
N ILE B 88 30.10 18.51 -15.76
CA ILE B 88 30.74 17.33 -15.20
C ILE B 88 31.32 17.64 -13.82
N ALA B 89 32.03 18.76 -13.72
CA ALA B 89 32.62 19.16 -12.44
C ALA B 89 31.55 19.43 -11.40
N VAL B 90 30.45 20.06 -11.81
CA VAL B 90 29.37 20.35 -10.88
C VAL B 90 28.77 19.08 -10.33
N ARG B 91 28.51 18.09 -11.18
CA ARG B 91 27.91 16.85 -10.69
C ARG B 91 28.90 16.07 -9.83
N ALA B 92 30.19 16.14 -10.15
CA ALA B 92 31.17 15.49 -9.29
C ALA B 92 31.19 16.11 -7.90
N ASN B 93 31.23 17.45 -7.82
CA ASN B 93 31.19 18.09 -6.51
C ASN B 93 29.86 17.85 -5.82
N LEU B 94 28.76 17.71 -6.55
CA LEU B 94 27.51 17.36 -5.88
C LEU B 94 27.59 15.98 -5.27
N ASP B 95 28.22 15.04 -5.97
CA ASP B 95 28.38 13.71 -5.41
C ASP B 95 29.17 13.77 -4.12
N GLN B 96 30.30 14.49 -4.14
CA GLN B 96 31.09 14.62 -2.92
C GLN B 96 30.30 15.33 -1.83
N ALA B 97 29.54 16.35 -2.19
CA ALA B 97 28.79 17.12 -1.20
C ALA B 97 27.72 16.26 -0.55
N GLN B 98 27.05 15.43 -1.34
CA GLN B 98 26.01 14.56 -0.76
C GLN B 98 26.63 13.47 0.09
N ARG B 99 27.79 12.95 -0.29
CA ARG B 99 28.48 12.02 0.59
C ARG B 99 28.82 12.70 1.93
N GLN B 100 29.22 13.97 1.88
CA GLN B 100 29.52 14.65 3.12
C GLN B 100 28.26 14.97 3.91
N ILE B 101 27.16 15.27 3.22
CA ILE B 101 25.84 15.26 3.87
C ILE B 101 25.68 14.01 4.71
N ALA B 102 25.79 12.85 4.07
CA ALA B 102 25.49 11.59 4.76
C ALA B 102 26.44 11.38 5.93
N LEU B 103 27.75 11.60 5.72
CA LEU B 103 28.71 11.26 6.76
C LEU B 103 28.63 12.21 7.95
N ILE B 104 28.55 13.51 7.71
CA ILE B 104 28.39 14.43 8.82
C ILE B 104 27.05 14.23 9.50
N GLN B 105 26.01 13.86 8.76
CA GLN B 105 24.72 13.58 9.40
C GLN B 105 24.83 12.40 10.35
N ALA B 106 25.49 11.33 9.91
CA ALA B 106 25.65 10.16 10.77
C ALA B 106 26.48 10.50 12.01
N GLU B 107 27.56 11.27 11.83
CA GLU B 107 28.37 11.64 12.97
C GLU B 107 27.57 12.50 13.94
N GLU B 108 26.75 13.39 13.40
CA GLU B 108 25.84 14.16 14.24
C GLU B 108 24.92 13.27 15.03
N ARG B 109 24.34 12.25 14.39
CA ARG B 109 23.41 11.40 15.11
C ARG B 109 24.10 10.68 16.26
N GLU B 110 25.27 10.08 15.99
CA GLU B 110 25.93 9.32 17.03
C GLU B 110 26.41 10.23 18.16
N VAL B 111 26.94 11.41 17.82
CA VAL B 111 27.37 12.33 18.86
C VAL B 111 26.19 12.79 19.69
N SER B 112 25.07 13.11 19.04
CA SER B 112 23.90 13.55 19.79
C SER B 112 23.41 12.46 20.74
N ALA B 113 23.40 11.20 20.27
CA ALA B 113 22.98 10.11 21.13
C ALA B 113 23.89 9.96 22.34
N ARG B 114 25.20 9.98 22.11
CA ARG B 114 26.09 9.65 23.22
C ARG B 114 26.22 10.83 24.18
N LEU B 115 26.05 12.06 23.67
CA LEU B 115 25.88 13.21 24.53
C LEU B 115 24.62 13.12 25.36
N ALA B 116 23.53 12.63 24.77
CA ALA B 116 22.31 12.46 25.56
C ALA B 116 22.56 11.50 26.72
N ALA B 117 23.24 10.39 26.43
CA ALA B 117 23.59 9.45 27.50
C ALA B 117 24.45 10.13 28.56
N ALA B 118 25.40 10.97 28.14
CA ALA B 118 26.25 11.66 29.09
C ALA B 118 25.44 12.60 29.98
N GLU B 119 24.44 13.26 29.41
CA GLU B 119 23.57 14.11 30.22
C GLU B 119 22.79 13.27 31.24
N THR B 120 22.30 12.11 30.81
CA THR B 120 21.64 11.22 31.76
C THR B 120 22.57 10.93 32.93
N ALA B 121 23.79 10.52 32.63
CA ALA B 121 24.72 10.11 33.67
C ALA B 121 25.07 11.27 34.58
N LEU B 122 25.23 12.47 34.02
CA LEU B 122 25.56 13.61 34.87
C LEU B 122 24.40 14.00 35.77
N GLY B 123 23.16 13.88 35.29
CA GLY B 123 22.04 14.13 36.20
C GLY B 123 22.00 13.15 37.36
N GLU B 124 22.17 11.86 37.06
CA GLU B 124 22.20 10.85 38.10
C GLU B 124 23.33 11.11 39.09
N SER B 125 24.50 11.44 38.57
CA SER B 125 25.65 11.68 39.43
C SER B 125 25.44 12.93 40.27
N ASP B 126 24.76 13.94 39.75
CA ASP B 126 24.50 15.13 40.55
C ASP B 126 23.56 14.82 41.70
N ALA B 127 22.51 14.04 41.43
CA ALA B 127 21.60 13.65 42.50
C ALA B 127 22.36 12.92 43.62
N ARG B 128 23.21 11.97 43.25
CA ARG B 128 23.94 11.28 44.31
C ARG B 128 25.05 12.12 44.91
N ARG B 129 25.57 13.11 44.19
CA ARG B 129 26.37 14.14 44.85
C ARG B 129 25.62 14.68 46.04
N GLN B 130 24.37 15.09 45.81
CA GLN B 130 23.59 15.68 46.89
C GLN B 130 23.39 14.71 48.04
N THR B 131 22.92 13.50 47.73
CA THR B 131 22.59 12.57 48.82
C THR B 131 23.83 12.18 49.61
N GLN B 132 24.95 11.91 48.91
CA GLN B 132 26.16 11.53 49.61
C GLN B 132 26.64 12.65 50.51
N ASP B 133 26.63 13.88 50.01
CA ASP B 133 27.18 14.95 50.82
C ASP B 133 26.30 15.24 52.03
N ALA B 134 24.98 15.18 51.86
CA ALA B 134 24.08 15.40 52.99
C ALA B 134 24.24 14.32 54.05
N ALA B 135 24.32 13.06 53.63
CA ALA B 135 24.49 11.97 54.58
C ALA B 135 25.82 12.09 55.30
N LEU B 136 26.87 12.47 54.57
CA LEU B 136 28.17 12.65 55.22
C LEU B 136 28.13 13.78 56.23
N GLU B 137 27.40 14.85 55.93
CA GLU B 137 27.27 15.92 56.91
C GLU B 137 26.52 15.45 58.15
N ASP B 138 25.46 14.67 57.97
CA ASP B 138 24.71 14.14 59.11
C ASP B 138 25.61 13.26 59.97
N ASN B 139 26.36 12.36 59.35
CA ASN B 139 27.26 11.53 60.12
C ASN B 139 28.37 12.35 60.77
N ALA B 140 28.77 13.47 60.18
CA ALA B 140 29.73 14.35 60.85
C ALA B 140 29.12 14.93 62.13
N LEU B 141 27.86 15.34 62.06
CA LEU B 141 27.17 15.80 63.26
C LEU B 141 27.13 14.70 64.31
N GLU B 142 26.85 13.47 63.88
CA GLU B 142 26.85 12.35 64.81
C GLU B 142 28.21 12.14 65.44
N ILE B 143 29.28 12.29 64.64
CA ILE B 143 30.63 12.17 65.19
C ILE B 143 30.82 13.18 66.32
N ASP B 144 30.44 14.42 66.08
CA ASP B 144 30.65 15.45 67.11
C ASP B 144 29.82 15.14 68.36
N ARG B 145 28.57 14.71 68.18
CA ARG B 145 27.71 14.48 69.33
C ARG B 145 28.20 13.29 70.16
N LEU B 146 28.66 12.22 69.52
CA LEU B 146 29.26 11.14 70.28
C LEU B 146 30.57 11.55 70.92
N ARG B 147 31.32 12.47 70.30
CA ARG B 147 32.49 13.03 70.98
C ARG B 147 32.07 13.59 72.32
N ASN B 148 31.05 14.44 72.30
CA ASN B 148 30.59 15.06 73.56
C ASN B 148 30.11 14.01 74.55
N ALA B 149 29.33 13.03 74.07
CA ALA B 149 28.76 12.04 74.98
C ALA B 149 29.85 11.24 75.66
N LEU B 150 30.81 10.73 74.89
CA LEU B 150 31.86 9.92 75.49
C LEU B 150 32.73 10.75 76.41
N LEU B 151 32.97 12.02 76.06
CA LEU B 151 33.73 12.88 76.96
C LEU B 151 33.04 12.99 78.31
N GLN B 152 31.74 13.32 78.29
CA GLN B 152 31.00 13.44 79.54
C GLN B 152 31.02 12.15 80.34
N SER B 153 30.75 11.01 79.67
CA SER B 153 30.65 9.75 80.40
C SER B 153 31.98 9.36 81.01
N ASP B 154 33.07 9.48 80.25
CA ASP B 154 34.37 9.09 80.80
C ASP B 154 34.78 10.01 81.94
N LEU B 155 34.53 11.31 81.83
CA LEU B 155 34.88 12.21 82.92
C LEU B 155 34.05 11.92 84.18
N LYS B 156 32.74 11.67 84.02
CA LYS B 156 31.92 11.32 85.17
C LYS B 156 32.40 10.04 85.82
N VAL B 157 32.74 9.04 85.01
CA VAL B 157 33.29 7.82 85.57
C VAL B 157 34.54 8.11 86.38
N SER B 158 35.42 8.97 85.85
CA SER B 158 36.64 9.29 86.58
C SER B 158 36.32 9.88 87.95
N SER B 159 35.46 10.90 87.98
CA SER B 159 35.14 11.56 89.24
C SER B 159 34.45 10.60 90.21
N LEU B 160 33.51 9.81 89.72
CA LEU B 160 32.74 8.94 90.60
C LEU B 160 33.61 7.80 91.11
N ASP B 161 34.54 7.32 90.30
CA ASP B 161 35.52 6.35 90.78
C ASP B 161 36.39 6.94 91.87
N ALA B 162 36.79 8.21 91.71
CA ALA B 162 37.55 8.86 92.78
C ALA B 162 36.75 8.89 94.07
N SER B 163 35.47 9.30 94.00
CA SER B 163 34.67 9.36 95.21
C SER B 163 34.45 7.97 95.80
N LEU B 164 34.36 6.95 94.95
CA LEU B 164 34.22 5.59 95.45
C LEU B 164 35.48 5.15 96.17
N ARG B 165 36.65 5.51 95.64
CA ARG B 165 37.88 5.21 96.37
C ARG B 165 37.91 5.89 97.72
N ASP B 166 37.50 7.15 97.78
CA ASP B 166 37.44 7.85 99.05
C ASP B 166 36.48 7.17 100.02
N ALA B 167 35.32 6.76 99.51
CA ALA B 167 34.32 6.13 100.37
C ALA B 167 34.78 4.77 100.86
N THR B 168 35.51 4.01 100.02
CA THR B 168 35.97 2.71 100.49
C THR B 168 37.08 2.88 101.51
N ALA B 169 37.88 3.94 101.38
CA ALA B 169 38.82 4.27 102.44
C ALA B 169 38.09 4.57 103.75
N ARG B 170 37.01 5.36 103.66
CA ARG B 170 36.25 5.69 104.88
C ARG B 170 35.62 4.46 105.49
N ILE B 171 35.07 3.57 104.67
CA ILE B 171 34.43 2.38 105.21
C ILE B 171 35.46 1.48 105.85
N GLU B 172 36.68 1.41 105.27
CA GLU B 172 37.71 0.62 105.92
C GLU B 172 38.10 1.20 107.27
N HIS B 173 38.26 2.54 107.35
CA HIS B 173 38.61 3.14 108.62
C HIS B 173 37.53 2.92 109.67
N LEU B 174 36.27 3.08 109.27
CA LEU B 174 35.19 2.91 110.23
C LEU B 174 34.99 1.44 110.59
N VAL B 175 35.37 0.53 109.70
CA VAL B 175 35.40 -0.89 110.07
C VAL B 175 36.43 -1.11 111.17
N GLN B 176 37.60 -0.51 111.03
CA GLN B 176 38.60 -0.59 112.09
C GLN B 176 38.02 -0.05 113.40
N ASP B 177 37.36 1.10 113.34
CA ASP B 177 36.80 1.71 114.54
C ASP B 177 35.76 0.80 115.19
N VAL B 178 34.86 0.23 114.40
CA VAL B 178 33.78 -0.56 114.98
C VAL B 178 34.31 -1.86 115.55
N GLU B 179 35.29 -2.49 114.89
CA GLU B 179 35.87 -3.70 115.46
C GLU B 179 36.59 -3.38 116.76
N GLY B 180 37.33 -2.28 116.81
CA GLY B 180 37.98 -1.89 118.05
C GLY B 180 36.98 -1.64 119.17
N LEU B 181 35.88 -0.95 118.85
CA LEU B 181 34.88 -0.70 119.88
C LEU B 181 34.21 -1.97 120.32
N ARG B 182 34.04 -2.94 119.41
CA ARG B 182 33.51 -4.23 119.81
C ARG B 182 34.43 -4.91 120.81
N VAL B 183 35.73 -4.88 120.54
CA VAL B 183 36.68 -5.46 121.49
C VAL B 183 36.62 -4.73 122.84
N GLN B 184 36.55 -3.41 122.80
CA GLN B 184 36.53 -2.62 124.03
C GLN B 184 35.30 -2.93 124.87
N ALA B 185 34.14 -3.04 124.21
CA ALA B 185 32.93 -3.43 124.91
C ALA B 185 33.08 -4.84 125.48
N GLN B 186 33.77 -5.73 124.76
CA GLN B 186 34.00 -7.06 125.29
C GLN B 186 34.81 -7.00 126.59
N ASP B 187 35.82 -6.14 126.62
CA ASP B 187 36.63 -6.01 127.83
C ASP B 187 35.79 -5.48 128.99
N ILE B 188 35.01 -4.44 128.75
CA ILE B 188 34.14 -3.96 129.81
C ILE B 188 33.17 -5.03 130.24
N ASP B 189 32.73 -5.90 129.33
CA ASP B 189 31.82 -6.97 129.72
C ASP B 189 32.50 -7.96 130.66
N ALA B 190 33.76 -8.29 130.38
CA ALA B 190 34.48 -9.18 131.30
C ALA B 190 34.58 -8.57 132.69
N ARG B 191 34.89 -7.28 132.76
CA ARG B 191 34.94 -6.65 134.07
C ARG B 191 33.56 -6.59 134.73
N ARG B 192 32.51 -6.49 133.92
CA ARG B 192 31.16 -6.56 134.47
C ARG B 192 30.93 -7.90 135.14
N GLY B 193 31.35 -8.97 134.48
CA GLY B 193 31.20 -10.29 135.06
C GLY B 193 31.95 -10.41 136.37
N ASP B 194 33.20 -9.93 136.40
CA ASP B 194 33.97 -10.00 137.64
C ASP B 194 33.30 -9.22 138.75
N ALA B 195 32.82 -8.01 138.44
CA ALA B 195 32.22 -7.17 139.48
C ALA B 195 30.93 -7.78 140.00
N GLU B 196 30.12 -8.35 139.11
CA GLU B 196 28.89 -8.99 139.58
C GLU B 196 29.19 -10.21 140.42
N ALA B 197 30.23 -10.97 140.06
CA ALA B 197 30.62 -12.11 140.89
C ALA B 197 31.08 -11.65 142.27
N ALA B 198 31.84 -10.56 142.33
CA ALA B 198 32.28 -10.04 143.63
C ALA B 198 31.09 -9.61 144.46
N LEU B 199 30.14 -8.91 143.83
CA LEU B 199 28.89 -8.64 144.51
C LEU B 199 28.28 -9.90 145.08
N ALA B 200 28.20 -10.96 144.26
CA ALA B 200 27.51 -12.17 144.70
C ALA B 200 28.21 -12.79 145.90
N ARG B 201 29.53 -12.91 145.84
CA ARG B 201 30.25 -13.52 146.94
C ARG B 201 30.14 -12.67 148.19
N ALA B 202 30.20 -11.36 148.05
CA ALA B 202 30.08 -10.49 149.22
C ALA B 202 28.71 -10.61 149.83
N ASN B 203 27.67 -10.73 149.00
CA ASN B 203 26.33 -10.95 149.52
C ASN B 203 26.27 -12.27 150.28
N GLN B 204 26.95 -13.29 149.77
CA GLN B 204 26.98 -14.57 150.46
C GLN B 204 27.64 -14.44 151.83
N ASP B 205 28.80 -13.80 151.88
CA ASP B 205 29.47 -13.55 153.15
C ASP B 205 28.59 -12.73 154.08
N ASN B 206 27.80 -11.83 153.51
CA ASN B 206 26.84 -11.08 154.31
C ASN B 206 25.89 -12.03 155.01
N ALA B 207 25.34 -12.99 154.27
CA ALA B 207 24.45 -13.96 154.89
C ALA B 207 25.17 -14.76 155.98
N LEU B 208 26.39 -15.23 155.67
CA LEU B 208 27.21 -15.94 156.65
C LEU B 208 27.28 -15.21 157.99
N LEU B 209 27.90 -14.05 158.01
CA LEU B 209 28.09 -13.34 159.26
C LEU B 209 26.77 -12.91 159.87
N GLY B 210 25.75 -12.61 159.05
CA GLY B 210 24.48 -12.20 159.62
C GLY B 210 23.84 -13.28 160.45
N GLU B 211 23.73 -14.50 159.90
CA GLU B 211 23.10 -15.55 160.68
C GLU B 211 23.97 -15.95 161.86
N GLU B 212 25.29 -15.95 161.68
CA GLU B 212 26.15 -16.28 162.81
C GLU B 212 25.92 -15.30 163.95
N ALA B 213 25.91 -14.01 163.65
CA ALA B 213 25.70 -13.01 164.69
C ALA B 213 24.31 -13.16 165.29
N ALA B 214 23.32 -13.54 164.48
CA ALA B 214 21.98 -13.67 165.02
C ALA B 214 21.91 -14.74 166.09
N THR B 215 22.39 -15.94 165.78
CA THR B 215 22.34 -16.99 166.78
C THR B 215 23.22 -16.63 167.98
N LEU B 216 24.34 -15.96 167.74
CA LEU B 216 25.22 -15.62 168.85
C LEU B 216 24.55 -14.62 169.78
N LYS B 217 23.80 -13.66 169.22
CA LYS B 217 23.05 -12.72 170.07
C LYS B 217 21.99 -13.45 170.87
N LYS B 218 21.31 -14.41 170.23
CA LYS B 218 20.35 -15.22 170.97
C LYS B 218 21.01 -15.85 172.18
N ARG B 219 22.20 -16.40 171.99
CA ARG B 219 22.83 -17.07 173.12
C ARG B 219 23.31 -16.07 174.16
N VAL B 220 23.70 -14.87 173.75
CA VAL B 220 24.06 -13.89 174.78
C VAL B 220 22.86 -13.57 175.65
N ASP B 221 21.67 -13.50 175.05
CA ASP B 221 20.47 -13.34 175.87
C ASP B 221 20.28 -14.51 176.82
N GLN B 222 20.44 -15.74 176.31
CA GLN B 222 20.30 -16.90 177.19
C GLN B 222 21.32 -16.86 178.32
N ALA B 223 22.54 -16.44 178.01
CA ALA B 223 23.58 -16.35 179.03
C ALA B 223 23.20 -15.34 180.08
N GLY B 224 22.62 -14.22 179.67
CA GLY B 224 22.12 -13.28 180.64
C GLY B 224 21.09 -13.90 181.56
N LEU B 225 20.19 -14.72 181.00
CA LEU B 225 19.19 -15.38 181.84
C LEU B 225 19.84 -16.33 182.83
N ASP B 226 20.84 -17.09 182.39
CA ASP B 226 21.52 -18.00 183.30
C ASP B 226 22.25 -17.23 184.39
N LEU B 227 22.87 -16.11 184.03
CA LEU B 227 23.53 -15.24 184.98
C LEU B 227 22.51 -14.79 186.01
N ALA B 228 21.31 -14.46 185.54
CA ALA B 228 20.25 -14.01 186.44
C ALA B 228 19.87 -15.10 187.44
N ARG B 229 19.73 -16.34 186.97
CA ARG B 229 19.27 -17.37 187.90
C ARG B 229 20.37 -17.74 188.89
N LEU B 230 21.63 -17.64 188.47
CA LEU B 230 22.72 -17.77 189.44
C LEU B 230 22.69 -16.64 190.45
N SER B 231 22.40 -15.41 190.02
CA SER B 231 22.31 -14.33 190.99
C SER B 231 21.18 -14.59 191.98
N ARG B 232 20.04 -15.06 191.48
CA ARG B 232 18.92 -15.35 192.38
C ARG B 232 19.28 -16.44 193.37
N ILE B 233 19.95 -17.50 192.90
CA ILE B 233 20.25 -18.62 193.79
C ILE B 233 21.32 -18.21 194.80
N GLU B 234 22.24 -17.32 194.42
CA GLU B 234 23.18 -16.85 195.41
C GLU B 234 22.50 -15.97 196.45
N THR B 235 21.50 -15.19 196.04
CA THR B 235 20.71 -14.44 197.02
C THR B 235 20.00 -15.38 197.99
N ASP B 236 19.38 -16.43 197.47
CA ASP B 236 18.67 -17.39 198.34
C ASP B 236 19.63 -18.07 199.31
N LEU B 237 20.75 -18.57 198.80
CA LEU B 237 21.72 -19.22 199.68
C LEU B 237 22.34 -18.24 200.66
N GLU B 238 22.54 -16.98 200.27
CA GLU B 238 23.12 -16.02 201.21
C GLU B 238 22.13 -15.71 202.33
N ALA B 239 20.85 -15.56 202.01
CA ALA B 239 19.87 -15.37 203.06
C ALA B 239 19.86 -16.57 204.00
N GLN B 240 19.91 -17.77 203.44
CA GLN B 240 19.82 -18.95 204.29
C GLN B 240 21.06 -19.08 205.17
N LEU B 241 22.23 -18.71 204.65
CA LEU B 241 23.43 -18.78 205.45
C LEU B 241 23.45 -17.70 206.52
N ALA B 242 22.81 -16.55 206.27
CA ALA B 242 22.61 -15.59 207.35
C ALA B 242 21.76 -16.19 208.45
N ALA B 243 20.62 -16.80 208.09
CA ALA B 243 19.73 -17.32 209.12
C ALA B 243 20.41 -18.41 209.93
N GLU B 244 21.11 -19.32 209.25
CA GLU B 244 21.73 -20.44 209.96
C GLU B 244 22.95 -19.99 210.74
N ARG B 245 23.64 -18.95 210.26
CA ARG B 245 24.73 -18.37 211.05
C ARG B 245 24.21 -17.83 212.36
N ALA B 246 23.13 -17.06 212.31
CA ALA B 246 22.52 -16.56 213.54
C ALA B 246 22.15 -17.72 214.45
N ARG B 247 21.57 -18.78 213.88
CA ARG B 247 21.16 -19.91 214.69
C ARG B 247 22.35 -20.54 215.41
N VAL B 248 23.45 -20.77 214.69
CA VAL B 248 24.57 -21.47 215.29
C VAL B 248 25.25 -20.59 216.34
N GLN B 249 25.38 -19.29 216.06
CA GLN B 249 26.00 -18.42 217.06
C GLN B 249 25.14 -18.34 218.31
N ALA B 250 23.81 -18.22 218.14
CA ALA B 250 22.91 -18.15 219.28
C ALA B 250 22.93 -19.43 220.08
N VAL B 251 22.97 -20.58 219.41
CA VAL B 251 22.98 -21.83 220.17
C VAL B 251 24.29 -21.98 220.92
N GLU B 252 25.40 -21.48 220.36
CA GLU B 252 26.64 -21.50 221.11
C GLU B 252 26.56 -20.60 222.35
N ASN B 253 25.94 -19.43 222.19
CA ASN B 253 25.77 -18.55 223.35
C ASN B 253 24.92 -19.23 224.43
N ALA B 254 23.84 -19.90 224.01
CA ALA B 254 23.02 -20.61 224.98
C ALA B 254 23.80 -21.72 225.66
N LEU B 255 24.62 -22.43 224.90
CA LEU B 255 25.56 -23.38 225.46
C LEU B 255 26.32 -22.77 226.63
N ALA B 256 27.03 -21.67 226.36
CA ALA B 256 27.89 -21.10 227.39
C ALA B 256 27.10 -20.67 228.61
N ALA B 257 25.97 -19.98 228.39
CA ALA B 257 25.17 -19.48 229.51
C ALA B 257 24.63 -20.62 230.35
N HIS B 258 24.17 -21.68 229.70
CA HIS B 258 23.57 -22.77 230.46
C HIS B 258 24.62 -23.59 231.20
N GLN B 259 25.86 -23.68 230.69
CA GLN B 259 26.91 -24.23 231.56
C GLN B 259 27.24 -23.31 232.72
N ALA B 260 27.21 -22.00 232.52
CA ALA B 260 27.39 -21.12 233.68
C ALA B 260 26.31 -21.38 234.73
N ASP B 261 25.06 -21.58 234.28
CA ASP B 261 23.95 -21.90 235.17
C ASP B 261 24.18 -23.24 235.87
N SER B 262 24.63 -24.24 235.11
CA SER B 262 24.91 -25.55 235.68
C SER B 262 25.94 -25.44 236.79
N GLY B 263 27.03 -24.72 236.51
CA GLY B 263 28.05 -24.54 237.52
C GLY B 263 27.52 -23.86 238.77
N ARG B 264 26.79 -22.75 238.59
CA ARG B 264 26.37 -22.01 239.78
C ARG B 264 25.38 -22.81 240.63
N THR B 265 24.36 -23.42 240.02
CA THR B 265 23.39 -24.18 240.83
C THR B 265 24.02 -25.43 241.42
N ILE B 266 24.93 -26.07 240.67
CA ILE B 266 25.53 -27.27 241.23
C ILE B 266 26.44 -26.90 242.38
N ARG B 267 27.09 -25.74 242.33
CA ARG B 267 27.95 -25.37 243.44
C ARG B 267 27.13 -24.95 244.65
N GLY B 268 25.96 -24.34 244.41
CA GLY B 268 25.03 -24.12 245.49
C GLY B 268 24.60 -25.41 246.17
N LEU B 269 24.25 -26.42 245.38
CA LEU B 269 23.81 -27.66 245.99
C LEU B 269 24.94 -28.36 246.71
N GLU B 270 26.16 -28.33 246.16
CA GLU B 270 27.24 -29.03 246.85
C GLU B 270 27.65 -28.31 248.12
N SER B 271 27.53 -26.98 248.15
CA SER B 271 27.67 -26.28 249.42
C SER B 271 26.58 -26.75 250.39
N GLN B 272 25.36 -26.94 249.88
CA GLN B 272 24.31 -27.47 250.74
C GLN B 272 24.69 -28.83 251.30
N VAL B 273 25.37 -29.66 250.50
CA VAL B 273 25.79 -30.99 250.98
C VAL B 273 26.87 -30.86 252.05
N GLU B 274 27.88 -30.04 251.77
CA GLU B 274 28.92 -29.79 252.76
C GLU B 274 28.30 -29.35 254.09
N ALA B 275 27.21 -28.59 254.02
CA ALA B 275 26.41 -28.34 255.21
C ALA B 275 25.78 -29.62 255.73
N ASN B 276 25.21 -30.43 254.81
CA ASN B 276 24.46 -31.61 255.20
C ASN B 276 25.27 -32.57 256.05
N ARG B 277 26.59 -32.55 255.94
CA ARG B 277 27.37 -33.16 257.00
C ARG B 277 27.11 -32.42 258.32
N ALA C 213 37.52 -32.85 275.79
CA ALA C 213 36.22 -33.04 275.15
C ALA C 213 36.07 -32.09 273.97
N ALA C 214 36.30 -30.81 274.23
CA ALA C 214 36.38 -29.85 273.13
C ALA C 214 37.42 -30.29 272.11
N THR C 215 38.46 -30.99 272.56
CA THR C 215 39.40 -31.61 271.63
C THR C 215 38.70 -32.66 270.77
N LEU C 216 37.76 -33.41 271.35
CA LEU C 216 36.95 -34.33 270.56
C LEU C 216 36.18 -33.58 269.49
N LYS C 217 35.52 -32.48 269.88
CA LYS C 217 34.79 -31.69 268.89
C LYS C 217 35.72 -31.16 267.80
N LYS C 218 36.89 -30.65 268.17
CA LYS C 218 37.79 -30.07 267.18
C LYS C 218 38.30 -31.11 266.19
N ARG C 219 38.86 -32.22 266.69
CA ARG C 219 39.43 -33.21 265.79
C ARG C 219 38.36 -33.88 264.94
N VAL C 220 37.17 -34.09 265.51
CA VAL C 220 36.07 -34.61 264.69
C VAL C 220 35.71 -33.60 263.61
N ASP C 221 35.76 -32.31 263.93
CA ASP C 221 35.50 -31.31 262.89
C ASP C 221 36.55 -31.38 261.80
N GLN C 222 37.79 -31.66 262.18
CA GLN C 222 38.84 -31.84 261.17
C GLN C 222 38.49 -33.00 260.25
N ALA C 223 38.05 -34.11 260.84
CA ALA C 223 37.67 -35.27 260.02
C ALA C 223 36.50 -34.92 259.11
N GLY C 224 35.55 -34.13 259.62
CA GLY C 224 34.42 -33.73 258.80
C GLY C 224 34.83 -32.85 257.64
N LEU C 225 35.78 -31.94 257.89
CA LEU C 225 36.35 -31.16 256.80
C LEU C 225 36.97 -32.06 255.76
N ASP C 226 37.70 -33.08 256.22
CA ASP C 226 38.32 -34.02 255.30
C ASP C 226 37.28 -34.72 254.44
N LEU C 227 36.21 -35.23 255.06
CA LEU C 227 35.22 -35.96 254.30
C LEU C 227 34.50 -35.05 253.32
N ALA C 228 34.15 -33.83 253.72
CA ALA C 228 33.47 -32.93 252.82
C ALA C 228 34.33 -32.63 251.60
N ARG C 229 35.57 -32.23 251.83
CA ARG C 229 36.46 -31.89 250.73
C ARG C 229 36.70 -33.08 249.82
N LEU C 230 36.90 -34.26 250.41
CA LEU C 230 37.20 -35.44 249.59
C LEU C 230 35.98 -35.86 248.78
N SER C 231 34.79 -35.79 249.38
CA SER C 231 33.57 -36.06 248.63
C SER C 231 33.44 -35.12 247.44
N ARG C 232 33.67 -33.82 247.68
CA ARG C 232 33.58 -32.86 246.59
C ARG C 232 34.57 -33.17 245.49
N ILE C 233 35.82 -33.46 245.85
CA ILE C 233 36.83 -33.70 244.82
C ILE C 233 36.48 -34.96 244.03
N GLU C 234 36.07 -36.03 244.72
CA GLU C 234 35.73 -37.24 243.98
C GLU C 234 34.60 -36.98 243.01
N THR C 235 33.54 -36.35 243.49
CA THR C 235 32.32 -36.25 242.67
C THR C 235 32.53 -35.31 241.48
N ASP C 236 33.12 -34.14 241.71
CA ASP C 236 33.31 -33.26 240.57
C ASP C 236 34.38 -33.78 239.62
N LEU C 237 35.43 -34.45 240.12
CA LEU C 237 36.39 -35.04 239.21
C LEU C 237 35.78 -36.15 238.39
N GLU C 238 34.85 -36.94 238.96
CA GLU C 238 34.24 -37.96 238.15
C GLU C 238 33.27 -37.35 237.15
N ALA C 239 32.63 -36.23 237.50
CA ALA C 239 31.85 -35.51 236.51
C ALA C 239 32.75 -35.08 235.36
N GLN C 240 33.95 -34.59 235.67
CA GLN C 240 34.89 -34.21 234.63
C GLN C 240 35.31 -35.41 233.78
N LEU C 241 35.52 -36.56 234.42
CA LEU C 241 35.81 -37.77 233.68
C LEU C 241 34.67 -38.13 232.74
N ALA C 242 33.43 -37.97 233.22
CA ALA C 242 32.28 -38.22 232.36
C ALA C 242 32.30 -37.30 231.16
N ALA C 243 32.52 -36.01 231.41
CA ALA C 243 32.50 -35.05 230.31
C ALA C 243 33.57 -35.39 229.29
N GLU C 244 34.77 -35.74 229.76
CA GLU C 244 35.86 -36.01 228.84
C GLU C 244 35.63 -37.30 228.05
N ARG C 245 35.08 -38.34 228.67
CA ARG C 245 34.83 -39.55 227.88
C ARG C 245 33.75 -39.29 226.83
N ALA C 246 32.72 -38.54 227.21
CA ALA C 246 31.70 -38.20 226.23
C ALA C 246 32.31 -37.40 225.07
N ARG C 247 33.18 -36.46 225.39
CA ARG C 247 33.85 -35.69 224.36
C ARG C 247 34.67 -36.59 223.44
N VAL C 248 35.41 -37.54 224.02
CA VAL C 248 36.24 -38.43 223.22
C VAL C 248 35.38 -39.19 222.23
N GLN C 249 34.34 -39.84 222.72
CA GLN C 249 33.53 -40.65 221.82
C GLN C 249 32.85 -39.80 220.77
N ALA C 250 32.33 -38.64 221.17
CA ALA C 250 31.63 -37.80 220.20
C ALA C 250 32.59 -37.32 219.12
N VAL C 251 33.80 -36.94 219.50
CA VAL C 251 34.72 -36.43 218.50
C VAL C 251 35.16 -37.56 217.57
N GLU C 252 35.26 -38.78 218.08
CA GLU C 252 35.55 -39.88 217.17
C GLU C 252 34.41 -40.05 216.17
N ASN C 253 33.17 -39.96 216.64
CA ASN C 253 32.04 -40.11 215.74
C ASN C 253 32.03 -39.02 214.68
N ALA C 254 32.27 -37.78 215.09
CA ALA C 254 32.36 -36.70 214.13
C ALA C 254 33.50 -36.92 213.15
N LEU C 255 34.62 -37.46 213.63
CA LEU C 255 35.75 -37.74 212.74
C LEU C 255 35.35 -38.71 211.66
N ALA C 256 34.69 -39.80 212.04
CA ALA C 256 34.26 -40.78 211.07
C ALA C 256 33.26 -40.17 210.09
N ALA C 257 32.36 -39.34 210.60
CA ALA C 257 31.42 -38.64 209.74
C ALA C 257 32.15 -37.78 208.73
N HIS C 258 33.19 -37.06 209.18
CA HIS C 258 33.94 -36.21 208.27
C HIS C 258 34.69 -37.03 207.24
N GLN C 259 35.27 -38.14 207.67
CA GLN C 259 35.93 -39.03 206.71
C GLN C 259 34.96 -39.44 205.61
N ALA C 260 33.79 -39.95 206.00
CA ALA C 260 32.83 -40.42 205.01
C ALA C 260 32.34 -39.28 204.13
N ASP C 261 32.05 -38.14 204.74
CA ASP C 261 31.52 -37.00 204.00
C ASP C 261 32.52 -36.51 202.97
N SER C 262 33.77 -36.27 203.39
CA SER C 262 34.79 -35.80 202.46
C SER C 262 35.07 -36.83 201.39
N GLY C 263 35.12 -38.11 201.76
CA GLY C 263 35.33 -39.16 200.78
C GLY C 263 34.27 -39.13 199.70
N ARG C 264 33.01 -39.04 200.11
CA ARG C 264 31.92 -38.99 199.13
C ARG C 264 31.95 -37.70 198.32
N THR C 265 32.36 -36.59 198.93
CA THR C 265 32.49 -35.37 198.14
C THR C 265 33.54 -35.53 197.06
N ILE C 266 34.69 -36.08 197.42
CA ILE C 266 35.72 -36.32 196.43
C ILE C 266 35.20 -37.25 195.36
N ARG C 267 34.41 -38.25 195.75
CA ARG C 267 33.75 -39.12 194.75
C ARG C 267 32.88 -38.31 193.81
N GLY C 268 31.98 -37.49 194.34
CA GLY C 268 31.05 -36.80 193.47
C GLY C 268 31.78 -35.88 192.52
N LEU C 269 32.74 -35.14 193.04
CA LEU C 269 33.43 -34.17 192.22
C LEU C 269 34.34 -34.87 191.21
N GLU C 270 34.97 -35.98 191.59
CA GLU C 270 35.81 -36.66 190.61
C GLU C 270 34.95 -37.23 189.51
N SER C 271 33.78 -37.77 189.87
CA SER C 271 32.86 -38.27 188.86
C SER C 271 32.48 -37.18 187.90
N GLN C 272 32.18 -36.00 188.42
CA GLN C 272 31.96 -34.86 187.56
C GLN C 272 33.13 -34.66 186.64
N VAL C 273 34.35 -34.82 187.14
CA VAL C 273 35.52 -34.58 186.31
C VAL C 273 35.59 -35.56 185.15
N GLU C 274 35.48 -36.87 185.40
CA GLU C 274 35.66 -37.74 184.24
C GLU C 274 34.48 -37.64 183.30
N ALA C 275 33.27 -37.45 183.85
CA ALA C 275 32.13 -37.25 182.97
C ALA C 275 32.34 -36.03 182.10
N ASN C 276 32.84 -34.96 182.69
CA ASN C 276 33.04 -33.73 181.94
C ASN C 276 34.14 -33.93 180.90
N ARG C 277 35.14 -34.75 181.23
CA ARG C 277 36.17 -35.08 180.26
C ARG C 277 35.55 -35.80 179.06
N ALA C 278 34.65 -36.74 179.32
CA ALA C 278 33.95 -37.41 178.23
C ALA C 278 33.13 -36.42 177.42
N GLU C 279 32.44 -35.52 178.10
CA GLU C 279 31.63 -34.55 177.40
C GLU C 279 32.49 -33.64 176.54
N ILE C 280 33.61 -33.16 177.06
CA ILE C 280 34.50 -32.30 176.28
C ILE C 280 35.05 -33.05 175.09
N SER C 281 35.50 -34.28 175.30
CA SER C 281 35.94 -35.10 174.17
C SER C 281 34.85 -35.17 173.12
N ALA C 282 33.60 -35.34 173.55
CA ALA C 282 32.50 -35.32 172.62
C ALA C 282 32.42 -33.97 171.90
N LEU C 283 32.60 -32.88 172.64
CA LEU C 283 32.58 -31.56 172.02
C LEU C 283 33.60 -31.45 170.91
N GLN C 284 34.87 -31.77 171.17
CA GLN C 284 35.83 -31.66 170.06
C GLN C 284 35.49 -32.62 168.94
N THR C 285 35.05 -33.84 169.26
CA THR C 285 34.75 -34.79 168.18
C THR C 285 33.69 -34.27 167.24
N ARG C 286 32.49 -34.03 167.76
CA ARG C 286 31.44 -33.57 166.87
C ARG C 286 31.73 -32.17 166.33
N LEU C 287 32.55 -31.38 167.04
CA LEU C 287 32.92 -30.09 166.51
C LEU C 287 33.74 -30.24 165.24
N GLU C 288 34.72 -31.14 165.25
CA GLU C 288 35.49 -31.36 164.03
C GLU C 288 34.63 -31.98 162.94
N THR C 289 33.70 -32.87 163.30
CA THR C 289 32.83 -33.44 162.28
C THR C 289 32.02 -32.34 161.60
N ALA C 290 31.38 -31.50 162.40
CA ALA C 290 30.56 -30.43 161.85
C ALA C 290 31.40 -29.46 161.04
N THR C 291 32.60 -29.12 161.52
CA THR C 291 33.40 -28.16 160.76
C THR C 291 33.90 -28.78 159.47
N GLY C 292 34.09 -30.10 159.44
CA GLY C 292 34.42 -30.76 158.20
C GLY C 292 33.27 -30.72 157.20
N ARG C 293 32.05 -30.99 157.68
CA ARG C 293 30.88 -30.84 156.82
C ARG C 293 30.80 -29.42 156.26
N ALA C 294 31.01 -28.44 157.13
CA ALA C 294 30.97 -27.05 156.70
C ALA C 294 32.04 -26.76 155.66
N ASP C 295 33.25 -27.27 155.88
CA ASP C 295 34.34 -26.98 154.96
C ASP C 295 34.08 -27.58 153.59
N LYS C 296 33.66 -28.85 153.54
CA LYS C 296 33.39 -29.48 152.26
C LYS C 296 32.24 -28.77 151.55
N LEU C 297 31.18 -28.45 152.30
CA LEU C 297 30.07 -27.75 151.69
C LEU C 297 30.50 -26.38 151.19
N GLU C 298 31.43 -25.73 151.87
CA GLU C 298 31.93 -24.44 151.44
C GLU C 298 32.74 -24.57 150.16
N GLU C 299 33.48 -25.66 150.02
CA GLU C 299 34.19 -25.91 148.77
C GLU C 299 33.20 -26.05 147.62
N MET C 300 32.14 -26.83 147.83
CA MET C 300 31.13 -26.95 146.78
C MET C 300 30.45 -25.63 146.52
N ASN C 301 30.26 -24.81 147.56
CA ASN C 301 29.74 -23.46 147.37
C ASN C 301 30.63 -22.66 146.44
N GLY C 302 31.94 -22.71 146.65
CA GLY C 302 32.85 -22.01 145.75
C GLY C 302 32.72 -22.50 144.32
N GLN C 303 32.65 -23.81 144.14
CA GLN C 303 32.51 -24.36 142.79
C GLN C 303 31.26 -23.84 142.11
N ILE C 304 30.11 -23.97 142.77
CA ILE C 304 28.86 -23.57 142.12
C ILE C 304 28.82 -22.07 141.91
N SER C 305 29.45 -21.29 142.80
CA SER C 305 29.52 -19.86 142.57
C SER C 305 30.29 -19.56 141.29
N ALA C 306 31.43 -20.23 141.09
CA ALA C 306 32.20 -19.99 139.88
C ALA C 306 31.41 -20.39 138.63
N ARG C 307 30.69 -21.51 138.70
CA ARG C 307 29.93 -21.96 137.53
C ARG C 307 28.80 -20.98 137.22
N LEU C 308 28.16 -20.42 138.24
CA LEU C 308 27.18 -19.39 137.97
C LEU C 308 27.83 -18.15 137.38
N ALA C 309 29.01 -17.78 137.86
CA ALA C 309 29.67 -16.61 137.31
C ALA C 309 29.89 -16.77 135.81
N ASP C 310 30.53 -17.87 135.41
CA ASP C 310 30.89 -18.00 134.00
C ASP C 310 29.67 -18.32 133.15
N SER C 311 28.67 -18.99 133.73
CA SER C 311 27.44 -19.24 132.98
C SER C 311 26.71 -17.94 132.68
N SER C 312 26.61 -17.03 133.65
CA SER C 312 25.95 -15.77 133.36
C SER C 312 26.81 -14.89 132.45
N ALA C 313 28.13 -15.03 132.53
CA ALA C 313 28.98 -14.34 131.57
C ALA C 313 28.69 -14.81 130.14
N GLN C 314 28.59 -16.13 129.95
CA GLN C 314 28.27 -16.67 128.64
C GLN C 314 26.89 -16.24 128.22
N GLN C 315 25.95 -16.17 129.16
CA GLN C 315 24.64 -15.61 128.86
C GLN C 315 24.78 -14.22 128.27
N LYS C 316 25.56 -13.36 128.92
CA LYS C 316 25.75 -12.00 128.42
C LYS C 316 26.29 -12.02 127.00
N ALA C 317 27.38 -12.75 126.78
CA ALA C 317 28.06 -12.71 125.48
C ALA C 317 27.15 -13.24 124.38
N VAL C 318 26.52 -14.39 124.61
CA VAL C 318 25.64 -14.96 123.62
C VAL C 318 24.45 -14.06 123.35
N GLU C 319 23.87 -13.46 124.38
CA GLU C 319 22.74 -12.57 124.17
C GLU C 319 23.15 -11.39 123.31
N ARG C 320 24.32 -10.84 123.58
CA ARG C 320 24.79 -9.69 122.80
C ARG C 320 24.99 -10.06 121.33
N ARG C 321 25.75 -11.12 121.08
CA ARG C 321 26.02 -11.47 119.69
C ARG C 321 24.72 -11.90 118.99
N ALA C 322 23.76 -12.41 119.76
CA ALA C 322 22.47 -12.74 119.18
C ALA C 322 21.74 -11.48 118.76
N GLY C 323 21.80 -10.42 119.56
CA GLY C 323 21.21 -9.16 119.15
C GLY C 323 21.85 -8.62 117.88
N ASP C 324 23.17 -8.74 117.79
CA ASP C 324 23.86 -8.31 116.58
C ASP C 324 23.40 -9.11 115.36
N LEU C 325 23.29 -10.43 115.51
CA LEU C 325 22.78 -11.25 114.44
C LEU C 325 21.37 -10.85 114.04
N ASN C 326 20.52 -10.54 115.01
CA ASN C 326 19.14 -10.19 114.70
C ASN C 326 19.07 -8.89 113.91
N VAL C 327 19.84 -7.87 114.34
CA VAL C 327 19.78 -6.61 113.60
C VAL C 327 20.38 -6.76 112.21
N ALA C 328 21.45 -7.56 112.07
CA ALA C 328 22.02 -7.78 110.76
C ALA C 328 21.04 -8.51 109.84
N LEU C 329 20.30 -9.47 110.38
CA LEU C 329 19.31 -10.17 109.57
C LEU C 329 18.18 -9.23 109.18
N GLU C 330 17.82 -8.32 110.08
CA GLU C 330 16.88 -7.27 109.70
C GLU C 330 17.39 -6.52 108.47
N ARG C 331 18.66 -6.10 108.50
CA ARG C 331 19.23 -5.41 107.36
C ARG C 331 19.19 -6.27 106.11
N ALA C 332 19.55 -7.55 106.24
CA ALA C 332 19.65 -8.42 105.08
C ALA C 332 18.29 -8.63 104.43
N LEU C 333 17.25 -8.85 105.23
CA LEU C 333 15.91 -8.93 104.66
C LEU C 333 15.50 -7.63 104.00
N ASP C 334 15.85 -6.49 104.62
CA ASP C 334 15.52 -5.21 104.01
C ASP C 334 16.21 -5.06 102.65
N ARG C 335 17.47 -5.47 102.56
CA ARG C 335 18.19 -5.32 101.31
C ARG C 335 17.73 -6.33 100.27
N ILE C 336 17.28 -7.50 100.69
CA ILE C 336 16.64 -8.41 99.74
C ILE C 336 15.41 -7.76 99.17
N ARG C 337 14.61 -7.11 100.02
CA ARG C 337 13.44 -6.39 99.54
C ARG C 337 13.84 -5.32 98.53
N ALA C 338 14.87 -4.55 98.85
CA ALA C 338 15.29 -3.44 97.98
C ALA C 338 15.79 -3.95 96.63
N LEU C 339 16.60 -5.01 96.63
CA LEU C 339 17.09 -5.54 95.37
C LEU C 339 15.97 -6.18 94.58
N GLU C 340 14.95 -6.74 95.23
CA GLU C 340 13.78 -7.17 94.50
C GLU C 340 13.10 -5.98 93.82
N GLU C 341 12.98 -4.86 94.52
CA GLU C 341 12.34 -3.68 93.93
C GLU C 341 13.12 -3.17 92.73
N GLU C 342 14.45 -3.08 92.85
CA GLU C 342 15.23 -2.57 91.73
C GLU C 342 15.27 -3.57 90.58
N ALA C 343 15.24 -4.87 90.88
CA ALA C 343 15.14 -5.85 89.80
C ALA C 343 13.81 -5.70 89.06
N ASP C 344 12.74 -5.37 89.79
CA ASP C 344 11.47 -5.08 89.13
C ASP C 344 11.58 -3.85 88.24
N GLY C 345 12.28 -2.81 88.71
CA GLY C 345 12.47 -1.63 87.88
C GLY C 345 13.25 -1.91 86.61
N LEU C 346 14.34 -2.67 86.72
CA LEU C 346 15.05 -3.13 85.53
C LEU C 346 14.16 -3.94 84.62
N ARG C 347 13.33 -4.82 85.18
CA ARG C 347 12.40 -5.58 84.35
C ARG C 347 11.47 -4.68 83.56
N GLN C 348 10.92 -3.65 84.20
CA GLN C 348 10.00 -2.76 83.50
C GLN C 348 10.71 -1.98 82.39
N ARG C 349 11.83 -1.33 82.72
CA ARG C 349 12.56 -0.56 81.71
C ARG C 349 13.03 -1.45 80.57
N HIS C 350 13.46 -2.66 80.90
CA HIS C 350 14.02 -3.60 79.95
C HIS C 350 12.95 -4.33 79.15
N ALA C 351 11.69 -4.30 79.59
CA ALA C 351 10.57 -4.73 78.76
C ALA C 351 10.17 -3.63 77.78
N GLY C 352 10.18 -2.38 78.24
CA GLY C 352 9.92 -1.27 77.33
C GLY C 352 10.94 -1.17 76.22
N VAL C 353 12.22 -1.32 76.57
CA VAL C 353 13.30 -1.13 75.61
C VAL C 353 13.62 -2.51 75.03
N ASP C 354 12.68 -3.44 75.18
CA ASP C 354 12.65 -4.63 74.35
C ASP C 354 11.53 -4.58 73.31
N THR C 355 10.35 -4.08 73.71
CA THR C 355 9.29 -3.84 72.74
C THR C 355 9.72 -2.80 71.71
N ALA C 356 10.41 -1.75 72.15
CA ALA C 356 10.94 -0.76 71.21
C ALA C 356 11.89 -1.42 70.21
N ARG C 357 12.76 -2.30 70.69
CA ARG C 357 13.65 -3.00 69.77
C ARG C 357 12.87 -3.86 68.79
N ALA C 358 11.85 -4.56 69.26
CA ALA C 358 11.07 -5.41 68.38
C ALA C 358 10.46 -4.59 67.24
N THR C 359 9.77 -3.50 67.59
CA THR C 359 9.14 -2.70 66.54
C THR C 359 10.16 -2.05 65.62
N ALA C 360 11.29 -1.60 66.17
CA ALA C 360 12.32 -0.99 65.32
C ALA C 360 12.88 -2.00 64.33
N ILE C 361 13.16 -3.23 64.79
CA ILE C 361 13.68 -4.25 63.89
C ILE C 361 12.66 -4.57 62.80
N GLU C 362 11.39 -4.69 63.19
CA GLU C 362 10.36 -4.99 62.20
C GLU C 362 10.29 -3.91 61.13
N ARG C 363 10.26 -2.64 61.53
CA ARG C 363 10.12 -1.56 60.56
C ARG C 363 11.36 -1.45 59.68
N ALA C 364 12.54 -1.66 60.27
CA ALA C 364 13.76 -1.66 59.48
C ALA C 364 13.76 -2.76 58.45
N ASP C 365 13.27 -3.95 58.83
CA ASP C 365 13.20 -5.04 57.85
C ASP C 365 12.22 -4.72 56.73
N GLN C 366 11.07 -4.12 57.07
CA GLN C 366 10.09 -3.75 56.05
C GLN C 366 10.70 -2.78 55.05
N LEU C 367 11.37 -1.75 55.55
CA LEU C 367 12.00 -0.80 54.62
C LEU C 367 13.17 -1.41 53.87
N ALA C 368 13.84 -2.42 54.43
CA ALA C 368 14.85 -3.13 53.66
C ALA C 368 14.22 -3.85 52.47
N LYS C 369 13.10 -4.53 52.71
CA LYS C 369 12.40 -5.19 51.62
C LYS C 369 11.93 -4.20 50.56
N SER C 370 11.38 -3.06 51.00
CA SER C 370 10.93 -2.05 50.06
C SER C 370 12.09 -1.47 49.25
N ALA C 371 13.24 -1.28 49.89
CA ALA C 371 14.42 -0.80 49.16
C ALA C 371 14.85 -1.81 48.12
N VAL C 372 14.84 -3.10 48.45
CA VAL C 372 15.16 -4.12 47.46
C VAL C 372 14.16 -4.08 46.30
N ALA C 373 12.87 -3.90 46.64
CA ALA C 373 11.85 -3.86 45.60
C ALA C 373 12.07 -2.71 44.64
N GLN C 374 12.36 -1.51 45.16
CA GLN C 374 12.58 -0.41 44.23
C GLN C 374 13.93 -0.51 43.53
N GLU C 375 14.88 -1.24 44.09
CA GLU C 375 16.06 -1.58 43.30
C GLU C 375 15.67 -2.40 42.07
N LYS C 376 14.82 -3.40 42.27
CA LYS C 376 14.35 -4.20 41.13
C LYS C 376 13.57 -3.35 40.14
N ALA C 377 12.71 -2.45 40.65
CA ALA C 377 11.91 -1.61 39.77
C ALA C 377 12.78 -0.66 38.96
N LEU C 378 13.81 -0.08 39.59
CA LEU C 378 14.74 0.73 38.82
C LEU C 378 15.42 -0.08 37.76
N LYS C 379 15.87 -1.29 38.09
CA LYS C 379 16.48 -2.13 37.06
C LYS C 379 15.52 -2.32 35.89
N ARG C 380 14.28 -2.72 36.18
CA ARG C 380 13.28 -2.95 35.15
C ARG C 380 13.08 -1.73 34.27
N ALA C 381 12.85 -0.58 34.88
CA ALA C 381 12.67 0.65 34.11
C ALA C 381 13.89 0.93 33.27
N GLU C 382 15.08 0.55 33.76
CA GLU C 382 16.28 0.77 32.97
C GLU C 382 16.27 -0.09 31.71
N GLU C 383 15.98 -1.39 31.84
CA GLU C 383 15.97 -2.20 30.62
C GLU C 383 14.87 -1.74 29.67
N ARG C 384 13.72 -1.34 30.21
CA ARG C 384 12.61 -0.96 29.34
C ARG C 384 12.90 0.35 28.63
N ALA C 385 13.56 1.29 29.31
CA ALA C 385 14.00 2.51 28.64
C ALA C 385 15.02 2.20 27.57
N GLN C 386 15.93 1.27 27.85
CA GLN C 386 16.89 0.87 26.83
C GLN C 386 16.17 0.27 25.61
N GLN C 387 15.18 -0.58 25.86
CA GLN C 387 14.42 -1.19 24.78
C GLN C 387 13.70 -0.14 23.94
N LEU C 388 12.99 0.77 24.59
CA LEU C 388 12.23 1.76 23.85
C LEU C 388 13.17 2.74 23.15
N ARG C 389 14.38 2.94 23.68
CA ARG C 389 15.39 3.67 22.94
C ARG C 389 15.79 2.91 21.68
N ALA C 390 15.90 1.59 21.78
CA ALA C 390 16.17 0.78 20.60
C ALA C 390 15.03 0.90 19.58
N ARG C 391 13.79 1.02 20.06
CA ARG C 391 12.67 1.20 19.14
C ARG C 391 12.72 2.54 18.45
N LEU C 392 13.04 3.61 19.18
CA LEU C 392 13.36 4.87 18.52
C LEU C 392 14.39 4.65 17.43
N ASP C 393 15.46 3.93 17.74
CA ASP C 393 16.50 3.71 16.74
C ASP C 393 15.95 2.98 15.53
N ALA C 394 15.14 1.96 15.76
CA ALA C 394 14.61 1.14 14.66
C ALA C 394 13.72 1.98 13.75
N MET C 395 12.82 2.76 14.32
CA MET C 395 12.05 3.66 13.46
C MET C 395 12.94 4.71 12.82
N GLN C 396 14.11 4.99 13.39
CA GLN C 396 15.03 5.90 12.71
C GLN C 396 15.56 5.29 11.42
N GLU C 397 15.99 4.02 11.47
CA GLU C 397 16.41 3.41 10.21
C GLU C 397 15.23 3.27 9.26
N ALA C 398 14.03 3.03 9.80
CA ALA C 398 12.84 2.98 8.96
C ALA C 398 12.63 4.29 8.23
N GLN C 399 12.82 5.42 8.93
CA GLN C 399 12.70 6.70 8.26
C GLN C 399 13.81 6.92 7.25
N ASP C 400 15.02 6.44 7.51
CA ASP C 400 16.08 6.59 6.50
C ASP C 400 15.70 5.87 5.21
N GLN C 401 15.22 4.63 5.34
CA GLN C 401 14.78 3.89 4.17
C GLN C 401 13.64 4.60 3.46
N VAL C 402 12.66 5.07 4.22
CA VAL C 402 11.51 5.69 3.59
C VAL C 402 11.91 7.02 2.93
N ARG C 403 12.89 7.71 3.49
CA ARG C 403 13.38 8.92 2.85
C ARG C 403 14.02 8.62 1.51
N ARG C 404 14.86 7.58 1.44
CA ARG C 404 15.43 7.30 0.12
C ARG C 404 14.37 6.77 -0.83
N ASP C 405 13.34 6.12 -0.30
CA ASP C 405 12.23 5.67 -1.13
C ASP C 405 11.49 6.85 -1.76
N SER C 406 11.19 7.86 -0.95
CA SER C 406 10.55 9.05 -1.49
C SER C 406 11.48 9.76 -2.46
N ALA C 407 12.78 9.70 -2.23
CA ALA C 407 13.72 10.28 -3.19
C ALA C 407 13.62 9.58 -4.53
N THR C 408 13.55 8.25 -4.52
CA THR C 408 13.44 7.52 -5.78
C THR C 408 12.13 7.84 -6.49
N HIS C 409 11.03 7.90 -5.74
CA HIS C 409 9.76 8.23 -6.39
C HIS C 409 9.77 9.66 -6.93
N GLU C 410 10.40 10.58 -6.22
CA GLU C 410 10.52 11.94 -6.74
C GLU C 410 11.32 11.95 -8.03
N ALA C 411 12.43 11.22 -8.06
CA ALA C 411 13.24 11.17 -9.28
C ALA C 411 12.46 10.56 -10.43
N LYS C 412 11.74 9.48 -10.17
CA LYS C 412 11.04 8.80 -11.26
C LYS C 412 9.84 9.61 -11.74
N ILE C 413 9.15 10.31 -10.84
CA ILE C 413 8.08 11.17 -11.31
C ILE C 413 8.64 12.33 -12.12
N ALA C 414 9.81 12.85 -11.75
CA ALA C 414 10.40 13.90 -12.58
C ALA C 414 10.79 13.37 -13.95
N GLU C 415 11.30 12.14 -14.00
CA GLU C 415 11.72 11.60 -15.29
C GLU C 415 10.50 11.30 -16.17
N LEU C 416 9.44 10.74 -15.58
CA LEU C 416 8.21 10.60 -16.33
C LEU C 416 7.66 11.94 -16.75
N GLN C 417 7.87 12.96 -15.92
CA GLN C 417 7.48 14.30 -16.28
C GLN C 417 8.14 14.70 -17.57
N ALA C 418 9.45 14.43 -17.65
CA ALA C 418 10.21 14.75 -18.85
C ALA C 418 9.76 13.92 -20.05
N THR C 419 9.46 12.65 -19.84
CA THR C 419 9.09 11.85 -20.99
C THR C 419 7.73 12.28 -21.53
N ILE C 420 6.83 12.69 -20.65
CA ILE C 420 5.56 13.21 -21.15
C ILE C 420 5.76 14.52 -21.87
N GLU C 421 6.58 15.42 -21.30
CA GLU C 421 6.74 16.71 -21.96
C GLU C 421 7.36 16.53 -23.34
N ARG C 422 8.32 15.62 -23.48
CA ARG C 422 8.87 15.41 -24.81
C ARG C 422 7.93 14.65 -25.73
N LEU C 423 7.16 13.70 -25.23
CA LEU C 423 6.22 13.04 -26.13
C LEU C 423 5.22 14.05 -26.68
N THR C 424 4.77 14.99 -25.84
CA THR C 424 3.92 16.06 -26.34
C THR C 424 4.66 16.96 -27.32
N SER C 425 5.92 17.30 -27.04
CA SER C 425 6.63 18.20 -27.94
C SER C 425 6.79 17.57 -29.32
N GLU C 426 7.20 16.31 -29.35
CA GLU C 426 7.38 15.65 -30.63
C GLU C 426 6.04 15.45 -31.31
N ALA C 427 4.99 15.19 -30.53
CA ALA C 427 3.67 15.06 -31.10
C ALA C 427 3.23 16.36 -31.76
N ALA C 428 3.53 17.49 -31.11
CA ALA C 428 3.17 18.78 -31.68
C ALA C 428 3.93 19.04 -32.97
N LEU C 429 5.24 18.79 -32.95
CA LEU C 429 6.02 18.98 -34.17
C LEU C 429 5.48 18.12 -35.28
N ALA C 430 5.24 16.84 -34.99
CA ALA C 430 4.75 15.93 -36.01
C ALA C 430 3.40 16.37 -36.55
N GLU C 431 2.46 16.67 -35.65
CA GLU C 431 1.13 17.02 -36.11
C GLU C 431 1.16 18.28 -36.95
N GLY C 432 1.88 19.31 -36.50
CA GLY C 432 1.93 20.53 -37.28
C GLY C 432 2.55 20.33 -38.65
N ALA C 433 3.78 19.82 -38.70
CA ALA C 433 4.46 19.68 -39.97
C ALA C 433 3.68 18.79 -40.92
N LEU C 434 3.21 17.66 -40.42
CA LEU C 434 2.65 16.73 -41.38
C LEU C 434 1.16 16.97 -41.63
N GLU C 435 0.52 17.83 -40.85
CA GLU C 435 -0.76 18.35 -41.29
C GLU C 435 -0.58 19.44 -42.34
N ALA C 436 0.51 20.19 -42.27
CA ALA C 436 0.83 21.06 -43.41
C ALA C 436 1.08 20.23 -44.66
N ALA C 437 1.74 19.09 -44.50
CA ALA C 437 1.92 18.17 -45.63
C ALA C 437 0.58 17.70 -46.18
N ARG C 438 -0.36 17.31 -45.32
CA ARG C 438 -1.64 16.87 -45.86
C ARG C 438 -2.43 18.03 -46.44
N ARG C 439 -2.18 19.25 -45.95
CA ARG C 439 -2.78 20.42 -46.59
C ARG C 439 -2.29 20.59 -48.01
N ASP C 440 -0.98 20.43 -48.22
CA ASP C 440 -0.44 20.43 -49.58
C ASP C 440 -1.08 19.34 -50.41
N ARG C 441 -1.23 18.14 -49.83
CA ARG C 441 -1.90 17.04 -50.52
C ARG C 441 -3.28 17.45 -51.02
N SER C 442 -4.09 17.99 -50.13
CA SER C 442 -5.44 18.38 -50.49
C SER C 442 -5.43 19.43 -51.58
N ARG C 443 -4.61 20.48 -51.40
CA ARG C 443 -4.59 21.59 -52.35
C ARG C 443 -4.19 21.12 -53.74
N LEU C 444 -3.19 20.24 -53.84
CA LEU C 444 -2.62 19.91 -55.14
C LEU C 444 -3.10 18.57 -55.70
N GLN C 445 -4.06 17.91 -55.06
CA GLN C 445 -4.64 16.77 -55.77
C GLN C 445 -6.16 16.68 -55.64
N MET C 446 -6.80 17.38 -54.72
CA MET C 446 -8.26 17.36 -54.69
C MET C 446 -8.81 18.38 -55.69
N ALA D 213 38.16 -41.98 274.24
CA ALA D 213 39.37 -42.54 273.66
C ALA D 213 39.03 -43.43 272.48
N ALA D 214 38.12 -44.37 272.70
CA ALA D 214 37.75 -45.33 271.68
C ALA D 214 37.17 -44.64 270.45
N THR D 215 36.33 -43.62 270.67
CA THR D 215 35.88 -42.81 269.54
C THR D 215 37.06 -42.22 268.80
N LEU D 216 38.09 -41.77 269.52
CA LEU D 216 39.26 -41.21 268.87
C LEU D 216 39.94 -42.26 268.00
N LYS D 217 40.09 -43.48 268.52
CA LYS D 217 40.79 -44.49 267.74
C LYS D 217 40.01 -44.85 266.49
N LYS D 218 38.68 -44.95 266.61
CA LYS D 218 37.87 -45.22 265.44
C LYS D 218 38.03 -44.10 264.40
N ARG D 219 37.98 -42.85 264.86
CA ARG D 219 38.09 -41.74 263.94
C ARG D 219 39.43 -41.77 263.20
N VAL D 220 40.53 -42.02 263.92
CA VAL D 220 41.83 -41.98 263.27
C VAL D 220 42.00 -43.16 262.33
N ASP D 221 41.51 -44.34 262.72
CA ASP D 221 41.55 -45.49 261.81
C ASP D 221 40.88 -45.16 260.50
N GLN D 222 39.63 -44.68 260.57
CA GLN D 222 38.90 -44.40 259.35
C GLN D 222 39.56 -43.28 258.55
N ALA D 223 40.01 -42.22 259.22
CA ALA D 223 40.57 -41.07 258.50
C ALA D 223 41.85 -41.46 257.78
N GLY D 224 42.77 -42.15 258.45
CA GLY D 224 44.03 -42.53 257.82
C GLY D 224 43.84 -43.49 256.67
N LEU D 225 43.03 -44.54 256.88
CA LEU D 225 42.78 -45.49 255.81
C LEU D 225 42.18 -44.78 254.59
N ASP D 226 41.17 -43.94 254.82
CA ASP D 226 40.52 -43.26 253.72
C ASP D 226 41.45 -42.27 253.03
N LEU D 227 42.32 -41.59 253.79
CA LEU D 227 43.25 -40.66 253.15
C LEU D 227 44.18 -41.40 252.20
N ALA D 228 44.73 -42.54 252.63
CA ALA D 228 45.61 -43.28 251.73
C ALA D 228 44.84 -43.75 250.50
N ARG D 229 43.63 -44.30 250.71
CA ARG D 229 42.82 -44.77 249.59
C ARG D 229 42.50 -43.64 248.61
N LEU D 230 42.17 -42.48 249.13
CA LEU D 230 41.76 -41.36 248.30
C LEU D 230 42.95 -40.68 247.63
N SER D 231 44.14 -40.74 248.24
CA SER D 231 45.35 -40.35 247.52
C SER D 231 45.56 -41.26 246.31
N ARG D 232 45.42 -42.57 246.51
CA ARG D 232 45.49 -43.48 245.38
C ARG D 232 44.48 -43.09 244.31
N ILE D 233 43.24 -42.86 244.71
CA ILE D 233 42.17 -42.59 243.76
C ILE D 233 42.45 -41.32 242.97
N GLU D 234 42.89 -40.26 243.65
CA GLU D 234 43.11 -39.00 242.94
C GLU D 234 44.32 -39.09 242.04
N THR D 235 45.31 -39.90 242.41
CA THR D 235 46.41 -40.17 241.48
C THR D 235 45.90 -40.87 240.23
N ASP D 236 45.04 -41.88 240.41
CA ASP D 236 44.47 -42.58 239.25
C ASP D 236 43.70 -41.61 238.35
N LEU D 237 42.85 -40.79 238.96
CA LEU D 237 42.06 -39.83 238.19
C LEU D 237 42.96 -38.85 237.45
N GLU D 238 43.97 -38.32 238.13
CA GLU D 238 44.84 -37.34 237.48
C GLU D 238 45.58 -37.96 236.31
N ALA D 239 46.10 -39.17 236.47
CA ALA D 239 46.81 -39.81 235.37
C ALA D 239 45.88 -40.09 234.20
N GLN D 240 44.69 -40.61 234.49
CA GLN D 240 43.73 -40.89 233.42
C GLN D 240 43.31 -39.62 232.70
N LEU D 241 43.09 -38.53 233.45
CA LEU D 241 42.75 -37.26 232.82
C LEU D 241 43.89 -36.72 231.98
N ALA D 242 45.13 -36.87 232.45
CA ALA D 242 46.27 -36.43 231.65
C ALA D 242 46.28 -37.14 230.30
N ALA D 243 46.25 -38.47 230.34
CA ALA D 243 46.26 -39.24 229.09
C ALA D 243 45.04 -38.89 228.25
N GLU D 244 43.88 -38.76 228.88
CA GLU D 244 42.64 -38.54 228.15
C GLU D 244 42.64 -37.21 227.43
N ARG D 245 42.97 -36.13 228.15
CA ARG D 245 42.92 -34.81 227.53
C ARG D 245 44.00 -34.67 226.47
N ALA D 246 45.17 -35.28 226.69
CA ALA D 246 46.17 -35.30 225.63
C ALA D 246 45.63 -35.99 224.38
N ARG D 247 44.98 -37.14 224.56
CA ARG D 247 44.42 -37.86 223.42
C ARG D 247 43.32 -37.05 222.75
N VAL D 248 42.51 -36.34 223.55
CA VAL D 248 41.47 -35.49 222.99
C VAL D 248 42.08 -34.46 222.07
N GLN D 249 43.08 -33.76 222.57
CA GLN D 249 43.69 -32.70 221.77
C GLN D 249 44.33 -33.28 220.51
N ALA D 250 44.97 -34.43 220.63
CA ALA D 250 45.65 -35.01 219.47
C ALA D 250 44.65 -35.43 218.40
N VAL D 251 43.58 -36.11 218.79
CA VAL D 251 42.61 -36.55 217.79
C VAL D 251 41.87 -35.37 217.20
N GLU D 252 41.62 -34.33 218.00
CA GLU D 252 41.00 -33.12 217.43
C GLU D 252 41.93 -32.46 216.44
N ASN D 253 43.25 -32.51 216.71
CA ASN D 253 44.21 -32.01 215.74
C ASN D 253 44.23 -32.89 214.48
N ALA D 254 43.99 -34.18 214.64
CA ALA D 254 43.84 -35.04 213.47
C ALA D 254 42.63 -34.63 212.64
N LEU D 255 41.50 -34.33 213.30
CA LEU D 255 40.37 -33.72 212.61
C LEU D 255 40.80 -32.49 211.84
N ALA D 256 41.54 -31.59 212.48
CA ALA D 256 41.97 -30.38 211.82
C ALA D 256 42.82 -30.69 210.59
N ALA D 257 43.75 -31.64 210.72
CA ALA D 257 44.66 -31.93 209.62
C ALA D 257 43.95 -32.57 208.44
N HIS D 258 43.12 -33.58 208.70
CA HIS D 258 42.39 -34.21 207.62
C HIS D 258 41.43 -33.22 206.97
N GLN D 259 40.79 -32.36 207.75
CA GLN D 259 39.90 -31.37 207.17
C GLN D 259 40.69 -30.38 206.33
N ALA D 260 41.91 -30.05 206.73
CA ALA D 260 42.74 -29.16 205.93
C ALA D 260 43.08 -29.80 204.59
N ASP D 261 43.45 -31.08 204.61
CA ASP D 261 43.72 -31.80 203.36
C ASP D 261 42.46 -31.87 202.50
N SER D 262 41.31 -32.12 203.14
CA SER D 262 40.05 -32.12 202.43
C SER D 262 39.82 -30.78 201.76
N GLY D 263 40.03 -29.69 202.46
CA GLY D 263 39.82 -28.39 201.86
C GLY D 263 40.72 -28.17 200.65
N ARG D 264 42.01 -28.44 200.81
CA ARG D 264 42.94 -28.36 199.69
C ARG D 264 42.38 -29.07 198.47
N THR D 265 42.09 -30.36 198.62
CA THR D 265 41.66 -31.14 197.46
C THR D 265 40.31 -30.67 196.95
N ILE D 266 39.42 -30.23 197.85
CA ILE D 266 38.11 -29.77 197.40
C ILE D 266 38.24 -28.57 196.48
N ARG D 267 38.97 -27.53 196.89
CA ARG D 267 38.99 -26.37 196.00
C ARG D 267 39.82 -26.65 194.75
N GLY D 268 40.90 -27.43 194.85
CA GLY D 268 41.61 -27.76 193.61
C GLY D 268 40.73 -28.51 192.62
N LEU D 269 39.98 -29.47 193.12
CA LEU D 269 39.13 -30.28 192.26
C LEU D 269 37.98 -29.45 191.72
N GLU D 270 37.47 -28.52 192.53
CA GLU D 270 36.46 -27.61 192.02
C GLU D 270 37.02 -26.74 190.91
N SER D 271 38.27 -26.30 191.05
CA SER D 271 38.88 -25.47 190.02
C SER D 271 38.91 -26.21 188.69
N GLN D 272 39.35 -27.48 188.72
CA GLN D 272 39.36 -28.22 187.47
C GLN D 272 37.94 -28.45 186.96
N VAL D 273 36.96 -28.60 187.86
CA VAL D 273 35.62 -28.82 187.34
C VAL D 273 35.07 -27.55 186.69
N GLU D 274 35.36 -26.37 187.23
CA GLU D 274 34.81 -25.23 186.52
C GLU D 274 35.56 -24.97 185.22
N ALA D 275 36.85 -25.30 185.16
CA ALA D 275 37.53 -25.26 183.87
C ALA D 275 36.82 -26.16 182.87
N ASN D 276 36.47 -27.36 183.29
CA ASN D 276 35.77 -28.27 182.40
C ASN D 276 34.43 -27.72 181.97
N ARG D 277 33.67 -27.15 182.90
CA ARG D 277 32.33 -26.67 182.54
C ARG D 277 32.42 -25.47 181.60
N ALA D 278 33.42 -24.61 181.81
CA ALA D 278 33.65 -23.53 180.88
C ALA D 278 33.93 -24.06 179.49
N GLU D 279 34.81 -25.05 179.39
CA GLU D 279 35.06 -25.63 178.07
C GLU D 279 33.78 -26.23 177.51
N ILE D 280 32.95 -26.80 178.37
CA ILE D 280 31.67 -27.33 177.89
C ILE D 280 30.92 -26.26 177.14
N SER D 281 30.57 -25.18 177.84
CA SER D 281 29.71 -24.16 177.23
C SER D 281 30.41 -23.54 176.02
N ALA D 282 31.73 -23.42 176.06
CA ALA D 282 32.45 -22.70 175.01
C ALA D 282 32.58 -23.54 173.73
N LEU D 283 33.05 -24.78 173.86
CA LEU D 283 33.03 -25.67 172.71
C LEU D 283 31.60 -25.85 172.22
N GLN D 284 30.62 -25.72 173.11
CA GLN D 284 29.24 -25.86 172.68
C GLN D 284 28.80 -24.63 171.90
N THR D 285 29.36 -23.46 172.23
CA THR D 285 29.15 -22.29 171.38
C THR D 285 29.68 -22.55 169.98
N ARG D 286 30.94 -22.97 169.88
CA ARG D 286 31.47 -23.23 168.55
C ARG D 286 30.65 -24.29 167.83
N LEU D 287 30.13 -25.26 168.56
CA LEU D 287 29.31 -26.28 167.92
C LEU D 287 28.07 -25.68 167.31
N GLU D 288 27.37 -24.83 168.06
CA GLU D 288 26.15 -24.27 167.47
C GLU D 288 26.50 -23.40 166.28
N THR D 289 27.61 -22.66 166.36
CA THR D 289 28.02 -21.87 165.22
C THR D 289 28.21 -22.74 163.99
N ALA D 290 28.99 -23.81 164.16
CA ALA D 290 29.29 -24.67 163.03
C ALA D 290 28.03 -25.29 162.46
N THR D 291 27.11 -25.74 163.32
CA THR D 291 25.96 -26.45 162.80
C THR D 291 25.02 -25.49 162.07
N GLY D 292 24.85 -24.28 162.59
CA GLY D 292 24.03 -23.31 161.88
C GLY D 292 24.65 -22.92 160.55
N ARG D 293 25.97 -22.75 160.55
CA ARG D 293 26.68 -22.48 159.30
C ARG D 293 26.40 -23.56 158.29
N ALA D 294 26.61 -24.82 158.67
CA ALA D 294 26.43 -25.89 157.72
C ALA D 294 25.00 -25.90 157.19
N ASP D 295 24.04 -25.70 158.08
CA ASP D 295 22.65 -25.72 157.65
C ASP D 295 22.37 -24.63 156.61
N LYS D 296 22.74 -23.39 156.91
CA LYS D 296 22.30 -22.34 155.99
C LYS D 296 23.12 -22.32 154.71
N LEU D 297 24.38 -22.76 154.74
CA LEU D 297 25.08 -22.99 153.48
C LEU D 297 24.36 -24.04 152.64
N GLU D 298 23.92 -25.14 153.26
CA GLU D 298 23.04 -26.02 152.52
C GLU D 298 21.89 -25.23 151.90
N GLU D 299 21.32 -24.32 152.68
CA GLU D 299 20.12 -23.62 152.24
C GLU D 299 20.36 -22.85 150.95
N MET D 300 21.23 -21.85 151.01
CA MET D 300 21.35 -21.08 149.79
C MET D 300 22.12 -21.82 148.71
N ASN D 301 22.88 -22.86 149.05
CA ASN D 301 23.45 -23.65 147.98
C ASN D 301 22.36 -24.30 147.16
N GLY D 302 21.33 -24.84 147.81
CA GLY D 302 20.18 -25.32 147.07
C GLY D 302 19.51 -24.23 146.27
N GLN D 303 19.31 -23.07 146.89
CA GLN D 303 18.62 -22.00 146.18
C GLN D 303 19.39 -21.56 144.95
N ILE D 304 20.70 -21.45 145.08
CA ILE D 304 21.49 -20.92 143.98
C ILE D 304 21.71 -22.02 142.96
N SER D 305 21.58 -23.29 143.36
CA SER D 305 21.49 -24.35 142.37
C SER D 305 20.24 -24.20 141.51
N ALA D 306 19.12 -23.84 142.14
CA ALA D 306 17.91 -23.58 141.36
C ALA D 306 18.12 -22.41 140.40
N ARG D 307 18.75 -21.35 140.90
CA ARG D 307 19.16 -20.28 139.99
C ARG D 307 20.02 -20.80 138.85
N LEU D 308 20.93 -21.74 139.13
CA LEU D 308 21.77 -22.28 138.08
C LEU D 308 20.93 -22.99 137.05
N ALA D 309 19.91 -23.70 137.49
CA ALA D 309 19.00 -24.34 136.54
C ALA D 309 18.41 -23.31 135.62
N ASP D 310 17.89 -22.22 136.19
CA ASP D 310 17.29 -21.16 135.37
C ASP D 310 18.31 -20.58 134.40
N SER D 311 19.52 -20.32 134.89
CA SER D 311 20.53 -19.62 134.10
C SER D 311 21.05 -20.50 132.98
N SER D 312 21.27 -21.79 133.25
CA SER D 312 21.71 -22.68 132.19
C SER D 312 20.60 -22.89 131.17
N ALA D 313 19.35 -22.89 131.61
CA ALA D 313 18.24 -22.93 130.67
C ALA D 313 18.31 -21.74 129.72
N GLN D 314 18.48 -20.54 130.26
CA GLN D 314 18.60 -19.37 129.40
C GLN D 314 19.82 -19.46 128.50
N GLN D 315 20.94 -19.96 129.05
CA GLN D 315 22.15 -20.12 128.26
C GLN D 315 21.90 -20.99 127.04
N LYS D 316 21.31 -22.17 127.26
CA LYS D 316 21.02 -23.06 126.15
C LYS D 316 20.02 -22.43 125.18
N ALA D 317 19.01 -21.74 125.71
CA ALA D 317 17.97 -21.18 124.85
C ALA D 317 18.54 -20.10 123.93
N VAL D 318 19.28 -19.16 124.50
CA VAL D 318 19.85 -18.09 123.68
C VAL D 318 20.91 -18.66 122.75
N GLU D 319 21.61 -19.71 123.17
CA GLU D 319 22.58 -20.33 122.25
C GLU D 319 21.87 -20.91 121.04
N ARG D 320 20.75 -21.60 121.28
CA ARG D 320 19.99 -22.15 120.17
C ARG D 320 19.48 -21.05 119.26
N ARG D 321 18.90 -19.99 119.83
CA ARG D 321 18.35 -18.94 118.99
C ARG D 321 19.45 -18.23 118.22
N ALA D 322 20.63 -18.10 118.82
CA ALA D 322 21.75 -17.49 118.13
C ALA D 322 22.21 -18.35 116.97
N GLY D 323 22.28 -19.67 117.17
CA GLY D 323 22.62 -20.54 116.05
C GLY D 323 21.61 -20.44 114.92
N ASP D 324 20.31 -20.39 115.26
CA ASP D 324 19.28 -20.30 114.24
C ASP D 324 19.42 -19.02 113.44
N LEU D 325 19.56 -17.89 114.12
CA LEU D 325 19.70 -16.65 113.36
C LEU D 325 21.06 -16.55 112.69
N ASN D 326 22.04 -17.34 113.13
CA ASN D 326 23.28 -17.41 112.37
C ASN D 326 23.02 -18.07 111.03
N VAL D 327 22.26 -19.15 111.03
CA VAL D 327 21.90 -19.79 109.77
C VAL D 327 21.10 -18.83 108.89
N ALA D 328 20.19 -18.09 109.51
CA ALA D 328 19.38 -17.13 108.76
C ALA D 328 20.25 -16.05 108.12
N LEU D 329 21.21 -15.51 108.87
CA LEU D 329 22.13 -14.54 108.29
C LEU D 329 22.96 -15.13 107.16
N GLU D 330 23.45 -16.36 107.33
CA GLU D 330 24.22 -16.97 106.26
C GLU D 330 23.39 -17.07 104.99
N ARG D 331 22.16 -17.57 105.10
CA ARG D 331 21.34 -17.73 103.90
C ARG D 331 20.93 -16.38 103.32
N ALA D 332 20.67 -15.38 104.17
CA ALA D 332 20.29 -14.07 103.66
C ALA D 332 21.45 -13.38 102.97
N LEU D 333 22.66 -13.56 103.50
CA LEU D 333 23.83 -12.99 102.84
C LEU D 333 24.08 -13.68 101.50
N ASP D 334 23.88 -15.00 101.46
CA ASP D 334 23.98 -15.70 100.17
C ASP D 334 22.93 -15.17 99.19
N ARG D 335 21.72 -14.90 99.67
CA ARG D 335 20.68 -14.36 98.80
C ARG D 335 21.02 -12.96 98.31
N ILE D 336 21.61 -12.13 99.17
CA ILE D 336 22.07 -10.82 98.73
C ILE D 336 23.13 -10.96 97.64
N ARG D 337 24.06 -11.90 97.80
CA ARG D 337 25.05 -12.10 96.74
C ARG D 337 24.38 -12.54 95.44
N ALA D 338 23.40 -13.44 95.53
CA ALA D 338 22.71 -13.88 94.33
C ALA D 338 22.01 -12.71 93.65
N LEU D 339 21.30 -11.88 94.42
CA LEU D 339 20.58 -10.76 93.82
C LEU D 339 21.53 -9.73 93.25
N GLU D 340 22.69 -9.52 93.86
CA GLU D 340 23.63 -8.57 93.27
C GLU D 340 24.14 -9.08 91.94
N GLU D 341 24.43 -10.39 91.86
CA GLU D 341 24.86 -10.95 90.58
C GLU D 341 23.77 -10.81 89.52
N GLU D 342 22.52 -11.09 89.90
CA GLU D 342 21.41 -11.00 88.95
C GLU D 342 21.21 -9.57 88.47
N ALA D 343 21.26 -8.61 89.39
CA ALA D 343 21.13 -7.22 89.00
C ALA D 343 22.26 -6.81 88.09
N ASP D 344 23.46 -7.32 88.34
CA ASP D 344 24.57 -7.06 87.42
C ASP D 344 24.23 -7.54 86.03
N GLY D 345 23.79 -8.80 85.92
CA GLY D 345 23.46 -9.36 84.62
C GLY D 345 22.41 -8.53 83.89
N LEU D 346 21.35 -8.15 84.59
CA LEU D 346 20.41 -7.18 84.04
C LEU D 346 21.12 -5.93 83.54
N ARG D 347 22.08 -5.42 84.30
CA ARG D 347 22.73 -4.19 83.86
C ARG D 347 23.42 -4.36 82.52
N GLN D 348 24.28 -5.38 82.37
CA GLN D 348 25.01 -5.44 81.11
C GLN D 348 24.08 -5.78 79.95
N ARG D 349 23.14 -6.71 80.17
CA ARG D 349 22.31 -7.12 79.05
C ARG D 349 21.36 -6.00 78.64
N HIS D 350 20.85 -5.24 79.61
CA HIS D 350 20.01 -4.09 79.29
C HIS D 350 20.79 -3.06 78.52
N ALA D 351 22.04 -2.80 78.91
CA ALA D 351 22.87 -1.88 78.14
C ALA D 351 23.00 -2.35 76.69
N GLY D 352 23.32 -3.64 76.51
CA GLY D 352 23.50 -4.16 75.17
C GLY D 352 22.26 -4.05 74.31
N VAL D 353 21.10 -4.40 74.89
CA VAL D 353 19.86 -4.36 74.12
C VAL D 353 19.49 -2.92 73.78
N ASP D 354 19.55 -2.01 74.77
CA ASP D 354 19.24 -0.62 74.51
C ASP D 354 20.20 0.02 73.51
N THR D 355 21.41 -0.51 73.37
CA THR D 355 22.32 0.05 72.40
C THR D 355 22.16 -0.54 71.00
N ALA D 356 21.92 -1.85 70.89
CA ALA D 356 21.61 -2.41 69.59
C ALA D 356 20.31 -1.85 69.04
N ARG D 357 19.36 -1.52 69.93
CA ARG D 357 18.15 -0.82 69.51
C ARG D 357 18.43 0.60 69.07
N ALA D 358 19.55 1.20 69.47
CA ALA D 358 19.90 2.50 68.91
C ALA D 358 20.58 2.36 67.55
N THR D 359 21.40 1.31 67.41
CA THR D 359 21.98 1.00 66.10
C THR D 359 20.89 0.72 65.07
N ALA D 360 19.86 -0.02 65.46
CA ALA D 360 18.77 -0.31 64.55
C ALA D 360 18.03 0.96 64.16
N ILE D 361 17.87 1.91 65.08
CA ILE D 361 17.25 3.17 64.72
C ILE D 361 18.11 3.95 63.74
N GLU D 362 19.43 3.96 63.96
CA GLU D 362 20.31 4.65 63.02
C GLU D 362 20.19 4.04 61.62
N ARG D 363 20.26 2.71 61.53
CA ARG D 363 20.13 2.03 60.25
C ARG D 363 18.78 2.32 59.61
N ALA D 364 17.71 2.25 60.40
CA ALA D 364 16.38 2.47 59.85
C ALA D 364 16.25 3.89 59.31
N ASP D 365 16.77 4.87 60.03
CA ASP D 365 16.69 6.25 59.54
C ASP D 365 17.46 6.42 58.24
N GLN D 366 18.70 5.94 58.17
CA GLN D 366 19.48 6.13 56.95
C GLN D 366 18.88 5.35 55.78
N LEU D 367 18.30 4.18 56.06
CA LEU D 367 17.69 3.39 55.00
C LEU D 367 16.41 4.04 54.48
N ALA D 368 15.63 4.68 55.36
CA ALA D 368 14.48 5.43 54.90
C ALA D 368 14.92 6.62 54.05
N LYS D 369 16.02 7.28 54.43
CA LYS D 369 16.55 8.34 53.59
C LYS D 369 16.93 7.81 52.21
N SER D 370 17.59 6.64 52.17
CA SER D 370 17.94 6.03 50.90
C SER D 370 16.70 5.68 50.08
N ALA D 371 15.64 5.22 50.74
CA ALA D 371 14.41 4.93 50.02
C ALA D 371 13.81 6.19 49.42
N VAL D 372 13.87 7.31 50.14
CA VAL D 372 13.38 8.56 49.58
C VAL D 372 14.19 8.95 48.35
N ALA D 373 15.52 8.79 48.43
CA ALA D 373 16.35 9.09 47.27
C ALA D 373 15.99 8.18 46.08
N GLN D 374 15.80 6.89 46.35
CA GLN D 374 15.44 5.95 45.29
C GLN D 374 14.11 6.33 44.65
N GLU D 375 13.15 6.74 45.47
CA GLU D 375 11.88 7.18 44.94
C GLU D 375 12.05 8.39 44.03
N LYS D 376 12.88 9.34 44.45
CA LYS D 376 13.12 10.50 43.60
C LYS D 376 13.77 10.09 42.28
N ALA D 377 14.71 9.16 42.33
CA ALA D 377 15.39 8.69 41.12
C ALA D 377 14.41 8.03 40.16
N LEU D 378 13.52 7.18 40.68
CA LEU D 378 12.54 6.56 39.79
C LEU D 378 11.57 7.58 39.23
N LYS D 379 11.23 8.60 40.00
CA LYS D 379 10.36 9.64 39.44
C LYS D 379 11.06 10.34 38.27
N ARG D 380 12.34 10.68 38.44
CA ARG D 380 13.09 11.30 37.34
C ARG D 380 13.13 10.38 36.12
N ALA D 381 13.46 9.11 36.34
CA ALA D 381 13.59 8.18 35.23
C ALA D 381 12.27 8.00 34.50
N GLU D 382 11.16 7.93 35.24
CA GLU D 382 9.87 7.78 34.60
C GLU D 382 9.48 9.02 33.83
N GLU D 383 9.78 10.20 34.35
CA GLU D 383 9.48 11.40 33.59
C GLU D 383 10.26 11.44 32.29
N ARG D 384 11.53 11.08 32.33
CA ARG D 384 12.32 11.20 31.12
C ARG D 384 12.00 10.08 30.14
N ALA D 385 11.59 8.92 30.65
CA ALA D 385 11.08 7.87 29.78
C ALA D 385 9.77 8.30 29.14
N GLN D 386 8.94 9.05 29.86
CA GLN D 386 7.74 9.62 29.27
C GLN D 386 8.10 10.57 28.14
N GLN D 387 9.14 11.38 28.33
CA GLN D 387 9.60 12.24 27.24
C GLN D 387 10.03 11.41 26.04
N LEU D 388 10.77 10.32 26.29
CA LEU D 388 11.18 9.46 25.20
C LEU D 388 9.98 8.88 24.46
N ARG D 389 8.95 8.46 25.20
CA ARG D 389 7.75 7.93 24.57
C ARG D 389 7.05 8.99 23.73
N ALA D 390 6.96 10.22 24.24
CA ALA D 390 6.30 11.28 23.49
C ALA D 390 7.05 11.59 22.20
N ARG D 391 8.38 11.62 22.26
CA ARG D 391 9.16 11.86 21.06
C ARG D 391 8.97 10.73 20.05
N LEU D 392 8.96 9.49 20.52
CA LEU D 392 8.67 8.36 19.64
C LEU D 392 7.29 8.49 18.98
N ASP D 393 6.28 8.93 19.75
CA ASP D 393 4.93 9.02 19.21
C ASP D 393 4.84 10.10 18.14
N ALA D 394 5.45 11.25 18.37
CA ALA D 394 5.49 12.29 17.33
C ALA D 394 6.20 11.77 16.10
N MET D 395 7.28 11.02 16.29
CA MET D 395 7.99 10.43 15.16
C MET D 395 7.09 9.49 14.37
N GLN D 396 6.29 8.70 15.06
CA GLN D 396 5.38 7.79 14.36
C GLN D 396 4.33 8.55 13.57
N GLU D 397 3.80 9.63 14.14
CA GLU D 397 2.82 10.43 13.41
C GLU D 397 3.45 11.01 12.14
N ALA D 398 4.71 11.45 12.24
CA ALA D 398 5.41 11.93 11.06
C ALA D 398 5.55 10.81 10.03
N GLN D 399 5.83 9.59 10.49
CA GLN D 399 5.90 8.46 9.57
C GLN D 399 4.55 8.25 8.88
N ASP D 400 3.47 8.45 9.61
CA ASP D 400 2.14 8.32 9.01
C ASP D 400 1.94 9.32 7.89
N GLN D 401 2.28 10.58 8.14
CA GLN D 401 2.11 11.60 7.10
C GLN D 401 2.98 11.28 5.89
N VAL D 402 4.20 10.81 6.13
CA VAL D 402 5.05 10.45 5.00
C VAL D 402 4.46 9.28 4.25
N ARG D 403 3.78 8.37 4.94
CA ARG D 403 3.10 7.28 4.25
C ARG D 403 2.01 7.82 3.33
N ARG D 404 1.27 8.82 3.80
CA ARG D 404 0.28 9.45 2.92
C ARG D 404 0.95 10.08 1.70
N ASP D 405 2.09 10.72 1.90
CA ASP D 405 2.81 11.29 0.77
C ASP D 405 3.22 10.20 -0.22
N SER D 406 3.68 9.06 0.29
CA SER D 406 4.08 7.98 -0.59
C SER D 406 2.89 7.45 -1.39
N ALA D 407 1.73 7.37 -0.74
CA ALA D 407 0.52 6.96 -1.47
C ALA D 407 0.21 7.95 -2.59
N THR D 408 0.36 9.24 -2.31
CA THR D 408 0.15 10.23 -3.36
C THR D 408 1.11 10.03 -4.51
N HIS D 409 2.39 9.77 -4.22
CA HIS D 409 3.33 9.50 -5.30
C HIS D 409 2.94 8.28 -6.12
N GLU D 410 2.47 7.23 -5.46
CA GLU D 410 2.07 6.05 -6.23
C GLU D 410 0.89 6.37 -7.14
N ALA D 411 -0.06 7.16 -6.64
CA ALA D 411 -1.18 7.58 -7.48
C ALA D 411 -0.69 8.39 -8.67
N LYS D 412 0.27 9.28 -8.45
CA LYS D 412 0.80 10.07 -9.54
C LYS D 412 1.49 9.19 -10.56
N ILE D 413 2.21 8.17 -10.12
CA ILE D 413 2.85 7.27 -11.08
C ILE D 413 1.80 6.55 -11.91
N ALA D 414 0.75 6.07 -11.26
CA ALA D 414 -0.29 5.39 -12.03
C ALA D 414 -0.90 6.31 -13.07
N GLU D 415 -1.27 7.52 -12.66
CA GLU D 415 -1.88 8.47 -13.59
C GLU D 415 -0.93 8.86 -14.71
N LEU D 416 0.34 9.12 -14.38
CA LEU D 416 1.28 9.60 -15.37
C LEU D 416 1.63 8.51 -16.35
N GLN D 417 1.72 7.27 -15.89
CA GLN D 417 1.98 6.20 -16.82
C GLN D 417 0.76 5.92 -17.68
N ALA D 418 -0.43 6.11 -17.13
CA ALA D 418 -1.63 5.97 -17.95
C ALA D 418 -1.63 7.01 -19.08
N THR D 419 -1.30 8.26 -18.75
CA THR D 419 -1.34 9.30 -19.78
C THR D 419 -0.21 9.11 -20.78
N ILE D 420 0.96 8.66 -20.34
CA ILE D 420 2.01 8.38 -21.30
C ILE D 420 1.59 7.24 -22.20
N GLU D 421 0.84 6.28 -21.66
CA GLU D 421 0.37 5.19 -22.49
C GLU D 421 -0.56 5.69 -23.57
N ARG D 422 -1.57 6.47 -23.19
CA ARG D 422 -2.55 6.81 -24.20
C ARG D 422 -1.96 7.80 -25.19
N LEU D 423 -1.02 8.63 -24.72
CA LEU D 423 -0.26 9.49 -25.63
C LEU D 423 0.54 8.69 -26.63
N THR D 424 1.33 7.73 -26.19
CA THR D 424 2.17 7.01 -27.14
C THR D 424 1.32 6.16 -28.06
N SER D 425 0.13 5.75 -27.61
CA SER D 425 -0.77 5.04 -28.51
C SER D 425 -1.30 5.97 -29.59
N GLU D 426 -1.76 7.16 -29.20
CA GLU D 426 -2.21 8.13 -30.19
C GLU D 426 -1.10 8.47 -31.16
N ALA D 427 0.10 8.67 -30.64
CA ALA D 427 1.24 9.00 -31.50
C ALA D 427 1.51 7.87 -32.47
N ALA D 428 1.39 6.62 -32.01
CA ALA D 428 1.57 5.50 -32.91
C ALA D 428 0.56 5.55 -34.05
N LEU D 429 -0.71 5.76 -33.71
CA LEU D 429 -1.74 5.75 -34.73
C LEU D 429 -1.52 6.87 -35.74
N ALA D 430 -1.30 8.08 -35.24
CA ALA D 430 -1.15 9.20 -36.15
C ALA D 430 0.11 9.07 -36.99
N GLU D 431 1.23 8.68 -36.37
CA GLU D 431 2.47 8.54 -37.11
C GLU D 431 2.33 7.48 -38.18
N GLY D 432 1.68 6.37 -37.87
CA GLY D 432 1.47 5.35 -38.88
C GLY D 432 0.60 5.84 -40.03
N ALA D 433 -0.52 6.47 -39.70
CA ALA D 433 -1.46 6.88 -40.74
C ALA D 433 -0.83 7.90 -41.66
N LEU D 434 -0.14 8.89 -41.10
CA LEU D 434 0.39 9.93 -41.96
C LEU D 434 1.75 9.59 -42.55
N GLU D 435 2.46 8.60 -42.03
CA GLU D 435 3.53 8.02 -42.82
C GLU D 435 2.97 7.29 -44.02
N ALA D 436 1.86 6.58 -43.85
CA ALA D 436 1.20 5.97 -45.00
C ALA D 436 0.74 7.04 -45.99
N ALA D 437 0.27 8.17 -45.48
CA ALA D 437 -0.14 9.26 -46.36
C ALA D 437 1.03 9.79 -47.18
N ARG D 438 2.16 10.04 -46.52
CA ARG D 438 3.32 10.51 -47.27
C ARG D 438 3.86 9.42 -48.19
N ARG D 439 3.65 8.16 -47.83
CA ARG D 439 3.97 7.07 -48.73
C ARG D 439 3.13 7.15 -50.00
N ASP D 440 1.83 7.42 -49.84
CA ASP D 440 0.95 7.56 -51.00
C ASP D 440 1.38 8.76 -51.85
N ARG D 441 1.74 9.86 -51.19
CA ARG D 441 2.26 11.02 -51.91
C ARG D 441 3.46 10.65 -52.74
N SER D 442 4.39 9.90 -52.16
CA SER D 442 5.55 9.46 -52.93
C SER D 442 5.11 8.62 -54.12
N ARG D 443 4.28 7.61 -53.88
CA ARG D 443 3.99 6.64 -54.93
C ARG D 443 3.18 7.28 -56.06
N LEU D 444 2.41 8.32 -55.76
CA LEU D 444 1.68 9.03 -56.81
C LEU D 444 2.57 10.08 -57.49
N GLN D 445 2.99 11.09 -56.75
CA GLN D 445 3.65 12.24 -57.36
C GLN D 445 5.04 11.90 -57.90
N MET D 446 5.70 10.88 -57.38
CA MET D 446 6.77 10.19 -58.08
C MET D 446 6.22 8.94 -58.74
N GLU E 1 -19.90 13.34 -17.05
CA GLU E 1 -18.58 13.13 -16.48
C GLU E 1 -17.72 14.39 -16.62
N VAL E 2 -16.55 14.25 -17.23
CA VAL E 2 -15.68 15.40 -17.41
C VAL E 2 -16.18 16.20 -18.60
N GLN E 3 -16.97 17.22 -18.32
CA GLN E 3 -17.58 18.04 -19.34
C GLN E 3 -16.58 19.06 -19.84
N LEU E 4 -16.86 19.63 -21.02
CA LEU E 4 -15.97 20.61 -21.63
C LEU E 4 -16.84 21.63 -22.36
N GLN E 5 -16.85 22.86 -21.87
CA GLN E 5 -17.53 23.96 -22.53
C GLN E 5 -16.51 25.04 -22.85
N GLU E 6 -16.82 25.89 -23.82
CA GLU E 6 -15.84 26.81 -24.36
C GLU E 6 -16.49 28.18 -24.54
N SER E 7 -15.83 29.04 -25.30
CA SER E 7 -16.38 30.34 -25.68
C SER E 7 -15.93 30.64 -27.10
N GLY E 8 -16.15 31.88 -27.53
CA GLY E 8 -15.70 32.30 -28.84
C GLY E 8 -16.76 32.38 -29.93
N GLY E 9 -16.46 33.11 -30.98
CA GLY E 9 -17.37 33.24 -32.11
C GLY E 9 -17.39 34.68 -32.58
N GLY E 10 -18.21 34.91 -33.60
CA GLY E 10 -18.49 36.28 -33.99
C GLY E 10 -17.54 36.92 -34.99
N LEU E 11 -18.05 37.93 -35.68
CA LEU E 11 -17.38 38.59 -36.79
C LEU E 11 -16.33 39.58 -36.30
N VAL E 12 -15.25 39.69 -37.08
CA VAL E 12 -14.18 40.64 -36.85
C VAL E 12 -13.51 40.87 -38.20
N TYR E 13 -12.57 41.82 -38.24
CA TYR E 13 -11.73 41.99 -39.41
C TYR E 13 -10.34 42.52 -39.06
N ASP E 789 -8.94 41.62 -32.94
CA ASP E 789 -7.56 41.28 -33.26
C ASP E 789 -7.13 40.01 -32.56
N SER E 790 -7.35 39.97 -31.25
CA SER E 790 -7.00 38.82 -30.41
C SER E 790 -8.17 38.50 -29.49
N LEU E 791 -8.35 37.21 -29.23
CA LEU E 791 -9.51 36.76 -28.48
C LEU E 791 -9.06 35.60 -27.60
N ARG E 792 -10.01 34.99 -26.90
CA ARG E 792 -9.71 33.88 -26.02
C ARG E 792 -10.75 32.80 -26.19
N LEU E 793 -10.38 31.58 -25.86
CA LEU E 793 -11.30 30.47 -25.85
C LEU E 793 -11.06 29.67 -24.58
N SER E 794 -12.12 29.10 -24.01
CA SER E 794 -12.02 28.44 -22.73
C SER E 794 -12.22 26.94 -22.88
N CYS E 795 -12.02 26.24 -21.76
CA CYS E 795 -12.28 24.81 -21.64
C CYS E 795 -12.79 24.56 -20.23
N ALA E 796 -14.11 24.57 -20.07
CA ALA E 796 -14.66 24.39 -18.74
C ALA E 796 -14.49 22.94 -18.29
N SER E 797 -13.78 22.75 -17.19
CA SER E 797 -13.60 21.44 -16.61
C SER E 797 -14.64 21.21 -15.54
N SER E 798 -15.30 20.05 -15.59
CA SER E 798 -16.43 19.77 -14.73
C SER E 798 -16.04 18.94 -13.52
N ARG E 799 -15.46 17.77 -13.75
CA ARG E 799 -15.09 16.91 -12.64
C ARG E 799 -13.68 16.40 -12.83
N SER E 800 -13.14 15.74 -11.81
CA SER E 800 -11.71 15.46 -11.75
C SER E 800 -10.92 16.73 -12.00
N ILE E 801 -11.44 17.84 -11.47
CA ILE E 801 -10.77 19.12 -11.42
C ILE E 801 -9.31 18.93 -11.04
N ASP E 802 -8.41 19.45 -11.87
CA ASP E 802 -7.00 19.10 -11.84
C ASP E 802 -6.83 17.58 -11.82
N GLY E 803 -7.42 16.93 -12.82
CA GLY E 803 -6.91 15.64 -13.23
C GLY E 803 -5.83 15.97 -14.24
N ILE E 804 -5.25 17.15 -14.04
CA ILE E 804 -4.57 17.80 -15.15
C ILE E 804 -3.41 16.95 -15.62
N ASN E 805 -3.42 16.73 -16.92
CA ASN E 805 -2.37 16.21 -17.75
C ASN E 805 -2.59 16.90 -19.09
N ILE E 806 -2.18 16.25 -20.17
CA ILE E 806 -2.29 16.88 -21.46
C ILE E 806 -3.70 17.41 -21.67
N MET E 807 -3.81 18.73 -21.71
CA MET E 807 -4.99 19.48 -22.14
C MET E 807 -4.61 20.19 -23.43
N ARG E 808 -4.78 19.49 -24.55
CA ARG E 808 -4.44 20.06 -25.83
C ARG E 808 -5.69 20.56 -26.51
N TRP E 809 -5.51 21.46 -27.47
CA TRP E 809 -6.62 21.97 -28.25
C TRP E 809 -6.50 21.64 -29.72
N TYR E 810 -7.65 21.40 -30.34
CA TYR E 810 -7.71 20.85 -31.67
C TYR E 810 -8.35 21.86 -32.62
N ARG E 811 -7.95 21.78 -33.89
CA ARG E 811 -8.31 22.73 -34.93
C ARG E 811 -8.89 21.98 -36.11
N GLN E 812 -10.18 22.15 -36.36
CA GLN E 812 -10.82 21.42 -37.46
C GLN E 812 -11.45 22.42 -38.42
N ALA E 813 -10.75 22.72 -39.52
CA ALA E 813 -11.35 23.52 -40.58
C ALA E 813 -12.34 22.67 -41.38
N PRO E 814 -13.44 23.24 -41.85
CA PRO E 814 -14.46 22.42 -42.51
C PRO E 814 -13.87 21.64 -43.67
N GLY E 815 -14.23 20.38 -43.75
CA GLY E 815 -13.62 19.50 -44.74
C GLY E 815 -12.21 19.13 -44.36
N LYS E 816 -11.41 20.11 -43.95
CA LYS E 816 -10.07 19.83 -43.46
C LYS E 816 -10.15 19.00 -42.19
N GLN E 817 -9.05 18.33 -41.86
CA GLN E 817 -9.07 17.38 -40.74
C GLN E 817 -8.62 18.09 -39.46
N ARG E 818 -9.03 17.55 -38.31
CA ARG E 818 -8.68 18.13 -37.03
C ARG E 818 -7.17 18.11 -36.82
N GLY E 819 -6.72 18.76 -35.74
CA GLY E 819 -5.31 18.76 -35.39
C GLY E 819 -4.98 19.33 -34.02
N MET E 820 -4.20 18.62 -33.22
CA MET E 820 -3.79 19.14 -31.93
C MET E 820 -2.92 20.37 -32.12
N VAL E 821 -3.24 21.43 -31.40
CA VAL E 821 -2.64 22.73 -31.64
C VAL E 821 -1.78 23.18 -30.49
N ALA E 822 -2.39 23.38 -29.33
CA ALA E 822 -1.69 23.90 -28.19
C ALA E 822 -1.95 23.03 -26.99
N VAL E 823 -0.90 22.73 -26.25
CA VAL E 823 -0.92 21.74 -25.19
C VAL E 823 -0.47 22.40 -23.89
N VAL E 824 -1.18 22.12 -22.81
CA VAL E 824 -0.64 22.29 -21.46
C VAL E 824 -0.57 20.94 -20.80
N THR E 825 0.59 20.63 -20.24
CA THR E 825 0.80 19.39 -19.52
C THR E 825 0.08 19.45 -18.18
N GLY E 826 0.32 18.45 -17.33
CA GLY E 826 -0.29 18.48 -16.03
C GLY E 826 0.35 19.42 -15.06
N TRP E 827 1.43 20.07 -15.47
CA TRP E 827 2.33 20.68 -14.54
C TRP E 827 2.96 21.98 -14.99
N GLY E 828 2.49 22.59 -16.07
CA GLY E 828 2.95 23.92 -16.39
C GLY E 828 3.66 24.06 -17.72
N SER E 829 4.32 23.01 -18.19
CA SER E 829 5.02 23.09 -19.47
C SER E 829 4.02 23.22 -20.60
N THR E 830 4.40 23.97 -21.63
CA THR E 830 3.53 24.27 -22.76
C THR E 830 4.32 24.15 -24.04
N ASN E 831 3.92 23.22 -24.90
CA ASN E 831 4.36 23.18 -26.28
C ASN E 831 3.16 23.41 -27.18
N TYR E 832 3.29 24.35 -28.11
CA TYR E 832 2.28 24.52 -29.14
C TYR E 832 2.75 23.75 -30.37
N VAL E 833 2.10 23.96 -31.51
CA VAL E 833 2.54 23.41 -32.78
C VAL E 833 3.11 24.52 -33.63
N ASP E 834 4.01 24.15 -34.54
CA ASP E 834 4.65 25.15 -35.39
C ASP E 834 3.62 26.00 -36.12
N SER E 835 2.46 25.42 -36.40
CA SER E 835 1.47 26.11 -37.22
C SER E 835 1.04 27.41 -36.58
N VAL E 836 1.19 27.52 -35.26
CA VAL E 836 0.85 28.77 -34.60
C VAL E 836 2.01 29.12 -33.65
N LYS E 837 3.14 28.43 -33.81
CA LYS E 837 4.24 28.54 -32.88
C LYS E 837 4.52 29.99 -32.53
N GLY E 838 4.66 30.26 -31.25
CA GLY E 838 4.90 31.60 -30.78
C GLY E 838 3.77 32.57 -31.04
N ARG E 839 2.71 32.18 -31.73
CA ARG E 839 1.66 33.15 -32.04
C ARG E 839 0.62 33.20 -30.93
N PHE E 840 -0.06 32.10 -30.67
CA PHE E 840 -1.00 32.05 -29.56
C PHE E 840 -0.26 32.07 -28.23
N ILE E 841 -1.03 32.02 -27.14
CA ILE E 841 -0.51 31.79 -25.81
C ILE E 841 -1.46 30.84 -25.09
N ILE E 842 -0.92 29.82 -24.47
CA ILE E 842 -1.74 28.90 -23.68
C ILE E 842 -1.48 29.17 -22.21
N SER E 843 -2.48 28.90 -21.38
CA SER E 843 -2.40 29.22 -19.96
C SER E 843 -3.40 28.37 -19.20
N ARG E 844 -2.92 27.67 -18.17
CA ARG E 844 -3.76 26.90 -17.29
C ARG E 844 -3.97 27.63 -15.97
N ASP E 845 -5.21 27.96 -15.66
CA ASP E 845 -5.53 28.72 -14.45
C ASP E 845 -6.45 27.86 -13.60
N SER E 846 -5.87 27.16 -12.63
CA SER E 846 -6.63 26.22 -11.82
C SER E 846 -7.58 26.91 -10.84
N ALA E 847 -7.68 28.24 -10.90
CA ALA E 847 -8.56 28.93 -9.97
C ALA E 847 -9.99 28.45 -10.15
N LYS E 848 -10.45 28.36 -11.39
CA LYS E 848 -11.67 27.66 -11.72
C LYS E 848 -11.37 26.42 -12.54
N ASP E 849 -10.09 26.06 -12.64
CA ASP E 849 -9.64 24.94 -13.46
C ASP E 849 -10.27 24.97 -14.84
N THR E 850 -10.03 26.05 -15.57
CA THR E 850 -10.41 26.14 -16.97
C THR E 850 -9.19 26.60 -17.74
N VAL E 851 -8.57 25.70 -18.47
CA VAL E 851 -7.40 26.00 -19.26
C VAL E 851 -7.78 26.96 -20.38
N TYR E 852 -7.01 28.05 -20.52
CA TYR E 852 -7.25 29.06 -21.54
C TYR E 852 -6.30 28.89 -22.72
N LEU E 853 -6.78 29.31 -23.87
CA LEU E 853 -5.96 29.55 -25.06
C LEU E 853 -6.13 31.00 -25.46
N GLN E 854 -5.04 31.75 -25.44
CA GLN E 854 -5.09 33.14 -25.85
C GLN E 854 -4.98 33.24 -27.37
N MET E 855 -6.12 33.28 -28.04
CA MET E 855 -6.12 33.47 -29.49
C MET E 855 -5.54 34.85 -29.77
N ASN E 856 -4.30 34.90 -30.26
CA ASN E 856 -3.56 36.14 -30.40
C ASN E 856 -3.53 36.59 -31.85
N ASN E 857 -3.67 37.90 -32.05
CA ASN E 857 -3.47 38.57 -33.34
C ASN E 857 -4.09 37.75 -34.48
N LEU E 858 -5.40 37.62 -34.43
CA LEU E 858 -6.10 36.73 -35.33
C LEU E 858 -5.95 37.16 -36.78
N LYS E 859 -5.76 36.18 -37.67
CA LYS E 859 -5.73 36.30 -39.11
C LYS E 859 -6.60 35.20 -39.70
N PRO E 860 -7.13 35.39 -40.91
CA PRO E 860 -8.34 34.65 -41.31
C PRO E 860 -8.28 33.14 -41.10
N GLU E 861 -7.25 32.49 -41.64
CA GLU E 861 -7.33 31.07 -41.93
C GLU E 861 -7.63 30.22 -40.72
N ASP E 862 -7.37 30.74 -39.52
CA ASP E 862 -7.72 30.01 -38.32
C ASP E 862 -9.21 29.73 -38.24
N THR E 863 -10.02 30.54 -38.92
CA THR E 863 -11.47 30.35 -38.93
C THR E 863 -11.81 28.88 -39.16
N ALA E 864 -12.39 28.27 -38.14
CA ALA E 864 -12.61 26.83 -38.09
C ALA E 864 -13.43 26.55 -36.84
N VAL E 865 -13.66 25.27 -36.55
CA VAL E 865 -14.16 24.87 -35.25
C VAL E 865 -12.97 24.58 -34.35
N TYR E 866 -13.00 25.16 -33.15
CA TYR E 866 -12.06 24.80 -32.12
C TYR E 866 -12.78 24.12 -30.97
N SER E 867 -12.05 23.25 -30.28
CA SER E 867 -12.59 22.43 -29.21
C SER E 867 -11.57 22.35 -28.09
N CYS E 868 -11.85 21.49 -27.12
CA CYS E 868 -10.92 21.21 -26.04
C CYS E 868 -10.79 19.72 -25.86
N ASN E 869 -9.61 19.30 -25.39
CA ASN E 869 -9.33 17.89 -25.23
C ASN E 869 -8.77 17.69 -23.83
N ALA E 870 -8.99 16.50 -23.28
CA ALA E 870 -8.45 16.17 -21.98
C ALA E 870 -8.07 14.71 -21.95
N ILE E 871 -7.08 14.39 -21.13
CA ILE E 871 -6.75 13.02 -20.80
C ILE E 871 -6.76 12.86 -19.28
N TYR E 872 -7.66 12.00 -18.76
CA TYR E 872 -7.67 11.61 -17.36
C TYR E 872 -7.61 10.09 -17.34
N ARG E 873 -6.67 9.54 -16.58
CA ARG E 873 -6.50 8.10 -16.44
C ARG E 873 -6.33 7.40 -17.79
N GLY E 874 -5.68 8.07 -18.74
CA GLY E 874 -5.50 7.50 -20.05
C GLY E 874 -6.76 7.45 -20.89
N SER E 875 -7.80 8.17 -20.50
CA SER E 875 -9.07 8.16 -21.21
C SER E 875 -9.22 9.46 -21.99
N GLU E 876 -9.43 9.33 -23.30
CA GLU E 876 -9.66 10.49 -24.15
C GLU E 876 -11.00 11.12 -23.83
N TYR E 877 -11.09 12.44 -23.98
CA TYR E 877 -12.36 13.12 -23.88
C TYR E 877 -12.42 14.22 -24.92
N TRP E 878 -13.64 14.68 -25.20
CA TRP E 878 -13.82 15.62 -26.28
C TRP E 878 -14.79 16.71 -25.87
N GLY E 879 -14.50 17.92 -26.32
CA GLY E 879 -15.39 19.04 -26.09
C GLY E 879 -16.55 19.01 -27.06
N GLN E 880 -17.26 20.11 -27.10
CA GLN E 880 -18.37 20.28 -28.02
C GLN E 880 -18.00 21.12 -29.24
N GLY E 881 -16.84 21.77 -29.23
CA GLY E 881 -16.41 22.52 -30.37
C GLY E 881 -17.03 23.90 -30.47
N THR E 882 -16.24 24.91 -30.79
CA THR E 882 -16.74 26.26 -30.98
C THR E 882 -16.24 26.78 -32.30
N GLN E 883 -17.03 27.66 -32.91
CA GLN E 883 -16.78 28.20 -34.24
C GLN E 883 -16.01 29.50 -34.12
N VAL E 884 -14.75 29.48 -34.44
CA VAL E 884 -13.99 30.72 -34.56
C VAL E 884 -14.06 31.20 -36.00
N THR E 885 -14.39 32.48 -36.17
CA THR E 885 -14.48 33.10 -37.48
C THR E 885 -13.86 34.47 -37.42
N VAL E 886 -12.83 34.70 -38.23
CA VAL E 886 -12.12 35.97 -38.19
C VAL E 886 -12.00 36.55 -39.58
N SER E 887 -11.87 37.89 -39.62
CA SER E 887 -11.74 38.69 -40.85
C SER E 887 -12.97 38.62 -41.73
N GLU F 1 22.32 10.22 -22.81
CA GLU F 1 23.46 9.51 -23.34
C GLU F 1 23.20 8.02 -23.35
N VAL F 2 22.85 7.48 -24.53
CA VAL F 2 22.67 6.05 -24.69
C VAL F 2 23.32 5.63 -26.00
N GLN F 3 23.50 4.32 -26.16
CA GLN F 3 24.04 3.74 -27.37
C GLN F 3 23.10 2.64 -27.83
N LEU F 4 23.20 2.27 -29.10
CA LEU F 4 22.17 1.43 -29.69
C LEU F 4 22.79 0.43 -30.64
N GLN F 5 22.34 -0.82 -30.56
CA GLN F 5 22.83 -1.93 -31.37
C GLN F 5 21.62 -2.70 -31.87
N GLU F 6 21.79 -3.50 -32.92
CA GLU F 6 20.65 -4.15 -33.56
C GLU F 6 21.09 -5.50 -34.09
N SER F 7 20.24 -6.09 -34.95
CA SER F 7 20.50 -7.35 -35.65
C SER F 7 19.36 -7.58 -36.63
N GLY F 8 19.51 -8.61 -37.48
CA GLY F 8 18.38 -9.10 -38.25
C GLY F 8 18.39 -9.03 -39.77
N GLY F 9 19.53 -9.25 -40.43
CA GLY F 9 19.59 -9.20 -41.88
C GLY F 9 19.33 -10.55 -42.56
N GLY F 10 19.21 -10.50 -43.90
CA GLY F 10 19.07 -11.68 -44.71
C GLY F 10 17.63 -12.07 -44.99
N LEU F 11 17.46 -13.10 -45.80
CA LEU F 11 16.16 -13.59 -46.21
C LEU F 11 15.97 -15.05 -45.82
N VAL F 12 14.77 -15.37 -45.33
CA VAL F 12 14.38 -16.74 -45.00
C VAL F 12 13.00 -16.97 -45.60
N TYR F 13 12.68 -18.24 -45.87
CA TYR F 13 11.37 -18.64 -46.41
C TYR F 13 10.46 -19.20 -45.32
N SER F 790 11.20 -19.60 -41.72
CA SER F 790 11.28 -18.78 -40.53
C SER F 790 11.15 -17.30 -40.92
N LEU F 791 11.50 -16.40 -40.00
CA LEU F 791 11.61 -14.97 -40.27
C LEU F 791 12.16 -14.29 -39.01
N ARG F 792 13.09 -13.34 -39.17
CA ARG F 792 13.91 -12.90 -38.05
C ARG F 792 14.09 -11.40 -37.97
N LEU F 793 14.21 -10.86 -36.74
CA LEU F 793 14.57 -9.47 -36.49
C LEU F 793 14.73 -9.22 -34.98
N SER F 794 15.48 -8.16 -34.62
CA SER F 794 15.67 -7.69 -33.24
C SER F 794 16.51 -6.41 -33.16
N CYS F 795 16.74 -5.88 -31.97
CA CYS F 795 17.81 -4.90 -31.68
C CYS F 795 18.34 -5.17 -30.28
N ALA F 796 19.03 -4.19 -29.71
CA ALA F 796 19.57 -4.26 -28.36
C ALA F 796 19.68 -2.85 -27.80
N SER F 797 20.26 -2.73 -26.61
CA SER F 797 20.44 -1.45 -25.94
C SER F 797 21.71 -1.52 -25.12
N SER F 798 22.14 -0.38 -24.57
CA SER F 798 23.47 -0.27 -23.99
C SER F 798 23.49 0.14 -22.53
N ARG F 799 22.83 1.23 -22.16
CA ARG F 799 23.25 2.00 -20.98
C ARG F 799 22.06 2.20 -20.05
N SER F 800 22.30 1.92 -18.76
CA SER F 800 21.34 2.18 -17.69
C SER F 800 19.96 1.63 -18.01
N ILE F 801 19.88 0.31 -18.11
CA ILE F 801 18.63 -0.33 -18.52
C ILE F 801 17.53 -0.01 -17.51
N ASP F 802 16.29 -0.25 -17.92
CA ASP F 802 15.10 -0.05 -17.11
C ASP F 802 14.90 1.41 -16.73
N GLY F 803 15.65 2.31 -17.33
CA GLY F 803 15.19 3.66 -17.50
C GLY F 803 14.30 3.64 -18.73
N ILE F 804 13.64 2.50 -18.92
CA ILE F 804 12.97 2.19 -20.17
C ILE F 804 11.62 2.89 -20.09
N ASN F 805 11.66 4.19 -20.35
CA ASN F 805 10.51 4.97 -20.72
C ASN F 805 10.38 4.76 -22.21
N ILE F 806 9.73 5.68 -22.93
CA ILE F 806 9.46 5.42 -24.34
C ILE F 806 10.74 4.99 -25.02
N MET F 807 10.77 3.72 -25.38
CA MET F 807 11.89 3.10 -26.06
C MET F 807 11.31 2.52 -27.34
N ARG F 808 11.61 3.14 -28.46
CA ARG F 808 10.85 2.91 -29.67
C ARG F 808 11.76 2.56 -30.82
N TRP F 809 11.19 1.79 -31.73
CA TRP F 809 11.77 1.45 -33.01
C TRP F 809 11.44 2.47 -34.09
N TYR F 810 12.27 2.48 -35.11
CA TYR F 810 12.07 3.30 -36.28
C TYR F 810 12.41 2.47 -37.53
N ARG F 811 12.02 2.99 -38.69
CA ARG F 811 12.32 2.32 -39.96
C ARG F 811 12.31 3.34 -41.08
N GLN F 812 13.21 3.20 -42.05
CA GLN F 812 13.29 4.11 -43.16
C GLN F 812 13.51 3.35 -44.45
N ALA F 813 12.46 3.26 -45.27
CA ALA F 813 12.66 2.84 -46.65
C ALA F 813 13.52 3.89 -47.36
N PRO F 814 14.52 3.45 -48.12
CA PRO F 814 15.52 4.38 -48.63
C PRO F 814 14.87 5.48 -49.48
N GLY F 815 15.43 6.67 -49.39
CA GLY F 815 14.84 7.78 -50.12
C GLY F 815 13.45 8.13 -49.65
N LYS F 816 13.18 7.95 -48.36
CA LYS F 816 11.95 8.42 -47.75
C LYS F 816 12.30 9.08 -46.42
N GLN F 817 11.29 9.69 -45.80
CA GLN F 817 11.50 10.31 -44.51
C GLN F 817 11.74 9.23 -43.44
N ARG F 818 11.90 9.68 -42.21
CA ARG F 818 12.03 8.76 -41.09
C ARG F 818 10.71 8.01 -40.88
N GLY F 819 10.69 7.15 -39.87
CA GLY F 819 9.42 6.53 -39.50
C GLY F 819 9.47 5.68 -38.24
N MET F 820 8.55 5.88 -37.32
CA MET F 820 8.50 5.05 -36.12
C MET F 820 7.54 3.90 -36.33
N VAL F 821 7.94 2.72 -35.87
CA VAL F 821 7.18 1.49 -36.08
C VAL F 821 6.52 1.03 -34.79
N ALA F 822 7.33 0.65 -33.80
CA ALA F 822 6.78 0.02 -32.61
C ALA F 822 7.33 0.70 -31.37
N VAL F 823 6.46 0.86 -30.37
CA VAL F 823 6.78 1.55 -29.14
C VAL F 823 6.51 0.60 -27.98
N VAL F 824 7.49 0.45 -27.10
CA VAL F 824 7.35 -0.31 -25.87
C VAL F 824 8.05 0.43 -24.75
N THR F 825 7.45 0.41 -23.57
CA THR F 825 8.07 1.10 -22.44
C THR F 825 8.28 0.11 -21.31
N GLY F 826 8.67 0.62 -20.14
CA GLY F 826 8.94 -0.21 -19.00
C GLY F 826 7.71 -0.88 -18.42
N TRP F 827 6.55 -0.27 -18.64
CA TRP F 827 5.33 -0.71 -18.01
C TRP F 827 4.55 -1.69 -18.87
N GLY F 828 5.25 -2.52 -19.63
CA GLY F 828 4.56 -3.53 -20.41
C GLY F 828 3.62 -2.98 -21.43
N SER F 829 3.84 -1.75 -21.88
CA SER F 829 3.01 -1.19 -22.93
C SER F 829 3.19 -2.00 -24.21
N THR F 830 2.15 -2.01 -25.04
CA THR F 830 2.22 -2.65 -26.34
C THR F 830 1.39 -1.87 -27.34
N ASN F 831 2.06 -1.16 -28.24
CA ASN F 831 1.37 -0.52 -29.35
C ASN F 831 2.34 -0.39 -30.51
N TYR F 832 1.78 -0.41 -31.72
CA TYR F 832 2.57 -0.60 -32.91
C TYR F 832 2.16 0.42 -33.97
N VAL F 833 2.77 0.29 -35.15
CA VAL F 833 2.36 1.11 -36.29
C VAL F 833 1.26 0.38 -37.06
N ASP F 834 0.46 1.15 -37.79
CA ASP F 834 -0.73 0.60 -38.43
C ASP F 834 -0.42 -0.54 -39.37
N SER F 835 0.85 -0.86 -39.59
CA SER F 835 1.23 -1.83 -40.58
C SER F 835 1.79 -3.10 -39.99
N VAL F 836 2.16 -3.11 -38.71
CA VAL F 836 2.90 -4.27 -38.21
C VAL F 836 2.11 -5.06 -37.18
N LYS F 837 0.86 -4.67 -36.91
CA LYS F 837 0.01 -5.62 -36.22
C LYS F 837 -0.07 -6.90 -37.02
N GLY F 838 0.15 -8.02 -36.35
CA GLY F 838 0.26 -9.27 -37.05
C GLY F 838 1.66 -9.46 -37.61
N ARG F 839 2.24 -8.40 -38.15
CA ARG F 839 3.52 -8.52 -38.80
C ARG F 839 4.67 -8.57 -37.83
N PHE F 840 4.46 -8.23 -36.56
CA PHE F 840 5.60 -7.95 -35.72
C PHE F 840 5.23 -8.16 -34.26
N ILE F 841 6.20 -7.91 -33.39
CA ILE F 841 6.03 -8.08 -31.95
C ILE F 841 7.13 -7.31 -31.25
N ILE F 842 6.84 -6.81 -30.06
CA ILE F 842 7.82 -6.17 -29.20
C ILE F 842 8.12 -7.08 -28.02
N SER F 843 9.39 -7.11 -27.61
CA SER F 843 9.80 -7.84 -26.43
C SER F 843 10.83 -7.02 -25.68
N ARG F 844 10.96 -7.32 -24.38
CA ARG F 844 11.73 -6.48 -23.48
C ARG F 844 12.41 -7.38 -22.45
N ASP F 845 13.69 -7.68 -22.68
CA ASP F 845 14.49 -8.47 -21.73
C ASP F 845 15.25 -7.50 -20.85
N SER F 846 14.77 -7.35 -19.61
CA SER F 846 15.45 -6.45 -18.69
C SER F 846 16.82 -6.96 -18.29
N ALA F 847 17.07 -8.26 -18.46
CA ALA F 847 18.33 -8.82 -17.99
C ALA F 847 19.51 -8.24 -18.75
N LYS F 848 19.65 -8.59 -20.02
CA LYS F 848 20.84 -8.18 -20.76
C LYS F 848 20.62 -6.88 -21.53
N ASP F 849 20.10 -5.88 -20.85
CA ASP F 849 20.01 -4.51 -21.32
C ASP F 849 19.56 -4.46 -22.78
N THR F 850 18.37 -4.99 -23.03
CA THR F 850 17.95 -5.11 -24.42
C THR F 850 16.43 -5.10 -24.53
N VAL F 851 15.97 -4.70 -25.72
CA VAL F 851 14.58 -4.75 -26.11
C VAL F 851 14.49 -5.54 -27.41
N TYR F 852 13.46 -6.35 -27.56
CA TYR F 852 13.36 -7.19 -28.74
C TYR F 852 12.12 -6.87 -29.56
N LEU F 853 12.28 -7.07 -30.87
CA LEU F 853 11.23 -6.95 -31.87
C LEU F 853 11.45 -7.98 -32.95
N GLN F 854 10.52 -8.92 -33.07
CA GLN F 854 10.73 -10.11 -33.87
C GLN F 854 9.78 -10.06 -35.06
N MET F 855 10.32 -10.09 -36.28
CA MET F 855 9.47 -9.99 -37.46
C MET F 855 8.61 -11.24 -37.60
N ASN F 856 7.43 -11.06 -38.19
CA ASN F 856 6.56 -12.14 -38.58
C ASN F 856 5.90 -11.78 -39.91
N ASN F 857 5.38 -12.80 -40.60
CA ASN F 857 4.60 -12.60 -41.83
C ASN F 857 5.45 -11.91 -42.89
N LEU F 858 6.39 -12.69 -43.42
CA LEU F 858 7.25 -12.29 -44.53
C LEU F 858 6.49 -11.45 -45.56
N LYS F 859 7.02 -10.26 -45.84
CA LYS F 859 6.63 -9.56 -47.06
C LYS F 859 7.70 -8.51 -47.34
N PRO F 860 8.24 -8.46 -48.55
CA PRO F 860 9.54 -7.81 -48.74
C PRO F 860 9.57 -6.32 -48.42
N GLU F 861 8.45 -5.61 -48.56
CA GLU F 861 8.50 -4.16 -48.53
C GLU F 861 9.16 -3.68 -47.25
N ASP F 862 9.05 -4.46 -46.19
CA ASP F 862 9.65 -4.11 -44.90
C ASP F 862 11.15 -3.89 -45.02
N THR F 863 11.75 -4.20 -46.16
CA THR F 863 13.14 -3.87 -46.45
C THR F 863 13.37 -2.38 -46.33
N ALA F 864 14.36 -1.99 -45.52
CA ALA F 864 14.59 -0.60 -45.18
C ALA F 864 15.81 -0.45 -44.29
N VAL F 865 16.21 0.78 -43.99
CA VAL F 865 17.22 1.05 -42.97
C VAL F 865 16.51 1.40 -41.67
N TYR F 866 17.05 0.89 -40.56
CA TYR F 866 16.27 0.79 -39.34
C TYR F 866 16.90 1.64 -38.25
N SER F 867 16.36 1.53 -37.04
CA SER F 867 16.84 2.19 -35.83
C SER F 867 15.99 1.70 -34.66
N CYS F 868 16.51 1.87 -33.45
CA CYS F 868 15.84 1.34 -32.26
C CYS F 868 16.31 2.18 -31.07
N ASN F 869 15.57 3.24 -30.71
CA ASN F 869 16.04 4.23 -29.74
C ASN F 869 15.17 4.24 -28.49
N ALA F 870 15.41 5.25 -27.65
CA ALA F 870 14.71 5.40 -26.37
C ALA F 870 14.74 6.87 -25.97
N ILE F 871 14.06 7.20 -24.89
CA ILE F 871 13.96 8.56 -24.39
C ILE F 871 14.39 8.58 -22.93
N TYR F 872 15.17 9.60 -22.56
CA TYR F 872 15.77 9.71 -21.23
C TYR F 872 16.06 11.17 -20.97
N ARG F 873 15.32 11.75 -20.03
CA ARG F 873 15.26 13.20 -19.83
C ARG F 873 14.75 13.92 -21.06
N GLY F 874 14.14 13.20 -22.00
CA GLY F 874 13.65 13.79 -23.21
C GLY F 874 14.72 14.09 -24.25
N SER F 875 15.86 13.42 -24.20
CA SER F 875 16.93 13.73 -25.12
C SER F 875 16.84 12.86 -26.37
N GLU F 876 16.91 13.50 -27.53
CA GLU F 876 16.94 12.82 -28.81
C GLU F 876 18.03 11.76 -28.82
N TYR F 877 17.61 10.51 -28.99
CA TYR F 877 18.51 9.38 -28.98
C TYR F 877 18.33 8.60 -30.28
N TRP F 878 19.44 8.10 -30.82
CA TRP F 878 19.38 7.50 -32.14
C TRP F 878 20.56 6.56 -32.35
N GLY F 879 20.38 5.63 -33.28
CA GLY F 879 21.38 4.63 -33.57
C GLY F 879 21.68 4.47 -35.05
N GLN F 880 21.90 3.22 -35.51
CA GLN F 880 22.34 2.99 -36.88
C GLN F 880 21.33 2.23 -37.72
N GLY F 881 20.94 1.02 -37.32
CA GLY F 881 19.89 0.29 -38.01
C GLY F 881 20.39 -0.93 -38.73
N THR F 882 19.47 -1.54 -39.48
CA THR F 882 19.69 -2.80 -40.16
C THR F 882 18.75 -2.85 -41.37
N GLN F 883 18.81 -3.93 -42.15
CA GLN F 883 18.06 -4.04 -43.40
C GLN F 883 17.18 -5.29 -43.37
N VAL F 884 16.31 -5.42 -44.38
CA VAL F 884 15.34 -6.51 -44.49
C VAL F 884 15.31 -6.93 -45.96
N THR F 885 14.54 -7.96 -46.28
CA THR F 885 14.79 -8.70 -47.51
C THR F 885 13.55 -9.12 -48.30
N VAL F 886 13.75 -10.06 -49.24
CA VAL F 886 12.74 -10.56 -50.16
C VAL F 886 12.80 -12.08 -50.18
N SER F 887 11.66 -12.72 -50.46
CA SER F 887 11.56 -14.17 -50.64
C SER F 887 11.86 -14.95 -49.36
N GLY G 39 21.58 31.56 -30.30
CA GLY G 39 22.56 32.53 -29.85
C GLY G 39 22.89 33.60 -30.87
N GLN G 40 23.64 34.61 -30.41
CA GLN G 40 23.77 35.85 -31.18
C GLN G 40 24.59 35.67 -32.45
N ARG G 41 25.75 35.02 -32.35
CA ARG G 41 26.60 34.86 -33.53
C ARG G 41 25.96 33.88 -34.50
N TYR G 42 25.36 32.82 -33.96
CA TYR G 42 24.55 31.92 -34.75
C TYR G 42 23.54 32.70 -35.58
N GLU G 43 22.80 33.59 -34.94
CA GLU G 43 21.79 34.37 -35.64
C GLU G 43 22.40 35.32 -36.66
N THR G 44 23.57 35.90 -36.38
CA THR G 44 24.20 36.77 -37.36
C THR G 44 24.44 36.01 -38.65
N ILE G 45 25.12 34.86 -38.54
CA ILE G 45 25.40 34.16 -39.79
C ILE G 45 24.17 33.44 -40.32
N HIS G 46 23.13 33.28 -39.49
CA HIS G 46 21.88 32.74 -39.99
C HIS G 46 21.15 33.78 -40.84
N GLY G 47 21.25 35.05 -40.46
CA GLY G 47 20.83 36.11 -41.34
C GLY G 47 21.64 36.13 -42.62
N GLY G 48 22.91 35.75 -42.52
CA GLY G 48 23.70 35.50 -43.74
C GLY G 48 23.09 34.42 -44.62
N LEU G 49 22.66 33.31 -44.01
CA LEU G 49 21.99 32.26 -44.78
C LEU G 49 20.67 32.73 -45.35
N ASP G 50 19.96 33.60 -44.62
CA ASP G 50 18.76 34.22 -45.15
C ASP G 50 19.09 35.08 -46.37
N SER G 51 20.22 35.77 -46.33
CA SER G 51 20.67 36.55 -47.48
C SER G 51 20.91 35.64 -48.67
N ILE G 52 21.57 34.50 -48.43
CA ILE G 52 21.83 33.61 -49.55
C ILE G 52 20.51 33.04 -50.09
N GLY G 53 19.54 32.81 -49.21
CA GLY G 53 18.23 32.38 -49.68
C GLY G 53 17.54 33.42 -50.53
N ARG G 54 17.67 34.70 -50.16
CA ARG G 54 17.03 35.74 -50.95
C ARG G 54 17.70 35.91 -52.31
N VAL G 55 19.02 35.71 -52.38
CA VAL G 55 19.67 35.77 -53.70
C VAL G 55 19.23 34.59 -54.56
N MET G 56 19.04 33.42 -53.97
CA MET G 56 18.52 32.32 -54.78
C MET G 56 17.07 32.59 -55.20
N GLU G 57 16.30 33.28 -54.35
CA GLU G 57 14.99 33.76 -54.77
C GLU G 57 15.11 34.67 -55.99
N HIS G 58 16.17 35.47 -56.04
CA HIS G 58 16.46 36.25 -57.23
C HIS G 58 16.67 35.35 -58.44
N LEU G 59 17.39 34.24 -58.24
CA LEU G 59 17.50 33.25 -59.32
C LEU G 59 16.14 32.78 -59.78
N LYS G 60 15.30 32.37 -58.82
CA LYS G 60 13.97 31.87 -59.14
C LYS G 60 13.14 32.90 -59.91
N ALA G 61 13.35 34.18 -59.63
CA ALA G 61 12.62 35.24 -60.31
C ALA G 61 13.20 35.59 -61.68
N ILE G 62 14.49 35.35 -61.91
CA ILE G 62 15.12 35.83 -63.14
C ILE G 62 15.27 34.76 -64.21
N GLU G 63 15.77 33.58 -63.84
CA GLU G 63 16.27 32.64 -64.85
C GLU G 63 15.25 32.21 -65.90
N PRO G 64 14.03 31.78 -65.56
CA PRO G 64 13.12 31.33 -66.62
C PRO G 64 12.77 32.43 -67.60
N LEU G 65 12.66 33.67 -67.14
CA LEU G 65 12.47 34.78 -68.08
C LEU G 65 13.60 34.81 -69.09
N ILE G 66 14.82 34.49 -68.66
CA ILE G 66 15.93 34.37 -69.60
C ILE G 66 15.65 33.23 -70.58
N ALA G 67 15.09 32.14 -70.09
CA ALA G 67 14.80 31.02 -71.00
C ALA G 67 13.84 31.45 -72.12
N GLU G 68 12.70 32.01 -71.76
CA GLU G 68 11.77 32.40 -72.82
C GLU G 68 12.06 33.78 -73.41
N ILE G 69 13.21 34.38 -73.13
CA ILE G 69 13.69 35.41 -74.04
C ILE G 69 14.69 34.83 -75.04
N ARG G 70 15.40 33.75 -74.67
CA ARG G 70 16.19 33.06 -75.69
C ARG G 70 15.28 32.43 -76.75
N GLY G 71 14.16 31.86 -76.32
CA GLY G 71 13.28 31.14 -77.21
C GLY G 71 12.87 31.84 -78.51
N PRO G 72 12.21 32.99 -78.41
CA PRO G 72 11.67 33.64 -79.63
C PRO G 72 12.74 34.02 -80.64
N VAL G 73 13.94 34.32 -80.18
CA VAL G 73 15.06 34.51 -81.10
C VAL G 73 15.17 33.29 -81.99
N SER G 74 15.16 32.12 -81.37
CA SER G 74 15.23 30.88 -82.12
C SER G 74 14.02 30.67 -83.02
N GLN G 75 12.83 31.08 -82.59
CA GLN G 75 11.67 30.87 -83.45
C GLN G 75 11.78 31.73 -84.70
N GLU G 76 12.28 32.95 -84.56
CA GLU G 76 12.55 33.76 -85.73
C GLU G 76 13.58 33.09 -86.62
N PHE G 77 14.60 32.48 -86.01
CA PHE G 77 15.56 31.71 -86.81
C PHE G 77 14.90 30.55 -87.54
N GLU G 78 13.84 29.98 -87.00
CA GLU G 78 13.15 28.93 -87.75
C GLU G 78 12.43 29.52 -88.96
N ALA G 79 11.81 30.67 -88.78
CA ALA G 79 11.27 31.39 -89.94
C ALA G 79 12.36 31.62 -90.97
N ARG G 80 13.58 31.79 -90.49
CA ARG G 80 14.74 31.88 -91.36
C ARG G 80 15.04 30.56 -92.07
N ARG G 81 14.81 29.42 -91.43
CA ARG G 81 14.90 28.15 -92.17
C ARG G 81 13.93 28.15 -93.34
N ALA G 82 12.71 28.61 -93.07
CA ALA G 82 11.71 28.66 -94.13
C ALA G 82 12.21 29.49 -95.29
N GLU G 83 12.78 30.65 -94.99
CA GLU G 83 13.40 31.45 -96.05
C GLU G 83 14.46 30.65 -96.81
N HIS G 84 15.31 29.92 -96.09
CA HIS G 84 16.37 29.18 -96.78
C HIS G 84 15.80 28.16 -97.76
N ALA G 85 14.73 27.47 -97.36
CA ALA G 85 14.09 26.52 -98.27
C ALA G 85 13.53 27.23 -99.50
N GLU G 86 12.87 28.36 -99.27
CA GLU G 86 12.33 29.14 -100.39
C GLU G 86 13.44 29.44 -101.39
N LEU G 87 14.59 29.87 -100.91
CA LEU G 87 15.65 30.29 -101.82
C LEU G 87 16.33 29.09 -102.46
N ILE G 88 16.35 27.93 -101.80
CA ILE G 88 16.74 26.71 -102.51
C ILE G 88 15.88 26.53 -103.73
N ALA G 89 14.56 26.66 -103.56
CA ALA G 89 13.67 26.56 -104.71
C ALA G 89 14.00 27.62 -105.74
N VAL G 90 14.41 28.81 -105.28
CA VAL G 90 14.62 29.95 -106.16
C VAL G 90 15.83 29.82 -107.07
N ARG G 91 16.98 29.32 -106.60
CA ARG G 91 18.14 29.29 -107.49
C ARG G 91 17.88 28.47 -108.75
N ALA G 92 17.28 27.29 -108.61
CA ALA G 92 17.04 26.46 -109.78
C ALA G 92 16.13 27.15 -110.78
N ASN G 93 15.08 27.81 -110.28
CA ASN G 93 14.21 28.58 -111.16
C ASN G 93 15.00 29.62 -111.91
N LEU G 94 15.89 30.32 -111.22
CA LEU G 94 16.67 31.35 -111.89
C LEU G 94 17.52 30.73 -113.00
N ASP G 95 18.11 29.57 -112.74
CA ASP G 95 18.98 28.93 -113.72
C ASP G 95 18.20 28.49 -114.96
N GLN G 96 17.04 27.85 -114.75
CA GLN G 96 16.26 27.43 -115.91
C GLN G 96 15.75 28.62 -116.70
N ALA G 97 15.36 29.69 -115.99
CA ALA G 97 14.92 30.90 -116.68
C ALA G 97 16.03 31.47 -117.55
N GLN G 98 17.25 31.57 -117.01
CA GLN G 98 18.33 32.15 -117.79
C GLN G 98 18.68 31.28 -119.00
N ARG G 99 18.66 29.95 -118.82
CA ARG G 99 18.97 29.09 -119.95
C ARG G 99 17.93 29.24 -121.05
N GLN G 100 16.64 29.29 -120.66
CA GLN G 100 15.63 29.43 -121.71
C GLN G 100 15.73 30.81 -122.34
N ILE G 101 16.18 31.80 -121.59
CA ILE G 101 16.43 33.12 -122.15
C ILE G 101 17.48 33.02 -123.25
N ALA G 102 18.54 32.25 -122.99
CA ALA G 102 19.58 32.08 -124.01
C ALA G 102 19.01 31.42 -125.27
N LEU G 103 18.20 30.36 -125.08
CA LEU G 103 17.63 29.68 -126.24
C LEU G 103 16.74 30.62 -127.04
N ILE G 104 15.88 31.37 -126.36
CA ILE G 104 14.98 32.27 -127.04
C ILE G 104 15.75 33.39 -127.71
N GLN G 105 16.85 33.84 -127.10
CA GLN G 105 17.66 34.87 -127.73
C GLN G 105 18.27 34.38 -129.04
N ALA G 106 18.78 33.14 -129.03
CA ALA G 106 19.37 32.60 -130.25
C ALA G 106 18.32 32.45 -131.36
N GLU G 107 17.15 31.89 -131.01
CA GLU G 107 16.14 31.67 -132.04
C GLU G 107 15.51 32.99 -132.48
N GLU G 108 15.52 34.00 -131.60
CA GLU G 108 15.16 35.35 -131.98
C GLU G 108 16.12 35.94 -132.98
N ARG G 109 17.42 35.73 -132.80
CA ARG G 109 18.37 36.22 -133.80
C ARG G 109 18.14 35.52 -135.14
N GLU G 110 17.87 34.23 -135.09
CA GLU G 110 17.60 33.49 -136.33
C GLU G 110 16.38 34.05 -137.05
N VAL G 111 15.28 34.29 -136.32
CA VAL G 111 14.08 34.78 -136.98
C VAL G 111 14.30 36.21 -137.47
N SER G 112 15.08 37.01 -136.75
CA SER G 112 15.39 38.34 -137.25
C SER G 112 16.15 38.27 -138.57
N ALA G 113 17.11 37.35 -138.68
CA ALA G 113 17.86 37.21 -139.93
C ALA G 113 16.95 36.79 -141.08
N ARG G 114 16.05 35.83 -140.83
CA ARG G 114 15.15 35.42 -141.90
C ARG G 114 14.20 36.55 -142.29
N LEU G 115 13.74 37.33 -141.32
CA LEU G 115 12.87 38.46 -141.64
C LEU G 115 13.60 39.49 -142.49
N ALA G 116 14.86 39.76 -142.16
CA ALA G 116 15.65 40.67 -142.99
C ALA G 116 15.80 40.13 -144.41
N ALA G 117 16.07 38.82 -144.53
CA ALA G 117 16.24 38.22 -145.86
C ALA G 117 14.96 38.37 -146.68
N ALA G 118 13.81 38.10 -146.05
CA ALA G 118 12.55 38.23 -146.75
C ALA G 118 12.32 39.67 -147.20
N GLU G 119 12.61 40.64 -146.33
CA GLU G 119 12.42 42.04 -146.72
C GLU G 119 13.33 42.41 -147.89
N THR G 120 14.57 41.93 -147.88
CA THR G 120 15.47 42.21 -148.99
C THR G 120 14.94 41.63 -150.31
N ALA G 121 14.51 40.37 -150.28
CA ALA G 121 14.00 39.74 -151.51
C ALA G 121 12.76 40.46 -152.00
N LEU G 122 11.86 40.86 -151.08
CA LEU G 122 10.68 41.59 -151.49
C LEU G 122 11.06 42.91 -152.14
N GLY G 123 12.03 43.63 -151.55
CA GLY G 123 12.45 44.89 -152.15
C GLY G 123 12.98 44.72 -153.56
N GLU G 124 13.87 43.73 -153.75
CA GLU G 124 14.43 43.52 -155.08
C GLU G 124 13.35 43.14 -156.09
N SER G 125 12.46 42.23 -155.69
CA SER G 125 11.41 41.78 -156.60
C SER G 125 10.47 42.91 -156.96
N ASP G 126 10.13 43.77 -155.98
CA ASP G 126 9.24 44.89 -156.27
C ASP G 126 9.93 45.93 -157.15
N ALA G 127 11.25 46.09 -157.00
CA ALA G 127 11.98 46.97 -157.90
C ALA G 127 11.89 46.47 -159.34
N ARG G 128 12.19 45.18 -159.56
CA ARG G 128 12.03 44.62 -160.89
C ARG G 128 10.60 44.76 -161.37
N ARG G 129 9.63 44.61 -160.46
CA ARG G 129 8.23 44.67 -160.81
C ARG G 129 7.87 46.04 -161.35
N GLN G 130 8.29 47.10 -160.65
CA GLN G 130 8.06 48.46 -161.14
C GLN G 130 8.75 48.68 -162.48
N THR G 131 10.00 48.22 -162.62
CA THR G 131 10.72 48.45 -163.86
C THR G 131 10.00 47.82 -165.04
N GLN G 132 9.68 46.52 -164.92
CA GLN G 132 9.01 45.85 -166.01
C GLN G 132 7.59 46.36 -166.21
N ASP G 133 6.97 46.90 -165.16
CA ASP G 133 5.66 47.51 -165.32
C ASP G 133 5.74 48.71 -166.26
N ALA G 134 6.68 49.62 -165.99
CA ALA G 134 6.83 50.78 -166.86
C ALA G 134 7.23 50.36 -168.27
N ALA G 135 8.15 49.40 -168.38
CA ALA G 135 8.60 48.95 -169.68
C ALA G 135 7.44 48.36 -170.48
N LEU G 136 6.59 47.57 -169.83
CA LEU G 136 5.45 46.99 -170.52
C LEU G 136 4.44 48.05 -170.91
N GLU G 137 4.31 49.12 -170.11
CA GLU G 137 3.43 50.21 -170.52
C GLU G 137 3.93 50.87 -171.81
N ASP G 138 5.24 51.14 -171.86
CA ASP G 138 5.81 51.72 -173.07
C ASP G 138 5.68 50.77 -174.25
N ASN G 139 5.92 49.49 -174.03
CA ASN G 139 5.78 48.50 -175.08
C ASN G 139 4.32 48.42 -175.54
N ALA G 140 3.38 48.64 -174.62
CA ALA G 140 1.97 48.65 -174.98
C ALA G 140 1.63 49.82 -175.89
N LEU G 141 2.14 51.01 -175.56
CA LEU G 141 1.86 52.15 -176.44
C LEU G 141 2.50 51.92 -177.82
N GLU G 142 3.70 51.34 -177.85
CA GLU G 142 4.34 51.04 -179.12
C GLU G 142 3.52 50.04 -179.93
N ILE G 143 3.03 48.98 -179.28
CA ILE G 143 2.26 47.97 -180.00
C ILE G 143 0.97 48.58 -180.53
N ASP G 144 0.36 49.49 -179.77
CA ASP G 144 -0.85 50.14 -180.25
C ASP G 144 -0.57 50.97 -181.50
N ARG G 145 0.43 51.84 -181.43
CA ARG G 145 0.73 52.68 -182.58
C ARG G 145 1.09 51.84 -183.80
N LEU G 146 1.79 50.73 -183.59
CA LEU G 146 2.28 49.97 -184.72
C LEU G 146 1.18 49.11 -185.33
N ARG G 147 0.24 48.61 -184.52
CA ARG G 147 -0.91 47.93 -185.11
C ARG G 147 -1.75 48.90 -185.92
N ASN G 148 -1.95 50.12 -185.40
CA ASN G 148 -2.68 51.11 -186.19
C ASN G 148 -1.97 51.42 -187.50
N ALA G 149 -0.65 51.60 -187.44
CA ALA G 149 0.10 51.86 -188.65
C ALA G 149 0.02 50.71 -189.63
N LEU G 150 0.06 49.46 -189.13
CA LEU G 150 -0.03 48.32 -190.03
C LEU G 150 -1.38 48.28 -190.72
N LEU G 151 -2.46 48.58 -189.98
CA LEU G 151 -3.76 48.66 -190.61
C LEU G 151 -3.76 49.71 -191.72
N GLN G 152 -3.24 50.90 -191.41
CA GLN G 152 -3.19 51.96 -192.40
C GLN G 152 -2.40 51.54 -193.62
N SER G 153 -1.24 50.92 -193.39
CA SER G 153 -0.35 50.55 -194.48
C SER G 153 -1.03 49.53 -195.39
N ASP G 154 -1.59 48.49 -194.81
CA ASP G 154 -2.25 47.47 -195.61
C ASP G 154 -3.40 48.07 -196.42
N LEU G 155 -4.22 48.91 -195.79
CA LEU G 155 -5.37 49.46 -196.51
C LEU G 155 -4.94 50.39 -197.64
N LYS G 156 -3.98 51.28 -197.38
CA LYS G 156 -3.56 52.19 -198.42
C LYS G 156 -2.87 51.45 -199.55
N VAL G 157 -2.13 50.38 -199.22
CA VAL G 157 -1.61 49.51 -200.25
C VAL G 157 -2.74 48.94 -201.08
N SER G 158 -3.83 48.56 -200.43
CA SER G 158 -4.95 47.99 -201.16
C SER G 158 -5.54 49.02 -202.13
N SER G 159 -5.73 50.25 -201.67
CA SER G 159 -6.32 51.27 -202.54
C SER G 159 -5.42 51.60 -203.72
N LEU G 160 -4.13 51.76 -203.45
CA LEU G 160 -3.20 52.02 -204.55
C LEU G 160 -3.09 50.80 -205.45
N ASP G 161 -3.32 49.60 -204.90
CA ASP G 161 -3.39 48.42 -205.74
C ASP G 161 -4.58 48.48 -206.69
N ALA G 162 -5.70 49.00 -206.19
CA ALA G 162 -6.87 49.18 -207.06
C ALA G 162 -6.56 50.15 -208.19
N SER G 163 -5.88 51.25 -207.86
CA SER G 163 -5.45 52.16 -208.92
C SER G 163 -4.52 51.45 -209.91
N LEU G 164 -3.70 50.53 -209.40
CA LEU G 164 -2.81 49.79 -210.29
C LEU G 164 -3.60 48.87 -211.22
N ARG G 165 -4.61 48.20 -210.70
CA ARG G 165 -5.54 47.45 -211.54
C ARG G 165 -6.16 48.32 -212.63
N ASP G 166 -6.57 49.54 -212.26
CA ASP G 166 -7.11 50.47 -213.25
C ASP G 166 -6.12 50.73 -214.37
N ALA G 167 -4.89 51.06 -213.99
CA ALA G 167 -3.87 51.32 -215.00
C ALA G 167 -3.66 50.12 -215.90
N THR G 168 -3.66 48.92 -215.33
CA THR G 168 -3.51 47.72 -216.15
C THR G 168 -4.63 47.64 -217.18
N ALA G 169 -5.86 47.44 -216.70
CA ALA G 169 -7.00 47.34 -217.61
C ALA G 169 -6.87 48.34 -218.75
N ARG G 170 -6.63 49.61 -218.40
CA ARG G 170 -6.58 50.65 -219.41
C ARG G 170 -5.45 50.40 -220.40
N ILE G 171 -4.31 49.91 -219.91
CA ILE G 171 -3.22 49.73 -220.85
C ILE G 171 -3.59 48.68 -221.88
N GLU G 172 -4.13 47.54 -221.46
CA GLU G 172 -4.40 46.54 -222.50
C GLU G 172 -5.56 46.98 -223.40
N HIS G 173 -6.52 47.74 -222.86
CA HIS G 173 -7.54 48.31 -223.76
C HIS G 173 -6.89 49.15 -224.84
N LEU G 174 -6.03 50.09 -224.45
CA LEU G 174 -5.32 50.85 -225.47
C LEU G 174 -4.49 49.95 -226.37
N VAL G 175 -4.09 48.78 -225.87
CA VAL G 175 -3.35 47.85 -226.71
C VAL G 175 -4.24 47.35 -227.85
N GLN G 176 -5.49 46.96 -227.53
CA GLN G 176 -6.37 46.58 -228.64
C GLN G 176 -6.59 47.76 -229.57
N ASP G 177 -6.73 48.96 -229.00
CA ASP G 177 -6.94 50.14 -229.83
C ASP G 177 -5.80 50.31 -230.84
N VAL G 178 -4.56 50.16 -230.37
CA VAL G 178 -3.41 50.38 -231.23
C VAL G 178 -3.31 49.29 -232.29
N GLU G 179 -3.51 48.03 -231.89
CA GLU G 179 -3.44 46.97 -232.89
C GLU G 179 -4.57 47.10 -233.92
N GLY G 180 -5.75 47.56 -233.51
CA GLY G 180 -6.82 47.77 -234.46
C GLY G 180 -6.53 48.86 -235.46
N LEU G 181 -5.98 49.98 -235.00
CA LEU G 181 -5.61 51.02 -235.96
C LEU G 181 -4.45 50.55 -236.85
N ARG G 182 -3.58 49.69 -236.34
CA ARG G 182 -2.59 49.07 -237.21
C ARG G 182 -3.25 48.26 -238.33
N VAL G 183 -4.19 47.38 -237.96
CA VAL G 183 -4.76 46.49 -238.96
C VAL G 183 -5.62 47.26 -239.95
N GLN G 184 -6.31 48.30 -239.49
CA GLN G 184 -7.10 49.08 -240.44
C GLN G 184 -6.21 49.99 -241.27
N ALA G 185 -5.02 50.35 -240.77
CA ALA G 185 -4.03 51.01 -241.63
C ALA G 185 -3.61 50.09 -242.76
N GLN G 186 -3.36 48.82 -242.44
CA GLN G 186 -3.09 47.83 -243.48
C GLN G 186 -4.25 47.75 -244.47
N ASP G 187 -5.47 47.71 -243.93
CA ASP G 187 -6.66 47.58 -244.76
C ASP G 187 -6.84 48.77 -245.69
N ILE G 188 -6.68 49.98 -245.15
CA ILE G 188 -6.85 51.19 -245.94
C ILE G 188 -5.77 51.28 -247.01
N ASP G 189 -4.53 50.94 -246.70
CA ASP G 189 -3.52 50.92 -247.74
C ASP G 189 -3.91 49.94 -248.85
N ALA G 190 -4.36 48.73 -248.46
CA ALA G 190 -4.68 47.72 -249.44
C ALA G 190 -5.83 48.18 -250.35
N ARG G 191 -6.83 48.84 -249.78
CA ARG G 191 -7.95 49.28 -250.58
C ARG G 191 -7.63 50.51 -251.42
N ARG G 192 -6.79 51.40 -250.90
CA ARG G 192 -6.45 52.62 -251.62
C ARG G 192 -5.38 52.40 -252.67
N GLY G 193 -4.77 51.22 -252.71
CA GLY G 193 -3.92 50.89 -253.84
C GLY G 193 -4.71 50.79 -255.12
N GLN H 31 20.52 21.70 -20.17
CA GLN H 31 21.97 21.51 -20.10
C GLN H 31 22.45 20.37 -21.00
N ILE H 32 22.75 19.23 -20.40
CA ILE H 32 23.34 18.11 -21.13
C ILE H 32 22.38 17.58 -22.18
N GLU H 33 21.09 17.51 -21.85
CA GLU H 33 20.12 17.04 -22.82
C GLU H 33 20.05 17.97 -24.02
N SER H 34 20.10 19.28 -23.77
CA SER H 34 20.11 20.24 -24.86
C SER H 34 21.34 20.07 -25.73
N THR H 35 22.51 19.91 -25.10
CA THR H 35 23.71 19.80 -25.90
C THR H 35 23.80 18.48 -26.66
N GLN H 36 23.14 17.41 -26.18
CA GLN H 36 23.11 16.17 -26.97
C GLN H 36 22.17 16.30 -28.16
N ALA H 37 21.00 16.89 -27.94
CA ALA H 37 20.15 17.26 -29.07
C ALA H 37 20.94 18.06 -30.08
N ILE H 38 21.71 19.03 -29.59
CA ILE H 38 22.59 19.83 -30.42
C ILE H 38 23.60 18.98 -31.17
N GLY H 39 24.21 18.01 -30.51
CA GLY H 39 25.15 17.14 -31.21
C GLY H 39 24.51 16.51 -32.44
N GLN H 40 23.45 15.72 -32.22
CA GLN H 40 22.80 15.06 -33.35
C GLN H 40 22.33 16.08 -34.39
N ARG H 41 21.91 17.24 -33.93
CA ARG H 41 21.29 18.17 -34.85
C ARG H 41 22.32 18.85 -35.75
N TYR H 42 23.55 19.06 -35.26
CA TYR H 42 24.60 19.44 -36.19
C TYR H 42 25.08 18.30 -37.09
N GLU H 43 24.93 17.03 -36.73
CA GLU H 43 25.15 16.10 -37.84
C GLU H 43 24.12 16.33 -38.95
N THR H 44 22.87 16.60 -38.58
CA THR H 44 21.90 17.01 -39.60
C THR H 44 22.39 18.24 -40.36
N ILE H 45 22.94 19.20 -39.63
CA ILE H 45 23.42 20.44 -40.24
C ILE H 45 24.53 20.16 -41.22
N HIS H 46 25.45 19.27 -40.86
CA HIS H 46 26.57 18.98 -41.72
C HIS H 46 26.11 18.27 -42.99
N GLY H 47 25.11 17.39 -42.88
CA GLY H 47 24.56 16.79 -44.09
C GLY H 47 23.97 17.82 -45.04
N GLY H 48 23.13 18.71 -44.50
CA GLY H 48 22.55 19.75 -45.33
C GLY H 48 23.61 20.65 -45.97
N LEU H 49 24.62 21.04 -45.19
CA LEU H 49 25.66 21.93 -45.70
C LEU H 49 26.47 21.24 -46.79
N ASP H 50 26.73 19.94 -46.63
CA ASP H 50 27.40 19.19 -47.68
C ASP H 50 26.63 19.30 -48.99
N SER H 51 25.33 19.00 -48.95
CA SER H 51 24.56 19.05 -50.19
C SER H 51 24.55 20.46 -50.79
N ILE H 52 24.37 21.48 -49.96
CA ILE H 52 24.22 22.82 -50.52
C ILE H 52 25.53 23.30 -51.15
N GLY H 53 26.66 23.14 -50.45
CA GLY H 53 27.94 23.54 -51.03
C GLY H 53 28.26 22.76 -52.28
N ARG H 54 27.88 21.47 -52.30
CA ARG H 54 28.03 20.68 -53.51
C ARG H 54 27.32 21.36 -54.68
N VAL H 55 26.05 21.70 -54.50
CA VAL H 55 25.30 22.18 -55.65
C VAL H 55 25.78 23.56 -56.07
N MET H 56 26.24 24.36 -55.11
CA MET H 56 26.74 25.68 -55.48
C MET H 56 28.00 25.58 -56.33
N GLU H 57 28.96 24.76 -55.91
CA GLU H 57 30.11 24.53 -56.78
C GLU H 57 29.66 23.92 -58.11
N HIS H 58 28.56 23.16 -58.11
CA HIS H 58 28.04 22.60 -59.34
C HIS H 58 27.64 23.70 -60.32
N LEU H 59 26.96 24.73 -59.83
CA LEU H 59 26.63 25.88 -60.69
C LEU H 59 27.87 26.61 -61.18
N LYS H 60 28.86 26.78 -60.27
CA LYS H 60 30.14 27.35 -60.68
C LYS H 60 30.66 26.64 -61.92
N ALA H 61 30.62 25.31 -61.89
CA ALA H 61 31.13 24.52 -63.01
C ALA H 61 30.18 24.54 -64.20
N ILE H 62 28.91 24.86 -63.98
CA ILE H 62 27.92 24.81 -65.07
C ILE H 62 28.02 26.03 -65.98
N GLU H 63 28.42 27.19 -65.43
CA GLU H 63 28.48 28.40 -66.25
C GLU H 63 29.22 28.26 -67.59
N PRO H 64 30.39 27.60 -67.66
CA PRO H 64 31.10 27.54 -68.96
C PRO H 64 30.29 26.99 -70.10
N LEU H 65 29.41 26.01 -69.85
CA LEU H 65 28.51 25.55 -70.90
C LEU H 65 27.65 26.70 -71.41
N ILE H 66 27.14 27.52 -70.49
CA ILE H 66 26.30 28.65 -70.89
C ILE H 66 27.08 29.60 -71.78
N ALA H 67 28.33 29.89 -71.41
CA ALA H 67 29.12 30.80 -72.25
C ALA H 67 29.37 30.22 -73.65
N GLU H 68 29.82 28.97 -73.70
CA GLU H 68 30.22 28.40 -75.00
C GLU H 68 29.01 28.13 -75.88
N ILE H 69 27.82 27.97 -75.30
CA ILE H 69 26.62 27.84 -76.12
C ILE H 69 26.07 29.23 -76.47
N ARG H 70 26.40 30.24 -75.68
CA ARG H 70 26.06 31.60 -76.06
C ARG H 70 26.83 32.04 -77.30
N GLY H 71 28.07 31.57 -77.44
CA GLY H 71 28.87 31.91 -78.61
C GLY H 71 28.30 31.61 -80.00
N PRO H 72 28.17 30.32 -80.34
CA PRO H 72 27.93 29.97 -81.74
C PRO H 72 26.62 30.51 -82.28
N VAL H 73 25.61 30.63 -81.42
CA VAL H 73 24.40 31.36 -81.80
C VAL H 73 24.80 32.66 -82.46
N SER H 74 25.51 33.50 -81.71
CA SER H 74 25.97 34.77 -82.23
C SER H 74 26.69 34.60 -83.55
N GLN H 75 27.79 33.84 -83.56
CA GLN H 75 28.63 33.86 -84.76
C GLN H 75 27.87 33.34 -85.97
N GLU H 76 27.45 32.07 -85.91
CA GLU H 76 26.87 31.44 -87.09
C GLU H 76 25.64 32.19 -87.56
N PHE H 77 24.85 32.71 -86.63
CA PHE H 77 23.63 33.35 -87.03
C PHE H 77 23.86 34.70 -87.68
N GLU H 78 24.72 35.55 -87.13
CA GLU H 78 25.01 36.79 -87.84
C GLU H 78 25.57 36.51 -89.23
N ALA H 79 26.52 35.59 -89.33
CA ALA H 79 27.17 35.35 -90.61
C ALA H 79 26.18 34.86 -91.66
N ARG H 80 25.36 33.89 -91.32
CA ARG H 80 24.55 33.32 -92.38
C ARG H 80 23.18 33.99 -92.47
N ARG H 81 22.88 34.93 -91.58
CA ARG H 81 21.97 36.01 -91.95
C ARG H 81 22.54 36.88 -93.05
N ALA H 82 23.82 37.21 -92.98
CA ALA H 82 24.41 37.93 -94.12
C ALA H 82 24.29 37.10 -95.39
N GLU H 83 24.52 35.79 -95.27
CA GLU H 83 24.36 34.88 -96.40
C GLU H 83 22.95 34.93 -96.98
N HIS H 84 21.94 34.75 -96.15
CA HIS H 84 20.56 34.82 -96.65
C HIS H 84 20.25 36.20 -97.21
N ALA H 85 20.85 37.24 -96.62
CA ALA H 85 20.59 38.59 -97.09
C ALA H 85 21.08 38.77 -98.52
N GLU H 86 22.26 38.25 -98.83
CA GLU H 86 22.71 38.33 -100.23
C GLU H 86 21.89 37.41 -101.12
N LEU H 87 21.46 36.26 -100.62
CA LEU H 87 20.64 35.42 -101.48
C LEU H 87 19.21 35.94 -101.62
N ILE H 88 18.84 36.97 -100.87
CA ILE H 88 17.56 37.63 -101.12
C ILE H 88 17.51 38.16 -102.55
N ALA H 89 18.58 38.81 -102.99
CA ALA H 89 18.57 39.50 -104.29
C ALA H 89 18.46 38.54 -105.45
N VAL H 90 18.65 37.25 -105.22
CA VAL H 90 18.39 36.28 -106.27
C VAL H 90 16.95 36.36 -106.73
N ARG H 91 16.03 36.67 -105.81
CA ARG H 91 14.63 36.81 -106.20
C ARG H 91 14.43 38.01 -107.11
N ALA H 92 15.13 39.11 -106.85
CA ALA H 92 15.05 40.26 -107.74
C ALA H 92 15.63 39.92 -109.11
N ASN H 93 16.74 39.18 -109.12
CA ASN H 93 17.28 38.66 -110.37
C ASN H 93 16.22 37.86 -111.11
N LEU H 94 15.47 37.03 -110.38
CA LEU H 94 14.44 36.22 -111.01
C LEU H 94 13.32 37.08 -111.58
N ASP H 95 12.94 38.14 -110.87
CA ASP H 95 11.89 39.02 -111.39
C ASP H 95 12.35 39.68 -112.68
N GLN H 96 13.60 40.14 -112.71
CA GLN H 96 14.16 40.66 -113.95
C GLN H 96 14.16 39.60 -115.04
N ALA H 97 14.46 38.36 -114.66
CA ALA H 97 14.44 37.27 -115.63
C ALA H 97 13.07 37.15 -116.27
N GLN H 98 12.01 37.05 -115.46
CA GLN H 98 10.68 36.91 -116.05
C GLN H 98 10.25 38.14 -116.84
N ARG H 99 10.60 39.35 -116.40
CA ARG H 99 10.20 40.49 -117.21
C ARG H 99 10.88 40.46 -118.58
N GLN H 100 12.16 40.10 -118.60
CA GLN H 100 12.86 39.99 -119.88
C GLN H 100 12.28 38.87 -120.72
N ILE H 101 11.88 37.77 -120.08
CA ILE H 101 11.26 36.66 -120.81
C ILE H 101 9.97 37.11 -121.46
N ALA H 102 9.12 37.81 -120.72
CA ALA H 102 7.86 38.27 -121.29
C ALA H 102 8.10 39.20 -122.47
N LEU H 103 9.05 40.13 -122.31
CA LEU H 103 9.34 41.05 -123.41
C LEU H 103 9.83 40.30 -124.64
N ILE H 104 10.74 39.35 -124.46
CA ILE H 104 11.30 38.67 -125.61
C ILE H 104 10.24 37.80 -126.27
N GLN H 105 9.31 37.27 -125.49
CA GLN H 105 8.26 36.44 -126.08
C GLN H 105 7.27 37.28 -126.89
N ALA H 106 6.89 38.45 -126.37
CA ALA H 106 6.02 39.34 -127.15
C ALA H 106 6.71 39.77 -128.44
N GLU H 107 7.96 40.21 -128.33
CA GLU H 107 8.78 40.48 -129.51
C GLU H 107 8.79 39.30 -130.47
N GLU H 108 8.93 38.09 -129.94
CA GLU H 108 9.04 36.92 -130.80
C GLU H 108 7.75 36.68 -131.56
N ARG H 109 6.62 36.80 -130.88
CA ARG H 109 5.34 36.61 -131.56
C ARG H 109 5.14 37.66 -132.65
N GLU H 110 5.46 38.92 -132.34
CA GLU H 110 5.35 39.96 -133.35
C GLU H 110 6.20 39.65 -134.57
N VAL H 111 7.47 39.30 -134.33
CA VAL H 111 8.37 39.05 -135.44
C VAL H 111 7.91 37.85 -136.25
N SER H 112 7.44 36.80 -135.57
CA SER H 112 6.95 35.62 -136.28
C SER H 112 5.76 35.98 -137.17
N ALA H 113 4.81 36.74 -136.63
CA ALA H 113 3.63 37.09 -137.41
C ALA H 113 4.00 37.92 -138.63
N ARG H 114 4.87 38.91 -138.46
CA ARG H 114 5.14 39.78 -139.58
C ARG H 114 6.05 39.08 -140.58
N LEU H 115 6.87 38.14 -140.12
CA LEU H 115 7.57 37.26 -141.05
C LEU H 115 6.59 36.45 -141.87
N ALA H 116 5.54 35.93 -141.24
CA ALA H 116 4.54 35.15 -141.97
C ALA H 116 3.91 35.99 -143.08
N ALA H 117 3.50 37.21 -142.72
CA ALA H 117 2.99 38.12 -143.75
C ALA H 117 4.02 38.33 -144.84
N ALA H 118 5.30 38.37 -144.46
CA ALA H 118 6.35 38.54 -145.45
C ALA H 118 6.39 37.40 -146.45
N GLU H 119 6.35 36.14 -146.00
CA GLU H 119 6.45 35.11 -147.04
C GLU H 119 5.18 35.06 -147.87
N THR H 120 4.04 35.43 -147.29
CA THR H 120 2.83 35.52 -148.13
C THR H 120 3.02 36.52 -149.26
N ALA H 121 3.54 37.70 -148.92
CA ALA H 121 3.82 38.69 -149.95
C ALA H 121 4.86 38.19 -150.94
N LEU H 122 5.88 37.49 -150.47
CA LEU H 122 6.90 36.98 -151.38
C LEU H 122 6.34 35.93 -152.33
N GLY H 123 5.41 35.10 -151.84
CA GLY H 123 4.76 34.16 -152.74
C GLY H 123 3.93 34.86 -153.81
N GLU H 124 3.17 35.88 -153.42
CA GLU H 124 2.46 36.68 -154.40
C GLU H 124 3.42 37.29 -155.40
N SER H 125 4.58 37.75 -154.92
CA SER H 125 5.58 38.32 -155.81
C SER H 125 6.08 37.28 -156.79
N ASP H 126 6.30 36.05 -156.33
CA ASP H 126 6.72 34.99 -157.23
C ASP H 126 5.68 34.75 -158.32
N ALA H 127 4.42 34.66 -157.92
CA ALA H 127 3.35 34.41 -158.89
C ALA H 127 3.29 35.52 -159.93
N ARG H 128 3.26 36.78 -159.47
CA ARG H 128 3.17 37.88 -160.41
C ARG H 128 4.42 37.96 -161.26
N ARG H 129 5.56 37.54 -160.70
CA ARG H 129 6.78 37.45 -161.50
C ARG H 129 6.58 36.53 -162.67
N GLN H 130 6.06 35.33 -162.42
CA GLN H 130 5.84 34.39 -163.53
C GLN H 130 4.86 34.96 -164.54
N THR H 131 3.76 35.56 -164.07
CA THR H 131 2.78 36.10 -164.99
C THR H 131 3.40 37.16 -165.89
N GLN H 132 4.12 38.11 -165.30
CA GLN H 132 4.72 39.18 -166.08
C GLN H 132 5.82 38.65 -166.99
N ASP H 133 6.47 37.55 -166.60
CA ASP H 133 7.42 36.92 -167.50
C ASP H 133 6.72 36.45 -168.76
N ALA H 134 5.57 35.79 -168.59
CA ALA H 134 4.80 35.36 -169.74
C ALA H 134 4.35 36.56 -170.56
N ALA H 135 3.92 37.63 -169.90
CA ALA H 135 3.45 38.82 -170.60
C ALA H 135 4.56 39.43 -171.45
N LEU H 136 5.75 39.56 -170.88
CA LEU H 136 6.88 40.07 -171.64
C LEU H 136 7.19 39.17 -172.82
N GLU H 137 7.20 37.85 -172.61
CA GLU H 137 7.49 36.95 -173.72
C GLU H 137 6.50 37.14 -174.86
N ASP H 138 5.21 37.07 -174.54
CA ASP H 138 4.19 37.16 -175.57
C ASP H 138 4.27 38.48 -176.32
N ASN H 139 4.34 39.59 -175.57
CA ASN H 139 4.26 40.89 -176.21
C ASN H 139 5.52 41.17 -177.02
N ALA H 140 6.68 40.76 -176.51
CA ALA H 140 7.91 40.94 -177.27
C ALA H 140 7.86 40.17 -178.59
N LEU H 141 7.41 38.92 -178.54
CA LEU H 141 7.33 38.15 -179.79
C LEU H 141 6.38 38.82 -180.77
N GLU H 142 5.21 39.25 -180.28
CA GLU H 142 4.23 39.80 -181.20
C GLU H 142 4.75 41.09 -181.82
N ILE H 143 5.43 41.93 -181.03
CA ILE H 143 5.92 43.18 -181.59
C ILE H 143 7.05 42.93 -182.58
N ASP H 144 7.87 41.91 -182.33
CA ASP H 144 8.88 41.56 -183.32
C ASP H 144 8.22 41.17 -184.65
N ARG H 145 7.21 40.30 -184.58
CA ARG H 145 6.53 39.88 -185.80
C ARG H 145 5.82 41.07 -186.47
N LEU H 146 5.27 41.98 -185.67
CA LEU H 146 4.63 43.16 -186.23
C LEU H 146 5.63 43.96 -187.05
N ARG H 147 6.82 44.19 -186.48
CA ARG H 147 7.82 44.95 -187.21
C ARG H 147 8.20 44.25 -188.50
N ASN H 148 8.35 42.93 -188.46
CA ASN H 148 8.74 42.19 -189.68
C ASN H 148 7.65 42.28 -190.75
N ALA H 149 6.39 42.12 -190.35
CA ALA H 149 5.30 42.22 -191.30
C ALA H 149 5.21 43.62 -191.90
N LEU H 150 5.39 44.64 -191.08
CA LEU H 150 5.38 46.00 -191.61
C LEU H 150 6.52 46.21 -192.60
N LEU H 151 7.69 45.63 -192.31
CA LEU H 151 8.80 45.75 -193.25
C LEU H 151 8.45 45.13 -194.58
N GLN H 152 7.89 43.91 -194.56
CA GLN H 152 7.50 43.28 -195.81
C GLN H 152 6.44 44.12 -196.52
N SER H 153 5.54 44.73 -195.75
CA SER H 153 4.52 45.58 -196.36
C SER H 153 5.15 46.75 -197.09
N ASP H 154 6.13 47.40 -196.48
CA ASP H 154 6.76 48.53 -197.16
C ASP H 154 7.58 48.08 -198.36
N LEU H 155 8.14 46.87 -198.30
CA LEU H 155 8.80 46.32 -199.49
C LEU H 155 7.81 46.17 -200.63
N LYS H 156 6.62 45.65 -200.32
CA LYS H 156 5.59 45.56 -201.35
C LYS H 156 5.13 46.93 -201.80
N VAL H 157 5.21 47.94 -200.92
CA VAL H 157 4.90 49.31 -201.32
C VAL H 157 5.88 49.77 -202.39
N SER H 158 7.16 49.54 -202.15
CA SER H 158 8.15 49.85 -203.18
C SER H 158 7.82 49.14 -204.48
N SER H 159 7.39 47.88 -204.38
CA SER H 159 7.05 47.12 -205.58
C SER H 159 5.87 47.75 -206.32
N LEU H 160 4.85 48.17 -205.59
CA LEU H 160 3.66 48.70 -206.25
C LEU H 160 3.95 50.04 -206.89
N ASP H 161 4.81 50.85 -206.26
CA ASP H 161 5.25 52.07 -206.93
C ASP H 161 6.07 51.76 -208.18
N ALA H 162 6.86 50.69 -208.14
CA ALA H 162 7.58 50.27 -209.33
C ALA H 162 6.61 49.95 -210.46
N SER H 163 5.60 49.12 -210.16
CA SER H 163 4.59 48.82 -211.18
C SER H 163 3.80 50.04 -211.59
N LEU H 164 3.69 51.04 -210.70
CA LEU H 164 3.00 52.28 -211.04
C LEU H 164 3.75 53.05 -212.12
N ARG H 165 5.05 53.25 -211.94
CA ARG H 165 5.80 53.83 -213.06
C ARG H 165 5.84 52.91 -214.28
N ASP H 166 5.81 51.59 -214.11
CA ASP H 166 5.69 50.71 -215.28
C ASP H 166 4.44 51.07 -216.09
N ALA H 167 3.30 51.10 -215.41
CA ALA H 167 2.03 51.38 -216.06
C ALA H 167 1.99 52.78 -216.65
N THR H 168 2.48 53.79 -215.91
CA THR H 168 2.47 55.14 -216.45
C THR H 168 3.35 55.24 -217.68
N ALA H 169 4.52 54.59 -217.66
CA ALA H 169 5.39 54.66 -218.82
C ALA H 169 4.72 54.08 -220.05
N ARG H 170 4.23 52.84 -219.97
CA ARG H 170 3.62 52.28 -221.17
C ARG H 170 2.33 53.00 -221.55
N ILE H 171 1.54 53.47 -220.58
CA ILE H 171 0.31 54.12 -220.97
C ILE H 171 0.62 55.41 -221.72
N GLU H 172 1.65 56.14 -221.29
CA GLU H 172 2.02 57.34 -222.04
C GLU H 172 2.58 56.97 -223.41
N HIS H 173 3.40 55.91 -223.48
CA HIS H 173 3.92 55.50 -224.77
C HIS H 173 2.79 55.13 -225.71
N LEU H 174 1.79 54.42 -225.20
CA LEU H 174 0.67 54.01 -226.03
C LEU H 174 -0.24 55.18 -226.38
N VAL H 175 -0.31 56.23 -225.54
CA VAL H 175 -1.12 57.36 -225.97
C VAL H 175 -0.42 58.09 -227.11
N GLN H 176 0.91 58.20 -227.07
CA GLN H 176 1.57 58.75 -228.26
C GLN H 176 1.32 57.86 -229.47
N ASP H 177 1.38 56.53 -229.29
CA ASP H 177 1.17 55.63 -230.42
C ASP H 177 -0.23 55.80 -231.02
N VAL H 178 -1.24 55.92 -230.17
CA VAL H 178 -2.59 56.04 -230.69
C VAL H 178 -2.75 57.41 -231.35
N GLU H 179 -2.05 58.43 -230.86
CA GLU H 179 -2.01 59.69 -231.59
C GLU H 179 -1.44 59.50 -232.99
N GLY H 180 -0.36 58.74 -233.10
CA GLY H 180 0.24 58.51 -234.39
C GLY H 180 -0.67 57.78 -235.35
N LEU H 181 -1.32 56.72 -234.88
CA LEU H 181 -2.21 55.96 -235.75
C LEU H 181 -3.44 56.78 -236.11
N ARG H 182 -3.89 57.64 -235.21
CA ARG H 182 -4.95 58.59 -235.55
C ARG H 182 -4.49 59.49 -236.69
N VAL H 183 -3.27 60.01 -236.61
CA VAL H 183 -2.73 60.83 -237.68
C VAL H 183 -2.66 60.03 -238.99
N GLN H 184 -2.25 58.77 -238.91
CA GLN H 184 -2.13 57.93 -240.10
C GLN H 184 -3.48 57.72 -240.77
N ALA H 185 -4.47 57.27 -240.00
CA ALA H 185 -5.79 57.07 -240.55
C ALA H 185 -6.35 58.36 -241.12
N GLN H 186 -6.15 59.47 -240.42
CA GLN H 186 -6.66 60.76 -240.89
C GLN H 186 -6.02 61.15 -242.22
N ASP H 187 -4.71 61.01 -242.34
CA ASP H 187 -4.03 61.40 -243.56
C ASP H 187 -4.52 60.56 -244.74
N ILE H 188 -4.62 59.25 -244.54
CA ILE H 188 -5.02 58.40 -245.67
C ILE H 188 -6.52 58.55 -245.97
N ASP H 189 -7.32 58.95 -244.97
CA ASP H 189 -8.72 59.21 -245.26
C ASP H 189 -8.91 60.52 -245.99
N ALA H 190 -8.17 61.56 -245.61
CA ALA H 190 -8.19 62.80 -246.40
C ALA H 190 -7.71 62.53 -247.81
N ARG H 191 -6.77 61.59 -247.96
CA ARG H 191 -6.38 61.13 -249.28
C ARG H 191 -7.56 60.50 -250.00
N ARG H 192 -8.34 59.69 -249.28
CA ARG H 192 -9.58 59.15 -249.85
C ARG H 192 -10.47 60.28 -250.35
N GLY H 193 -10.51 61.39 -249.63
CA GLY H 193 -11.27 62.56 -250.06
C GLY H 193 -10.80 63.14 -251.38
N VAL I 327 -16.68 46.47 -229.14
CA VAL I 327 -16.97 47.86 -229.40
C VAL I 327 -17.04 48.61 -228.06
N ALA I 328 -16.63 49.89 -228.07
CA ALA I 328 -16.45 50.66 -226.84
C ALA I 328 -17.55 50.36 -225.84
N LEU I 329 -18.81 50.38 -226.29
CA LEU I 329 -19.90 50.04 -225.38
C LEU I 329 -19.82 48.59 -224.95
N GLU I 330 -19.45 47.69 -225.87
CA GLU I 330 -19.38 46.28 -225.51
C GLU I 330 -18.38 46.05 -224.38
N ARG I 331 -17.18 46.62 -224.53
CA ARG I 331 -16.16 46.46 -223.49
C ARG I 331 -16.54 47.23 -222.23
N ALA I 332 -17.18 48.39 -222.38
CA ALA I 332 -17.60 49.11 -221.20
C ALA I 332 -18.55 48.27 -220.37
N LEU I 333 -19.59 47.74 -220.98
CA LEU I 333 -20.56 46.94 -220.25
C LEU I 333 -19.94 45.66 -219.73
N ASP I 334 -19.01 45.07 -220.48
CA ASP I 334 -18.33 43.87 -219.98
C ASP I 334 -17.56 44.16 -218.70
N ARG I 335 -16.81 45.26 -218.68
CA ARG I 335 -16.04 45.53 -217.48
C ARG I 335 -16.95 45.99 -216.36
N ILE I 336 -18.08 46.61 -216.71
CA ILE I 336 -19.09 46.90 -215.71
C ILE I 336 -19.58 45.62 -215.05
N ARG I 337 -19.99 44.63 -215.85
CA ARG I 337 -20.54 43.42 -215.26
C ARG I 337 -19.47 42.64 -214.49
N ALA I 338 -18.23 42.68 -214.96
CA ALA I 338 -17.15 42.06 -214.19
C ALA I 338 -17.04 42.68 -212.81
N LEU I 339 -16.92 44.01 -212.76
CA LEU I 339 -16.82 44.67 -211.48
C LEU I 339 -18.06 44.40 -210.63
N GLU I 340 -19.21 44.30 -211.28
CA GLU I 340 -20.44 44.05 -210.55
C GLU I 340 -20.40 42.72 -209.85
N GLU I 341 -20.03 41.66 -210.57
CA GLU I 341 -20.02 40.34 -209.95
C GLU I 341 -18.96 40.27 -208.85
N GLU I 342 -17.81 40.92 -209.06
CA GLU I 342 -16.77 40.93 -208.04
C GLU I 342 -17.26 41.64 -206.78
N ALA I 343 -17.89 42.79 -206.95
CA ALA I 343 -18.41 43.53 -205.79
C ALA I 343 -19.54 42.75 -205.12
N ASP I 344 -20.34 42.03 -205.90
CA ASP I 344 -21.33 41.15 -205.31
C ASP I 344 -20.68 40.20 -204.34
N GLY I 345 -19.70 39.43 -204.82
CA GLY I 345 -19.02 38.48 -203.97
C GLY I 345 -18.43 39.12 -202.73
N LEU I 346 -17.83 40.30 -202.89
CA LEU I 346 -17.33 41.01 -201.73
C LEU I 346 -18.46 41.36 -200.77
N ARG I 347 -19.65 41.64 -201.28
CA ARG I 347 -20.75 41.98 -200.39
C ARG I 347 -21.20 40.76 -199.60
N GLN I 348 -21.28 39.61 -200.30
CA GLN I 348 -21.71 38.33 -199.67
C GLN I 348 -20.56 37.80 -198.80
N ARG I 349 -19.33 38.25 -199.06
CA ARG I 349 -18.14 37.80 -198.28
C ARG I 349 -17.96 38.72 -197.07
N HIS I 350 -18.69 39.84 -197.05
CA HIS I 350 -18.61 40.82 -195.92
C HIS I 350 -19.87 40.71 -195.06
N ALA I 351 -20.98 40.26 -195.66
CA ALA I 351 -22.26 40.12 -194.92
C ALA I 351 -22.17 38.93 -193.96
N GLY I 352 -21.47 37.87 -194.38
CA GLY I 352 -21.30 36.68 -193.56
C GLY I 352 -20.14 36.78 -192.59
N VAL I 353 -18.99 37.26 -193.08
CA VAL I 353 -17.82 37.43 -192.22
C VAL I 353 -18.10 38.46 -191.15
N ASP I 354 -18.86 39.51 -191.47
CA ASP I 354 -19.20 40.49 -190.45
C ASP I 354 -20.05 39.86 -189.37
N THR I 355 -21.00 39.00 -189.75
CA THR I 355 -21.78 38.29 -188.73
C THR I 355 -20.89 37.40 -187.87
N ALA I 356 -19.91 36.72 -188.49
CA ALA I 356 -19.00 35.86 -187.74
C ALA I 356 -18.18 36.68 -186.75
N ARG I 357 -17.71 37.85 -187.16
CA ARG I 357 -16.92 38.65 -186.23
C ARG I 357 -17.80 39.29 -185.16
N ALA I 358 -19.07 39.56 -185.49
CA ALA I 358 -20.00 40.00 -184.46
C ALA I 358 -20.21 38.93 -183.39
N THR I 359 -20.34 37.67 -183.80
CA THR I 359 -20.48 36.63 -182.78
C THR I 359 -19.17 36.36 -182.07
N ALA I 360 -18.04 36.68 -182.69
CA ALA I 360 -16.79 36.71 -181.93
C ALA I 360 -16.84 37.77 -180.83
N ILE I 361 -17.37 38.95 -181.15
CA ILE I 361 -17.56 39.96 -180.11
C ILE I 361 -18.49 39.43 -179.01
N GLU I 362 -19.53 38.71 -179.40
CA GLU I 362 -20.47 38.21 -178.39
C GLU I 362 -19.86 37.10 -177.53
N ARG I 363 -19.02 36.23 -178.10
CA ARG I 363 -18.34 35.24 -177.27
C ARG I 363 -17.35 35.93 -176.34
N ALA I 364 -16.71 36.99 -176.80
CA ALA I 364 -15.89 37.79 -175.90
C ALA I 364 -16.74 38.35 -174.76
N ASP I 365 -17.98 38.73 -175.06
CA ASP I 365 -18.89 39.20 -174.02
C ASP I 365 -19.19 38.10 -173.00
N GLN I 366 -19.49 36.90 -173.48
CA GLN I 366 -19.75 35.78 -172.57
C GLN I 366 -18.53 35.51 -171.68
N LEU I 367 -17.34 35.54 -172.28
CA LEU I 367 -16.13 35.32 -171.51
C LEU I 367 -15.94 36.42 -170.48
N ALA I 368 -16.27 37.66 -170.83
CA ALA I 368 -16.15 38.75 -169.87
C ALA I 368 -17.08 38.52 -168.68
N LYS I 369 -18.29 38.02 -168.94
CA LYS I 369 -19.19 37.68 -167.83
C LYS I 369 -18.60 36.58 -166.96
N SER I 370 -18.03 35.56 -167.59
CA SER I 370 -17.38 34.50 -166.81
C SER I 370 -16.22 35.06 -166.00
N ALA I 371 -15.51 36.04 -166.55
CA ALA I 371 -14.41 36.65 -165.81
C ALA I 371 -14.91 37.46 -164.63
N VAL I 372 -16.06 38.11 -164.78
CA VAL I 372 -16.66 38.81 -163.65
C VAL I 372 -17.02 37.81 -162.56
N ALA I 373 -17.58 36.68 -162.94
CA ALA I 373 -17.88 35.64 -161.96
C ALA I 373 -16.60 35.17 -161.27
N GLN I 374 -15.53 35.00 -162.03
CA GLN I 374 -14.26 34.61 -161.44
C GLN I 374 -13.77 35.65 -160.46
N GLU I 375 -13.98 36.93 -160.79
CA GLU I 375 -13.66 38.00 -159.86
C GLU I 375 -14.40 37.85 -158.54
N LYS I 376 -15.72 37.64 -158.61
CA LYS I 376 -16.49 37.53 -157.38
C LYS I 376 -16.06 36.31 -156.56
N ALA I 377 -15.76 35.20 -157.24
CA ALA I 377 -15.25 34.03 -156.53
C ALA I 377 -13.94 34.36 -155.82
N LEU I 378 -13.06 35.09 -156.50
CA LEU I 378 -11.79 35.43 -155.88
C LEU I 378 -11.99 36.28 -154.63
N LYS I 379 -12.84 37.31 -154.71
CA LYS I 379 -13.06 38.09 -153.48
C LYS I 379 -13.67 37.25 -152.37
N ARG I 380 -14.65 36.40 -152.69
CA ARG I 380 -15.29 35.66 -151.60
C ARG I 380 -14.29 34.73 -150.93
N ALA I 381 -13.45 34.06 -151.72
CA ALA I 381 -12.46 33.18 -151.15
C ALA I 381 -11.46 33.95 -150.30
N GLU I 382 -11.01 35.10 -150.79
CA GLU I 382 -10.03 35.87 -150.04
C GLU I 382 -10.60 36.39 -148.73
N GLU I 383 -11.84 36.88 -148.74
CA GLU I 383 -12.43 37.38 -147.51
C GLU I 383 -12.68 36.25 -146.52
N ARG I 384 -13.15 35.10 -147.00
CA ARG I 384 -13.32 33.96 -146.12
C ARG I 384 -12.00 33.57 -145.49
N ALA I 385 -10.93 33.56 -146.29
CA ALA I 385 -9.60 33.24 -145.77
C ALA I 385 -9.19 34.25 -144.71
N GLN I 386 -9.52 35.52 -144.91
CA GLN I 386 -9.20 36.53 -143.90
C GLN I 386 -9.96 36.29 -142.60
N GLN I 387 -11.26 35.97 -142.67
CA GLN I 387 -11.96 35.72 -141.41
C GLN I 387 -11.42 34.49 -140.71
N LEU I 388 -11.11 33.45 -141.47
CA LEU I 388 -10.57 32.26 -140.84
C LEU I 388 -9.20 32.54 -140.23
N ARG I 389 -8.42 33.40 -140.89
CA ARG I 389 -7.17 33.86 -140.31
C ARG I 389 -7.39 34.58 -138.99
N ALA I 390 -8.35 35.49 -138.96
CA ALA I 390 -8.59 36.27 -137.75
C ALA I 390 -8.99 35.38 -136.59
N ARG I 391 -9.91 34.43 -136.82
CA ARG I 391 -10.34 33.59 -135.72
C ARG I 391 -9.24 32.61 -135.33
N LEU I 392 -8.39 32.22 -136.29
CA LEU I 392 -7.23 31.42 -135.95
C LEU I 392 -6.33 32.17 -134.99
N ASP I 393 -6.08 33.44 -135.26
CA ASP I 393 -5.22 34.22 -134.36
C ASP I 393 -5.88 34.39 -133.00
N ALA I 394 -7.19 34.62 -132.98
CA ALA I 394 -7.88 34.75 -131.70
C ALA I 394 -7.76 33.47 -130.88
N MET I 395 -7.94 32.32 -131.52
CA MET I 395 -7.82 31.06 -130.82
C MET I 395 -6.39 30.81 -130.37
N GLN I 396 -5.41 31.33 -131.11
CA GLN I 396 -4.04 31.23 -130.63
C GLN I 396 -3.87 32.06 -129.35
N GLU I 397 -4.46 33.25 -129.32
CA GLU I 397 -4.45 34.04 -128.11
C GLU I 397 -5.10 33.29 -126.96
N ALA I 398 -6.18 32.56 -127.25
CA ALA I 398 -6.84 31.74 -126.24
C ALA I 398 -5.89 30.67 -125.72
N GLN I 399 -5.10 30.07 -126.60
CA GLN I 399 -4.06 29.15 -126.17
C GLN I 399 -3.10 29.84 -125.20
N ASP I 400 -2.76 31.09 -125.49
CA ASP I 400 -1.89 31.83 -124.57
C ASP I 400 -2.54 31.97 -123.20
N GLN I 401 -3.82 32.31 -123.18
CA GLN I 401 -4.55 32.43 -121.92
C GLN I 401 -4.51 31.12 -121.15
N VAL I 402 -4.74 30.01 -121.84
CA VAL I 402 -4.74 28.72 -121.16
C VAL I 402 -3.36 28.41 -120.63
N ARG I 403 -2.31 28.80 -121.36
CA ARG I 403 -0.96 28.60 -120.85
C ARG I 403 -0.75 29.35 -119.54
N ARG I 404 -1.18 30.62 -119.49
CA ARG I 404 -1.03 31.37 -118.25
C ARG I 404 -1.84 30.75 -117.12
N ASP I 405 -3.05 30.30 -117.42
CA ASP I 405 -3.88 29.65 -116.40
C ASP I 405 -3.23 28.38 -115.88
N SER I 406 -2.60 27.61 -116.77
CA SER I 406 -1.89 26.42 -116.34
C SER I 406 -0.74 26.78 -115.42
N ALA I 407 -0.02 27.85 -115.73
CA ALA I 407 1.03 28.30 -114.83
C ALA I 407 0.48 28.66 -113.46
N THR I 408 -0.66 29.35 -113.44
CA THR I 408 -1.28 29.70 -112.16
C THR I 408 -1.67 28.46 -111.38
N HIS I 409 -2.25 27.47 -112.06
CA HIS I 409 -2.57 26.22 -111.37
C HIS I 409 -1.32 25.55 -110.82
N GLU I 410 -0.23 25.60 -111.57
CA GLU I 410 1.00 24.98 -111.06
C GLU I 410 1.47 25.66 -109.79
N ALA I 411 1.49 26.99 -109.81
CA ALA I 411 1.92 27.72 -108.62
C ALA I 411 1.03 27.43 -107.44
N LYS I 412 -0.29 27.45 -107.66
CA LYS I 412 -1.23 27.24 -106.56
C LYS I 412 -1.16 25.81 -106.03
N ILE I 413 -0.97 24.83 -106.91
CA ILE I 413 -0.88 23.46 -106.44
C ILE I 413 0.40 23.27 -105.64
N ALA I 414 1.50 23.90 -106.05
CA ALA I 414 2.70 23.82 -105.24
C ALA I 414 2.48 24.44 -103.87
N GLU I 415 1.85 25.61 -103.82
CA GLU I 415 1.63 26.27 -102.54
C GLU I 415 0.75 25.42 -101.63
N LEU I 416 -0.31 24.85 -102.20
CA LEU I 416 -1.21 24.04 -101.39
C LEU I 416 -0.50 22.77 -100.94
N GLN I 417 0.38 22.24 -101.77
CA GLN I 417 1.16 21.08 -101.37
C GLN I 417 2.01 21.40 -100.16
N ALA I 418 2.61 22.59 -100.18
CA ALA I 418 3.44 22.99 -99.05
C ALA I 418 2.61 23.15 -97.78
N THR I 419 1.40 23.66 -97.93
CA THR I 419 0.54 23.77 -96.75
C THR I 419 0.17 22.39 -96.23
N ILE I 420 -0.09 21.43 -97.10
CA ILE I 420 -0.27 20.06 -96.64
C ILE I 420 0.95 19.63 -95.84
N GLU I 421 2.13 19.88 -96.40
CA GLU I 421 3.38 19.53 -95.72
C GLU I 421 3.39 20.03 -94.29
N ARG I 422 3.22 21.34 -94.12
CA ARG I 422 3.39 21.89 -92.78
C ARG I 422 2.29 21.40 -91.86
N LEU I 423 1.03 21.55 -92.28
CA LEU I 423 -0.07 21.09 -91.44
C LEU I 423 0.13 19.66 -90.99
N THR I 424 0.67 18.81 -91.87
CA THR I 424 0.98 17.47 -91.44
C THR I 424 2.06 17.49 -90.37
N SER I 425 3.04 18.39 -90.49
CA SER I 425 4.13 18.38 -89.53
C SER I 425 3.66 18.77 -88.14
N GLU I 426 2.95 19.89 -88.04
CA GLU I 426 2.37 20.26 -86.74
C GLU I 426 1.37 19.24 -86.26
N ALA I 427 0.65 18.57 -87.15
CA ALA I 427 -0.20 17.48 -86.69
C ALA I 427 0.65 16.44 -85.99
N ALA I 428 1.79 16.09 -86.57
CA ALA I 428 2.65 15.07 -85.98
C ALA I 428 3.14 15.53 -84.61
N LEU I 429 3.66 16.76 -84.53
CA LEU I 429 4.20 17.24 -83.28
C LEU I 429 3.13 17.28 -82.20
N ALA I 430 1.94 17.76 -82.56
CA ALA I 430 0.87 17.86 -81.58
C ALA I 430 0.48 16.48 -81.11
N GLU I 431 0.20 15.57 -82.04
CA GLU I 431 -0.18 14.23 -81.63
C GLU I 431 0.89 13.59 -80.77
N GLY I 432 2.16 13.94 -81.02
CA GLY I 432 3.22 13.36 -80.21
C GLY I 432 3.24 13.90 -78.78
N ALA I 433 3.28 15.23 -78.64
CA ALA I 433 3.28 15.81 -77.31
C ALA I 433 2.04 15.40 -76.55
N LEU I 434 0.98 15.09 -77.27
CA LEU I 434 -0.25 14.76 -76.60
C LEU I 434 -0.37 13.27 -76.30
N GLU I 435 0.32 12.43 -77.06
CA GLU I 435 0.54 11.06 -76.60
C GLU I 435 1.37 11.06 -75.33
N ALA I 436 2.38 11.94 -75.28
CA ALA I 436 3.16 12.07 -74.06
C ALA I 436 2.28 12.53 -72.90
N ALA I 437 1.37 13.46 -73.17
CA ALA I 437 0.41 13.86 -72.16
C ALA I 437 -0.45 12.69 -71.74
N ARG I 438 -0.89 11.87 -72.70
CA ARG I 438 -1.68 10.69 -72.34
C ARG I 438 -0.89 9.80 -71.40
N ARG I 439 0.36 9.52 -71.74
CA ARG I 439 1.16 8.60 -70.93
C ARG I 439 1.36 9.14 -69.53
N ASP I 440 1.84 10.38 -69.44
CA ASP I 440 2.14 10.95 -68.13
C ASP I 440 0.89 11.03 -67.27
N ARG I 441 -0.23 11.43 -67.87
CA ARG I 441 -1.40 11.69 -67.06
C ARG I 441 -2.20 10.42 -66.78
N SER I 442 -2.09 9.42 -67.66
CA SER I 442 -2.62 8.11 -67.32
C SER I 442 -1.87 7.50 -66.15
N ARG I 443 -0.56 7.71 -66.09
CA ARG I 443 0.17 7.33 -64.88
C ARG I 443 -0.33 8.12 -63.67
N LEU I 444 -0.37 9.45 -63.81
CA LEU I 444 -0.64 10.35 -62.70
C LEU I 444 -2.08 10.28 -62.20
N GLN I 445 -2.97 9.60 -62.89
CA GLN I 445 -4.24 9.23 -62.29
C GLN I 445 -4.38 7.73 -62.07
N MET I 446 -3.54 6.91 -62.69
CA MET I 446 -3.63 5.46 -62.56
C MET I 446 -2.24 4.90 -62.28
N VAL J 327 -23.37 58.73 -225.26
CA VAL J 327 -24.79 58.58 -225.02
C VAL J 327 -25.03 57.43 -224.03
N ALA J 328 -25.34 56.25 -224.56
CA ALA J 328 -25.42 55.06 -223.71
C ALA J 328 -24.08 54.81 -223.04
N LEU J 329 -22.98 55.16 -223.70
CA LEU J 329 -21.68 55.11 -223.07
C LEU J 329 -21.60 56.09 -221.90
N GLU J 330 -22.23 57.27 -222.02
CA GLU J 330 -22.26 58.19 -220.88
C GLU J 330 -23.04 57.60 -219.71
N ARG J 331 -24.18 56.96 -220.00
CA ARG J 331 -24.93 56.31 -218.94
C ARG J 331 -24.09 55.20 -218.28
N ALA J 332 -23.36 54.45 -219.10
CA ALA J 332 -22.44 53.47 -218.56
C ALA J 332 -21.38 54.12 -217.68
N LEU J 333 -20.91 55.30 -218.08
CA LEU J 333 -19.90 56.00 -217.30
C LEU J 333 -20.46 56.43 -215.95
N ASP J 334 -21.70 56.90 -215.92
CA ASP J 334 -22.34 57.22 -214.65
C ASP J 334 -22.48 55.97 -213.78
N ARG J 335 -22.87 54.86 -214.39
CA ARG J 335 -22.94 53.62 -213.64
C ARG J 335 -21.59 53.23 -213.10
N ILE J 336 -20.54 53.46 -213.88
CA ILE J 336 -19.20 53.10 -213.45
C ILE J 336 -18.77 53.97 -212.29
N ARG J 337 -19.16 55.25 -212.32
CA ARG J 337 -18.90 56.13 -211.18
C ARG J 337 -19.60 55.60 -209.93
N ALA J 338 -20.84 55.15 -210.09
CA ALA J 338 -21.55 54.56 -208.95
C ALA J 338 -20.84 53.32 -208.42
N LEU J 339 -20.36 52.47 -209.33
CA LEU J 339 -19.66 51.26 -208.91
C LEU J 339 -18.37 51.61 -208.18
N GLU J 340 -17.65 52.61 -208.66
CA GLU J 340 -16.40 52.97 -208.00
C GLU J 340 -16.64 53.60 -206.64
N GLU J 341 -17.72 54.38 -206.50
CA GLU J 341 -18.08 54.90 -205.19
C GLU J 341 -18.43 53.78 -204.22
N GLU J 342 -19.21 52.79 -204.68
CA GLU J 342 -19.50 51.62 -203.84
C GLU J 342 -18.22 50.89 -203.48
N ALA J 343 -17.29 50.78 -204.43
CA ALA J 343 -16.02 50.09 -204.16
C ALA J 343 -15.23 50.81 -203.08
N ASP J 344 -15.17 52.14 -203.14
CA ASP J 344 -14.47 52.89 -202.10
C ASP J 344 -15.13 52.71 -200.74
N GLY J 345 -16.46 52.84 -200.69
CA GLY J 345 -17.16 52.64 -199.43
C GLY J 345 -16.98 51.23 -198.89
N LEU J 346 -16.83 50.26 -199.79
CA LEU J 346 -16.72 48.89 -199.33
C LEU J 346 -15.29 48.54 -198.96
N ARG J 347 -14.30 49.26 -199.49
CA ARG J 347 -12.96 49.14 -198.91
C ARG J 347 -12.91 49.78 -197.53
N GLN J 348 -13.67 50.85 -197.31
CA GLN J 348 -13.84 51.36 -195.96
C GLN J 348 -14.47 50.30 -195.05
N ARG J 349 -15.51 49.62 -195.55
CA ARG J 349 -16.11 48.53 -194.78
C ARG J 349 -15.11 47.42 -194.53
N HIS J 350 -14.27 47.12 -195.52
CA HIS J 350 -13.22 46.12 -195.33
C HIS J 350 -12.32 46.50 -194.18
N ALA J 351 -11.90 47.77 -194.14
CA ALA J 351 -11.06 48.23 -193.04
C ALA J 351 -11.77 48.09 -191.70
N GLY J 352 -13.05 48.48 -191.66
CA GLY J 352 -13.79 48.40 -190.41
C GLY J 352 -13.90 46.97 -189.89
N VAL J 353 -14.25 46.05 -190.79
CA VAL J 353 -14.40 44.65 -190.40
C VAL J 353 -13.05 44.05 -190.01
N ASP J 354 -11.97 44.47 -190.70
CA ASP J 354 -10.65 44.02 -190.30
C ASP J 354 -10.30 44.47 -188.89
N THR J 355 -10.62 45.72 -188.57
CA THR J 355 -10.42 46.20 -187.21
C THR J 355 -11.25 45.39 -186.22
N ALA J 356 -12.49 45.08 -186.59
CA ALA J 356 -13.34 44.27 -185.72
C ALA J 356 -12.68 42.94 -185.39
N ARG J 357 -12.24 42.20 -186.43
CA ARG J 357 -11.61 40.92 -186.16
C ARG J 357 -10.31 41.07 -185.39
N ALA J 358 -9.51 42.09 -185.71
CA ALA J 358 -8.24 42.26 -185.02
C ALA J 358 -8.45 42.49 -183.54
N THR J 359 -9.29 43.45 -183.18
CA THR J 359 -9.54 43.70 -181.77
C THR J 359 -10.21 42.50 -181.13
N ALA J 360 -11.02 41.76 -181.89
CA ALA J 360 -11.68 40.59 -181.33
C ALA J 360 -10.67 39.54 -180.91
N ILE J 361 -9.75 39.21 -181.80
CA ILE J 361 -8.78 38.16 -181.47
C ILE J 361 -7.81 38.65 -180.41
N GLU J 362 -7.48 39.95 -180.42
CA GLU J 362 -6.59 40.47 -179.40
C GLU J 362 -7.22 40.42 -178.02
N ARG J 363 -8.48 40.84 -177.91
CA ARG J 363 -9.21 40.68 -176.66
C ARG J 363 -9.31 39.20 -176.28
N ALA J 364 -9.50 38.33 -177.26
CA ALA J 364 -9.59 36.91 -176.97
C ALA J 364 -8.33 36.41 -176.30
N ASP J 365 -7.18 36.72 -176.88
CA ASP J 365 -5.91 36.28 -176.28
C ASP J 365 -5.70 36.91 -174.91
N GLN J 366 -5.94 38.22 -174.79
CA GLN J 366 -5.71 38.91 -173.54
C GLN J 366 -6.57 38.34 -172.42
N LEU J 367 -7.86 38.15 -172.70
CA LEU J 367 -8.73 37.59 -171.68
C LEU J 367 -8.42 36.13 -171.43
N ALA J 368 -7.89 35.41 -172.42
CA ALA J 368 -7.45 34.06 -172.13
C ALA J 368 -6.35 34.09 -171.08
N LYS J 369 -5.38 34.99 -171.26
CA LYS J 369 -4.30 35.09 -170.27
C LYS J 369 -4.84 35.52 -168.91
N SER J 370 -5.71 36.52 -168.90
CA SER J 370 -6.25 36.99 -167.63
C SER J 370 -7.05 35.91 -166.93
N ALA J 371 -7.85 35.15 -167.69
CA ALA J 371 -8.65 34.10 -167.11
C ALA J 371 -7.77 33.00 -166.54
N VAL J 372 -6.72 32.62 -167.26
CA VAL J 372 -5.89 31.54 -166.74
C VAL J 372 -5.13 32.00 -165.51
N ALA J 373 -4.64 33.25 -165.52
CA ALA J 373 -3.92 33.76 -164.36
C ALA J 373 -4.83 33.85 -163.15
N GLN J 374 -6.05 34.33 -163.33
CA GLN J 374 -6.93 34.45 -162.18
C GLN J 374 -7.43 33.09 -161.73
N GLU J 375 -7.56 32.13 -162.65
CA GLU J 375 -7.91 30.78 -162.24
C GLU J 375 -6.83 30.18 -161.37
N LYS J 376 -5.56 30.36 -161.76
CA LYS J 376 -4.50 29.82 -160.92
C LYS J 376 -4.35 30.59 -159.62
N ALA J 377 -4.69 31.88 -159.61
CA ALA J 377 -4.72 32.63 -158.36
C ALA J 377 -5.81 32.10 -157.43
N LEU J 378 -6.98 31.77 -157.99
CA LEU J 378 -8.02 31.14 -157.19
C LEU J 378 -7.56 29.79 -156.68
N LYS J 379 -6.81 29.05 -157.50
CA LYS J 379 -6.19 27.83 -157.00
C LYS J 379 -5.26 28.13 -155.83
N ARG J 380 -4.54 29.24 -155.90
CA ARG J 380 -3.65 29.64 -154.81
C ARG J 380 -4.45 29.89 -153.53
N ALA J 381 -5.55 30.61 -153.66
CA ALA J 381 -6.50 30.74 -152.56
C ALA J 381 -6.91 29.37 -152.05
N GLU J 382 -7.13 28.44 -152.96
CA GLU J 382 -7.64 27.13 -152.56
C GLU J 382 -6.63 26.39 -151.68
N GLU J 383 -5.37 26.31 -152.10
CA GLU J 383 -4.51 25.47 -151.27
C GLU J 383 -4.06 26.22 -150.02
N ARG J 384 -3.96 27.56 -150.07
CA ARG J 384 -3.68 28.24 -148.81
C ARG J 384 -4.82 27.97 -147.84
N ALA J 385 -6.05 27.93 -148.35
CA ALA J 385 -7.20 27.68 -147.50
C ALA J 385 -7.13 26.29 -146.88
N GLN J 386 -6.82 25.28 -147.69
CA GLN J 386 -6.79 23.93 -147.13
C GLN J 386 -5.67 23.79 -146.11
N GLN J 387 -4.48 24.32 -146.40
CA GLN J 387 -3.40 24.20 -145.43
C GLN J 387 -3.69 24.99 -144.17
N LEU J 388 -4.38 26.12 -144.31
CA LEU J 388 -4.70 26.92 -143.14
C LEU J 388 -5.72 26.20 -142.29
N ARG J 389 -6.67 25.51 -142.92
CA ARG J 389 -7.57 24.66 -142.16
C ARG J 389 -6.79 23.57 -141.44
N ALA J 390 -5.76 23.03 -142.09
CA ALA J 390 -4.94 22.01 -141.43
C ALA J 390 -4.30 22.56 -140.17
N ARG J 391 -3.67 23.74 -140.28
CA ARG J 391 -3.03 24.34 -139.11
C ARG J 391 -4.06 24.66 -138.04
N LEU J 392 -5.22 25.18 -138.44
CA LEU J 392 -6.25 25.53 -137.48
C LEU J 392 -6.76 24.30 -136.74
N ASP J 393 -6.95 23.19 -137.46
CA ASP J 393 -7.42 21.97 -136.82
C ASP J 393 -6.37 21.43 -135.86
N ALA J 394 -5.10 21.50 -136.26
CA ALA J 394 -4.04 21.10 -135.34
C ALA J 394 -4.06 21.96 -134.09
N MET J 395 -4.21 23.27 -134.26
CA MET J 395 -4.18 24.15 -133.10
C MET J 395 -5.41 23.98 -132.23
N GLN J 396 -6.55 23.61 -132.79
CA GLN J 396 -7.70 23.36 -131.93
C GLN J 396 -7.59 22.02 -131.22
N GLU J 397 -6.99 21.00 -131.82
CA GLU J 397 -6.82 19.77 -131.04
C GLU J 397 -5.76 19.97 -129.98
N ALA J 398 -4.76 20.81 -130.25
CA ALA J 398 -3.81 21.19 -129.20
C ALA J 398 -4.51 21.95 -128.08
N GLN J 399 -5.41 22.86 -128.45
CA GLN J 399 -6.31 23.46 -127.47
C GLN J 399 -6.99 22.38 -126.65
N ASP J 400 -7.45 21.32 -127.31
CA ASP J 400 -8.21 20.28 -126.61
C ASP J 400 -7.32 19.52 -125.62
N GLN J 401 -6.10 19.18 -126.03
CA GLN J 401 -5.21 18.45 -125.13
C GLN J 401 -4.80 19.31 -123.95
N VAL J 402 -4.50 20.59 -124.19
CA VAL J 402 -4.19 21.45 -123.06
C VAL J 402 -5.44 21.64 -122.20
N ARG J 403 -6.62 21.61 -122.81
CA ARG J 403 -7.86 21.65 -122.03
C ARG J 403 -7.92 20.48 -121.06
N ARG J 404 -7.72 19.26 -121.56
CA ARG J 404 -7.85 18.10 -120.68
C ARG J 404 -6.74 18.10 -119.63
N ASP J 405 -5.56 18.58 -119.98
CA ASP J 405 -4.51 18.71 -118.98
C ASP J 405 -4.93 19.69 -117.87
N SER J 406 -5.51 20.82 -118.26
CA SER J 406 -5.98 21.77 -117.26
C SER J 406 -7.07 21.14 -116.40
N ALA J 407 -7.91 20.32 -117.01
CA ALA J 407 -8.93 19.62 -116.24
C ALA J 407 -8.29 18.71 -115.21
N THR J 408 -7.24 17.99 -115.60
CA THR J 408 -6.56 17.13 -114.65
C THR J 408 -5.98 17.92 -113.50
N HIS J 409 -5.35 19.07 -113.80
CA HIS J 409 -4.80 19.87 -112.72
C HIS J 409 -5.89 20.43 -111.83
N GLU J 410 -7.04 20.78 -112.40
CA GLU J 410 -8.16 21.20 -111.57
C GLU J 410 -8.61 20.07 -110.65
N ALA J 411 -8.64 18.85 -111.17
CA ALA J 411 -8.98 17.70 -110.34
C ALA J 411 -7.97 17.55 -109.21
N LYS J 412 -6.69 17.72 -109.52
CA LYS J 412 -5.67 17.59 -108.49
C LYS J 412 -5.82 18.65 -107.40
N ILE J 413 -6.10 19.88 -107.79
CA ILE J 413 -6.25 20.93 -106.77
C ILE J 413 -7.50 20.67 -105.95
N ALA J 414 -8.57 20.16 -106.56
CA ALA J 414 -9.76 19.85 -105.79
C ALA J 414 -9.49 18.73 -104.79
N GLU J 415 -8.83 17.68 -105.25
CA GLU J 415 -8.51 16.57 -104.36
C GLU J 415 -7.66 17.05 -103.18
N LEU J 416 -6.56 17.72 -103.49
CA LEU J 416 -5.68 18.17 -102.42
C LEU J 416 -6.38 19.15 -101.50
N GLN J 417 -7.32 19.94 -102.03
CA GLN J 417 -7.96 20.88 -101.14
C GLN J 417 -8.89 20.16 -100.18
N ALA J 418 -9.63 19.16 -100.67
CA ALA J 418 -10.47 18.35 -99.79
C ALA J 418 -9.62 17.75 -98.68
N THR J 419 -8.43 17.28 -99.03
CA THR J 419 -7.55 16.76 -98.00
C THR J 419 -7.17 17.84 -97.01
N ILE J 420 -7.01 19.07 -97.49
CA ILE J 420 -6.73 20.16 -96.56
C ILE J 420 -7.85 20.31 -95.55
N GLU J 421 -9.11 20.30 -96.00
CA GLU J 421 -10.16 20.42 -94.98
C GLU J 421 -10.15 19.24 -94.03
N ARG J 422 -9.87 18.05 -94.53
CA ARG J 422 -9.86 16.90 -93.63
C ARG J 422 -8.81 17.08 -92.55
N LEU J 423 -7.60 17.45 -92.94
CA LEU J 423 -6.55 17.69 -91.96
C LEU J 423 -6.95 18.78 -90.99
N THR J 424 -7.53 19.86 -91.49
CA THR J 424 -7.90 20.93 -90.59
C THR J 424 -8.87 20.45 -89.52
N SER J 425 -9.92 19.73 -89.93
CA SER J 425 -10.92 19.29 -88.97
C SER J 425 -10.32 18.30 -87.97
N GLU J 426 -9.55 17.34 -88.47
CA GLU J 426 -8.96 16.36 -87.55
C GLU J 426 -8.01 17.03 -86.57
N ALA J 427 -7.19 17.96 -87.04
CA ALA J 427 -6.27 18.64 -86.15
C ALA J 427 -7.01 19.47 -85.12
N ALA J 428 -8.13 20.07 -85.52
CA ALA J 428 -8.93 20.81 -84.56
C ALA J 428 -9.47 19.87 -83.47
N LEU J 429 -9.96 18.72 -83.87
CA LEU J 429 -10.48 17.78 -82.87
C LEU J 429 -9.40 17.36 -81.90
N ALA J 430 -8.21 17.06 -82.42
CA ALA J 430 -7.10 16.69 -81.54
C ALA J 430 -6.78 17.83 -80.58
N GLU J 431 -6.67 19.05 -81.10
CA GLU J 431 -6.34 20.19 -80.27
C GLU J 431 -7.37 20.37 -79.17
N GLY J 432 -8.64 20.21 -79.49
CA GLY J 432 -9.67 20.37 -78.50
C GLY J 432 -9.61 19.33 -77.40
N ALA J 433 -9.63 18.05 -77.80
CA ALA J 433 -9.59 16.99 -76.81
C ALA J 433 -8.38 17.14 -75.91
N LEU J 434 -7.28 17.62 -76.45
CA LEU J 434 -6.05 17.52 -75.71
C LEU J 434 -5.76 18.79 -74.93
N GLU J 435 -6.32 19.91 -75.36
CA GLU J 435 -6.40 21.05 -74.45
C GLU J 435 -7.30 20.72 -73.27
N ALA J 436 -8.38 19.98 -73.52
CA ALA J 436 -9.20 19.52 -72.40
C ALA J 436 -8.42 18.59 -71.49
N ALA J 437 -7.61 17.71 -72.07
CA ALA J 437 -6.76 16.84 -71.25
C ALA J 437 -5.80 17.66 -70.41
N ARG J 438 -5.12 18.64 -71.01
CA ARG J 438 -4.29 19.54 -70.22
C ARG J 438 -5.08 20.13 -69.07
N ARG J 439 -6.18 20.81 -69.38
CA ARG J 439 -6.99 21.46 -68.35
C ARG J 439 -7.28 20.49 -67.20
N ASP J 440 -7.99 19.40 -67.53
CA ASP J 440 -8.48 18.46 -66.53
C ASP J 440 -7.36 17.87 -65.71
N ARG J 441 -6.44 17.15 -66.35
CA ARG J 441 -5.50 16.41 -65.53
C ARG J 441 -4.35 17.27 -65.02
N SER J 442 -4.03 18.39 -65.65
CA SER J 442 -3.12 19.35 -65.02
C SER J 442 -3.74 19.93 -63.75
N ARG J 443 -5.07 20.10 -63.72
CA ARG J 443 -5.70 20.47 -62.45
C ARG J 443 -5.67 19.35 -61.44
N LEU J 444 -5.90 18.11 -61.87
CA LEU J 444 -5.85 16.98 -60.95
C LEU J 444 -4.43 16.67 -60.47
N GLN J 445 -3.41 17.22 -61.11
CA GLN J 445 -2.04 17.01 -60.66
C GLN J 445 -1.40 18.20 -59.96
N MET J 446 -1.47 19.41 -60.54
CA MET J 446 -0.86 20.58 -59.93
C MET J 446 -1.84 21.76 -59.89
N GLU K 1 -16.10 1.73 -101.18
CA GLU K 1 -15.07 2.35 -100.34
C GLU K 1 -13.75 1.59 -100.45
N VAL K 2 -12.65 2.31 -100.29
CA VAL K 2 -11.33 1.70 -100.39
C VAL K 2 -11.14 0.73 -99.22
N GLN K 3 -10.85 -0.52 -99.53
CA GLN K 3 -10.51 -1.51 -98.53
C GLN K 3 -9.00 -1.50 -98.32
N LEU K 4 -8.57 -2.00 -97.16
CA LEU K 4 -7.17 -1.91 -96.76
C LEU K 4 -6.78 -3.23 -96.11
N GLN K 5 -5.81 -3.92 -96.69
CA GLN K 5 -5.24 -5.11 -96.09
C GLN K 5 -3.82 -4.79 -95.65
N GLU K 6 -3.39 -5.41 -94.57
CA GLU K 6 -2.13 -5.04 -93.95
C GLU K 6 -1.23 -6.27 -93.93
N SER K 7 -0.17 -6.21 -93.14
CA SER K 7 0.86 -7.24 -93.14
C SER K 7 1.43 -7.34 -91.73
N GLY K 8 2.61 -7.91 -91.61
CA GLY K 8 3.37 -7.84 -90.38
C GLY K 8 3.03 -8.94 -89.39
N GLY K 9 3.88 -9.10 -88.39
CA GLY K 9 3.68 -10.08 -87.35
C GLY K 9 4.97 -10.78 -87.01
N GLY K 10 4.96 -11.46 -85.87
CA GLY K 10 6.09 -12.26 -85.43
C GLY K 10 6.46 -12.00 -83.99
N LEU K 11 7.58 -12.62 -83.59
CA LEU K 11 8.10 -12.51 -82.23
C LEU K 11 9.54 -13.02 -82.24
N VAL K 12 10.49 -12.14 -81.94
CA VAL K 12 11.90 -12.49 -81.86
C VAL K 12 12.47 -11.84 -80.61
N TYR K 13 13.63 -12.31 -80.17
CA TYR K 13 14.32 -11.69 -79.03
C TYR K 13 14.63 -10.22 -79.31
N ASP K 789 14.53 -5.89 -83.23
CA ASP K 789 15.36 -4.83 -83.74
C ASP K 789 14.92 -4.36 -85.13
N SER K 790 14.08 -5.15 -85.80
CA SER K 790 13.63 -4.82 -87.14
C SER K 790 12.45 -5.69 -87.52
N LEU K 791 11.44 -5.07 -88.14
CA LEU K 791 10.34 -5.81 -88.74
C LEU K 791 9.57 -4.87 -89.64
N ARG K 792 8.66 -5.42 -90.44
CA ARG K 792 8.13 -4.75 -91.61
C ARG K 792 6.61 -4.78 -91.59
N LEU K 793 5.99 -3.71 -92.08
CA LEU K 793 4.54 -3.54 -92.04
C LEU K 793 4.10 -2.61 -93.15
N SER K 794 3.28 -3.13 -94.06
CA SER K 794 2.82 -2.38 -95.22
C SER K 794 1.38 -2.79 -95.51
N CYS K 795 0.51 -1.81 -95.68
CA CYS K 795 -0.88 -2.10 -96.02
C CYS K 795 -1.19 -1.62 -97.43
N ALA K 796 -1.92 -2.46 -98.18
CA ALA K 796 -2.25 -2.19 -99.57
C ALA K 796 -3.71 -1.78 -99.68
N SER K 797 -3.97 -0.72 -100.42
CA SER K 797 -5.33 -0.28 -100.62
C SER K 797 -6.00 -1.12 -101.71
N SER K 798 -7.33 -1.11 -101.69
CA SER K 798 -8.10 -1.99 -102.55
C SER K 798 -8.35 -1.34 -103.89
N ARG K 799 -8.38 -0.02 -103.93
CA ARG K 799 -8.65 0.70 -105.15
C ARG K 799 -7.98 2.06 -105.06
N SER K 800 -8.10 2.83 -106.14
CA SER K 800 -7.47 4.13 -106.24
C SER K 800 -5.99 4.03 -105.90
N ILE K 801 -5.32 3.06 -106.52
CA ILE K 801 -3.88 2.92 -106.35
C ILE K 801 -3.23 4.25 -106.67
N ASP K 802 -2.35 4.71 -105.78
CA ASP K 802 -1.75 6.04 -105.85
C ASP K 802 -2.81 7.13 -105.79
N GLY K 803 -3.98 6.77 -105.26
CA GLY K 803 -5.11 7.73 -105.14
C GLY K 803 -5.37 8.12 -103.69
N ILE K 804 -4.32 8.57 -102.99
CA ILE K 804 -4.46 8.99 -101.56
C ILE K 804 -3.38 10.02 -101.24
N ASN K 805 -3.78 11.22 -100.81
CA ASN K 805 -2.82 12.31 -100.46
C ASN K 805 -2.12 11.92 -99.15
N ILE K 806 -2.78 12.15 -98.01
CA ILE K 806 -2.22 11.81 -96.72
C ILE K 806 -2.55 10.37 -96.36
N MET K 807 -1.51 9.61 -96.07
CA MET K 807 -1.62 8.29 -95.48
C MET K 807 -0.80 8.29 -94.20
N ARG K 808 -1.30 7.57 -93.20
CA ARG K 808 -0.60 7.52 -91.94
C ARG K 808 -1.05 6.31 -91.14
N TRP K 809 -0.10 5.67 -90.49
CA TRP K 809 -0.42 4.62 -89.55
C TRP K 809 -0.63 5.20 -88.16
N TYR K 810 -1.54 4.59 -87.41
CA TYR K 810 -1.70 4.93 -86.01
C TYR K 810 -1.29 3.75 -85.16
N ARG K 811 -0.74 4.03 -83.98
CA ARG K 811 -0.53 3.00 -82.97
C ARG K 811 -1.79 2.86 -82.14
N GLN K 812 -2.16 1.61 -81.85
CA GLN K 812 -3.31 1.35 -80.98
C GLN K 812 -2.85 0.42 -79.88
N ALA K 813 -2.42 0.98 -78.79
CA ALA K 813 -2.03 0.19 -77.64
C ALA K 813 -3.26 -0.30 -76.89
N PRO K 814 -3.15 -1.39 -76.13
CA PRO K 814 -4.34 -1.94 -75.46
C PRO K 814 -4.96 -0.93 -74.51
N GLY K 815 -6.28 -1.01 -74.39
CA GLY K 815 -7.01 -0.25 -73.40
C GLY K 815 -7.00 1.24 -73.68
N LYS K 816 -5.80 1.80 -73.74
CA LYS K 816 -5.65 3.22 -74.02
C LYS K 816 -6.00 3.52 -75.46
N GLN K 817 -6.24 4.78 -75.75
CA GLN K 817 -6.76 5.16 -77.05
C GLN K 817 -5.68 5.10 -78.12
N ARG K 818 -6.04 5.60 -79.31
CA ARG K 818 -5.26 5.40 -80.52
C ARG K 818 -4.54 6.67 -80.91
N GLY K 819 -3.38 6.51 -81.55
CA GLY K 819 -2.57 7.66 -81.94
C GLY K 819 -1.66 7.36 -83.10
N MET K 820 -1.40 8.38 -83.89
CA MET K 820 -0.63 8.29 -85.12
C MET K 820 0.84 8.05 -84.80
N VAL K 821 1.55 7.45 -85.77
CA VAL K 821 2.95 7.10 -85.61
C VAL K 821 3.82 7.77 -86.67
N ALA K 822 3.35 7.78 -87.92
CA ALA K 822 4.14 8.33 -89.01
C ALA K 822 3.21 8.68 -90.16
N VAL K 823 3.64 9.61 -91.02
CA VAL K 823 2.85 10.09 -92.11
C VAL K 823 3.65 10.03 -93.41
N VAL K 824 2.94 9.92 -94.51
CA VAL K 824 3.48 10.15 -95.84
C VAL K 824 2.52 11.07 -96.59
N THR K 825 3.05 12.13 -97.18
CA THR K 825 2.23 12.98 -98.01
C THR K 825 1.93 12.25 -99.31
N GLY K 826 1.28 12.94 -100.24
CA GLY K 826 0.97 12.29 -101.49
C GLY K 826 2.18 12.10 -102.36
N TRP K 827 3.31 12.63 -101.95
CA TRP K 827 4.45 12.81 -102.86
C TRP K 827 5.81 12.53 -102.26
N GLY K 828 5.92 12.23 -100.97
CA GLY K 828 7.17 11.68 -100.49
C GLY K 828 7.69 12.16 -99.15
N SER K 829 7.37 13.38 -98.76
CA SER K 829 7.84 13.89 -97.48
C SER K 829 7.17 13.13 -96.34
N THR K 830 7.88 13.03 -95.22
CA THR K 830 7.46 12.14 -94.13
C THR K 830 7.78 12.78 -92.79
N ASN K 831 6.79 13.43 -92.18
CA ASN K 831 6.89 13.77 -90.77
C ASN K 831 6.59 12.54 -89.92
N TYR K 832 7.06 12.55 -88.69
CA TYR K 832 6.84 11.45 -87.78
C TYR K 832 6.44 11.96 -86.41
N VAL K 833 6.09 11.02 -85.54
CA VAL K 833 5.84 11.33 -84.14
C VAL K 833 7.17 11.35 -83.40
N ASP K 834 7.31 12.32 -82.49
CA ASP K 834 8.55 12.45 -81.73
C ASP K 834 8.93 11.17 -81.03
N SER K 835 7.94 10.36 -80.64
CA SER K 835 8.24 9.12 -79.93
C SER K 835 9.04 8.16 -80.77
N VAL K 836 9.01 8.30 -82.10
CA VAL K 836 9.66 7.30 -82.94
C VAL K 836 10.53 7.93 -84.03
N LYS K 837 10.93 9.19 -83.86
CA LYS K 837 11.80 9.76 -84.88
C LYS K 837 13.04 8.90 -85.07
N GLY K 838 13.44 8.76 -86.33
CA GLY K 838 14.58 7.94 -86.69
C GLY K 838 14.40 6.47 -86.45
N ARG K 839 13.41 6.07 -85.66
CA ARG K 839 13.19 4.67 -85.35
C ARG K 839 12.40 3.95 -86.43
N PHE K 840 11.65 4.69 -87.22
CA PHE K 840 10.83 4.15 -88.30
C PHE K 840 11.20 4.82 -89.60
N ILE K 841 11.00 4.10 -90.69
CA ILE K 841 11.01 4.67 -92.03
C ILE K 841 9.63 4.42 -92.61
N ILE K 842 8.99 5.47 -93.08
CA ILE K 842 7.71 5.37 -93.77
C ILE K 842 7.91 5.84 -95.20
N SER K 843 7.48 5.04 -96.16
CA SER K 843 7.78 5.30 -97.56
C SER K 843 6.76 4.59 -98.44
N ARG K 844 6.31 5.26 -99.49
CA ARG K 844 5.29 4.71 -100.36
C ARG K 844 5.87 3.61 -101.23
N ASP K 845 4.97 2.81 -101.79
CA ASP K 845 5.29 1.87 -102.86
C ASP K 845 4.05 1.77 -103.75
N SER K 846 4.04 2.52 -104.85
CA SER K 846 2.91 2.48 -105.76
C SER K 846 2.78 1.13 -106.44
N ALA K 847 3.80 0.28 -106.33
CA ALA K 847 3.73 -1.04 -106.94
C ALA K 847 2.58 -1.84 -106.35
N LYS K 848 2.42 -1.82 -105.03
CA LYS K 848 1.29 -2.47 -104.39
C LYS K 848 0.45 -1.48 -103.57
N ASP K 849 0.65 -0.18 -103.78
CA ASP K 849 0.04 0.85 -102.94
C ASP K 849 0.30 0.57 -101.46
N THR K 850 1.46 0.00 -101.17
CA THR K 850 1.86 -0.38 -99.83
C THR K 850 2.88 0.64 -99.34
N VAL K 851 2.41 1.67 -98.63
CA VAL K 851 3.35 2.50 -97.90
C VAL K 851 4.12 1.62 -96.93
N TYR K 852 5.42 1.82 -96.83
CA TYR K 852 6.29 0.94 -96.08
C TYR K 852 6.58 1.54 -94.72
N LEU K 853 5.82 1.10 -93.72
CA LEU K 853 6.06 1.45 -92.32
C LEU K 853 7.10 0.47 -91.78
N GLN K 854 8.35 0.90 -91.73
CA GLN K 854 9.41 -0.02 -91.34
C GLN K 854 9.72 0.09 -89.86
N MET K 855 9.68 -1.05 -89.17
CA MET K 855 10.01 -1.13 -87.76
C MET K 855 11.48 -1.49 -87.61
N ASN K 856 12.24 -0.60 -87.01
CA ASN K 856 13.66 -0.82 -86.80
C ASN K 856 14.01 -0.46 -85.37
N ASN K 857 15.08 -1.08 -84.87
CA ASN K 857 15.59 -0.88 -83.52
C ASN K 857 14.48 -0.73 -82.50
N LEU K 858 13.51 -1.63 -82.60
CA LEU K 858 12.32 -1.56 -81.79
C LEU K 858 12.63 -1.65 -80.31
N LYS K 859 12.05 -0.76 -79.52
CA LYS K 859 12.02 -0.97 -78.09
C LYS K 859 10.77 -1.76 -77.73
N PRO K 860 10.91 -2.99 -77.26
CA PRO K 860 9.78 -3.94 -77.33
C PRO K 860 8.56 -3.50 -76.57
N GLU K 861 8.69 -2.58 -75.61
CA GLU K 861 7.51 -2.08 -74.92
C GLU K 861 6.58 -1.36 -75.88
N ASP K 862 7.09 -0.93 -77.03
CA ASP K 862 6.32 -0.09 -77.93
C ASP K 862 5.28 -0.88 -78.72
N THR K 863 4.95 -2.08 -78.31
CA THR K 863 3.99 -2.87 -79.08
C THR K 863 2.61 -2.23 -79.04
N ALA K 864 1.84 -2.47 -80.09
CA ALA K 864 0.51 -1.93 -80.23
C ALA K 864 -0.12 -2.47 -81.49
N VAL K 865 -1.45 -2.62 -81.45
CA VAL K 865 -2.20 -2.90 -82.67
C VAL K 865 -2.01 -1.74 -83.62
N TYR K 866 -1.75 -2.04 -84.89
CA TYR K 866 -1.38 -1.03 -85.87
C TYR K 866 -2.44 -1.02 -86.96
N SER K 867 -3.13 0.09 -87.10
CA SER K 867 -4.05 0.31 -88.20
C SER K 867 -3.55 1.47 -89.05
N CYS K 868 -3.65 1.32 -90.37
CA CYS K 868 -3.21 2.35 -91.30
C CYS K 868 -4.40 3.09 -91.89
N ASN K 869 -4.25 4.39 -92.03
CA ASN K 869 -5.33 5.29 -92.41
C ASN K 869 -5.13 5.75 -93.83
N ALA K 870 -6.21 6.19 -94.46
CA ALA K 870 -6.17 6.79 -95.78
C ALA K 870 -7.16 7.94 -95.83
N ILE K 871 -6.68 9.10 -96.22
CA ILE K 871 -7.54 10.27 -96.40
C ILE K 871 -7.68 10.49 -97.91
N TYR K 872 -8.79 10.05 -98.46
CA TYR K 872 -9.04 10.12 -99.90
C TYR K 872 -10.30 10.92 -100.18
N ARG K 873 -10.19 11.90 -101.07
CA ARG K 873 -11.30 12.74 -101.49
C ARG K 873 -12.02 13.41 -100.33
N GLY K 874 -11.29 13.74 -99.27
CA GLY K 874 -11.87 14.32 -98.09
C GLY K 874 -12.48 13.31 -97.14
N SER K 875 -12.49 12.04 -97.51
CA SER K 875 -13.05 10.99 -96.66
C SER K 875 -11.94 10.12 -96.09
N GLU K 876 -12.15 9.68 -94.85
CA GLU K 876 -11.13 8.99 -94.08
C GLU K 876 -11.48 7.51 -93.93
N TYR K 877 -10.55 6.65 -94.29
CA TYR K 877 -10.76 5.21 -94.37
C TYR K 877 -9.77 4.47 -93.49
N TRP K 878 -10.27 3.53 -92.70
CA TRP K 878 -9.52 2.94 -91.61
C TRP K 878 -9.17 1.50 -91.95
N GLY K 879 -7.98 1.07 -91.54
CA GLY K 879 -7.56 -0.30 -91.71
C GLY K 879 -8.12 -1.22 -90.64
N GLN K 880 -7.63 -2.45 -90.65
CA GLN K 880 -8.12 -3.49 -89.76
C GLN K 880 -7.27 -3.66 -88.49
N GLY K 881 -6.15 -2.97 -88.38
CA GLY K 881 -5.33 -3.07 -87.18
C GLY K 881 -4.42 -4.28 -87.18
N THR K 882 -3.19 -4.13 -86.67
CA THR K 882 -2.27 -5.27 -86.61
C THR K 882 -1.37 -5.14 -85.40
N GLN K 883 -1.18 -6.24 -84.67
CA GLN K 883 -0.36 -6.25 -83.46
C GLN K 883 0.92 -7.02 -83.70
N VAL K 884 2.04 -6.45 -83.24
CA VAL K 884 3.35 -7.04 -83.39
C VAL K 884 4.12 -6.84 -82.09
N THR K 885 4.94 -7.83 -81.73
CA THR K 885 5.82 -7.68 -80.58
C THR K 885 7.00 -8.62 -80.76
N VAL K 886 8.14 -8.23 -80.21
CA VAL K 886 9.35 -9.04 -80.17
C VAL K 886 9.96 -8.94 -78.77
N SER K 887 11.04 -9.71 -78.56
CA SER K 887 11.77 -9.75 -77.28
C SER K 887 10.88 -10.23 -76.14
N GLU L 1 8.51 36.30 -96.48
CA GLU L 1 8.54 37.57 -95.77
C GLU L 1 7.13 38.15 -95.68
N VAL L 2 6.46 37.89 -94.57
CA VAL L 2 5.09 38.32 -94.35
C VAL L 2 5.00 38.87 -92.92
N GLN L 3 4.24 39.93 -92.74
CA GLN L 3 3.96 40.47 -91.42
C GLN L 3 2.46 40.43 -91.16
N LEU L 4 2.10 40.00 -89.95
CA LEU L 4 0.71 39.90 -89.53
C LEU L 4 0.51 40.81 -88.33
N GLN L 5 0.12 42.06 -88.59
CA GLN L 5 -0.16 43.01 -87.53
C GLN L 5 -1.57 42.75 -87.02
N GLU L 6 -1.76 42.85 -85.72
CA GLU L 6 -3.05 42.56 -85.10
C GLU L 6 -3.88 43.84 -84.98
N SER L 7 -5.12 43.65 -84.54
CA SER L 7 -5.99 44.77 -84.21
C SER L 7 -6.91 44.32 -83.07
N GLY L 8 -7.98 45.06 -82.86
CA GLY L 8 -8.96 44.68 -81.87
C GLY L 8 -8.46 44.76 -80.44
N LEU L 791 -16.00 43.10 -79.13
CA LEU L 791 -15.97 41.64 -79.13
C LEU L 791 -15.66 41.14 -80.54
N ARG L 792 -14.61 41.69 -81.15
CA ARG L 792 -14.43 41.55 -82.58
C ARG L 792 -13.00 41.93 -82.93
N LEU L 793 -12.21 41.01 -83.48
CA LEU L 793 -10.78 41.27 -83.54
C LEU L 793 -10.23 40.74 -84.86
N SER L 794 -9.18 41.41 -85.35
CA SER L 794 -8.72 41.17 -86.71
C SER L 794 -7.21 41.35 -86.80
N CYS L 795 -6.69 41.00 -87.96
CA CYS L 795 -5.28 41.18 -88.30
C CYS L 795 -5.18 41.49 -89.78
N ALA L 796 -4.05 42.05 -90.17
CA ALA L 796 -3.75 42.31 -91.57
C ALA L 796 -2.41 41.69 -91.94
N SER L 797 -2.35 41.13 -93.14
CA SER L 797 -1.14 40.50 -93.61
C SER L 797 -0.30 41.50 -94.37
N SER L 798 0.95 41.13 -94.62
CA SER L 798 1.81 41.97 -95.44
C SER L 798 1.22 42.14 -96.83
N ARG L 799 0.74 41.05 -97.42
CA ARG L 799 0.32 41.06 -98.81
C ARG L 799 -0.27 39.69 -99.15
N SER L 800 -0.94 39.64 -100.30
CA SER L 800 -1.36 38.39 -100.92
C SER L 800 -2.38 37.65 -100.09
N ILE L 801 -3.38 38.37 -99.57
CA ILE L 801 -4.52 37.67 -99.00
C ILE L 801 -5.16 36.82 -100.07
N ASP L 802 -5.48 35.57 -99.72
CA ASP L 802 -6.05 34.56 -100.60
C ASP L 802 -5.03 34.10 -101.62
N GLY L 803 -3.91 34.79 -101.69
CA GLY L 803 -2.67 34.17 -102.10
C GLY L 803 -1.97 33.57 -100.93
N ILE L 804 -2.53 33.83 -99.75
CA ILE L 804 -2.12 33.22 -98.49
C ILE L 804 -3.07 32.08 -98.19
N ASN L 805 -2.51 30.87 -98.17
CA ASN L 805 -3.29 29.68 -97.87
C ASN L 805 -3.42 29.62 -96.36
N ILE L 806 -3.73 28.45 -95.81
CA ILE L 806 -4.28 28.27 -94.46
C ILE L 806 -3.75 29.23 -93.41
N MET L 807 -4.67 29.87 -92.71
CA MET L 807 -4.35 30.72 -91.57
C MET L 807 -5.36 30.47 -90.46
N ARG L 808 -4.92 30.65 -89.23
CA ARG L 808 -5.71 30.30 -88.06
C ARG L 808 -5.33 31.23 -86.92
N TRP L 809 -6.09 31.16 -85.84
CA TRP L 809 -5.79 31.97 -84.66
C TRP L 809 -5.55 31.08 -83.45
N TYR L 810 -4.80 31.63 -82.50
CA TYR L 810 -4.36 30.89 -81.33
C TYR L 810 -4.65 31.68 -80.07
N ARG L 811 -4.90 30.95 -78.99
CA ARG L 811 -5.27 31.51 -77.70
C ARG L 811 -4.22 31.12 -76.67
N GLN L 812 -3.72 32.11 -75.95
CA GLN L 812 -2.71 31.89 -74.91
C GLN L 812 -3.32 32.23 -73.56
N ALA L 813 -3.94 31.24 -72.92
CA ALA L 813 -4.35 31.41 -71.54
C ALA L 813 -3.11 31.58 -70.67
N PRO L 814 -3.15 32.44 -69.66
CA PRO L 814 -1.94 32.71 -68.89
C PRO L 814 -1.54 31.51 -68.05
N GLY L 815 -0.24 31.35 -67.85
CA GLY L 815 0.26 30.18 -67.16
C GLY L 815 0.05 28.89 -67.91
N LYS L 816 -0.31 28.97 -69.19
CA LYS L 816 -0.53 27.81 -70.01
C LYS L 816 0.29 27.95 -71.28
N GLN L 817 0.31 26.88 -72.07
CA GLN L 817 1.04 26.88 -73.33
C GLN L 817 0.10 27.17 -74.49
N ARG L 818 0.63 27.11 -75.71
CA ARG L 818 -0.07 27.59 -76.89
C ARG L 818 -1.34 26.79 -77.15
N GLY L 819 -2.30 27.42 -77.83
CA GLY L 819 -3.53 26.72 -78.19
C GLY L 819 -4.27 27.31 -79.37
N MET L 820 -4.64 26.47 -80.34
CA MET L 820 -5.33 26.92 -81.54
C MET L 820 -6.77 27.30 -81.24
N VAL L 821 -7.32 28.21 -82.05
CA VAL L 821 -8.67 28.70 -81.79
C VAL L 821 -9.62 28.29 -82.90
N ALA L 822 -9.40 28.85 -84.09
CA ALA L 822 -10.35 28.74 -85.19
C ALA L 822 -9.58 28.80 -86.49
N VAL L 823 -10.18 28.27 -87.55
CA VAL L 823 -9.45 28.11 -88.80
C VAL L 823 -10.30 28.61 -89.97
N VAL L 824 -9.77 29.57 -90.71
CA VAL L 824 -10.24 29.89 -92.04
C VAL L 824 -9.23 29.34 -93.04
N THR L 825 -9.70 28.97 -94.20
CA THR L 825 -8.81 28.53 -95.27
C THR L 825 -8.89 29.51 -96.43
N GLY L 826 -8.18 29.19 -97.52
CA GLY L 826 -8.36 29.96 -98.73
C GLY L 826 -9.73 29.77 -99.34
N TRP L 827 -10.37 28.66 -99.05
CA TRP L 827 -11.69 28.32 -99.53
C TRP L 827 -12.77 29.12 -98.86
N GLY L 828 -12.50 29.64 -97.67
CA GLY L 828 -13.55 30.00 -96.77
C GLY L 828 -14.07 28.84 -95.96
N SER L 829 -13.57 27.64 -96.21
CA SER L 829 -13.88 26.52 -95.34
C SER L 829 -13.35 26.81 -93.95
N THR L 830 -14.15 26.46 -92.95
CA THR L 830 -13.99 27.00 -91.61
C THR L 830 -14.33 25.94 -90.58
N ASN L 831 -13.63 26.01 -89.45
CA ASN L 831 -14.01 25.22 -88.29
C ASN L 831 -13.43 25.85 -87.04
N TYR L 832 -13.93 25.43 -85.91
CA TYR L 832 -13.51 25.95 -84.62
C TYR L 832 -12.98 24.80 -83.76
N VAL L 833 -12.50 25.13 -82.59
CA VAL L 833 -12.10 24.13 -81.63
C VAL L 833 -13.28 23.90 -80.70
N ASP L 834 -13.30 22.75 -80.03
CA ASP L 834 -14.51 22.33 -79.33
C ASP L 834 -14.89 23.31 -78.22
N SER L 835 -13.89 23.86 -77.53
CA SER L 835 -14.18 24.79 -76.44
C SER L 835 -14.96 26.00 -76.95
N VAL L 836 -14.51 26.58 -78.06
CA VAL L 836 -15.15 27.79 -78.57
C VAL L 836 -16.16 27.48 -79.66
N LYS L 837 -16.47 26.21 -79.89
CA LYS L 837 -17.44 25.86 -80.90
C LYS L 837 -18.76 26.55 -80.61
N GLY L 838 -19.40 27.06 -81.65
CA GLY L 838 -20.64 27.80 -81.41
C GLY L 838 -20.37 29.17 -80.88
N ARG L 839 -19.39 29.30 -80.00
CA ARG L 839 -19.03 30.61 -79.49
C ARG L 839 -18.55 31.53 -80.61
N PHE L 840 -17.36 31.29 -81.14
CA PHE L 840 -16.74 32.30 -81.99
C PHE L 840 -17.08 32.10 -83.44
N ILE L 841 -16.92 33.18 -84.19
CA ILE L 841 -17.25 33.25 -85.60
C ILE L 841 -16.10 33.96 -86.30
N ILE L 842 -15.71 33.43 -87.45
CA ILE L 842 -14.54 33.90 -88.17
C ILE L 842 -14.90 34.13 -89.62
N SER L 843 -14.30 35.16 -90.20
CA SER L 843 -14.70 35.59 -91.52
C SER L 843 -13.52 36.26 -92.21
N ARG L 844 -13.40 36.04 -93.50
CA ARG L 844 -12.32 36.58 -94.30
C ARG L 844 -12.85 37.66 -95.23
N ASP L 845 -12.14 38.77 -95.30
CA ASP L 845 -12.40 39.82 -96.28
C ASP L 845 -11.30 39.77 -97.33
N SER L 846 -11.68 39.34 -98.53
CA SER L 846 -10.69 39.20 -99.60
C SER L 846 -10.06 40.54 -99.95
N ALA L 847 -10.83 41.63 -99.87
CA ALA L 847 -10.33 42.90 -100.33
C ALA L 847 -9.14 43.40 -99.52
N LYS L 848 -9.37 43.75 -98.26
CA LYS L 848 -8.39 44.52 -97.51
C LYS L 848 -7.49 43.64 -96.66
N ASP L 849 -6.93 42.60 -97.28
CA ASP L 849 -5.80 41.83 -96.74
C ASP L 849 -5.96 41.54 -95.25
N THR L 850 -7.02 40.80 -94.91
CA THR L 850 -7.34 40.69 -93.50
C THR L 850 -8.18 39.44 -93.22
N VAL L 851 -8.27 39.11 -91.93
CA VAL L 851 -9.12 38.05 -91.42
C VAL L 851 -9.78 38.57 -90.16
N TYR L 852 -10.88 37.94 -89.78
CA TYR L 852 -11.68 38.43 -88.67
C TYR L 852 -12.04 37.33 -87.67
N LEU L 853 -11.98 37.69 -86.39
CA LEU L 853 -12.54 36.93 -85.28
C LEU L 853 -13.41 37.85 -84.44
N GLN L 854 -14.63 37.40 -84.15
CA GLN L 854 -15.59 38.17 -83.37
C GLN L 854 -15.93 37.40 -82.11
N MET L 855 -15.69 38.02 -80.95
CA MET L 855 -15.98 37.40 -79.67
C MET L 855 -17.50 37.23 -79.55
N ASN L 856 -17.93 36.15 -78.91
CA ASN L 856 -19.37 35.95 -78.75
C ASN L 856 -19.70 35.37 -77.38
N ASN L 857 -20.77 35.90 -76.78
CA ASN L 857 -21.37 35.42 -75.54
C ASN L 857 -20.33 34.90 -74.57
N LEU L 858 -19.26 35.66 -74.38
CA LEU L 858 -18.09 35.12 -73.73
C LEU L 858 -18.32 34.95 -72.23
N LYS L 859 -17.90 33.80 -71.74
CA LYS L 859 -17.75 33.58 -70.31
C LYS L 859 -16.31 33.85 -69.95
N PRO L 860 -16.07 34.52 -68.82
CA PRO L 860 -14.71 34.99 -68.52
C PRO L 860 -13.63 33.94 -68.68
N GLU L 861 -13.99 32.66 -68.63
CA GLU L 861 -13.00 31.60 -68.70
C GLU L 861 -12.11 31.70 -69.93
N ASP L 862 -12.63 32.25 -71.03
CA ASP L 862 -11.84 32.40 -72.22
C ASP L 862 -10.80 33.50 -72.10
N THR L 863 -10.86 34.30 -71.03
CA THR L 863 -9.90 35.37 -70.82
C THR L 863 -8.48 34.90 -71.10
N ALA L 864 -7.81 35.54 -72.06
CA ALA L 864 -6.49 35.10 -72.46
C ALA L 864 -5.89 36.16 -73.36
N VAL L 865 -4.65 35.91 -73.76
CA VAL L 865 -3.98 36.71 -74.77
C VAL L 865 -3.94 35.90 -76.06
N TYR L 866 -4.42 36.54 -77.12
CA TYR L 866 -4.60 35.88 -78.41
C TYR L 866 -3.57 36.39 -79.38
N SER L 867 -3.20 35.52 -80.32
CA SER L 867 -2.23 35.85 -81.34
C SER L 867 -2.65 35.19 -82.63
N CYS L 868 -2.66 35.98 -83.70
CA CYS L 868 -3.15 35.49 -84.99
C CYS L 868 -2.03 34.94 -85.84
N ASN L 869 -2.27 33.77 -86.43
CA ASN L 869 -1.27 32.95 -87.08
C ASN L 869 -1.59 32.79 -88.55
N ALA L 870 -0.58 32.41 -89.33
CA ALA L 870 -0.75 32.12 -90.75
C ALA L 870 0.35 31.20 -91.21
N ILE L 871 0.13 30.53 -92.34
CA ILE L 871 1.04 29.52 -92.86
C ILE L 871 1.27 29.87 -94.33
N TYR L 872 2.54 29.93 -94.75
CA TYR L 872 2.88 30.38 -96.09
C TYR L 872 4.02 29.54 -96.64
N ARG L 873 3.72 28.74 -97.67
CA ARG L 873 4.67 27.84 -98.31
C ARG L 873 5.52 27.08 -97.31
N GLY L 874 4.89 26.60 -96.24
CA GLY L 874 5.55 25.75 -95.28
C GLY L 874 6.20 26.46 -94.12
N SER L 875 5.83 27.71 -93.87
CA SER L 875 6.46 28.50 -92.83
C SER L 875 5.45 28.84 -91.74
N GLU L 876 5.94 29.02 -90.51
CA GLU L 876 5.17 29.75 -89.52
C GLU L 876 5.01 31.21 -89.96
N TYR L 877 4.01 31.86 -89.39
CA TYR L 877 3.95 33.31 -89.40
C TYR L 877 3.15 33.77 -88.19
N TRP L 878 3.84 34.39 -87.25
CA TRP L 878 3.24 34.84 -86.01
C TRP L 878 3.41 36.34 -85.92
N GLY L 879 2.41 37.01 -85.37
CA GLY L 879 2.48 38.43 -85.10
C GLY L 879 2.86 38.71 -83.66
N GLN L 880 2.35 39.82 -83.13
CA GLN L 880 2.56 40.18 -81.74
C GLN L 880 1.42 39.71 -80.85
N GLY L 881 0.22 39.60 -81.39
CA GLY L 881 -0.90 39.14 -80.62
C GLY L 881 -1.42 40.21 -79.69
N THR L 882 -2.56 39.90 -79.08
CA THR L 882 -3.23 40.84 -78.18
C THR L 882 -4.04 40.05 -77.17
N GLN L 883 -4.42 40.69 -76.09
CA GLN L 883 -5.01 40.01 -74.95
C GLN L 883 -6.50 40.35 -74.83
N VAL L 884 -7.20 39.46 -74.14
CA VAL L 884 -8.61 39.64 -73.84
C VAL L 884 -8.76 39.45 -72.33
N THR L 885 -9.79 40.10 -71.78
CA THR L 885 -9.91 40.22 -70.34
C THR L 885 -11.08 39.44 -69.77
N VAL L 886 -11.32 39.60 -68.46
CA VAL L 886 -12.37 38.90 -67.74
C VAL L 886 -13.72 39.40 -68.21
N SER L 887 -14.72 38.51 -68.17
CA SER L 887 -16.11 38.86 -68.48
C SER L 887 -16.30 39.37 -69.91
N GLU M 33 -1.52 -50.53 89.64
CA GLU M 33 -2.29 -50.32 88.42
C GLU M 33 -3.17 -49.08 88.54
N SER M 34 -3.58 -48.80 89.77
CA SER M 34 -4.62 -47.82 90.07
C SER M 34 -4.34 -46.44 89.48
N THR M 35 -3.09 -46.04 89.33
CA THR M 35 -2.80 -44.75 88.68
C THR M 35 -2.01 -44.93 87.40
N GLN M 36 -0.94 -45.71 87.42
CA GLN M 36 -0.14 -45.87 86.21
C GLN M 36 -0.93 -46.47 85.07
N ALA M 37 -1.76 -47.48 85.35
CA ALA M 37 -2.66 -47.99 84.33
C ALA M 37 -3.66 -46.93 83.91
N ILE M 38 -4.25 -46.23 84.88
CA ILE M 38 -5.13 -45.12 84.53
C ILE M 38 -4.33 -44.04 83.83
N GLY M 39 -3.04 -43.95 84.12
CA GLY M 39 -2.19 -43.08 83.35
C GLY M 39 -2.27 -43.42 81.87
N GLN M 40 -1.77 -44.60 81.50
CA GLN M 40 -1.72 -44.98 80.10
C GLN M 40 -3.11 -44.90 79.47
N ARG M 41 -4.13 -45.28 80.24
CA ARG M 41 -5.48 -45.19 79.74
C ARG M 41 -5.85 -43.75 79.40
N TYR M 42 -5.42 -42.79 80.23
CA TYR M 42 -5.81 -41.42 79.94
C TYR M 42 -5.01 -40.85 78.78
N GLU M 43 -3.74 -41.25 78.65
CA GLU M 43 -3.08 -40.88 77.41
C GLU M 43 -3.82 -41.44 76.20
N THR M 44 -4.34 -42.66 76.28
CA THR M 44 -5.12 -43.19 75.16
C THR M 44 -6.38 -42.38 74.96
N ILE M 45 -7.02 -41.95 76.05
CA ILE M 45 -8.25 -41.17 75.91
C ILE M 45 -7.98 -39.87 75.17
N HIS M 46 -6.95 -39.14 75.59
CA HIS M 46 -6.66 -37.87 74.92
C HIS M 46 -6.11 -38.06 73.51
N GLY M 47 -5.31 -39.10 73.30
CA GLY M 47 -4.90 -39.41 71.95
C GLY M 47 -6.09 -39.60 71.04
N GLY M 48 -7.08 -40.38 71.51
CA GLY M 48 -8.26 -40.58 70.70
C GLY M 48 -9.05 -39.32 70.47
N LEU M 49 -9.26 -38.54 71.55
CA LEU M 49 -10.07 -37.33 71.39
C LEU M 49 -9.43 -36.37 70.41
N ASP M 50 -8.14 -36.09 70.59
CA ASP M 50 -7.48 -35.15 69.71
C ASP M 50 -7.31 -35.73 68.32
N SER M 51 -7.20 -37.05 68.19
CA SER M 51 -7.11 -37.66 66.87
C SER M 51 -8.41 -37.45 66.11
N ILE M 52 -9.54 -37.63 66.78
CA ILE M 52 -10.80 -37.31 66.15
C ILE M 52 -10.84 -35.83 65.81
N GLY M 53 -10.26 -35.00 66.66
CA GLY M 53 -10.17 -33.58 66.34
C GLY M 53 -9.38 -33.32 65.07
N ARG M 54 -8.28 -34.04 64.89
CA ARG M 54 -7.47 -33.90 63.68
C ARG M 54 -8.25 -34.34 62.45
N VAL M 55 -8.95 -35.47 62.57
CA VAL M 55 -9.74 -35.95 61.44
C VAL M 55 -10.82 -34.95 61.07
N MET M 56 -11.49 -34.40 62.08
CA MET M 56 -12.46 -33.36 61.81
C MET M 56 -11.82 -32.15 61.14
N GLU M 57 -10.61 -31.79 61.54
CA GLU M 57 -9.94 -30.69 60.87
C GLU M 57 -9.69 -31.00 59.40
N HIS M 58 -9.28 -32.23 59.10
CA HIS M 58 -9.12 -32.60 57.70
C HIS M 58 -10.42 -32.50 56.94
N LEU M 59 -11.52 -32.93 57.56
CA LEU M 59 -12.85 -32.72 57.04
C LEU M 59 -13.17 -31.25 56.80
N LYS M 60 -12.67 -30.37 57.66
CA LYS M 60 -13.06 -28.96 57.63
C LYS M 60 -12.89 -28.32 56.27
N ALA M 61 -11.96 -28.81 55.46
CA ALA M 61 -11.56 -28.16 54.22
C ALA M 61 -12.24 -28.76 53.00
N ILE M 62 -13.46 -29.27 53.14
CA ILE M 62 -14.05 -29.95 52.00
C ILE M 62 -15.00 -29.01 51.25
N GLU M 63 -15.70 -28.13 51.96
CA GLU M 63 -16.56 -27.14 51.33
C GLU M 63 -15.87 -26.29 50.25
N PRO M 64 -14.64 -25.81 50.44
CA PRO M 64 -13.99 -25.07 49.34
C PRO M 64 -13.96 -25.85 48.04
N LEU M 65 -13.83 -27.18 48.13
CA LEU M 65 -13.96 -28.00 46.94
C LEU M 65 -15.35 -27.86 46.33
N ILE M 66 -16.38 -27.77 47.18
CA ILE M 66 -17.73 -27.57 46.64
C ILE M 66 -17.82 -26.22 45.93
N ALA M 67 -17.26 -25.17 46.51
CA ALA M 67 -17.30 -23.88 45.84
C ALA M 67 -16.58 -23.92 44.50
N GLU M 68 -15.44 -24.61 44.44
CA GLU M 68 -14.72 -24.80 43.18
C GLU M 68 -15.52 -25.62 42.18
N ILE M 69 -16.34 -26.54 42.65
CA ILE M 69 -17.11 -27.39 41.75
C ILE M 69 -18.45 -26.74 41.39
N ARG M 70 -18.64 -25.47 41.76
CA ARG M 70 -19.86 -24.77 41.37
C ARG M 70 -19.68 -23.41 40.70
N GLY M 71 -18.76 -22.55 41.14
CA GLY M 71 -18.87 -21.15 40.79
C GLY M 71 -18.78 -20.80 39.30
N PRO M 72 -17.57 -20.85 38.74
CA PRO M 72 -17.45 -20.72 37.29
C PRO M 72 -18.07 -21.89 36.55
N VAL M 73 -18.36 -22.97 37.28
CA VAL M 73 -19.11 -24.09 36.73
C VAL M 73 -20.47 -23.59 36.25
N SER M 74 -21.26 -23.05 37.18
CA SER M 74 -22.54 -22.44 36.82
C SER M 74 -22.34 -21.25 35.89
N GLN M 75 -21.17 -20.59 35.96
CA GLN M 75 -20.91 -19.52 35.01
C GLN M 75 -20.99 -20.01 33.56
N GLU M 76 -20.33 -21.13 33.24
CA GLU M 76 -20.52 -21.64 31.89
C GLU M 76 -21.91 -22.23 31.70
N PHE M 77 -22.61 -22.61 32.76
CA PHE M 77 -23.94 -23.14 32.47
C PHE M 77 -24.87 -22.02 32.05
N GLU M 78 -24.52 -20.79 32.40
CA GLU M 78 -25.12 -19.63 31.74
C GLU M 78 -24.50 -19.40 30.37
N ALA M 79 -23.21 -19.65 30.23
CA ALA M 79 -22.54 -19.37 28.95
C ALA M 79 -23.09 -20.25 27.83
N ARG M 80 -23.72 -21.38 28.17
CA ARG M 80 -24.38 -22.19 27.15
C ARG M 80 -25.49 -21.40 26.47
N ARG M 81 -26.32 -20.74 27.26
CA ARG M 81 -27.33 -19.84 26.70
C ARG M 81 -26.68 -18.64 26.04
N ALA M 82 -25.53 -18.21 26.57
CA ALA M 82 -24.84 -17.08 25.97
C ALA M 82 -24.38 -17.38 24.55
N GLU M 83 -23.86 -18.57 24.29
CA GLU M 83 -23.20 -18.92 23.04
C GLU M 83 -23.94 -20.00 22.27
N HIS M 84 -25.20 -20.23 22.61
CA HIS M 84 -26.12 -21.00 21.78
C HIS M 84 -26.78 -20.16 20.70
N ALA M 85 -26.51 -18.86 20.62
CA ALA M 85 -27.20 -17.97 19.70
C ALA M 85 -26.44 -17.68 18.41
N GLU M 86 -25.11 -17.57 18.44
CA GLU M 86 -24.38 -17.28 17.21
C GLU M 86 -24.39 -18.47 16.25
N LEU M 87 -24.75 -19.65 16.73
CA LEU M 87 -25.11 -20.75 15.85
C LEU M 87 -26.50 -20.58 15.28
N ILE M 88 -27.44 -20.00 16.03
CA ILE M 88 -28.69 -19.56 15.43
C ILE M 88 -28.40 -18.49 14.39
N ALA M 89 -27.37 -17.67 14.62
CA ALA M 89 -26.97 -16.69 13.62
C ALA M 89 -26.48 -17.36 12.33
N VAL M 90 -25.80 -18.51 12.44
CA VAL M 90 -25.42 -19.21 11.22
C VAL M 90 -26.61 -19.94 10.64
N ARG M 91 -27.60 -20.26 11.47
CA ARG M 91 -28.88 -20.70 10.92
C ARG M 91 -29.48 -19.64 10.03
N ALA M 92 -29.48 -18.40 10.50
CA ALA M 92 -29.90 -17.27 9.68
C ALA M 92 -29.00 -17.08 8.46
N ASN M 93 -27.70 -17.32 8.59
CA ASN M 93 -26.80 -17.25 7.45
C ASN M 93 -27.21 -18.24 6.38
N LEU M 94 -27.47 -19.49 6.76
CA LEU M 94 -27.95 -20.48 5.80
C LEU M 94 -29.30 -20.11 5.22
N ASP M 95 -30.21 -19.58 6.04
CA ASP M 95 -31.50 -19.19 5.49
C ASP M 95 -31.36 -18.07 4.47
N GLN M 96 -30.53 -17.06 4.77
CA GLN M 96 -30.36 -15.95 3.85
C GLN M 96 -29.66 -16.40 2.57
N ALA M 97 -28.66 -17.28 2.72
CA ALA M 97 -28.03 -17.84 1.53
C ALA M 97 -29.03 -18.64 0.71
N GLN M 98 -29.95 -19.34 1.38
CA GLN M 98 -30.91 -20.15 0.64
C GLN M 98 -31.84 -19.29 -0.20
N ARG M 99 -32.46 -18.27 0.41
CA ARG M 99 -33.35 -17.50 -0.45
C ARG M 99 -32.57 -16.59 -1.41
N GLN M 100 -31.29 -16.35 -1.14
CA GLN M 100 -30.47 -15.66 -2.14
C GLN M 100 -30.20 -16.57 -3.33
N ILE M 101 -29.98 -17.86 -3.07
CA ILE M 101 -29.94 -18.82 -4.17
C ILE M 101 -31.23 -18.75 -4.96
N ALA M 102 -32.36 -18.69 -4.27
CA ALA M 102 -33.62 -18.57 -5.00
C ALA M 102 -33.63 -17.32 -5.87
N LEU M 103 -33.16 -16.20 -5.32
CA LEU M 103 -33.20 -14.93 -6.04
C LEU M 103 -32.32 -14.96 -7.28
N ILE M 104 -31.06 -15.37 -7.12
CA ILE M 104 -30.15 -15.44 -8.26
C ILE M 104 -30.62 -16.49 -9.24
N GLN M 105 -31.27 -17.55 -8.77
CA GLN M 105 -31.83 -18.53 -9.68
C GLN M 105 -32.91 -17.90 -10.56
N ALA M 106 -33.80 -17.13 -9.96
CA ALA M 106 -34.85 -16.46 -10.73
C ALA M 106 -34.25 -15.49 -11.74
N GLU M 107 -33.26 -14.71 -11.31
CA GLU M 107 -32.62 -13.78 -12.23
C GLU M 107 -31.94 -14.50 -13.38
N GLU M 108 -31.32 -15.64 -13.09
CA GLU M 108 -30.75 -16.45 -14.15
C GLU M 108 -31.83 -16.91 -15.11
N ARG M 109 -33.00 -17.28 -14.59
CA ARG M 109 -34.09 -17.67 -15.46
C ARG M 109 -34.50 -16.53 -16.38
N GLU M 110 -34.60 -15.33 -15.83
CA GLU M 110 -35.00 -14.18 -16.63
C GLU M 110 -33.98 -13.88 -17.71
N VAL M 111 -32.69 -13.92 -17.36
CA VAL M 111 -31.65 -13.63 -18.33
C VAL M 111 -31.62 -14.70 -19.42
N SER M 112 -31.82 -15.97 -19.06
CA SER M 112 -31.85 -17.01 -20.07
C SER M 112 -33.07 -16.87 -20.96
N ALA M 113 -34.19 -16.36 -20.43
CA ALA M 113 -35.35 -16.11 -21.28
C ALA M 113 -35.09 -15.00 -22.28
N ARG M 114 -34.48 -13.90 -21.82
CA ARG M 114 -34.10 -12.85 -22.76
C ARG M 114 -33.13 -13.39 -23.80
N LEU M 115 -32.19 -14.21 -23.38
CA LEU M 115 -31.26 -14.80 -24.32
C LEU M 115 -31.95 -15.69 -25.34
N ALA M 116 -32.94 -16.47 -24.90
CA ALA M 116 -33.65 -17.34 -25.84
C ALA M 116 -34.42 -16.51 -26.87
N ALA M 117 -35.10 -15.46 -26.42
CA ALA M 117 -35.83 -14.61 -27.35
C ALA M 117 -34.88 -13.93 -28.33
N ALA M 118 -33.73 -13.45 -27.85
CA ALA M 118 -32.75 -12.84 -28.73
C ALA M 118 -32.21 -13.85 -29.73
N GLU M 119 -31.95 -15.07 -29.30
CA GLU M 119 -31.45 -16.06 -30.23
C GLU M 119 -32.49 -16.47 -31.26
N THR M 120 -33.77 -16.41 -30.93
CA THR M 120 -34.80 -16.66 -31.93
C THR M 120 -34.88 -15.52 -32.95
N ALA M 121 -34.90 -14.27 -32.46
CA ALA M 121 -34.98 -13.13 -33.36
C ALA M 121 -33.75 -13.02 -34.25
N LEU M 122 -32.57 -13.35 -33.73
CA LEU M 122 -31.37 -13.31 -34.55
C LEU M 122 -31.44 -14.31 -35.70
N GLY M 123 -31.88 -15.53 -35.41
CA GLY M 123 -32.02 -16.51 -36.48
C GLY M 123 -33.04 -16.10 -37.51
N GLU M 124 -34.18 -15.59 -37.07
CA GLU M 124 -35.19 -15.15 -38.01
C GLU M 124 -34.68 -14.00 -38.88
N SER M 125 -33.97 -13.06 -38.27
CA SER M 125 -33.38 -11.96 -39.04
C SER M 125 -32.38 -12.47 -40.04
N ASP M 126 -31.54 -13.43 -39.65
CA ASP M 126 -30.52 -13.89 -40.58
C ASP M 126 -31.15 -14.62 -41.76
N ALA M 127 -32.19 -15.42 -41.51
CA ALA M 127 -32.87 -16.10 -42.61
C ALA M 127 -33.54 -15.10 -43.55
N ARG M 128 -34.31 -14.17 -43.00
CA ARG M 128 -34.94 -13.14 -43.83
C ARG M 128 -33.90 -12.36 -44.60
N ARG M 129 -32.78 -12.07 -43.96
CA ARG M 129 -31.70 -11.36 -44.63
C ARG M 129 -31.17 -12.15 -45.80
N GLN M 130 -31.00 -13.46 -45.63
CA GLN M 130 -30.50 -14.25 -46.75
C GLN M 130 -31.49 -14.27 -47.90
N THR M 131 -32.79 -14.41 -47.60
CA THR M 131 -33.78 -14.42 -48.67
C THR M 131 -33.78 -13.10 -49.43
N GLN M 132 -33.90 -11.98 -48.71
CA GLN M 132 -33.89 -10.70 -49.40
C GLN M 132 -32.53 -10.36 -49.98
N ASP M 133 -31.45 -10.97 -49.49
CA ASP M 133 -30.15 -10.71 -50.09
C ASP M 133 -30.05 -11.37 -51.46
N ALA M 134 -30.49 -12.62 -51.56
CA ALA M 134 -30.54 -13.27 -52.87
C ALA M 134 -31.49 -12.52 -53.80
N ALA M 135 -32.64 -12.11 -53.28
CA ALA M 135 -33.60 -11.38 -54.11
C ALA M 135 -33.01 -10.08 -54.60
N LEU M 136 -32.24 -9.38 -53.77
CA LEU M 136 -31.68 -8.10 -54.18
C LEU M 136 -30.56 -8.30 -55.20
N GLU M 137 -29.79 -9.37 -55.06
CA GLU M 137 -28.81 -9.67 -56.10
C GLU M 137 -29.48 -9.97 -57.43
N ASP M 138 -30.56 -10.77 -57.40
CA ASP M 138 -31.30 -11.06 -58.62
C ASP M 138 -31.90 -9.79 -59.21
N ASN M 139 -32.39 -8.90 -58.35
CA ASN M 139 -32.89 -7.62 -58.80
C ASN M 139 -31.81 -6.82 -59.49
N ALA M 140 -30.60 -6.84 -58.95
CA ALA M 140 -29.50 -6.12 -59.60
C ALA M 140 -29.24 -6.68 -60.99
N LEU M 141 -29.19 -8.00 -61.12
CA LEU M 141 -28.96 -8.59 -62.44
C LEU M 141 -30.08 -8.25 -63.41
N GLU M 142 -31.33 -8.36 -62.97
CA GLU M 142 -32.46 -8.07 -63.84
C GLU M 142 -32.47 -6.63 -64.29
N ILE M 143 -32.17 -5.70 -63.38
CA ILE M 143 -32.09 -4.32 -63.79
C ILE M 143 -30.99 -4.13 -64.81
N ASP M 144 -29.87 -4.83 -64.66
CA ASP M 144 -28.84 -4.78 -65.70
C ASP M 144 -29.40 -5.22 -67.04
N ARG M 145 -30.18 -6.31 -67.05
CA ARG M 145 -30.76 -6.78 -68.30
C ARG M 145 -31.68 -5.74 -68.92
N LEU M 146 -32.55 -5.14 -68.12
CA LEU M 146 -33.46 -4.13 -68.65
C LEU M 146 -32.69 -2.94 -69.19
N ARG M 147 -31.61 -2.54 -68.52
CA ARG M 147 -30.80 -1.45 -69.06
C ARG M 147 -30.21 -1.83 -70.41
N ASN M 148 -29.82 -3.10 -70.57
CA ASN M 148 -29.28 -3.54 -71.86
C ASN M 148 -30.33 -3.54 -72.95
N ALA M 149 -31.53 -4.03 -72.65
CA ALA M 149 -32.60 -4.02 -73.64
C ALA M 149 -32.96 -2.59 -74.00
N LEU M 150 -32.92 -1.68 -73.03
CA LEU M 150 -33.11 -0.28 -73.34
C LEU M 150 -32.00 0.21 -74.25
N LEU M 151 -30.76 -0.23 -74.00
CA LEU M 151 -29.66 0.08 -74.92
C LEU M 151 -30.03 -0.25 -76.35
N GLN M 152 -30.34 -1.51 -76.60
CA GLN M 152 -30.54 -1.93 -77.99
C GLN M 152 -31.75 -1.24 -78.60
N SER M 153 -32.87 -1.16 -77.87
CA SER M 153 -34.07 -0.61 -78.49
C SER M 153 -33.94 0.89 -78.69
N ASP M 154 -33.20 1.58 -77.82
CA ASP M 154 -33.02 3.01 -78.02
C ASP M 154 -32.07 3.29 -79.17
N LEU M 155 -30.98 2.52 -79.27
CA LEU M 155 -30.11 2.65 -80.43
C LEU M 155 -30.90 2.47 -81.72
N LYS M 156 -31.73 1.43 -81.75
CA LYS M 156 -32.40 1.10 -83.00
C LYS M 156 -33.57 2.04 -83.27
N VAL M 157 -34.18 2.62 -82.22
CA VAL M 157 -35.15 3.67 -82.52
C VAL M 157 -34.45 4.88 -83.10
N SER M 158 -33.27 5.24 -82.58
CA SER M 158 -32.57 6.40 -83.12
C SER M 158 -32.18 6.18 -84.57
N SER M 159 -31.60 5.02 -84.87
CA SER M 159 -31.16 4.75 -86.24
C SER M 159 -32.35 4.71 -87.19
N LEU M 160 -33.41 4.01 -86.81
CA LEU M 160 -34.58 3.94 -87.67
C LEU M 160 -35.21 5.30 -87.85
N ASP M 161 -35.14 6.15 -86.82
CA ASP M 161 -35.67 7.50 -86.92
C ASP M 161 -34.90 8.31 -87.95
N ALA M 162 -33.57 8.27 -87.87
CA ALA M 162 -32.76 8.99 -88.85
C ALA M 162 -33.04 8.48 -90.26
N SER M 163 -33.15 7.16 -90.41
CA SER M 163 -33.43 6.60 -91.72
C SER M 163 -34.77 7.09 -92.25
N LEU M 164 -35.77 7.22 -91.38
CA LEU M 164 -37.06 7.64 -91.89
C LEU M 164 -37.07 9.14 -92.19
N ARG M 165 -36.28 9.93 -91.48
CA ARG M 165 -36.14 11.33 -91.89
C ARG M 165 -35.49 11.43 -93.27
N ASP M 166 -34.44 10.63 -93.50
CA ASP M 166 -33.87 10.53 -94.83
C ASP M 166 -34.93 10.21 -95.87
N ALA M 167 -35.75 9.18 -95.60
CA ALA M 167 -36.74 8.76 -96.57
C ALA M 167 -37.75 9.86 -96.83
N THR M 168 -38.20 10.54 -95.78
CA THR M 168 -39.15 11.63 -95.97
C THR M 168 -38.56 12.72 -96.85
N ALA M 169 -37.34 13.15 -96.52
CA ALA M 169 -36.71 14.22 -97.29
C ALA M 169 -36.59 13.82 -98.76
N ARG M 170 -36.13 12.61 -99.02
CA ARG M 170 -36.05 12.14 -100.39
C ARG M 170 -37.43 12.16 -101.03
N ILE M 171 -38.48 11.93 -100.24
CA ILE M 171 -39.82 11.94 -100.80
C ILE M 171 -40.18 13.32 -101.31
N GLU M 172 -40.01 14.37 -100.49
CA GLU M 172 -40.47 15.67 -100.99
C GLU M 172 -39.57 16.13 -102.14
N HIS M 173 -38.27 15.86 -102.05
CA HIS M 173 -37.39 16.22 -103.16
C HIS M 173 -37.84 15.56 -104.45
N LEU M 174 -38.13 14.26 -104.41
CA LEU M 174 -38.48 13.57 -105.64
C LEU M 174 -39.87 13.95 -106.11
N VAL M 175 -40.76 14.35 -105.20
CA VAL M 175 -42.05 14.86 -105.61
C VAL M 175 -41.88 16.17 -106.37
N GLN M 176 -41.00 17.04 -105.88
CA GLN M 176 -40.68 18.25 -106.62
C GLN M 176 -40.11 17.91 -107.98
N ASP M 177 -39.26 16.88 -108.04
CA ASP M 177 -38.70 16.47 -109.31
C ASP M 177 -39.80 16.00 -110.27
N VAL M 178 -40.73 15.21 -109.77
CA VAL M 178 -41.79 14.68 -110.63
C VAL M 178 -42.64 15.81 -111.17
N GLU M 179 -43.03 16.75 -110.30
CA GLU M 179 -43.86 17.86 -110.77
C GLU M 179 -43.09 18.74 -111.75
N GLY M 180 -41.81 18.97 -111.49
CA GLY M 180 -41.03 19.78 -112.42
C GLY M 180 -40.90 19.13 -113.78
N LEU M 181 -40.67 17.83 -113.81
CA LEU M 181 -40.57 17.17 -115.10
C LEU M 181 -41.92 17.10 -115.80
N ARG M 182 -43.03 17.05 -115.04
CA ARG M 182 -44.31 17.20 -115.71
C ARG M 182 -44.41 18.54 -116.40
N VAL M 183 -44.07 19.62 -115.69
CA VAL M 183 -44.16 20.96 -116.27
C VAL M 183 -43.27 21.09 -117.49
N GLN M 184 -42.05 20.58 -117.38
CA GLN M 184 -41.12 20.65 -118.51
C GLN M 184 -41.65 19.84 -119.68
N ALA M 185 -42.38 18.75 -119.39
CA ALA M 185 -43.02 18.00 -120.46
C ALA M 185 -44.08 18.83 -121.17
N GLN M 186 -44.89 19.60 -120.43
CA GLN M 186 -45.83 20.46 -121.15
C GLN M 186 -45.10 21.54 -121.96
N ASP M 187 -43.94 22.00 -121.48
CA ASP M 187 -43.16 22.94 -122.29
C ASP M 187 -42.75 22.30 -123.61
N ILE M 188 -42.27 21.06 -123.57
CA ILE M 188 -41.95 20.33 -124.79
C ILE M 188 -43.19 20.19 -125.66
N ASP M 189 -44.34 19.93 -125.04
CA ASP M 189 -45.58 19.77 -125.80
C ASP M 189 -45.96 21.05 -126.54
N ALA M 190 -45.79 22.20 -125.88
CA ALA M 190 -46.07 23.47 -126.54
C ALA M 190 -45.13 23.69 -127.72
N ARG M 191 -43.84 23.36 -127.52
CA ARG M 191 -42.92 23.46 -128.66
C ARG M 191 -43.37 22.56 -129.80
N ARG M 192 -43.81 21.33 -129.49
CA ARG M 192 -44.24 20.43 -130.54
C ARG M 192 -45.45 20.97 -131.28
N GLY M 193 -46.41 21.53 -130.55
CA GLY M 193 -47.57 22.11 -131.21
C GLY M 193 -47.18 23.22 -132.16
N ASP M 194 -46.29 24.12 -131.72
CA ASP M 194 -45.82 25.18 -132.59
C ASP M 194 -45.13 24.60 -133.81
N ALA M 195 -44.35 23.54 -133.62
CA ALA M 195 -43.65 22.92 -134.72
C ALA M 195 -44.63 22.32 -135.73
N GLU M 196 -45.71 21.71 -135.25
CA GLU M 196 -46.69 21.16 -136.16
C GLU M 196 -47.38 22.26 -136.97
N ALA M 197 -47.71 23.38 -136.31
CA ALA M 197 -48.29 24.50 -137.04
C ALA M 197 -47.33 25.02 -138.11
N ALA M 198 -46.04 25.13 -137.76
CA ALA M 198 -45.05 25.60 -138.72
C ALA M 198 -44.92 24.64 -139.88
N LEU M 199 -44.95 23.33 -139.61
CA LEU M 199 -44.90 22.36 -140.69
C LEU M 199 -46.11 22.48 -141.59
N ALA M 200 -47.28 22.74 -141.01
CA ALA M 200 -48.48 22.91 -141.83
C ALA M 200 -48.33 24.10 -142.79
N ARG M 201 -47.96 25.27 -142.25
CA ARG M 201 -47.81 26.41 -143.15
C ARG M 201 -46.68 26.20 -144.15
N ALA M 202 -45.63 25.48 -143.75
CA ALA M 202 -44.56 25.18 -144.69
C ALA M 202 -45.07 24.33 -145.84
N ASN M 203 -45.89 23.32 -145.54
CA ASN M 203 -46.41 22.47 -146.59
C ASN M 203 -47.32 23.25 -147.53
N GLN M 204 -48.17 24.12 -146.97
CA GLN M 204 -49.06 24.87 -147.86
C GLN M 204 -48.28 25.84 -148.74
N ASP M 205 -47.25 26.48 -148.18
CA ASP M 205 -46.43 27.37 -149.00
C ASP M 205 -45.68 26.60 -150.07
N ASN M 206 -45.25 25.38 -149.74
CA ASN M 206 -44.63 24.54 -150.76
C ASN M 206 -45.58 24.24 -151.90
N ALA M 207 -46.84 23.92 -151.57
CA ALA M 207 -47.82 23.67 -152.63
C ALA M 207 -48.05 24.92 -153.49
N LEU M 208 -48.17 26.07 -152.85
CA LEU M 208 -48.35 27.32 -153.59
C LEU M 208 -47.18 27.61 -154.51
N LEU M 209 -45.96 27.52 -154.02
CA LEU M 209 -44.79 27.75 -154.84
C LEU M 209 -44.67 26.73 -155.96
N GLY M 210 -45.05 25.47 -155.70
CA GLY M 210 -44.99 24.48 -156.75
C GLY M 210 -45.95 24.79 -157.88
N GLU M 211 -47.18 25.17 -157.54
CA GLU M 211 -48.13 25.55 -158.58
C GLU M 211 -47.63 26.74 -159.37
N GLU M 212 -47.12 27.76 -158.67
CA GLU M 212 -46.60 28.94 -159.36
C GLU M 212 -45.45 28.58 -160.29
N ALA M 213 -44.53 27.74 -159.82
CA ALA M 213 -43.38 27.36 -160.63
C ALA M 213 -43.80 26.59 -161.86
N ALA M 214 -44.74 25.65 -161.71
CA ALA M 214 -45.20 24.89 -162.86
C ALA M 214 -45.86 25.80 -163.89
N THR M 215 -46.75 26.68 -163.43
CA THR M 215 -47.43 27.59 -164.35
C THR M 215 -46.44 28.48 -165.07
N LEU M 216 -45.47 29.03 -164.35
CA LEU M 216 -44.52 29.94 -164.97
C LEU M 216 -43.55 29.20 -165.90
N LYS M 217 -43.25 27.93 -165.59
CA LYS M 217 -42.43 27.15 -166.51
C LYS M 217 -43.17 26.89 -167.81
N LYS M 218 -44.44 26.54 -167.73
CA LYS M 218 -45.25 26.39 -168.94
C LYS M 218 -45.30 27.70 -169.71
N ARG M 219 -45.49 28.81 -168.98
CA ARG M 219 -45.51 30.12 -169.63
C ARG M 219 -44.22 30.39 -170.37
N VAL M 220 -43.07 30.15 -169.75
CA VAL M 220 -41.82 30.54 -170.38
C VAL M 220 -41.49 29.61 -171.53
N ASP M 221 -41.92 28.35 -171.47
CA ASP M 221 -41.79 27.47 -172.62
C ASP M 221 -42.62 27.97 -173.81
N GLN M 222 -43.89 28.32 -173.55
CA GLN M 222 -44.73 28.83 -174.63
C GLN M 222 -44.16 30.14 -175.17
N ALA M 223 -43.60 30.95 -174.29
CA ALA M 223 -42.97 32.19 -174.72
C ALA M 223 -41.80 31.91 -175.63
N GLY M 224 -40.97 30.92 -175.28
CA GLY M 224 -39.88 30.55 -176.16
C GLY M 224 -40.37 30.15 -177.53
N LEU M 225 -41.43 29.34 -177.57
CA LEU M 225 -41.97 28.90 -178.86
C LEU M 225 -42.47 30.09 -179.68
N ASP M 226 -43.25 30.97 -179.05
CA ASP M 226 -43.80 32.11 -179.79
C ASP M 226 -42.70 33.03 -180.27
N LEU M 227 -41.69 33.30 -179.44
CA LEU M 227 -40.58 34.12 -179.87
C LEU M 227 -39.85 33.48 -181.05
N ALA M 228 -39.71 32.16 -181.02
CA ALA M 228 -39.04 31.50 -182.14
C ALA M 228 -39.81 31.72 -183.43
N ARG M 229 -41.12 31.49 -183.40
CA ARG M 229 -41.88 31.59 -184.66
C ARG M 229 -42.02 33.04 -185.11
N LEU M 230 -42.06 33.99 -184.18
CA LEU M 230 -41.95 35.38 -184.58
C LEU M 230 -40.63 35.67 -185.25
N SER M 231 -39.53 35.13 -184.73
CA SER M 231 -38.25 35.35 -185.39
C SER M 231 -38.28 34.81 -186.80
N ARG M 232 -38.83 33.60 -186.97
CA ARG M 232 -38.95 33.05 -188.31
C ARG M 232 -39.72 33.98 -189.23
N ILE M 233 -40.90 34.40 -188.80
CA ILE M 233 -41.72 35.19 -189.70
C ILE M 233 -41.09 36.54 -189.97
N GLU M 234 -40.37 37.12 -189.00
CA GLU M 234 -39.77 38.42 -189.29
C GLU M 234 -38.61 38.25 -190.27
N THR M 235 -37.90 37.12 -190.20
CA THR M 235 -36.89 36.86 -191.22
C THR M 235 -37.53 36.72 -192.58
N ASP M 236 -38.68 36.05 -192.64
CA ASP M 236 -39.40 35.96 -193.91
C ASP M 236 -39.74 37.34 -194.45
N LEU M 237 -40.23 38.22 -193.58
CA LEU M 237 -40.55 39.58 -194.02
C LEU M 237 -39.32 40.31 -194.51
N GLU M 238 -38.19 40.15 -193.81
CA GLU M 238 -36.94 40.69 -194.31
C GLU M 238 -36.70 40.24 -195.76
N ALA M 239 -36.85 38.94 -196.00
CA ALA M 239 -36.57 38.39 -197.32
C ALA M 239 -37.54 38.95 -198.36
N GLN M 240 -38.83 38.96 -198.05
CA GLN M 240 -39.81 39.46 -199.00
C GLN M 240 -39.57 40.92 -199.30
N LEU M 241 -39.26 41.70 -198.27
CA LEU M 241 -38.94 43.11 -198.47
C LEU M 241 -37.80 43.26 -199.45
N ALA M 242 -36.70 42.56 -199.22
CA ALA M 242 -35.57 42.68 -200.14
C ALA M 242 -35.99 42.30 -201.56
N ALA M 243 -36.73 41.20 -201.67
CA ALA M 243 -37.06 40.67 -202.99
C ALA M 243 -37.91 41.66 -203.78
N GLU M 244 -38.99 42.14 -203.19
CA GLU M 244 -39.85 43.02 -203.95
C GLU M 244 -39.29 44.44 -204.05
N ARG M 245 -38.41 44.85 -203.14
CA ARG M 245 -37.68 46.10 -203.37
C ARG M 245 -36.84 46.00 -204.63
N ALA M 246 -36.11 44.90 -204.78
CA ALA M 246 -35.42 44.68 -206.04
C ALA M 246 -36.40 44.74 -207.18
N ARG M 247 -37.55 44.09 -207.03
CA ARG M 247 -38.57 44.12 -208.07
C ARG M 247 -38.89 45.54 -208.50
N VAL M 248 -39.40 46.34 -207.58
CA VAL M 248 -39.97 47.64 -207.95
C VAL M 248 -38.87 48.61 -208.39
N GLN M 249 -37.68 48.52 -207.79
CA GLN M 249 -36.64 49.46 -208.18
C GLN M 249 -36.07 49.12 -209.56
N ALA M 250 -35.74 47.84 -209.78
CA ALA M 250 -35.32 47.43 -211.11
C ALA M 250 -36.41 47.71 -212.13
N VAL M 251 -37.67 47.70 -211.69
CA VAL M 251 -38.75 48.04 -212.61
C VAL M 251 -38.76 49.53 -212.90
N GLU M 252 -38.47 50.38 -211.91
CA GLU M 252 -38.30 51.80 -212.22
C GLU M 252 -37.30 51.98 -213.33
N ASN M 253 -36.12 51.38 -213.15
CA ASN M 253 -35.06 51.52 -214.16
C ASN M 253 -35.51 50.98 -215.52
N ALA M 254 -36.06 49.77 -215.54
CA ALA M 254 -36.39 49.12 -216.80
C ALA M 254 -37.47 49.88 -217.54
N LEU M 255 -38.54 50.25 -216.85
CA LEU M 255 -39.60 51.01 -217.49
C LEU M 255 -39.12 52.37 -217.95
N ALA M 256 -38.32 53.06 -217.14
CA ALA M 256 -37.83 54.35 -217.58
C ALA M 256 -37.04 54.21 -218.87
N ALA M 257 -36.13 53.24 -218.93
CA ALA M 257 -35.35 53.06 -220.13
C ALA M 257 -36.25 52.75 -221.33
N HIS M 258 -37.17 51.82 -221.17
CA HIS M 258 -37.94 51.40 -222.33
C HIS M 258 -38.85 52.51 -222.81
N GLN M 259 -39.47 53.25 -221.89
CA GLN M 259 -40.32 54.35 -222.32
C GLN M 259 -39.50 55.40 -223.03
N ALA M 260 -38.28 55.65 -222.56
CA ALA M 260 -37.41 56.58 -223.26
C ALA M 260 -37.12 56.10 -224.67
N ASP M 261 -36.84 54.80 -224.82
CA ASP M 261 -36.57 54.24 -226.14
C ASP M 261 -37.76 54.42 -227.07
N SER M 262 -38.96 54.12 -226.56
CA SER M 262 -40.16 54.26 -227.38
C SER M 262 -40.36 55.69 -227.82
N GLY M 263 -40.19 56.64 -226.90
CA GLY M 263 -40.38 58.03 -227.24
C GLY M 263 -39.39 58.54 -228.27
N ARG M 264 -38.11 58.13 -228.15
CA ARG M 264 -37.14 58.59 -229.12
C ARG M 264 -37.39 57.98 -230.49
N THR M 265 -37.76 56.70 -230.56
CA THR M 265 -38.12 56.15 -231.87
C THR M 265 -39.30 56.89 -232.45
N ILE M 266 -40.25 57.28 -231.60
CA ILE M 266 -41.44 57.97 -232.07
C ILE M 266 -41.06 59.31 -232.70
N ARG M 267 -40.28 60.10 -231.97
CA ARG M 267 -39.89 61.41 -232.51
C ARG M 267 -38.93 61.29 -233.70
N GLY M 268 -38.06 60.28 -233.71
CA GLY M 268 -37.25 60.05 -234.89
C GLY M 268 -38.11 59.73 -236.10
N LEU M 269 -39.11 58.87 -235.91
CA LEU M 269 -39.98 58.53 -237.04
C LEU M 269 -40.74 59.76 -237.51
N GLU M 270 -41.18 60.61 -236.59
CA GLU M 270 -41.81 61.85 -236.99
C GLU M 270 -40.85 62.71 -237.82
N SER M 271 -39.61 62.85 -237.35
CA SER M 271 -38.62 63.58 -238.12
C SER M 271 -38.48 62.98 -239.51
N GLN M 272 -38.53 61.66 -239.59
CA GLN M 272 -38.44 60.99 -240.87
C GLN M 272 -39.62 61.36 -241.74
N VAL M 273 -40.76 61.65 -241.10
CA VAL M 273 -41.92 62.14 -241.84
C VAL M 273 -41.60 63.48 -242.51
N GLU M 274 -41.09 64.45 -241.74
CA GLU M 274 -40.72 65.70 -242.41
C GLU M 274 -39.62 65.47 -243.43
N ALA M 275 -38.81 64.44 -243.22
CA ALA M 275 -37.78 64.09 -244.21
C ALA M 275 -38.42 63.65 -245.51
N ASN M 276 -39.51 62.87 -245.43
CA ASN M 276 -40.29 62.57 -246.63
C ASN M 276 -40.80 63.86 -247.26
N ARG M 277 -41.28 64.79 -246.43
CA ARG M 277 -41.64 66.10 -246.93
C ARG M 277 -40.38 66.81 -247.39
N GLN N 40 -22.89 -35.64 83.07
CA GLN N 40 -22.00 -35.07 82.06
C GLN N 40 -21.39 -36.17 81.19
N ARG N 41 -21.08 -37.32 81.77
CA ARG N 41 -20.52 -38.40 80.96
C ARG N 41 -21.61 -39.12 80.17
N TYR N 42 -22.83 -39.11 80.68
CA TYR N 42 -23.96 -39.53 79.85
C TYR N 42 -24.08 -38.62 78.63
N GLU N 43 -23.92 -37.31 78.84
CA GLU N 43 -23.88 -36.38 77.71
C GLU N 43 -22.68 -36.63 76.81
N THR N 44 -21.57 -37.11 77.37
CA THR N 44 -20.44 -37.49 76.54
C THR N 44 -20.82 -38.64 75.60
N ILE N 45 -21.50 -39.64 76.14
CA ILE N 45 -21.99 -40.75 75.32
C ILE N 45 -22.93 -40.25 74.24
N HIS N 46 -23.90 -39.42 74.64
CA HIS N 46 -24.88 -38.91 73.68
C HIS N 46 -24.23 -37.99 72.67
N GLY N 47 -23.15 -37.31 73.04
CA GLY N 47 -22.43 -36.50 72.09
C GLY N 47 -21.75 -37.35 71.03
N GLY N 48 -21.14 -38.46 71.45
CA GLY N 48 -20.67 -39.41 70.46
C GLY N 48 -21.78 -39.85 69.52
N LEU N 49 -22.93 -40.20 70.08
CA LEU N 49 -24.04 -40.69 69.27
C LEU N 49 -24.55 -39.64 68.28
N ASP N 50 -24.68 -38.39 68.73
CA ASP N 50 -25.25 -37.35 67.88
C ASP N 50 -24.26 -36.88 66.81
N SER N 51 -22.97 -36.83 67.13
CA SER N 51 -21.99 -36.58 66.07
C SER N 51 -22.08 -37.65 65.00
N ILE N 52 -22.21 -38.90 65.43
CA ILE N 52 -22.40 -39.99 64.48
C ILE N 52 -23.65 -39.75 63.64
N GLY N 53 -24.75 -39.35 64.28
CA GLY N 53 -26.00 -39.16 63.56
C GLY N 53 -25.93 -38.08 62.50
N ARG N 54 -25.38 -36.92 62.85
CA ARG N 54 -25.22 -35.87 61.84
C ARG N 54 -24.25 -36.27 60.75
N VAL N 55 -23.25 -37.09 61.09
CA VAL N 55 -22.39 -37.62 60.05
C VAL N 55 -23.20 -38.45 59.05
N MET N 56 -24.10 -39.33 59.53
CA MET N 56 -24.95 -40.04 58.56
C MET N 56 -25.84 -39.08 57.79
N GLU N 57 -26.33 -38.03 58.44
CA GLU N 57 -27.13 -37.03 57.74
C GLU N 57 -26.38 -36.54 56.51
N HIS N 58 -25.14 -36.12 56.69
CA HIS N 58 -24.27 -35.88 55.54
C HIS N 58 -24.28 -37.05 54.57
N LEU N 59 -23.78 -38.19 55.01
CA LEU N 59 -23.47 -39.26 54.04
C LEU N 59 -24.65 -39.51 53.11
N LYS N 60 -25.84 -39.63 53.69
CA LYS N 60 -27.08 -39.77 52.94
C LYS N 60 -27.51 -38.50 52.23
N ALA N 61 -26.86 -37.36 52.51
CA ALA N 61 -27.09 -36.21 51.63
C ALA N 61 -26.12 -36.17 50.45
N ILE N 62 -24.82 -36.25 50.73
CA ILE N 62 -23.82 -36.21 49.67
C ILE N 62 -24.12 -37.24 48.61
N GLU N 63 -24.07 -38.52 48.97
CA GLU N 63 -24.06 -39.53 47.91
C GLU N 63 -25.25 -39.39 46.98
N PRO N 64 -26.48 -39.20 47.45
CA PRO N 64 -27.55 -38.85 46.51
C PRO N 64 -27.30 -37.55 45.76
N LEU N 65 -26.86 -36.50 46.47
CA LEU N 65 -26.65 -35.21 45.81
C LEU N 65 -25.57 -35.30 44.74
N ILE N 66 -24.48 -36.01 45.03
CA ILE N 66 -23.50 -36.28 43.99
C ILE N 66 -24.12 -37.07 42.86
N ALA N 67 -25.08 -37.96 43.17
CA ALA N 67 -25.71 -38.71 42.09
C ALA N 67 -26.47 -37.79 41.14
N GLU N 68 -27.31 -36.92 41.68
CA GLU N 68 -28.03 -36.03 40.77
C GLU N 68 -27.05 -35.15 40.01
N ILE N 69 -26.01 -34.65 40.70
CA ILE N 69 -25.00 -33.87 39.99
C ILE N 69 -24.35 -34.68 38.88
N ARG N 70 -24.21 -35.99 39.05
CA ARG N 70 -23.72 -36.82 37.97
C ARG N 70 -24.67 -36.76 36.78
N GLY N 71 -25.97 -36.69 37.04
CA GLY N 71 -26.98 -36.68 36.00
C GLY N 71 -26.78 -35.74 34.80
N PRO N 72 -26.75 -34.41 35.07
CA PRO N 72 -26.64 -33.47 33.95
C PRO N 72 -25.39 -33.67 33.16
N VAL N 73 -24.31 -34.09 33.81
CA VAL N 73 -23.08 -34.37 33.09
C VAL N 73 -23.39 -35.24 31.87
N SER N 74 -23.88 -36.46 32.12
CA SER N 74 -24.08 -37.39 31.01
C SER N 74 -25.12 -36.88 30.02
N GLN N 75 -26.32 -36.52 30.52
CA GLN N 75 -27.38 -36.26 29.55
C GLN N 75 -27.20 -34.94 28.80
N GLU N 76 -26.55 -33.97 29.39
CA GLU N 76 -26.33 -32.77 28.62
C GLU N 76 -24.98 -32.71 27.93
N PHE N 77 -24.05 -33.66 28.12
CA PHE N 77 -23.12 -33.93 27.02
C PHE N 77 -23.80 -34.55 25.82
N GLU N 78 -24.81 -35.39 26.05
CA GLU N 78 -25.56 -35.83 24.87
C GLU N 78 -26.14 -34.61 24.16
N ALA N 79 -26.69 -33.67 24.93
CA ALA N 79 -27.24 -32.45 24.33
C ALA N 79 -26.17 -31.67 23.56
N ARG N 80 -25.00 -31.49 24.18
CA ARG N 80 -23.93 -30.75 23.50
C ARG N 80 -23.44 -31.47 22.26
N ARG N 81 -23.49 -32.80 22.24
CA ARG N 81 -23.16 -33.54 21.03
C ARG N 81 -24.21 -33.32 19.96
N ALA N 82 -25.48 -33.23 20.35
CA ALA N 82 -26.52 -32.86 19.40
C ALA N 82 -26.22 -31.50 18.78
N GLU N 83 -25.85 -30.54 19.63
CA GLU N 83 -25.48 -29.22 19.14
C GLU N 83 -24.29 -29.30 18.19
N HIS N 84 -23.28 -30.09 18.56
CA HIS N 84 -22.07 -30.19 17.75
C HIS N 84 -22.40 -30.76 16.37
N ALA N 85 -23.22 -31.81 16.33
CA ALA N 85 -23.60 -32.39 15.05
C ALA N 85 -24.42 -31.40 14.22
N GLU N 86 -25.28 -30.62 14.88
CA GLU N 86 -26.05 -29.65 14.14
C GLU N 86 -25.17 -28.57 13.55
N LEU N 87 -24.18 -28.09 14.29
CA LEU N 87 -23.30 -27.08 13.72
C LEU N 87 -22.17 -27.68 12.93
N ILE N 88 -22.20 -29.00 12.74
CA ILE N 88 -21.48 -29.64 11.65
C ILE N 88 -22.30 -29.62 10.37
N ALA N 89 -23.58 -29.99 10.48
CA ALA N 89 -24.47 -30.00 9.32
C ALA N 89 -24.66 -28.60 8.76
N VAL N 90 -24.77 -27.60 9.64
CA VAL N 90 -24.96 -26.24 9.18
C VAL N 90 -23.75 -25.76 8.40
N ARG N 91 -22.53 -26.02 8.89
CA ARG N 91 -21.34 -25.57 8.18
C ARG N 91 -21.16 -26.33 6.87
N ALA N 92 -21.55 -27.61 6.84
CA ALA N 92 -21.50 -28.35 5.57
C ALA N 92 -22.44 -27.75 4.54
N ASN N 93 -23.69 -27.48 4.93
CA ASN N 93 -24.60 -26.84 4.00
C ASN N 93 -24.15 -25.43 3.63
N LEU N 94 -23.48 -24.71 4.53
CA LEU N 94 -22.96 -23.42 4.13
C LEU N 94 -21.89 -23.57 3.08
N ASP N 95 -21.04 -24.59 3.22
CA ASP N 95 -20.02 -24.82 2.21
C ASP N 95 -20.67 -25.08 0.85
N GLN N 96 -21.68 -25.95 0.84
CA GLN N 96 -22.36 -26.22 -0.42
C GLN N 96 -23.04 -24.98 -0.95
N ALA N 97 -23.65 -24.19 -0.06
CA ALA N 97 -24.37 -23.00 -0.49
C ALA N 97 -23.43 -21.98 -1.09
N GLN N 98 -22.24 -21.80 -0.50
CA GLN N 98 -21.29 -20.85 -1.04
C GLN N 98 -20.70 -21.34 -2.37
N ARG N 99 -20.50 -22.65 -2.51
CA ARG N 99 -20.10 -23.17 -3.82
C ARG N 99 -21.17 -22.87 -4.86
N GLN N 100 -22.45 -22.97 -4.47
CA GLN N 100 -23.50 -22.68 -5.44
C GLN N 100 -23.60 -21.17 -5.70
N ILE N 101 -23.33 -20.34 -4.68
CA ILE N 101 -23.09 -18.92 -4.92
C ILE N 101 -22.13 -18.75 -6.08
N ALA N 102 -20.93 -19.31 -5.94
CA ALA N 102 -19.87 -19.07 -6.92
C ALA N 102 -20.29 -19.58 -8.30
N LEU N 103 -20.84 -20.79 -8.37
CA LEU N 103 -21.10 -21.37 -9.68
C LEU N 103 -22.26 -20.68 -10.39
N ILE N 104 -23.36 -20.43 -9.70
CA ILE N 104 -24.44 -19.69 -10.34
C ILE N 104 -24.01 -18.28 -10.66
N GLN N 105 -23.16 -17.65 -9.85
CA GLN N 105 -22.67 -16.32 -10.18
C GLN N 105 -21.87 -16.34 -11.48
N ALA N 106 -20.99 -17.32 -11.64
CA ALA N 106 -20.21 -17.41 -12.86
C ALA N 106 -21.10 -17.67 -14.07
N GLU N 107 -22.09 -18.55 -13.93
CA GLU N 107 -22.99 -18.82 -15.04
C GLU N 107 -23.77 -17.56 -15.39
N GLU N 108 -24.19 -16.80 -14.38
CA GLU N 108 -24.83 -15.53 -14.63
C GLU N 108 -23.93 -14.60 -15.41
N ARG N 109 -22.66 -14.50 -15.04
CA ARG N 109 -21.77 -13.59 -15.74
C ARG N 109 -21.64 -13.97 -17.21
N GLU N 110 -21.39 -15.26 -17.47
CA GLU N 110 -21.18 -15.64 -18.86
C GLU N 110 -22.46 -15.50 -19.68
N VAL N 111 -23.61 -15.85 -19.09
CA VAL N 111 -24.86 -15.70 -19.83
C VAL N 111 -25.13 -14.23 -20.09
N SER N 112 -24.89 -13.36 -19.11
CA SER N 112 -25.12 -11.94 -19.32
C SER N 112 -24.22 -11.40 -20.42
N ALA N 113 -22.95 -11.81 -20.43
CA ALA N 113 -22.05 -11.36 -21.48
C ALA N 113 -22.53 -11.80 -22.86
N ARG N 114 -22.89 -13.07 -23.00
CA ARG N 114 -23.16 -13.57 -24.34
C ARG N 114 -24.53 -13.09 -24.82
N LEU N 115 -25.45 -12.86 -23.89
CA LEU N 115 -26.69 -12.15 -24.23
C LEU N 115 -26.43 -10.74 -24.66
N ALA N 116 -25.49 -10.06 -24.03
CA ALA N 116 -25.16 -8.70 -24.48
C ALA N 116 -24.66 -8.73 -25.90
N ALA N 117 -23.79 -9.69 -26.23
CA ALA N 117 -23.32 -9.82 -27.61
C ALA N 117 -24.49 -10.10 -28.55
N ALA N 118 -25.43 -10.94 -28.11
CA ALA N 118 -26.60 -11.24 -28.96
C ALA N 118 -27.43 -9.98 -29.21
N GLU N 119 -27.58 -9.12 -28.21
CA GLU N 119 -28.28 -7.87 -28.41
C GLU N 119 -27.56 -6.98 -29.41
N THR N 120 -26.22 -6.92 -29.31
CA THR N 120 -25.45 -6.18 -30.30
C THR N 120 -25.79 -6.67 -31.70
N ALA N 121 -25.71 -7.99 -31.89
CA ALA N 121 -25.92 -8.56 -33.20
C ALA N 121 -27.33 -8.31 -33.71
N LEU N 122 -28.31 -8.40 -32.84
CA LEU N 122 -29.67 -8.16 -33.29
C LEU N 122 -29.91 -6.70 -33.65
N GLY N 123 -29.29 -5.77 -32.95
CA GLY N 123 -29.40 -4.37 -33.37
C GLY N 123 -28.81 -4.15 -34.75
N GLU N 124 -27.61 -4.68 -34.97
CA GLU N 124 -26.96 -4.55 -36.27
C GLU N 124 -27.81 -5.17 -37.37
N SER N 125 -28.35 -6.36 -37.09
CA SER N 125 -29.15 -7.04 -38.08
C SER N 125 -30.45 -6.31 -38.35
N ASP N 126 -31.02 -5.64 -37.34
CA ASP N 126 -32.23 -4.88 -37.58
C ASP N 126 -31.96 -3.68 -38.47
N ALA N 127 -30.84 -2.99 -38.23
CA ALA N 127 -30.49 -1.87 -39.09
C ALA N 127 -30.36 -2.32 -40.55
N ARG N 128 -29.66 -3.44 -40.77
CA ARG N 128 -29.54 -3.88 -42.15
C ARG N 128 -30.81 -4.50 -42.69
N ARG N 129 -31.69 -5.01 -41.83
CA ARG N 129 -33.05 -5.29 -42.28
C ARG N 129 -33.62 -4.07 -42.97
N GLN N 130 -33.55 -2.93 -42.29
CA GLN N 130 -34.13 -1.71 -42.85
C GLN N 130 -33.48 -1.33 -44.16
N THR N 131 -32.15 -1.27 -44.19
CA THR N 131 -31.49 -0.79 -45.40
C THR N 131 -31.73 -1.73 -46.58
N GLN N 132 -31.65 -3.05 -46.35
CA GLN N 132 -31.86 -3.98 -47.43
C GLN N 132 -33.28 -3.88 -47.97
N ASP N 133 -34.27 -3.78 -47.08
CA ASP N 133 -35.63 -3.77 -47.58
C ASP N 133 -35.93 -2.47 -48.33
N ALA N 134 -35.41 -1.34 -47.85
CA ALA N 134 -35.64 -0.08 -48.55
C ALA N 134 -34.98 -0.09 -49.93
N ALA N 135 -33.74 -0.57 -50.01
CA ALA N 135 -33.06 -0.63 -51.29
C ALA N 135 -33.77 -1.56 -52.25
N LEU N 136 -34.26 -2.70 -51.74
CA LEU N 136 -34.99 -3.62 -52.59
C LEU N 136 -36.28 -2.98 -53.10
N GLU N 137 -36.96 -2.20 -52.27
CA GLU N 137 -38.15 -1.51 -52.74
C GLU N 137 -37.82 -0.49 -53.82
N ASP N 138 -36.72 0.25 -53.65
CA ASP N 138 -36.31 1.21 -54.66
C ASP N 138 -36.02 0.51 -55.98
N ASN N 139 -35.26 -0.59 -55.93
CA ASN N 139 -34.99 -1.32 -57.16
C ASN N 139 -36.25 -1.92 -57.75
N ALA N 140 -37.25 -2.25 -56.92
CA ALA N 140 -38.52 -2.71 -57.48
C ALA N 140 -39.20 -1.58 -58.25
N LEU N 141 -39.16 -0.37 -57.71
CA LEU N 141 -39.68 0.77 -58.45
C LEU N 141 -38.95 0.95 -59.77
N GLU N 142 -37.63 0.79 -59.74
CA GLU N 142 -36.84 0.89 -60.97
C GLU N 142 -37.25 -0.18 -61.97
N ILE N 143 -37.51 -1.40 -61.50
CA ILE N 143 -37.97 -2.46 -62.38
C ILE N 143 -39.24 -2.05 -63.08
N ASP N 144 -40.20 -1.50 -62.34
CA ASP N 144 -41.47 -1.13 -62.95
C ASP N 144 -41.26 0.00 -63.97
N ARG N 145 -40.43 0.99 -63.63
CA ARG N 145 -40.25 2.13 -64.52
C ARG N 145 -39.54 1.72 -65.81
N LEU N 146 -38.53 0.85 -65.72
CA LEU N 146 -37.94 0.35 -66.95
C LEU N 146 -38.90 -0.54 -67.73
N ARG N 147 -39.80 -1.25 -67.04
CA ARG N 147 -40.85 -1.95 -67.76
C ARG N 147 -41.60 -0.99 -68.67
N ASN N 148 -42.06 0.12 -68.09
CA ASN N 148 -42.80 1.10 -68.87
C ASN N 148 -41.95 1.67 -70.00
N ALA N 149 -40.70 2.01 -69.71
CA ALA N 149 -39.85 2.63 -70.72
C ALA N 149 -39.63 1.71 -71.91
N LEU N 150 -39.28 0.45 -71.64
CA LEU N 150 -39.02 -0.46 -72.74
C LEU N 150 -40.30 -0.77 -73.51
N LEU N 151 -41.43 -0.84 -72.81
CA LEU N 151 -42.70 -1.03 -73.52
C LEU N 151 -42.93 0.11 -74.51
N GLN N 152 -42.81 1.35 -74.05
CA GLN N 152 -43.03 2.49 -74.92
C GLN N 152 -42.06 2.48 -76.10
N SER N 153 -40.78 2.25 -75.83
CA SER N 153 -39.78 2.32 -76.88
C SER N 153 -40.00 1.24 -77.93
N ASP N 154 -40.25 0.01 -77.50
CA ASP N 154 -40.45 -1.07 -78.46
C ASP N 154 -41.72 -0.84 -79.29
N LEU N 155 -42.79 -0.39 -78.65
CA LEU N 155 -44.02 -0.13 -79.42
C LEU N 155 -43.82 1.00 -80.43
N LYS N 156 -43.14 2.09 -80.03
CA LYS N 156 -42.88 3.17 -80.96
C LYS N 156 -42.01 2.69 -82.12
N VAL N 157 -41.01 1.88 -81.84
CA VAL N 157 -40.21 1.32 -82.93
C VAL N 157 -41.09 0.52 -83.87
N SER N 158 -42.00 -0.28 -83.32
CA SER N 158 -42.87 -1.08 -84.18
C SER N 158 -43.68 -0.18 -85.13
N SER N 159 -44.34 0.83 -84.57
CA SER N 159 -45.17 1.71 -85.39
C SER N 159 -44.33 2.47 -86.42
N LEU N 160 -43.19 3.00 -86.01
CA LEU N 160 -42.39 3.82 -86.90
C LEU N 160 -41.76 2.96 -87.99
N ASP N 161 -41.41 1.72 -87.67
CA ASP N 161 -40.94 0.80 -88.70
C ASP N 161 -42.06 0.51 -89.70
N ALA N 162 -43.29 0.36 -89.22
CA ALA N 162 -44.40 0.18 -90.15
C ALA N 162 -44.52 1.36 -91.09
N SER N 163 -44.47 2.58 -90.56
CA SER N 163 -44.59 3.76 -91.40
C SER N 163 -43.42 3.87 -92.37
N LEU N 164 -42.24 3.44 -91.94
CA LEU N 164 -41.08 3.45 -92.82
C LEU N 164 -41.26 2.46 -93.95
N ARG N 165 -41.83 1.28 -93.67
CA ARG N 165 -42.12 0.35 -94.75
C ARG N 165 -43.11 0.95 -95.73
N ASP N 166 -44.15 1.61 -95.23
CA ASP N 166 -45.11 2.25 -96.12
C ASP N 166 -44.44 3.32 -96.97
N ALA N 167 -43.56 4.13 -96.35
CA ALA N 167 -42.89 5.20 -97.08
C ALA N 167 -41.93 4.65 -98.12
N THR N 168 -41.25 3.54 -97.83
CA THR N 168 -40.33 3.01 -98.82
C THR N 168 -41.11 2.39 -99.97
N ALA N 169 -42.29 1.84 -99.69
CA ALA N 169 -43.17 1.43 -100.78
C ALA N 169 -43.55 2.62 -101.65
N ARG N 170 -43.92 3.74 -101.02
CA ARG N 170 -44.30 4.93 -101.79
C ARG N 170 -43.13 5.45 -102.61
N ILE N 171 -41.94 5.48 -102.03
CA ILE N 171 -40.80 6.00 -102.78
C ILE N 171 -40.47 5.08 -103.94
N GLU N 172 -40.63 3.77 -103.76
CA GLU N 172 -40.41 2.88 -104.90
C GLU N 172 -41.42 3.12 -106.01
N HIS N 173 -42.70 3.29 -105.65
CA HIS N 173 -43.71 3.54 -106.67
C HIS N 173 -43.44 4.85 -107.40
N LEU N 174 -43.07 5.89 -106.66
CA LEU N 174 -42.85 7.19 -107.31
C LEU N 174 -41.54 7.17 -108.08
N VAL N 175 -40.58 6.32 -107.71
CA VAL N 175 -39.41 6.12 -108.55
C VAL N 175 -39.81 5.52 -109.88
N GLN N 176 -40.69 4.53 -109.85
CA GLN N 176 -41.22 3.98 -111.10
C GLN N 176 -41.87 5.07 -111.93
N ASP N 177 -42.70 5.90 -111.29
CA ASP N 177 -43.39 6.97 -112.02
C ASP N 177 -42.41 7.94 -112.65
N VAL N 178 -41.39 8.37 -111.91
CA VAL N 178 -40.49 9.39 -112.42
C VAL N 178 -39.62 8.82 -113.53
N GLU N 179 -39.17 7.57 -113.40
CA GLU N 179 -38.41 6.99 -114.50
C GLU N 179 -39.27 6.85 -115.75
N GLY N 180 -40.52 6.43 -115.59
CA GLY N 180 -41.41 6.36 -116.74
C GLY N 180 -41.62 7.71 -117.39
N LEU N 181 -41.81 8.75 -116.59
CA LEU N 181 -42.01 10.07 -117.16
C LEU N 181 -40.73 10.57 -117.82
N ARG N 182 -39.57 10.19 -117.30
CA ARG N 182 -38.33 10.55 -117.97
C ARG N 182 -38.26 9.92 -119.35
N VAL N 183 -38.64 8.63 -119.45
CA VAL N 183 -38.66 7.98 -120.75
C VAL N 183 -39.64 8.66 -121.69
N GLN N 184 -40.82 9.00 -121.17
CA GLN N 184 -41.86 9.61 -121.99
C GLN N 184 -41.41 10.96 -122.53
N ALA N 185 -40.78 11.76 -121.67
CA ALA N 185 -40.22 13.03 -122.12
C ALA N 185 -39.14 12.80 -123.16
N GLN N 186 -38.36 11.73 -123.01
CA GLN N 186 -37.35 11.41 -124.02
C GLN N 186 -38.00 11.15 -125.38
N ASP N 187 -39.11 10.42 -125.38
CA ASP N 187 -39.82 10.13 -126.63
C ASP N 187 -40.33 11.42 -127.26
N ILE N 188 -40.98 12.27 -126.47
CA ILE N 188 -41.42 13.54 -127.03
C ILE N 188 -40.25 14.34 -127.54
N ASP N 189 -39.08 14.24 -126.91
CA ASP N 189 -37.92 14.98 -127.39
C ASP N 189 -37.47 14.48 -128.77
N ALA N 190 -37.51 13.16 -128.96
CA ALA N 190 -37.16 12.63 -130.28
C ALA N 190 -38.11 13.16 -131.35
N ARG N 191 -39.40 13.18 -131.03
CA ARG N 191 -40.34 13.73 -132.01
C ARG N 191 -40.13 15.22 -132.22
N ARG N 192 -39.69 15.93 -131.18
CA ARG N 192 -39.34 17.33 -131.35
C ARG N 192 -38.24 17.49 -132.36
N GLY N 193 -37.20 16.65 -132.24
CA GLY N 193 -36.11 16.70 -133.20
C GLY N 193 -36.59 16.46 -134.62
N ASP N 194 -37.41 15.44 -134.80
CA ASP N 194 -37.92 15.14 -136.13
C ASP N 194 -38.72 16.32 -136.69
N ALA N 195 -39.59 16.90 -135.86
CA ALA N 195 -40.44 17.99 -136.34
C ALA N 195 -39.61 19.22 -136.67
N GLU N 196 -38.60 19.53 -135.87
CA GLU N 196 -37.76 20.67 -136.18
C GLU N 196 -36.96 20.44 -137.46
N ALA N 197 -36.50 19.20 -137.67
CA ALA N 197 -35.80 18.89 -138.92
C ALA N 197 -36.74 19.06 -140.12
N ALA N 198 -37.98 18.61 -139.99
CA ALA N 198 -38.94 18.77 -141.09
C ALA N 198 -39.18 20.24 -141.36
N LEU N 199 -39.34 21.04 -140.31
CA LEU N 199 -39.39 22.49 -140.49
C LEU N 199 -38.18 22.97 -141.28
N ALA N 200 -36.99 22.52 -140.91
CA ALA N 200 -35.78 23.04 -141.54
C ALA N 200 -35.75 22.70 -143.02
N ARG N 201 -36.03 21.45 -143.36
CA ARG N 201 -36.00 21.05 -144.76
C ARG N 201 -37.07 21.77 -145.55
N ALA N 202 -38.25 21.95 -144.97
CA ALA N 202 -39.31 22.64 -145.69
C ALA N 202 -38.93 24.08 -145.92
N ASN N 203 -38.28 24.72 -144.95
CA ASN N 203 -37.80 26.07 -145.15
C ASN N 203 -36.77 26.12 -146.27
N GLN N 204 -35.92 25.10 -146.35
CA GLN N 204 -34.94 25.04 -147.42
C GLN N 204 -35.64 24.96 -148.78
N ASP N 205 -36.59 24.04 -148.91
CA ASP N 205 -37.36 23.93 -150.14
C ASP N 205 -38.08 25.23 -150.46
N ASN N 206 -38.51 25.94 -149.41
CA ASN N 206 -39.10 27.25 -149.62
C ASN N 206 -38.13 28.17 -150.33
N ALA N 207 -36.88 28.21 -149.86
CA ALA N 207 -35.88 29.03 -150.53
C ALA N 207 -35.66 28.58 -151.97
N LEU N 208 -35.53 27.27 -152.18
CA LEU N 208 -35.41 26.72 -153.53
C LEU N 208 -36.44 27.27 -154.49
N LEU N 209 -37.70 26.95 -154.26
CA LEU N 209 -38.74 27.38 -155.18
C LEU N 209 -38.88 28.88 -155.24
N GLY N 210 -38.62 29.59 -154.13
CA GLY N 210 -38.75 31.04 -154.16
C GLY N 210 -37.77 31.68 -155.12
N GLU N 211 -36.49 31.33 -155.03
CA GLU N 211 -35.52 31.94 -155.92
C GLU N 211 -35.76 31.49 -157.36
N GLU N 212 -36.11 30.22 -157.55
CA GLU N 212 -36.39 29.76 -158.91
C GLU N 212 -37.51 30.58 -159.53
N ALA N 213 -38.61 30.75 -158.80
CA ALA N 213 -39.72 31.53 -159.32
C ALA N 213 -39.32 32.98 -159.55
N ALA N 214 -38.44 33.51 -158.70
CA ALA N 214 -38.05 34.90 -158.87
C ALA N 214 -37.33 35.10 -160.20
N THR N 215 -36.31 34.30 -160.46
CA THR N 215 -35.59 34.47 -161.72
C THR N 215 -36.52 34.18 -162.90
N LEU N 216 -37.42 33.21 -162.74
CA LEU N 216 -38.30 32.88 -163.85
C LEU N 216 -39.25 34.03 -164.16
N LYS N 217 -39.74 34.71 -163.13
CA LYS N 217 -40.58 35.89 -163.35
C LYS N 217 -39.79 36.99 -164.05
N LYS N 218 -38.54 37.17 -163.64
CA LYS N 218 -37.69 38.13 -164.33
C LYS N 218 -37.64 37.82 -165.82
N ARG N 219 -37.46 36.55 -166.15
CA ARG N 219 -37.34 36.23 -167.57
C ARG N 219 -38.69 36.38 -168.28
N VAL N 220 -39.80 36.14 -167.59
CA VAL N 220 -41.08 36.37 -168.26
C VAL N 220 -41.21 37.83 -168.63
N ASP N 221 -40.75 38.73 -167.75
CA ASP N 221 -40.73 40.14 -168.11
C ASP N 221 -39.85 40.40 -169.33
N GLN N 222 -38.66 39.82 -169.35
CA GLN N 222 -37.78 40.00 -170.51
C GLN N 222 -38.44 39.48 -171.78
N ALA N 223 -39.12 38.35 -171.67
CA ALA N 223 -39.79 37.77 -172.82
C ALA N 223 -40.88 38.70 -173.32
N GLY N 224 -41.61 39.32 -172.40
CA GLY N 224 -42.57 40.32 -172.81
C GLY N 224 -41.92 41.44 -173.59
N LEU N 225 -40.74 41.90 -173.12
CA LEU N 225 -40.05 42.96 -173.85
C LEU N 225 -39.65 42.51 -175.25
N ASP N 226 -39.15 41.29 -175.38
CA ASP N 226 -38.78 40.80 -176.69
C ASP N 226 -40.00 40.67 -177.60
N LEU N 227 -41.11 40.22 -177.05
CA LEU N 227 -42.36 40.14 -177.77
C LEU N 227 -42.73 41.52 -178.27
N ALA N 228 -42.54 42.53 -177.42
CA ALA N 228 -42.84 43.89 -177.79
C ALA N 228 -41.99 44.37 -178.96
N ARG N 229 -40.70 44.07 -178.95
CA ARG N 229 -39.86 44.60 -180.02
C ARG N 229 -40.13 43.87 -181.33
N LEU N 230 -40.50 42.58 -181.25
CA LEU N 230 -40.98 41.91 -182.45
C LEU N 230 -42.27 42.53 -182.96
N SER N 231 -43.19 42.89 -182.07
CA SER N 231 -44.40 43.55 -182.53
C SER N 231 -44.07 44.87 -183.22
N ARG N 232 -43.16 45.64 -182.64
CA ARG N 232 -42.78 46.91 -183.24
C ARG N 232 -42.15 46.70 -184.61
N ILE N 233 -41.28 45.69 -184.74
CA ILE N 233 -40.60 45.50 -186.00
C ILE N 233 -41.56 44.97 -187.05
N GLU N 234 -42.57 44.18 -186.64
CA GLU N 234 -43.55 43.76 -187.62
C GLU N 234 -44.41 44.94 -188.06
N THR N 235 -44.70 45.88 -187.15
CA THR N 235 -45.39 47.10 -187.57
C THR N 235 -44.57 47.88 -188.58
N ASP N 236 -43.28 48.05 -188.32
CA ASP N 236 -42.42 48.79 -189.24
C ASP N 236 -42.36 48.11 -190.61
N LEU N 237 -42.11 46.80 -190.62
CA LEU N 237 -42.05 46.10 -191.90
C LEU N 237 -43.39 46.08 -192.61
N GLU N 238 -44.50 46.02 -191.86
CA GLU N 238 -45.81 46.04 -192.51
C GLU N 238 -46.09 47.38 -193.16
N ALA N 239 -45.73 48.48 -192.48
CA ALA N 239 -45.87 49.78 -193.11
C ALA N 239 -45.02 49.87 -194.36
N GLN N 240 -43.79 49.37 -194.30
CA GLN N 240 -42.93 49.50 -195.45
C GLN N 240 -43.43 48.66 -196.60
N LEU N 241 -43.98 47.48 -196.31
CA LEU N 241 -44.51 46.64 -197.38
C LEU N 241 -45.79 47.23 -197.96
N ALA N 242 -46.56 47.96 -197.17
CA ALA N 242 -47.66 48.74 -197.75
C ALA N 242 -47.14 49.78 -198.74
N ALA N 243 -46.15 50.56 -198.32
CA ALA N 243 -45.64 51.62 -199.19
C ALA N 243 -45.09 51.04 -200.49
N GLU N 244 -44.29 49.99 -200.38
CA GLU N 244 -43.66 49.43 -201.57
C GLU N 244 -44.66 48.68 -202.44
N ARG N 245 -45.70 48.10 -201.83
CA ARG N 245 -46.78 47.52 -202.61
C ARG N 245 -47.46 48.56 -203.47
N ALA N 246 -47.79 49.70 -202.87
CA ALA N 246 -48.38 50.78 -203.64
C ALA N 246 -47.45 51.20 -204.76
N ARG N 247 -46.15 51.29 -204.46
CA ARG N 247 -45.20 51.72 -205.48
C ARG N 247 -45.19 50.75 -206.66
N VAL N 248 -45.14 49.45 -206.38
CA VAL N 248 -45.02 48.48 -207.47
C VAL N 248 -46.30 48.41 -208.28
N GLN N 249 -47.47 48.47 -207.62
CA GLN N 249 -48.71 48.44 -208.36
C GLN N 249 -48.84 49.69 -209.23
N ALA N 250 -48.50 50.86 -208.69
CA ALA N 250 -48.58 52.10 -209.45
C ALA N 250 -47.62 52.09 -210.63
N VAL N 251 -46.41 51.58 -210.44
CA VAL N 251 -45.48 51.57 -211.55
C VAL N 251 -45.95 50.60 -212.63
N GLU N 252 -46.61 49.50 -212.24
CA GLU N 252 -47.18 48.62 -213.26
C GLU N 252 -48.30 49.32 -214.03
N ASN N 253 -49.13 50.08 -213.31
CA ASN N 253 -50.18 50.84 -214.00
C ASN N 253 -49.58 51.83 -214.99
N ALA N 254 -48.53 52.53 -214.58
CA ALA N 254 -47.88 53.48 -215.47
C ALA N 254 -47.29 52.77 -216.68
N LEU N 255 -46.69 51.60 -216.45
CA LEU N 255 -46.26 50.74 -217.54
C LEU N 255 -47.37 50.58 -218.57
N ALA N 256 -48.52 50.08 -218.14
CA ALA N 256 -49.59 49.76 -219.08
C ALA N 256 -50.05 51.02 -219.82
N ALA N 257 -50.27 52.10 -219.09
CA ALA N 257 -50.78 53.32 -219.71
C ALA N 257 -49.78 53.89 -220.72
N HIS N 258 -48.50 53.86 -220.39
CA HIS N 258 -47.52 54.44 -221.30
C HIS N 258 -47.30 53.55 -222.52
N GLN N 259 -47.48 52.23 -222.43
CA GLN N 259 -47.53 51.46 -223.68
C GLN N 259 -48.77 51.75 -224.49
N ALA N 260 -49.91 52.01 -223.84
CA ALA N 260 -51.07 52.43 -224.61
C ALA N 260 -50.77 53.73 -225.37
N ASP N 261 -50.09 54.66 -224.70
CA ASP N 261 -49.68 55.92 -225.33
C ASP N 261 -48.71 55.67 -226.48
N SER N 262 -47.75 54.78 -226.27
CA SER N 262 -46.78 54.45 -227.32
C SER N 262 -47.50 53.92 -228.54
N GLY N 263 -48.43 52.97 -228.33
CA GLY N 263 -49.19 52.44 -229.44
C GLY N 263 -49.97 53.50 -230.18
N ARG N 264 -50.69 54.35 -229.45
CA ARG N 264 -51.56 55.31 -230.13
C ARG N 264 -50.74 56.33 -230.92
N THR N 265 -49.70 56.92 -230.32
CA THR N 265 -48.92 57.92 -231.06
C THR N 265 -48.13 57.29 -232.19
N ILE N 266 -47.63 56.07 -231.99
CA ILE N 266 -46.87 55.46 -233.07
C ILE N 266 -47.81 55.11 -234.22
N ARG N 267 -49.05 54.74 -233.92
CA ARG N 267 -49.95 54.43 -235.03
C ARG N 267 -50.39 55.69 -235.74
N GLY N 268 -50.52 56.80 -235.00
CA GLY N 268 -50.73 58.08 -235.67
C GLY N 268 -49.58 58.43 -236.61
N LEU N 269 -48.34 58.26 -236.15
CA LEU N 269 -47.23 58.61 -237.02
C LEU N 269 -47.14 57.68 -238.23
N GLU N 270 -47.41 56.38 -238.04
CA GLU N 270 -47.28 55.50 -239.18
C GLU N 270 -48.41 55.72 -240.18
N SER N 271 -49.59 56.12 -239.71
CA SER N 271 -50.60 56.59 -240.65
C SER N 271 -50.11 57.82 -241.39
N GLN N 272 -49.40 58.71 -240.69
CA GLN N 272 -48.82 59.86 -241.36
C GLN N 272 -47.85 59.41 -242.45
N VAL N 273 -47.10 58.34 -242.20
CA VAL N 273 -46.14 57.85 -243.20
C VAL N 273 -46.87 57.26 -244.40
N GLU N 274 -47.87 56.42 -244.14
CA GLU N 274 -48.69 55.87 -245.21
C GLU N 274 -49.24 56.99 -246.08
N ALA N 275 -49.57 58.12 -245.47
CA ALA N 275 -49.87 59.32 -246.25
C ALA N 275 -48.63 59.81 -246.99
N ASN N 276 -47.47 59.84 -246.29
CA ASN N 276 -46.26 60.42 -246.86
C ASN N 276 -45.87 59.76 -248.17
N ARG N 277 -46.28 58.52 -248.41
CA ARG N 277 -46.24 58.06 -249.79
C ARG N 277 -47.18 58.91 -250.65
N ALA O 213 -54.66 55.44 -269.24
CA ALA O 213 -53.92 56.36 -268.39
C ALA O 213 -54.42 56.28 -266.96
N ALA O 214 -55.74 56.44 -266.80
CA ALA O 214 -56.34 56.19 -265.50
C ALA O 214 -56.01 54.79 -265.01
N THR O 215 -55.81 53.85 -265.93
CA THR O 215 -55.29 52.53 -265.57
C THR O 215 -53.88 52.64 -264.97
N LEU O 216 -53.06 53.55 -265.51
CA LEU O 216 -51.77 53.81 -264.91
C LEU O 216 -51.93 54.31 -263.49
N LYS O 217 -52.83 55.28 -263.27
CA LYS O 217 -53.05 55.76 -261.91
C LYS O 217 -53.53 54.64 -260.99
N LYS O 218 -54.47 53.82 -261.45
CA LYS O 218 -55.02 52.78 -260.60
C LYS O 218 -53.97 51.74 -260.22
N ARG O 219 -53.26 51.17 -261.19
CA ARG O 219 -52.31 50.11 -260.89
C ARG O 219 -51.14 50.66 -260.07
N VAL O 220 -50.71 51.89 -260.34
CA VAL O 220 -49.68 52.50 -259.50
C VAL O 220 -50.20 52.67 -258.08
N ASP O 221 -51.48 53.01 -257.92
CA ASP O 221 -52.04 53.10 -256.58
C ASP O 221 -52.01 51.73 -255.91
N GLN O 222 -52.25 50.68 -256.67
CA GLN O 222 -52.14 49.34 -256.10
C GLN O 222 -50.74 49.09 -255.58
N ALA O 223 -49.74 49.45 -256.39
CA ALA O 223 -48.35 49.27 -255.96
C ALA O 223 -48.07 50.09 -254.70
N GLY O 224 -48.62 51.31 -254.64
CA GLY O 224 -48.41 52.13 -253.46
C GLY O 224 -49.04 51.54 -252.22
N LEU O 225 -50.22 50.95 -252.38
CA LEU O 225 -50.84 50.22 -251.27
C LEU O 225 -49.92 49.09 -250.81
N ASP O 226 -49.35 48.37 -251.78
CA ASP O 226 -48.45 47.28 -251.45
C ASP O 226 -47.26 47.79 -250.65
N LEU O 227 -46.63 48.87 -251.11
CA LEU O 227 -45.44 49.36 -250.42
C LEU O 227 -45.78 49.86 -249.02
N ALA O 228 -46.89 50.57 -248.87
CA ALA O 228 -47.25 51.08 -247.55
C ALA O 228 -47.48 49.93 -246.58
N ARG O 229 -48.30 48.95 -246.98
CA ARG O 229 -48.61 47.84 -246.10
C ARG O 229 -47.34 47.04 -245.77
N LEU O 230 -46.49 46.81 -246.76
CA LEU O 230 -45.29 46.02 -246.52
C LEU O 230 -44.31 46.74 -245.63
N SER O 231 -44.15 48.06 -245.83
CA SER O 231 -43.33 48.84 -244.92
C SER O 231 -43.83 48.75 -243.49
N ARG O 232 -45.15 48.90 -243.30
CA ARG O 232 -45.72 48.81 -241.96
C ARG O 232 -45.45 47.45 -241.34
N ILE O 233 -45.68 46.38 -242.11
CA ILE O 233 -45.51 45.04 -241.53
C ILE O 233 -44.04 44.82 -241.18
N GLU O 234 -43.11 45.20 -242.05
CA GLU O 234 -41.71 45.00 -241.73
C GLU O 234 -41.34 45.75 -240.46
N THR O 235 -41.69 47.03 -240.39
CA THR O 235 -41.20 47.86 -239.30
C THR O 235 -41.80 47.45 -237.96
N ASP O 236 -43.12 47.25 -237.92
CA ASP O 236 -43.68 46.85 -236.62
C ASP O 236 -43.29 45.44 -236.24
N LEU O 237 -43.14 44.52 -237.20
CA LEU O 237 -42.66 43.19 -236.83
C LEU O 237 -41.23 43.23 -236.33
N GLU O 238 -40.40 44.10 -236.88
CA GLU O 238 -39.04 44.16 -236.35
C GLU O 238 -39.03 44.83 -234.98
N ALA O 239 -39.94 45.77 -234.74
CA ALA O 239 -40.10 46.28 -233.39
C ALA O 239 -40.47 45.16 -232.43
N GLN O 240 -41.38 44.28 -232.85
CA GLN O 240 -41.74 43.12 -232.03
C GLN O 240 -40.54 42.21 -231.80
N LEU O 241 -39.74 41.99 -232.84
CA LEU O 241 -38.53 41.21 -232.67
C LEU O 241 -37.60 41.85 -231.66
N ALA O 242 -37.47 43.18 -231.71
CA ALA O 242 -36.66 43.87 -230.72
C ALA O 242 -37.19 43.62 -229.32
N ALA O 243 -38.49 43.79 -229.14
CA ALA O 243 -39.08 43.62 -227.82
C ALA O 243 -38.84 42.21 -227.30
N GLU O 244 -39.01 41.21 -228.16
CA GLU O 244 -38.87 39.83 -227.72
C GLU O 244 -37.41 39.50 -227.39
N ARG O 245 -36.45 40.00 -228.18
CA ARG O 245 -35.07 39.69 -227.83
C ARG O 245 -34.69 40.36 -226.51
N ALA O 246 -35.15 41.60 -226.31
CA ALA O 246 -34.88 42.26 -225.04
C ALA O 246 -35.49 41.47 -223.89
N ARG O 247 -36.72 40.98 -224.07
CA ARG O 247 -37.35 40.17 -223.05
C ARG O 247 -36.55 38.91 -222.76
N VAL O 248 -36.07 38.25 -223.81
CA VAL O 248 -35.31 37.01 -223.61
C VAL O 248 -34.07 37.28 -222.77
N GLN O 249 -33.29 38.28 -223.16
CA GLN O 249 -32.06 38.52 -222.43
C GLN O 249 -32.34 38.96 -221.01
N ALA O 250 -33.33 39.82 -220.81
CA ALA O 250 -33.64 40.29 -219.46
C ALA O 250 -34.08 39.15 -218.58
N VAL O 251 -34.92 38.25 -219.11
CA VAL O 251 -35.40 37.17 -218.27
C VAL O 251 -34.26 36.21 -217.95
N GLU O 252 -33.32 36.03 -218.86
CA GLU O 252 -32.16 35.22 -218.51
C GLU O 252 -31.38 35.87 -217.37
N ASN O 253 -31.20 37.19 -217.43
CA ASN O 253 -30.47 37.86 -216.37
C ASN O 253 -31.19 37.74 -215.04
N ALA O 254 -32.49 37.92 -215.04
CA ALA O 254 -33.26 37.74 -213.82
C ALA O 254 -33.15 36.31 -213.31
N LEU O 255 -33.14 35.33 -214.23
CA LEU O 255 -33.01 33.94 -213.82
C LEU O 255 -31.71 33.71 -213.09
N ALA O 256 -30.61 34.22 -213.65
CA ALA O 256 -29.32 34.07 -213.00
C ALA O 256 -29.31 34.76 -211.65
N ALA O 257 -29.93 35.94 -211.58
CA ALA O 257 -30.03 36.64 -210.30
C ALA O 257 -30.78 35.81 -209.28
N HIS O 258 -31.88 35.17 -209.71
CA HIS O 258 -32.66 34.34 -208.80
C HIS O 258 -31.87 33.13 -208.35
N GLN O 259 -31.15 32.51 -209.28
CA GLN O 259 -30.30 31.39 -208.91
C GLN O 259 -29.33 31.80 -207.81
N ALA O 260 -28.60 32.89 -208.03
CA ALA O 260 -27.60 33.32 -207.05
C ALA O 260 -28.26 33.70 -205.73
N ASP O 261 -29.38 34.42 -205.81
CA ASP O 261 -30.05 34.89 -204.60
C ASP O 261 -30.55 33.72 -203.77
N SER O 262 -31.26 32.78 -204.39
CA SER O 262 -31.76 31.62 -203.65
C SER O 262 -30.62 30.76 -203.13
N GLY O 263 -29.57 30.58 -203.93
CA GLY O 263 -28.43 29.83 -203.46
C GLY O 263 -27.83 30.42 -202.21
N ARG O 264 -27.63 31.74 -202.21
CA ARG O 264 -27.07 32.39 -201.03
C ARG O 264 -28.04 32.36 -199.85
N THR O 265 -29.34 32.44 -200.11
CA THR O 265 -30.29 32.30 -199.02
C THR O 265 -30.19 30.93 -198.38
N ILE O 266 -30.15 29.89 -199.20
CA ILE O 266 -29.98 28.55 -198.67
C ILE O 266 -28.69 28.46 -197.89
N ARG O 267 -27.63 29.10 -198.38
CA ARG O 267 -26.38 29.17 -197.63
C ARG O 267 -26.59 29.80 -196.26
N GLY O 268 -27.19 30.98 -196.22
CA GLY O 268 -27.31 31.67 -194.95
C GLY O 268 -28.11 30.88 -193.95
N LEU O 269 -29.23 30.33 -194.42
CA LEU O 269 -30.12 29.62 -193.52
C LEU O 269 -29.50 28.29 -193.10
N GLU O 270 -28.79 27.62 -194.00
CA GLU O 270 -28.17 26.36 -193.59
C GLU O 270 -27.09 26.63 -192.56
N SER O 271 -26.33 27.72 -192.76
CA SER O 271 -25.31 28.09 -191.80
C SER O 271 -25.93 28.34 -190.44
N GLN O 272 -27.06 29.05 -190.43
CA GLN O 272 -27.80 29.20 -189.19
C GLN O 272 -28.11 27.84 -188.60
N VAL O 273 -28.47 26.86 -189.43
CA VAL O 273 -28.84 25.55 -188.91
C VAL O 273 -27.66 24.88 -188.22
N GLU O 274 -26.49 24.79 -188.88
CA GLU O 274 -25.46 24.03 -188.19
C GLU O 274 -24.92 24.81 -187.01
N ALA O 275 -24.87 26.14 -187.10
CA ALA O 275 -24.46 26.92 -185.95
C ALA O 275 -25.41 26.68 -184.79
N ASN O 276 -26.70 26.65 -185.08
CA ASN O 276 -27.68 26.46 -184.03
C ASN O 276 -27.57 25.07 -183.46
N ARG O 277 -27.22 24.09 -184.29
CA ARG O 277 -26.98 22.74 -183.82
C ARG O 277 -25.82 22.74 -182.83
N ALA O 278 -24.76 23.45 -183.15
CA ALA O 278 -23.63 23.56 -182.23
C ALA O 278 -24.06 24.23 -180.94
N GLU O 279 -24.85 25.30 -181.05
CA GLU O 279 -25.30 25.99 -179.86
C GLU O 279 -26.17 25.11 -178.99
N ILE O 280 -27.10 24.36 -179.59
CA ILE O 280 -27.96 23.46 -178.83
C ILE O 280 -27.12 22.38 -178.16
N SER O 281 -26.19 21.77 -178.90
CA SER O 281 -25.29 20.82 -178.29
C SER O 281 -24.61 21.43 -177.07
N ALA O 282 -24.18 22.68 -177.21
CA ALA O 282 -23.60 23.36 -176.06
C ALA O 282 -24.62 23.47 -174.93
N LEU O 283 -25.86 23.79 -175.26
CA LEU O 283 -26.90 23.87 -174.23
C LEU O 283 -27.03 22.58 -173.47
N GLN O 284 -27.19 21.44 -174.14
CA GLN O 284 -27.31 20.21 -173.36
C GLN O 284 -26.03 19.92 -172.60
N THR O 285 -24.85 20.18 -173.19
CA THR O 285 -23.62 19.86 -172.49
C THR O 285 -23.51 20.62 -171.18
N ARG O 286 -23.49 21.94 -171.24
CA ARG O 286 -23.35 22.69 -170.00
C ARG O 286 -24.57 22.53 -169.11
N LEU O 287 -25.73 22.20 -169.68
CA LEU O 287 -26.89 21.94 -168.85
C LEU O 287 -26.68 20.73 -167.98
N GLU O 288 -26.16 19.65 -168.56
CA GLU O 288 -25.88 18.47 -167.74
C GLU O 288 -24.76 18.75 -166.76
N THR O 289 -23.75 19.52 -167.15
CA THR O 289 -22.69 19.84 -166.19
C THR O 289 -23.25 20.57 -164.99
N ALA O 290 -24.05 21.61 -165.24
CA ALA O 290 -24.62 22.40 -164.16
C ALA O 290 -25.55 21.56 -163.32
N THR O 291 -26.35 20.69 -163.93
CA THR O 291 -27.29 19.91 -163.13
C THR O 291 -26.54 18.87 -162.33
N GLY O 292 -25.39 18.41 -162.82
CA GLY O 292 -24.56 17.53 -162.01
C GLY O 292 -23.97 18.24 -160.81
N ARG O 293 -23.47 19.46 -161.01
CA ARG O 293 -23.01 20.26 -159.87
C ARG O 293 -24.12 20.44 -158.86
N ALA O 294 -25.32 20.76 -159.35
CA ALA O 294 -26.46 20.94 -158.46
C ALA O 294 -26.80 19.66 -157.71
N ASP O 295 -26.76 18.52 -158.40
CA ASP O 295 -27.12 17.26 -157.76
C ASP O 295 -26.13 16.89 -156.67
N LYS O 296 -24.83 17.00 -156.97
CA LYS O 296 -23.83 16.66 -155.95
C LYS O 296 -23.93 17.61 -154.77
N LEU O 297 -24.09 18.90 -155.05
CA LEU O 297 -24.22 19.87 -153.97
C LEU O 297 -25.46 19.58 -153.14
N GLU O 298 -26.53 19.11 -153.79
CA GLU O 298 -27.75 18.78 -153.07
C GLU O 298 -27.55 17.56 -152.18
N GLU O 299 -26.75 16.60 -152.64
CA GLU O 299 -26.41 15.47 -151.78
C GLU O 299 -25.68 15.95 -150.54
N MET O 300 -24.68 16.81 -150.72
CA MET O 300 -23.98 17.34 -149.56
C MET O 300 -24.91 18.16 -148.66
N ASN O 301 -25.87 18.86 -149.27
CA ASN O 301 -26.89 19.55 -148.49
C ASN O 301 -27.65 18.58 -147.61
N GLY O 302 -28.07 17.45 -148.16
CA GLY O 302 -28.76 16.46 -147.35
C GLY O 302 -27.89 15.97 -146.19
N GLN O 303 -26.62 15.70 -146.47
CA GLN O 303 -25.73 15.23 -145.42
C GLN O 303 -25.62 16.25 -144.29
N ILE O 304 -25.32 17.50 -144.63
CA ILE O 304 -25.13 18.50 -143.58
C ILE O 304 -26.43 18.77 -142.85
N SER O 305 -27.56 18.69 -143.54
CA SER O 305 -28.84 18.83 -142.86
C SER O 305 -29.02 17.74 -141.81
N ALA O 306 -28.71 16.50 -142.16
CA ALA O 306 -28.84 15.42 -141.18
C ALA O 306 -27.91 15.62 -139.99
N ARG O 307 -26.68 16.06 -140.26
CA ARG O 307 -25.72 16.27 -139.17
C ARG O 307 -26.18 17.38 -138.25
N LEU O 308 -26.75 18.45 -138.80
CA LEU O 308 -27.32 19.46 -137.94
C LEU O 308 -28.49 18.93 -137.15
N ALA O 309 -29.32 18.10 -137.76
CA ALA O 309 -30.45 17.55 -137.03
C ALA O 309 -29.98 16.79 -135.80
N ASP O 310 -29.07 15.84 -135.98
CA ASP O 310 -28.70 14.99 -134.86
C ASP O 310 -27.79 15.73 -133.89
N SER O 311 -27.03 16.71 -134.38
CA SER O 311 -26.22 17.52 -133.48
C SER O 311 -27.10 18.35 -132.56
N SER O 312 -28.15 18.97 -133.08
CA SER O 312 -29.02 19.74 -132.20
C SER O 312 -29.84 18.83 -131.31
N ALA O 313 -30.15 17.62 -131.77
CA ALA O 313 -30.79 16.65 -130.88
C ALA O 313 -29.89 16.31 -129.70
N GLN O 314 -28.61 16.05 -129.97
CA GLN O 314 -27.68 15.78 -128.89
C GLN O 314 -27.53 16.99 -128.00
N GLN O 315 -27.54 18.19 -128.58
CA GLN O 315 -27.56 19.38 -127.75
C GLN O 315 -28.72 19.35 -126.78
N LYS O 316 -29.91 19.05 -127.27
CA LYS O 316 -31.08 19.00 -126.39
C LYS O 316 -30.87 18.00 -125.26
N ALA O 317 -30.48 16.77 -125.62
CA ALA O 317 -30.39 15.72 -124.61
C ALA O 317 -29.33 16.03 -123.56
N VAL O 318 -28.15 16.45 -124.01
CA VAL O 318 -27.08 16.77 -123.08
C VAL O 318 -27.46 17.95 -122.21
N GLU O 319 -28.09 18.98 -122.78
CA GLU O 319 -28.49 20.13 -121.97
C GLU O 319 -29.48 19.71 -120.90
N ARG O 320 -30.43 18.85 -121.26
CA ARG O 320 -31.41 18.39 -120.28
C ARG O 320 -30.75 17.62 -119.14
N ARG O 321 -29.94 16.61 -119.49
CA ARG O 321 -29.35 15.80 -118.43
C ARG O 321 -28.36 16.65 -117.61
N ALA O 322 -27.80 17.68 -118.23
CA ALA O 322 -26.94 18.59 -117.48
C ALA O 322 -27.75 19.39 -116.47
N GLY O 323 -28.95 19.82 -116.84
CA GLY O 323 -29.80 20.49 -115.87
C GLY O 323 -30.16 19.58 -114.71
N ASP O 324 -30.45 18.31 -115.02
CA ASP O 324 -30.74 17.35 -113.96
C ASP O 324 -29.53 17.18 -113.03
N LEU O 325 -28.33 17.05 -113.60
CA LEU O 325 -27.13 16.96 -112.77
C LEU O 325 -26.97 18.20 -111.91
N ASN O 326 -27.23 19.38 -112.46
CA ASN O 326 -27.05 20.61 -111.68
C ASN O 326 -28.00 20.67 -110.50
N VAL O 327 -29.27 20.33 -110.72
CA VAL O 327 -30.22 20.40 -109.60
C VAL O 327 -29.90 19.32 -108.57
N ALA O 328 -29.47 18.14 -109.00
CA ALA O 328 -29.09 17.10 -108.06
C ALA O 328 -27.89 17.52 -107.23
N LEU O 329 -26.92 18.18 -107.86
CA LEU O 329 -25.77 18.65 -107.11
C LEU O 329 -26.15 19.75 -106.13
N GLU O 330 -27.11 20.58 -106.53
CA GLU O 330 -27.67 21.53 -105.57
C GLU O 330 -28.19 20.79 -104.34
N ARG O 331 -28.98 19.75 -104.55
CA ARG O 331 -29.49 18.96 -103.43
C ARG O 331 -28.36 18.38 -102.60
N ALA O 332 -27.35 17.83 -103.26
CA ALA O 332 -26.28 17.15 -102.55
C ALA O 332 -25.48 18.11 -101.69
N LEU O 333 -25.16 19.30 -102.20
CA LEU O 333 -24.52 20.29 -101.37
C LEU O 333 -25.41 20.71 -100.21
N ASP O 334 -26.72 20.85 -100.47
CA ASP O 334 -27.63 21.21 -99.37
C ASP O 334 -27.62 20.14 -98.28
N ARG O 335 -27.62 18.88 -98.68
CA ARG O 335 -27.65 17.80 -97.70
C ARG O 335 -26.31 17.65 -96.99
N ILE O 336 -25.21 17.96 -97.66
CA ILE O 336 -23.93 18.02 -96.96
C ILE O 336 -23.98 19.09 -95.89
N ARG O 337 -24.55 20.24 -96.22
CA ARG O 337 -24.71 21.30 -95.23
C ARG O 337 -25.55 20.81 -94.05
N ALA O 338 -26.68 20.14 -94.35
CA ALA O 338 -27.57 19.69 -93.28
C ALA O 338 -26.90 18.65 -92.38
N LEU O 339 -26.19 17.69 -92.97
CA LEU O 339 -25.53 16.69 -92.15
C LEU O 339 -24.39 17.29 -91.35
N GLU O 340 -23.74 18.33 -91.88
CA GLU O 340 -22.78 19.06 -91.06
C GLU O 340 -23.46 19.69 -89.85
N GLU O 341 -24.65 20.29 -90.07
CA GLU O 341 -25.36 20.92 -88.95
C GLU O 341 -25.76 19.89 -87.89
N GLU O 342 -26.29 18.74 -88.31
CA GLU O 342 -26.70 17.74 -87.33
C GLU O 342 -25.50 17.09 -86.66
N ALA O 343 -24.37 16.94 -87.37
CA ALA O 343 -23.17 16.46 -86.73
C ALA O 343 -22.69 17.43 -85.67
N ASP O 344 -22.85 18.74 -85.93
CA ASP O 344 -22.55 19.73 -84.90
C ASP O 344 -23.47 19.57 -83.69
N GLY O 345 -24.75 19.32 -83.93
CA GLY O 345 -25.68 19.11 -82.83
C GLY O 345 -25.32 17.90 -81.98
N LEU O 346 -25.01 16.78 -82.64
CA LEU O 346 -24.50 15.61 -81.92
C LEU O 346 -23.23 15.94 -81.16
N ARG O 347 -22.32 16.72 -81.74
CA ARG O 347 -21.11 17.10 -81.02
C ARG O 347 -21.44 17.86 -79.74
N GLN O 348 -22.38 18.81 -79.82
CA GLN O 348 -22.72 19.59 -78.63
C GLN O 348 -23.35 18.71 -77.55
N ARG O 349 -24.38 17.96 -77.91
CA ARG O 349 -25.05 17.10 -76.93
C ARG O 349 -24.08 16.08 -76.35
N HIS O 350 -23.20 15.54 -77.17
CA HIS O 350 -22.27 14.51 -76.79
C HIS O 350 -21.05 15.05 -76.05
N ALA O 351 -20.81 16.35 -76.10
CA ALA O 351 -19.85 16.99 -75.21
C ALA O 351 -20.46 17.25 -73.85
N GLY O 352 -21.74 17.66 -73.81
CA GLY O 352 -22.42 17.82 -72.54
C GLY O 352 -22.54 16.51 -71.78
N VAL O 353 -22.89 15.45 -72.48
CA VAL O 353 -23.15 14.17 -71.84
C VAL O 353 -21.84 13.37 -71.89
N ASP O 354 -20.75 14.09 -72.09
CA ASP O 354 -19.42 13.58 -71.76
C ASP O 354 -18.85 14.24 -70.53
N THR O 355 -19.04 15.55 -70.39
CA THR O 355 -18.67 16.23 -69.15
C THR O 355 -19.47 15.71 -67.97
N ALA O 356 -20.77 15.45 -68.19
CA ALA O 356 -21.59 14.85 -67.13
C ALA O 356 -21.03 13.50 -66.72
N ARG O 357 -20.61 12.68 -67.69
CA ARG O 357 -20.01 11.40 -67.34
C ARG O 357 -18.72 11.59 -66.55
N ALA O 358 -17.89 12.53 -66.96
CA ALA O 358 -16.63 12.76 -66.25
C ALA O 358 -16.89 13.09 -64.78
N THR O 359 -17.77 14.06 -64.53
CA THR O 359 -18.01 14.44 -63.14
C THR O 359 -18.69 13.32 -62.36
N ALA O 360 -19.60 12.59 -62.99
CA ALA O 360 -20.25 11.47 -62.29
C ALA O 360 -19.24 10.41 -61.89
N ILE O 361 -18.33 10.06 -62.80
CA ILE O 361 -17.33 9.04 -62.50
C ILE O 361 -16.43 9.53 -61.37
N GLU O 362 -16.03 10.80 -61.42
CA GLU O 362 -15.16 11.34 -60.37
C GLU O 362 -15.84 11.25 -59.00
N ARG O 363 -17.10 11.68 -58.92
CA ARG O 363 -17.77 11.70 -57.63
C ARG O 363 -18.04 10.28 -57.13
N ALA O 364 -18.37 9.37 -58.04
CA ALA O 364 -18.56 7.98 -57.65
C ALA O 364 -17.27 7.39 -57.11
N ASP O 365 -16.14 7.71 -57.74
CA ASP O 365 -14.86 7.21 -57.23
C ASP O 365 -14.55 7.78 -55.85
N GLN O 366 -14.82 9.07 -55.65
CA GLN O 366 -14.59 9.67 -54.34
C GLN O 366 -15.40 8.98 -53.26
N LEU O 367 -16.68 8.76 -53.51
CA LEU O 367 -17.50 8.06 -52.53
C LEU O 367 -17.11 6.60 -52.37
N ALA O 368 -16.54 5.98 -53.40
CA ALA O 368 -16.02 4.63 -53.22
C ALA O 368 -14.85 4.64 -52.25
N LYS O 369 -13.94 5.61 -52.40
CA LYS O 369 -12.82 5.72 -51.46
C LYS O 369 -13.31 6.00 -50.04
N SER O 370 -14.29 6.89 -49.89
CA SER O 370 -14.82 7.18 -48.56
C SER O 370 -15.50 5.96 -47.96
N ALA O 371 -16.20 5.17 -48.76
CA ALA O 371 -16.82 3.95 -48.25
C ALA O 371 -15.75 2.97 -47.78
N VAL O 372 -14.67 2.83 -48.53
CA VAL O 372 -13.57 1.97 -48.08
C VAL O 372 -12.99 2.48 -46.77
N ALA O 373 -12.84 3.81 -46.65
CA ALA O 373 -12.28 4.40 -45.45
C ALA O 373 -13.14 4.09 -44.23
N GLN O 374 -14.47 4.27 -44.36
CA GLN O 374 -15.30 3.98 -43.20
C GLN O 374 -15.44 2.50 -42.96
N GLU O 375 -15.22 1.66 -43.98
CA GLU O 375 -15.08 0.23 -43.69
C GLU O 375 -13.89 -0.01 -42.77
N LYS O 376 -12.76 0.62 -43.07
CA LYS O 376 -11.58 0.48 -42.22
C LYS O 376 -11.85 1.03 -40.81
N ALA O 377 -12.53 2.17 -40.73
CA ALA O 377 -12.82 2.78 -39.43
C ALA O 377 -13.74 1.90 -38.60
N LEU O 378 -14.76 1.31 -39.23
CA LEU O 378 -15.59 0.36 -38.50
C LEU O 378 -14.77 -0.81 -38.01
N LYS O 379 -13.90 -1.36 -38.86
CA LYS O 379 -13.06 -2.45 -38.38
C LYS O 379 -12.27 -2.03 -37.14
N ARG O 380 -11.60 -0.88 -37.22
CA ARG O 380 -10.80 -0.38 -36.11
C ARG O 380 -11.62 -0.25 -34.84
N ALA O 381 -12.76 0.43 -34.93
CA ALA O 381 -13.61 0.59 -33.76
C ALA O 381 -14.04 -0.78 -33.22
N GLU O 382 -14.19 -1.76 -34.10
CA GLU O 382 -14.56 -3.09 -33.64
C GLU O 382 -13.44 -3.71 -32.81
N GLU O 383 -12.20 -3.67 -33.30
CA GLU O 383 -11.13 -4.26 -32.49
C GLU O 383 -10.96 -3.48 -31.19
N ARG O 384 -11.10 -2.17 -31.22
CA ARG O 384 -10.87 -1.37 -30.02
C ARG O 384 -11.97 -1.60 -29.00
N ALA O 385 -13.21 -1.76 -29.45
CA ALA O 385 -14.28 -2.14 -28.54
C ALA O 385 -14.05 -3.53 -27.96
N GLN O 386 -13.55 -4.46 -28.77
CA GLN O 386 -13.21 -5.77 -28.24
C GLN O 386 -12.12 -5.68 -27.18
N GLN O 387 -11.11 -4.86 -27.43
CA GLN O 387 -10.02 -4.68 -26.47
C GLN O 387 -10.53 -4.08 -25.17
N LEU O 388 -11.31 -3.01 -25.25
CA LEU O 388 -11.79 -2.38 -24.03
C LEU O 388 -12.79 -3.27 -23.31
N ARG O 389 -13.48 -4.14 -24.03
CA ARG O 389 -14.27 -5.17 -23.37
C ARG O 389 -13.37 -6.14 -22.61
N ALA O 390 -12.23 -6.48 -23.21
CA ALA O 390 -11.27 -7.32 -22.48
C ALA O 390 -10.75 -6.62 -21.23
N ARG O 391 -10.60 -5.29 -21.29
CA ARG O 391 -10.16 -4.54 -20.11
C ARG O 391 -11.23 -4.55 -19.02
N LEU O 392 -12.50 -4.36 -19.40
CA LEU O 392 -13.57 -4.62 -18.45
C LEU O 392 -13.41 -5.98 -17.82
N ASP O 393 -13.16 -7.01 -18.63
CA ASP O 393 -13.02 -8.35 -18.08
C ASP O 393 -11.87 -8.43 -17.10
N ALA O 394 -10.73 -7.82 -17.45
CA ALA O 394 -9.54 -7.90 -16.61
C ALA O 394 -9.79 -7.24 -15.26
N MET O 395 -10.36 -6.04 -15.26
CA MET O 395 -10.71 -5.45 -13.98
C MET O 395 -11.79 -6.25 -13.27
N GLN O 396 -12.56 -7.07 -14.00
CA GLN O 396 -13.49 -7.95 -13.31
C GLN O 396 -12.76 -9.02 -12.50
N GLU O 397 -11.76 -9.66 -13.10
CA GLU O 397 -10.99 -10.61 -12.29
C GLU O 397 -10.25 -9.90 -11.18
N ALA O 398 -9.79 -8.67 -11.44
CA ALA O 398 -9.15 -7.89 -10.38
C ALA O 398 -10.10 -7.68 -9.21
N GLN O 399 -11.36 -7.37 -9.50
CA GLN O 399 -12.32 -7.22 -8.41
C GLN O 399 -12.61 -8.54 -7.72
N ASP O 400 -12.62 -9.65 -8.43
CA ASP O 400 -12.82 -10.93 -7.76
C ASP O 400 -11.70 -11.20 -6.75
N GLN O 401 -10.45 -10.97 -7.18
CA GLN O 401 -9.33 -11.14 -6.27
C GLN O 401 -9.43 -10.20 -5.08
N VAL O 402 -9.76 -8.93 -5.34
CA VAL O 402 -9.80 -7.97 -4.24
C VAL O 402 -10.95 -8.29 -3.30
N ARG O 403 -12.05 -8.85 -3.82
CA ARG O 403 -13.14 -9.26 -2.95
C ARG O 403 -12.70 -10.37 -2.02
N ARG O 404 -11.99 -11.39 -2.53
CA ARG O 404 -11.58 -12.43 -1.61
C ARG O 404 -10.51 -11.91 -0.65
N ASP O 405 -9.72 -10.92 -1.09
CA ASP O 405 -8.75 -10.29 -0.21
C ASP O 405 -9.43 -9.59 0.96
N SER O 406 -10.47 -8.82 0.68
CA SER O 406 -11.22 -8.17 1.74
C SER O 406 -11.90 -9.20 2.62
N ALA O 407 -12.32 -10.33 2.05
CA ALA O 407 -12.88 -11.39 2.87
C ALA O 407 -11.86 -11.93 3.85
N THR O 408 -10.62 -12.14 3.40
CA THR O 408 -9.59 -12.63 4.30
C THR O 408 -9.28 -11.61 5.40
N HIS O 409 -9.19 -10.34 5.04
CA HIS O 409 -8.93 -9.33 6.07
C HIS O 409 -10.09 -9.24 7.05
N GLU O 410 -11.32 -9.36 6.57
CA GLU O 410 -12.45 -9.36 7.49
C GLU O 410 -12.37 -10.54 8.45
N ALA O 411 -12.05 -11.73 7.92
CA ALA O 411 -11.94 -12.90 8.77
C ALA O 411 -10.83 -12.72 9.80
N LYS O 412 -9.68 -12.20 9.39
CA LYS O 412 -8.57 -12.09 10.31
C LYS O 412 -8.80 -10.99 11.33
N ILE O 413 -9.46 -9.91 10.96
CA ILE O 413 -9.78 -8.90 11.96
C ILE O 413 -10.79 -9.45 12.95
N ALA O 414 -11.74 -10.28 12.50
CA ALA O 414 -12.67 -10.89 13.44
C ALA O 414 -11.94 -11.84 14.39
N GLU O 415 -10.96 -12.58 13.87
CA GLU O 415 -10.27 -13.53 14.73
C GLU O 415 -9.38 -12.80 15.73
N LEU O 416 -8.69 -11.74 15.30
CA LEU O 416 -7.98 -10.90 16.24
C LEU O 416 -8.93 -10.27 17.23
N GLN O 417 -10.13 -9.95 16.78
CA GLN O 417 -11.14 -9.43 17.68
C GLN O 417 -11.37 -10.41 18.81
N ALA O 418 -11.51 -11.68 18.44
CA ALA O 418 -11.73 -12.73 19.44
C ALA O 418 -10.52 -12.91 20.34
N THR O 419 -9.31 -12.83 19.79
CA THR O 419 -8.16 -13.07 20.64
C THR O 419 -7.98 -11.94 21.62
N ILE O 420 -8.30 -10.71 21.23
CA ILE O 420 -8.25 -9.61 22.17
C ILE O 420 -9.32 -9.77 23.24
N GLU O 421 -10.54 -10.14 22.83
CA GLU O 421 -11.60 -10.25 23.83
C GLU O 421 -11.26 -11.33 24.85
N ARG O 422 -10.70 -12.44 24.39
CA ARG O 422 -10.33 -13.45 25.37
C ARG O 422 -9.10 -13.08 26.19
N LEU O 423 -8.12 -12.40 25.60
CA LEU O 423 -6.99 -12.00 26.42
C LEU O 423 -7.46 -11.07 27.53
N THR O 424 -8.40 -10.17 27.22
CA THR O 424 -8.97 -9.34 28.28
C THR O 424 -9.76 -10.16 29.28
N SER O 425 -10.54 -11.14 28.82
CA SER O 425 -11.34 -11.91 29.75
C SER O 425 -10.47 -12.68 30.73
N GLU O 426 -9.43 -13.33 30.22
CA GLU O 426 -8.55 -14.08 31.09
C GLU O 426 -7.76 -13.14 31.98
N ALA O 427 -7.41 -11.96 31.45
CA ALA O 427 -6.71 -10.98 32.27
C ALA O 427 -7.59 -10.54 33.42
N ALA O 428 -8.89 -10.35 33.17
CA ALA O 428 -9.80 -9.94 34.23
C ALA O 428 -9.94 -11.03 35.28
N LEU O 429 -10.12 -12.27 34.84
CA LEU O 429 -10.22 -13.37 35.79
C LEU O 429 -8.97 -13.46 36.63
N ALA O 430 -7.81 -13.39 35.99
CA ALA O 430 -6.56 -13.50 36.71
C ALA O 430 -6.40 -12.37 37.70
N GLU O 431 -6.61 -11.14 37.25
CA GLU O 431 -6.39 -10.00 38.13
C GLU O 431 -7.33 -10.06 39.33
N GLY O 432 -8.61 -10.34 39.10
CA GLY O 432 -9.54 -10.41 40.21
C GLY O 432 -9.18 -11.49 41.21
N ALA O 433 -9.09 -12.73 40.75
CA ALA O 433 -8.84 -13.84 41.66
C ALA O 433 -7.53 -13.65 42.40
N LEU O 434 -6.48 -13.28 41.68
CA LEU O 434 -5.20 -13.30 42.37
C LEU O 434 -4.89 -11.98 43.06
N GLU O 435 -5.68 -10.95 42.84
CA GLU O 435 -5.64 -9.81 43.75
C GLU O 435 -6.41 -10.11 45.04
N ALA O 436 -7.47 -10.93 44.95
CA ALA O 436 -8.06 -11.44 46.18
C ALA O 436 -7.05 -12.27 46.96
N ALA O 437 -6.25 -13.07 46.23
CA ALA O 437 -5.18 -13.82 46.88
C ALA O 437 -4.18 -12.89 47.57
N ARG O 438 -3.75 -11.82 46.90
CA ARG O 438 -2.81 -10.93 47.57
C ARG O 438 -3.47 -10.17 48.71
N ARG O 439 -4.78 -9.96 48.64
CA ARG O 439 -5.50 -9.38 49.77
C ARG O 439 -5.43 -10.30 50.98
N ASP O 440 -5.64 -11.60 50.77
CA ASP O 440 -5.45 -12.56 51.84
C ASP O 440 -4.03 -12.51 52.38
N ARG O 441 -3.05 -12.43 51.48
CA ARG O 441 -1.65 -12.30 51.89
C ARG O 441 -1.47 -11.12 52.85
N SER O 442 -1.94 -9.95 52.44
CA SER O 442 -1.77 -8.76 53.27
C SER O 442 -2.46 -8.93 54.62
N ARG O 443 -3.71 -9.39 54.60
CA ARG O 443 -4.47 -9.51 55.84
C ARG O 443 -3.81 -10.46 56.82
N LEU O 444 -3.29 -11.59 56.34
CA LEU O 444 -2.82 -12.64 57.23
C LEU O 444 -1.31 -12.67 57.40
N GLN O 445 -0.57 -11.72 56.84
CA GLN O 445 0.84 -11.68 57.22
C GLN O 445 1.37 -10.28 57.48
N MET O 446 0.69 -9.21 57.08
CA MET O 446 1.14 -7.88 57.42
C MET O 446 0.65 -7.51 58.81
N ALA P 213 -46.14 52.38 -271.23
CA ALA P 213 -45.85 50.95 -271.21
C ALA P 213 -44.62 50.65 -270.37
N ALA P 214 -43.54 51.36 -270.67
CA ALA P 214 -42.27 51.13 -269.99
C ALA P 214 -42.40 51.37 -268.48
N THR P 215 -43.12 52.45 -268.10
CA THR P 215 -43.42 52.63 -266.68
C THR P 215 -44.14 51.41 -266.12
N LEU P 216 -45.06 50.84 -266.88
CA LEU P 216 -45.76 49.65 -266.41
C LEU P 216 -44.79 48.51 -266.17
N LYS P 217 -43.87 48.29 -267.10
CA LYS P 217 -42.95 47.16 -266.95
C LYS P 217 -42.06 47.37 -265.75
N LYS P 218 -41.59 48.60 -265.54
CA LYS P 218 -40.77 48.86 -264.36
C LYS P 218 -41.56 48.60 -263.09
N ARG P 219 -42.81 49.07 -263.05
CA ARG P 219 -43.61 48.88 -261.85
C ARG P 219 -43.81 47.40 -261.56
N VAL P 220 -44.11 46.60 -262.58
CA VAL P 220 -44.39 45.18 -262.34
C VAL P 220 -43.12 44.44 -261.94
N ASP P 221 -42.00 44.78 -262.58
CA ASP P 221 -40.72 44.19 -262.18
C ASP P 221 -40.46 44.41 -260.70
N GLN P 222 -40.53 45.67 -260.27
CA GLN P 222 -40.23 45.97 -258.87
C GLN P 222 -41.25 45.32 -257.94
N ALA P 223 -42.53 45.38 -258.29
CA ALA P 223 -43.57 44.86 -257.40
C ALA P 223 -43.42 43.36 -257.21
N GLY P 224 -43.26 42.61 -258.31
CA GLY P 224 -43.14 41.16 -258.20
C GLY P 224 -41.89 40.72 -257.45
N LEU P 225 -40.75 41.32 -257.81
CA LEU P 225 -39.51 40.95 -257.11
C LEU P 225 -39.65 41.23 -255.61
N ASP P 226 -40.16 42.41 -255.26
CA ASP P 226 -40.29 42.77 -253.85
C ASP P 226 -41.31 41.89 -253.13
N LEU P 227 -42.40 41.51 -253.80
CA LEU P 227 -43.36 40.63 -253.14
C LEU P 227 -42.74 39.29 -252.80
N ALA P 228 -41.99 38.69 -253.74
CA ALA P 228 -41.33 37.43 -253.42
C ALA P 228 -40.34 37.59 -252.27
N ARG P 229 -39.53 38.65 -252.32
CA ARG P 229 -38.55 38.90 -251.27
C ARG P 229 -39.22 39.08 -249.91
N LEU P 230 -40.32 39.83 -249.89
CA LEU P 230 -40.99 40.13 -248.64
C LEU P 230 -41.80 38.96 -248.11
N SER P 231 -42.28 38.07 -248.99
CA SER P 231 -42.82 36.80 -248.53
C SER P 231 -41.75 35.99 -247.82
N ARG P 232 -40.56 35.91 -248.42
CA ARG P 232 -39.44 35.27 -247.74
C ARG P 232 -39.20 35.89 -246.38
N ILE P 233 -39.13 37.21 -246.33
CA ILE P 233 -38.79 37.91 -245.09
C ILE P 233 -39.82 37.65 -244.02
N GLU P 234 -41.11 37.71 -244.37
CA GLU P 234 -42.14 37.53 -243.35
C GLU P 234 -42.21 36.09 -242.89
N THR P 235 -41.87 35.14 -243.76
CA THR P 235 -41.72 33.76 -243.31
C THR P 235 -40.59 33.63 -242.30
N ASP P 236 -39.45 34.28 -242.58
CA ASP P 236 -38.33 34.23 -241.65
C ASP P 236 -38.73 34.83 -240.30
N LEU P 237 -39.38 36.00 -240.33
CA LEU P 237 -39.80 36.65 -239.10
C LEU P 237 -40.78 35.79 -238.32
N GLU P 238 -41.77 35.20 -239.01
CA GLU P 238 -42.75 34.40 -238.31
C GLU P 238 -42.12 33.18 -237.67
N ALA P 239 -41.21 32.50 -238.38
CA ALA P 239 -40.57 31.33 -237.81
C ALA P 239 -39.71 31.71 -236.60
N GLN P 240 -38.93 32.79 -236.72
CA GLN P 240 -38.10 33.23 -235.62
C GLN P 240 -38.94 33.62 -234.41
N LEU P 241 -40.06 34.33 -234.65
CA LEU P 241 -40.95 34.68 -233.55
C LEU P 241 -41.57 33.46 -232.91
N ALA P 242 -41.94 32.46 -233.71
CA ALA P 242 -42.49 31.24 -233.13
C ALA P 242 -41.51 30.61 -232.18
N ALA P 243 -40.28 30.36 -232.66
CA ALA P 243 -39.26 29.76 -231.81
C ALA P 243 -38.97 30.64 -230.61
N GLU P 244 -38.88 31.96 -230.83
CA GLU P 244 -38.50 32.88 -229.77
C GLU P 244 -39.54 32.90 -228.66
N ARG P 245 -40.81 33.09 -229.01
CA ARG P 245 -41.84 33.19 -227.98
C ARG P 245 -42.02 31.86 -227.26
N ALA P 246 -41.89 30.75 -227.98
CA ALA P 246 -41.91 29.46 -227.29
C ALA P 246 -40.78 29.37 -226.28
N ARG P 247 -39.58 29.79 -226.67
CA ARG P 247 -38.44 29.75 -225.75
C ARG P 247 -38.65 30.69 -224.57
N VAL P 248 -39.25 31.85 -224.83
CA VAL P 248 -39.56 32.79 -223.76
C VAL P 248 -40.45 32.13 -222.73
N GLN P 249 -41.54 31.53 -223.20
CA GLN P 249 -42.48 30.92 -222.27
C GLN P 249 -41.83 29.78 -221.51
N ALA P 250 -41.00 28.99 -222.19
CA ALA P 250 -40.38 27.85 -221.53
C ALA P 250 -39.39 28.29 -220.45
N VAL P 251 -38.54 29.26 -220.75
CA VAL P 251 -37.57 29.71 -219.76
C VAL P 251 -38.27 30.42 -218.61
N GLU P 252 -39.35 31.15 -218.89
CA GLU P 252 -40.09 31.77 -217.81
C GLU P 252 -40.74 30.71 -216.93
N ASN P 253 -41.18 29.60 -217.53
CA ASN P 253 -41.68 28.48 -216.74
C ASN P 253 -40.56 27.84 -215.92
N ALA P 254 -39.34 27.85 -216.46
CA ALA P 254 -38.20 27.39 -215.67
C ALA P 254 -37.97 28.28 -214.45
N LEU P 255 -38.06 29.60 -214.65
CA LEU P 255 -38.10 30.53 -213.52
C LEU P 255 -39.15 30.13 -212.50
N ALA P 256 -40.36 29.88 -212.97
CA ALA P 256 -41.43 29.50 -212.05
C ALA P 256 -41.08 28.23 -211.28
N ALA P 257 -40.55 27.23 -211.98
CA ALA P 257 -40.28 25.94 -211.34
C ALA P 257 -39.15 26.05 -210.31
N HIS P 258 -38.05 26.68 -210.69
CA HIS P 258 -36.97 26.84 -209.74
C HIS P 258 -37.39 27.69 -208.55
N GLN P 259 -38.18 28.74 -208.79
CA GLN P 259 -38.64 29.55 -207.68
C GLN P 259 -39.57 28.75 -206.78
N ALA P 260 -40.37 27.85 -207.36
CA ALA P 260 -41.22 27.00 -206.54
C ALA P 260 -40.39 26.08 -205.65
N ASP P 261 -39.34 25.48 -206.22
CA ASP P 261 -38.45 24.65 -205.41
C ASP P 261 -37.77 25.48 -204.33
N SER P 262 -37.35 26.68 -204.69
CA SER P 262 -36.76 27.60 -203.73
C SER P 262 -37.73 27.86 -202.58
N GLY P 263 -38.98 28.14 -202.90
CA GLY P 263 -39.94 28.40 -201.84
C GLY P 263 -40.11 27.21 -200.92
N ARG P 264 -40.30 26.02 -201.50
CA ARG P 264 -40.38 24.80 -200.71
C ARG P 264 -39.23 24.72 -199.71
N THR P 265 -38.00 24.76 -200.22
CA THR P 265 -36.84 24.59 -199.35
C THR P 265 -36.72 25.75 -198.36
N ILE P 266 -37.07 26.96 -198.77
CA ILE P 266 -36.97 28.10 -197.87
C ILE P 266 -37.86 27.91 -196.66
N ARG P 267 -39.14 27.62 -196.86
CA ARG P 267 -39.97 27.53 -195.65
C ARG P 267 -39.65 26.29 -194.83
N GLY P 268 -39.31 25.17 -195.48
CA GLY P 268 -38.90 24.01 -194.68
C GLY P 268 -37.68 24.31 -193.82
N LEU P 269 -36.69 24.97 -194.41
CA LEU P 269 -35.47 25.27 -193.70
C LEU P 269 -35.73 26.31 -192.62
N GLU P 270 -36.63 27.25 -192.89
CA GLU P 270 -37.00 28.19 -191.84
C GLU P 270 -37.68 27.47 -190.69
N SER P 271 -38.51 26.47 -190.99
CA SER P 271 -39.18 25.72 -189.93
C SER P 271 -38.15 25.07 -189.00
N GLN P 272 -37.15 24.43 -189.59
CA GLN P 272 -36.14 23.81 -188.74
C GLN P 272 -35.36 24.88 -187.98
N VAL P 273 -35.15 26.06 -188.58
CA VAL P 273 -34.39 27.05 -187.83
C VAL P 273 -35.21 27.58 -186.66
N GLU P 274 -36.53 27.76 -186.81
CA GLU P 274 -37.21 28.27 -185.63
C GLU P 274 -37.33 27.18 -184.57
N ALA P 275 -37.41 25.91 -184.97
CA ALA P 275 -37.33 24.85 -183.97
C ALA P 275 -36.02 24.96 -183.20
N ASN P 276 -34.92 25.17 -183.91
CA ASN P 276 -33.63 25.29 -183.25
C ASN P 276 -33.62 26.49 -182.30
N ARG P 277 -34.13 27.63 -182.74
CA ARG P 277 -34.06 28.83 -181.90
C ARG P 277 -34.94 28.67 -180.67
N ALA P 278 -36.09 28.01 -180.82
CA ALA P 278 -36.90 27.71 -179.65
C ALA P 278 -36.13 26.86 -178.67
N GLU P 279 -35.48 25.81 -179.15
CA GLU P 279 -34.68 24.99 -178.25
C GLU P 279 -33.58 25.83 -177.61
N ILE P 280 -33.03 26.77 -178.36
CA ILE P 280 -32.02 27.66 -177.78
C ILE P 280 -32.56 28.32 -176.54
N SER P 281 -33.62 29.11 -176.69
CA SER P 281 -34.13 29.88 -175.56
C SER P 281 -34.59 28.97 -174.44
N ALA P 282 -35.12 27.79 -174.78
CA ALA P 282 -35.72 26.93 -173.77
C ALA P 282 -34.66 26.19 -172.96
N LEU P 283 -33.71 25.54 -173.63
CA LEU P 283 -32.59 24.97 -172.91
C LEU P 283 -31.85 26.05 -172.16
N GLN P 284 -31.89 27.29 -172.65
CA GLN P 284 -31.22 28.37 -171.95
C GLN P 284 -32.00 28.76 -170.70
N THR P 285 -33.34 28.61 -170.73
CA THR P 285 -34.11 28.75 -169.50
C THR P 285 -33.67 27.71 -168.47
N ARG P 286 -33.65 26.45 -168.87
CA ARG P 286 -33.23 25.44 -167.90
C ARG P 286 -31.82 25.70 -167.41
N LEU P 287 -30.96 26.24 -168.27
CA LEU P 287 -29.61 26.54 -167.83
C LEU P 287 -29.60 27.60 -166.75
N GLU P 288 -30.36 28.68 -166.94
CA GLU P 288 -30.33 29.70 -165.90
C GLU P 288 -30.92 29.15 -164.61
N THR P 289 -31.95 28.32 -164.71
CA THR P 289 -32.52 27.72 -163.51
C THR P 289 -31.45 26.92 -162.78
N ALA P 290 -30.77 26.05 -163.50
CA ALA P 290 -29.78 25.19 -162.87
C ALA P 290 -28.67 26.01 -162.24
N THR P 291 -28.19 27.05 -162.93
CA THR P 291 -27.05 27.78 -162.40
C THR P 291 -27.44 28.58 -161.17
N GLY P 292 -28.63 29.18 -161.17
CA GLY P 292 -29.07 29.88 -159.97
C GLY P 292 -29.27 28.92 -158.81
N ARG P 293 -29.84 27.76 -159.08
CA ARG P 293 -29.97 26.73 -158.07
C ARG P 293 -28.63 26.40 -157.46
N ALA P 294 -27.65 26.08 -158.29
CA ALA P 294 -26.36 25.68 -157.77
C ALA P 294 -25.76 26.79 -156.92
N ASP P 295 -25.88 28.03 -157.40
CA ASP P 295 -25.32 29.16 -156.65
C ASP P 295 -25.95 29.26 -155.26
N LYS P 296 -27.27 29.29 -155.19
CA LYS P 296 -27.85 29.60 -153.89
C LYS P 296 -27.79 28.41 -152.94
N LEU P 297 -27.80 27.18 -153.46
CA LEU P 297 -27.46 26.05 -152.59
C LEU P 297 -26.07 26.19 -152.01
N GLU P 298 -25.09 26.57 -152.84
CA GLU P 298 -23.80 26.93 -152.25
C GLU P 298 -24.00 27.93 -151.11
N GLU P 299 -24.86 28.92 -151.35
CA GLU P 299 -25.00 30.01 -150.39
C GLU P 299 -25.45 29.50 -149.02
N MET P 300 -26.65 28.93 -148.95
CA MET P 300 -27.07 28.57 -147.61
C MET P 300 -26.34 27.33 -147.11
N ASN P 301 -25.72 26.54 -147.98
CA ASN P 301 -24.90 25.46 -147.45
C ASN P 301 -23.75 26.04 -146.65
N GLY P 302 -23.12 27.10 -147.16
CA GLY P 302 -22.11 27.76 -146.36
C GLY P 302 -22.69 28.34 -145.08
N GLN P 303 -23.85 28.98 -145.17
CA GLN P 303 -24.42 29.60 -143.99
C GLN P 303 -24.73 28.55 -142.92
N ILE P 304 -25.28 27.42 -143.34
CA ILE P 304 -25.72 26.43 -142.38
C ILE P 304 -24.52 25.63 -141.91
N SER P 305 -23.42 25.64 -142.67
CA SER P 305 -22.17 25.14 -142.13
C SER P 305 -21.69 26.02 -140.98
N ALA P 306 -21.83 27.33 -141.13
CA ALA P 306 -21.49 28.22 -140.02
C ALA P 306 -22.36 27.93 -138.80
N ARG P 307 -23.65 27.76 -139.04
CA ARG P 307 -24.52 27.29 -137.96
C ARG P 307 -24.01 26.01 -137.34
N LEU P 308 -23.52 25.08 -138.16
CA LEU P 308 -23.01 23.83 -137.63
C LEU P 308 -21.83 24.08 -136.73
N ALA P 309 -20.97 25.01 -137.11
CA ALA P 309 -19.86 25.37 -136.25
C ALA P 309 -20.37 25.81 -134.89
N ASP P 310 -21.35 26.72 -134.89
CA ASP P 310 -21.92 27.19 -133.62
C ASP P 310 -22.50 26.04 -132.82
N SER P 311 -23.26 25.17 -133.48
CA SER P 311 -24.00 24.13 -132.78
C SER P 311 -23.06 23.07 -132.22
N SER P 312 -22.03 22.69 -132.98
CA SER P 312 -21.07 21.73 -132.45
C SER P 312 -20.27 22.34 -131.33
N ALA P 313 -19.99 23.63 -131.40
CA ALA P 313 -19.35 24.30 -130.26
C ALA P 313 -20.20 24.16 -129.01
N GLN P 314 -21.50 24.45 -129.12
CA GLN P 314 -22.39 24.30 -127.97
C GLN P 314 -22.44 22.84 -127.52
N GLN P 315 -22.48 21.91 -128.48
CA GLN P 315 -22.51 20.49 -128.14
C GLN P 315 -21.32 20.12 -127.29
N LYS P 316 -20.11 20.47 -127.75
CA LYS P 316 -18.92 20.16 -126.98
C LYS P 316 -18.92 20.88 -125.63
N ALA P 317 -19.38 22.13 -125.60
CA ALA P 317 -19.33 22.88 -124.35
C ALA P 317 -20.25 22.27 -123.30
N VAL P 318 -21.50 22.00 -123.67
CA VAL P 318 -22.42 21.42 -122.71
C VAL P 318 -21.99 20.01 -122.36
N GLU P 319 -21.36 19.29 -123.28
CA GLU P 319 -20.87 17.96 -122.93
C GLU P 319 -19.78 18.06 -121.87
N ARG P 320 -18.87 19.02 -122.03
CA ARG P 320 -17.84 19.21 -121.02
C ARG P 320 -18.44 19.58 -119.67
N ARG P 321 -19.38 20.52 -119.68
CA ARG P 321 -19.94 20.97 -118.40
C ARG P 321 -20.74 19.84 -117.75
N ALA P 322 -21.39 19.01 -118.55
CA ALA P 322 -22.11 17.86 -118.02
C ALA P 322 -21.16 16.86 -117.40
N GLY P 323 -20.03 16.59 -118.05
CA GLY P 323 -19.05 15.70 -117.44
C GLY P 323 -18.52 16.25 -116.13
N ASP P 324 -18.25 17.55 -116.08
CA ASP P 324 -17.74 18.17 -114.86
C ASP P 324 -18.74 18.03 -113.71
N LEU P 325 -20.00 18.38 -113.97
CA LEU P 325 -20.98 18.25 -112.90
C LEU P 325 -21.31 16.80 -112.62
N ASN P 326 -21.02 15.88 -113.54
CA ASN P 326 -21.13 14.48 -113.20
C ASN P 326 -20.10 14.09 -112.17
N VAL P 327 -18.87 14.57 -112.35
CA VAL P 327 -17.84 14.32 -111.36
C VAL P 327 -18.23 14.94 -110.02
N ALA P 328 -18.80 16.15 -110.07
CA ALA P 328 -19.21 16.82 -108.84
C ALA P 328 -20.30 16.04 -108.11
N LEU P 329 -21.30 15.53 -108.86
CA LEU P 329 -22.32 14.70 -108.23
C LEU P 329 -21.74 13.43 -107.65
N GLU P 330 -20.82 12.78 -108.36
CA GLU P 330 -20.22 11.58 -107.82
C GLU P 330 -19.53 11.86 -106.49
N ARG P 331 -18.72 12.92 -106.44
CA ARG P 331 -18.00 13.21 -105.20
C ARG P 331 -18.95 13.67 -104.10
N ALA P 332 -20.01 14.42 -104.44
CA ALA P 332 -20.94 14.87 -103.43
C ALA P 332 -21.76 13.71 -102.88
N LEU P 333 -22.12 12.75 -103.73
CA LEU P 333 -22.83 11.57 -103.24
C LEU P 333 -21.92 10.74 -102.35
N ASP P 334 -20.64 10.61 -102.71
CA ASP P 334 -19.70 9.94 -101.83
C ASP P 334 -19.59 10.65 -100.49
N ARG P 335 -19.58 11.98 -100.50
CA ARG P 335 -19.52 12.75 -99.27
C ARG P 335 -20.78 12.56 -98.42
N ILE P 336 -21.95 12.50 -99.06
CA ILE P 336 -23.17 12.20 -98.33
C ILE P 336 -23.08 10.83 -97.67
N ARG P 337 -22.57 9.83 -98.39
CA ARG P 337 -22.41 8.52 -97.78
C ARG P 337 -21.45 8.57 -96.58
N ALA P 338 -20.35 9.30 -96.72
CA ALA P 338 -19.41 9.43 -95.60
C ALA P 338 -20.09 10.08 -94.40
N LEU P 339 -20.82 11.17 -94.62
CA LEU P 339 -21.45 11.85 -93.51
C LEU P 339 -22.55 11.01 -92.87
N GLU P 340 -23.27 10.20 -93.66
CA GLU P 340 -24.27 9.35 -93.04
C GLU P 340 -23.61 8.30 -92.17
N GLU P 341 -22.49 7.73 -92.62
CA GLU P 341 -21.78 6.77 -91.78
C GLU P 341 -21.28 7.43 -90.49
N GLU P 342 -20.73 8.64 -90.60
CA GLU P 342 -20.21 9.34 -89.44
C GLU P 342 -21.32 9.66 -88.44
N ALA P 343 -22.46 10.14 -88.95
CA ALA P 343 -23.59 10.42 -88.07
C ALA P 343 -24.08 9.15 -87.40
N ASP P 344 -24.05 8.03 -88.13
CA ASP P 344 -24.39 6.76 -87.51
C ASP P 344 -23.49 6.48 -86.33
N GLY P 345 -22.17 6.58 -86.56
CA GLY P 345 -21.21 6.31 -85.50
C GLY P 345 -21.44 7.18 -84.28
N LEU P 346 -21.65 8.48 -84.49
CA LEU P 346 -22.09 9.34 -83.41
C LEU P 346 -23.31 8.79 -82.71
N ARG P 347 -24.29 8.29 -83.46
CA ARG P 347 -25.50 7.81 -82.81
C ARG P 347 -25.20 6.66 -81.85
N GLN P 348 -24.51 5.61 -82.30
CA GLN P 348 -24.35 4.48 -81.38
C GLN P 348 -23.44 4.86 -80.21
N ARG P 349 -22.36 5.60 -80.48
CA ARG P 349 -21.42 5.88 -79.41
C ARG P 349 -22.03 6.84 -78.39
N HIS P 350 -22.82 7.81 -78.87
CA HIS P 350 -23.52 8.70 -77.96
C HIS P 350 -24.52 7.94 -77.10
N ALA P 351 -25.23 6.98 -77.70
CA ALA P 351 -26.13 6.16 -76.89
C ALA P 351 -25.37 5.42 -75.80
N GLY P 352 -24.24 4.80 -76.17
CA GLY P 352 -23.47 4.05 -75.19
C GLY P 352 -22.95 4.92 -74.06
N VAL P 353 -22.42 6.10 -74.39
CA VAL P 353 -21.88 6.98 -73.37
C VAL P 353 -22.98 7.50 -72.45
N ASP P 354 -24.08 7.98 -73.03
CA ASP P 354 -25.19 8.46 -72.23
C ASP P 354 -25.81 7.38 -71.37
N THR P 355 -25.68 6.12 -71.75
CA THR P 355 -26.21 5.05 -70.91
C THR P 355 -25.25 4.59 -69.82
N ALA P 356 -23.96 4.50 -70.12
CA ALA P 356 -22.99 4.20 -69.06
C ALA P 356 -22.96 5.32 -68.04
N ARG P 357 -23.20 6.56 -68.47
CA ARG P 357 -23.34 7.66 -67.54
C ARG P 357 -24.62 7.56 -66.70
N ALA P 358 -25.62 6.81 -67.15
CA ALA P 358 -26.76 6.57 -66.28
C ALA P 358 -26.49 5.44 -65.29
N THR P 359 -25.75 4.42 -65.75
CA THR P 359 -25.31 3.37 -64.84
C THR P 359 -24.43 3.94 -63.72
N ALA P 360 -23.54 4.87 -64.06
CA ALA P 360 -22.69 5.48 -63.05
C ALA P 360 -23.53 6.28 -62.06
N ILE P 361 -24.57 6.96 -62.52
CA ILE P 361 -25.44 7.67 -61.58
C ILE P 361 -26.16 6.69 -60.66
N GLU P 362 -26.64 5.58 -61.20
CA GLU P 362 -27.29 4.59 -60.33
C GLU P 362 -26.34 4.07 -59.26
N ARG P 363 -25.12 3.70 -59.67
CA ARG P 363 -24.13 3.22 -58.72
C ARG P 363 -23.80 4.29 -57.69
N ALA P 364 -23.60 5.52 -58.14
CA ALA P 364 -23.25 6.59 -57.23
C ALA P 364 -24.35 6.83 -56.21
N ASP P 365 -25.60 6.81 -56.64
CA ASP P 365 -26.70 7.00 -55.70
C ASP P 365 -26.75 5.89 -54.67
N GLN P 366 -26.68 4.63 -55.11
CA GLN P 366 -26.78 3.53 -54.15
C GLN P 366 -25.57 3.51 -53.22
N LEU P 367 -24.40 3.89 -53.72
CA LEU P 367 -23.21 3.91 -52.89
C LEU P 367 -23.25 5.03 -51.86
N ALA P 368 -23.83 6.17 -52.22
CA ALA P 368 -24.04 7.22 -51.24
C ALA P 368 -25.03 6.79 -50.17
N LYS P 369 -26.07 6.05 -50.58
CA LYS P 369 -26.99 5.50 -49.58
C LYS P 369 -26.26 4.54 -48.63
N SER P 370 -25.39 3.70 -49.18
CA SER P 370 -24.61 2.79 -48.34
C SER P 370 -23.69 3.56 -47.40
N ALA P 371 -23.11 4.66 -47.88
CA ALA P 371 -22.27 5.48 -47.02
C ALA P 371 -23.07 6.08 -45.87
N VAL P 372 -24.30 6.51 -46.14
CA VAL P 372 -25.15 7.03 -45.07
C VAL P 372 -25.43 5.95 -44.04
N ALA P 373 -25.72 4.73 -44.51
CA ALA P 373 -25.93 3.62 -43.59
C ALA P 373 -24.69 3.35 -42.75
N GLN P 374 -23.52 3.34 -43.38
CA GLN P 374 -22.28 3.09 -42.67
C GLN P 374 -22.03 4.16 -41.61
N GLU P 375 -22.33 5.42 -41.95
CA GLU P 375 -22.19 6.49 -40.98
C GLU P 375 -23.10 6.26 -39.79
N LYS P 376 -24.34 5.85 -40.05
CA LYS P 376 -25.25 5.59 -38.94
C LYS P 376 -24.73 4.45 -38.07
N ALA P 377 -24.19 3.40 -38.70
CA ALA P 377 -23.66 2.26 -37.95
C ALA P 377 -22.49 2.68 -37.06
N LEU P 378 -21.58 3.48 -37.58
CA LEU P 378 -20.47 3.94 -36.75
C LEU P 378 -20.95 4.85 -35.63
N LYS P 379 -21.97 5.65 -35.88
CA LYS P 379 -22.50 6.45 -34.77
C LYS P 379 -23.06 5.56 -33.67
N ARG P 380 -23.80 4.53 -34.04
CA ARG P 380 -24.31 3.60 -33.04
C ARG P 380 -23.18 2.93 -32.27
N ALA P 381 -22.17 2.44 -33.00
CA ALA P 381 -21.07 1.73 -32.36
C ALA P 381 -20.30 2.64 -31.42
N GLU P 382 -20.09 3.90 -31.82
CA GLU P 382 -19.37 4.82 -30.96
C GLU P 382 -20.18 5.17 -29.72
N GLU P 383 -21.49 5.33 -29.86
CA GLU P 383 -22.29 5.59 -28.68
C GLU P 383 -22.22 4.43 -27.69
N ARG P 384 -22.31 3.20 -28.20
CA ARG P 384 -22.34 2.09 -27.27
C ARG P 384 -20.96 1.81 -26.70
N ALA P 385 -19.90 2.11 -27.47
CA ALA P 385 -18.56 2.06 -26.91
C ALA P 385 -18.37 3.11 -25.84
N GLN P 386 -18.99 4.29 -26.01
CA GLN P 386 -18.99 5.28 -24.95
C GLN P 386 -19.65 4.76 -23.71
N GLN P 387 -20.77 4.05 -23.87
CA GLN P 387 -21.42 3.44 -22.71
C GLN P 387 -20.47 2.44 -22.04
N LEU P 388 -19.78 1.64 -22.83
CA LEU P 388 -18.82 0.69 -22.26
C LEU P 388 -17.73 1.40 -21.48
N ARG P 389 -17.23 2.50 -22.03
CA ARG P 389 -16.20 3.28 -21.33
C ARG P 389 -16.72 3.84 -20.02
N ALA P 390 -17.95 4.36 -20.02
CA ALA P 390 -18.51 4.93 -18.80
C ALA P 390 -18.68 3.86 -17.72
N ARG P 391 -19.16 2.68 -18.12
CA ARG P 391 -19.29 1.59 -17.17
C ARG P 391 -17.94 1.18 -16.60
N LEU P 392 -16.92 1.09 -17.46
CA LEU P 392 -15.57 0.80 -16.98
C LEU P 392 -15.09 1.85 -16.00
N ASP P 393 -15.37 3.13 -16.26
CA ASP P 393 -14.89 4.19 -15.39
C ASP P 393 -15.56 4.15 -14.02
N ALA P 394 -16.87 3.90 -13.99
CA ALA P 394 -17.55 3.73 -12.71
C ALA P 394 -16.98 2.53 -11.96
N MET P 395 -16.68 1.46 -12.69
CA MET P 395 -16.07 0.29 -12.06
C MET P 395 -14.72 0.63 -11.44
N GLN P 396 -13.92 1.44 -12.12
CA GLN P 396 -12.62 1.83 -11.59
C GLN P 396 -12.78 2.68 -10.33
N GLU P 397 -13.75 3.59 -10.32
CA GLU P 397 -13.97 4.39 -9.12
C GLU P 397 -14.37 3.50 -7.95
N ALA P 398 -15.20 2.49 -8.22
CA ALA P 398 -15.54 1.53 -7.18
C ALA P 398 -14.29 0.80 -6.68
N GLN P 399 -13.39 0.44 -7.59
CA GLN P 399 -12.14 -0.18 -7.18
C GLN P 399 -11.34 0.76 -6.28
N ASP P 400 -11.38 2.05 -6.58
CA ASP P 400 -10.68 3.03 -5.74
C ASP P 400 -11.25 3.02 -4.32
N GLN P 401 -12.56 3.08 -4.20
CA GLN P 401 -13.16 3.08 -2.86
C GLN P 401 -12.83 1.80 -2.11
N VAL P 402 -12.85 0.67 -2.81
CA VAL P 402 -12.49 -0.58 -2.15
C VAL P 402 -11.03 -0.56 -1.72
N ARG P 403 -10.17 0.11 -2.49
CA ARG P 403 -8.79 0.26 -2.07
C ARG P 403 -8.68 1.04 -0.77
N ARG P 404 -9.48 2.10 -0.65
CA ARG P 404 -9.53 2.83 0.62
C ARG P 404 -9.98 1.92 1.76
N ASP P 405 -10.99 1.09 1.50
CA ASP P 405 -11.43 0.15 2.54
C ASP P 405 -10.31 -0.80 2.94
N SER P 406 -9.54 -1.28 1.96
CA SER P 406 -8.45 -2.18 2.27
C SER P 406 -7.38 -1.49 3.10
N ALA P 407 -7.12 -0.22 2.81
CA ALA P 407 -6.18 0.54 3.63
C ALA P 407 -6.68 0.65 5.07
N THR P 408 -7.98 0.87 5.23
CA THR P 408 -8.54 0.92 6.57
C THR P 408 -8.36 -0.41 7.29
N HIS P 409 -8.59 -1.53 6.59
CA HIS P 409 -8.36 -2.83 7.23
C HIS P 409 -6.90 -3.00 7.63
N GLU P 410 -5.97 -2.57 6.81
CA GLU P 410 -4.57 -2.73 7.18
C GLU P 410 -4.25 -1.90 8.42
N ALA P 411 -4.80 -0.69 8.50
CA ALA P 411 -4.61 0.12 9.70
C ALA P 411 -5.19 -0.56 10.93
N LYS P 412 -6.37 -1.18 10.78
CA LYS P 412 -6.96 -1.88 11.90
C LYS P 412 -6.10 -3.05 12.34
N ILE P 413 -5.52 -3.78 11.38
CA ILE P 413 -4.65 -4.88 11.76
C ILE P 413 -3.45 -4.37 12.53
N ALA P 414 -2.84 -3.29 12.06
CA ALA P 414 -1.69 -2.75 12.79
C ALA P 414 -2.06 -2.36 14.20
N GLU P 415 -3.16 -1.63 14.36
CA GLU P 415 -3.60 -1.19 15.68
C GLU P 415 -3.95 -2.37 16.58
N LEU P 416 -4.67 -3.35 16.04
CA LEU P 416 -5.15 -4.46 16.85
C LEU P 416 -4.00 -5.35 17.26
N GLN P 417 -3.02 -5.54 16.39
CA GLN P 417 -1.88 -6.33 16.78
C GLN P 417 -1.01 -5.57 17.77
N ALA P 418 -0.96 -4.24 17.66
CA ALA P 418 -0.24 -3.48 18.67
C ALA P 418 -0.89 -3.65 20.04
N THR P 419 -2.22 -3.57 20.11
CA THR P 419 -2.88 -3.68 21.39
C THR P 419 -2.81 -5.09 21.94
N ILE P 420 -2.88 -6.10 21.07
CA ILE P 420 -2.70 -7.46 21.56
C ILE P 420 -1.28 -7.63 22.09
N GLU P 421 -0.32 -6.96 21.45
CA GLU P 421 1.05 -7.06 21.94
C GLU P 421 1.17 -6.48 23.33
N ARG P 422 0.67 -5.27 23.53
CA ARG P 422 0.94 -4.64 24.82
C ARG P 422 0.10 -5.33 25.90
N LEU P 423 -1.07 -5.84 25.52
CA LEU P 423 -1.85 -6.67 26.43
C LEU P 423 -1.11 -7.93 26.85
N THR P 424 -0.60 -8.69 25.90
CA THR P 424 0.04 -9.93 26.29
C THR P 424 1.33 -9.66 27.04
N SER P 425 1.97 -8.52 26.80
CA SER P 425 3.13 -8.16 27.60
C SER P 425 2.73 -7.86 29.04
N GLU P 426 1.69 -7.05 29.23
CA GLU P 426 1.21 -6.77 30.58
C GLU P 426 0.80 -8.05 31.27
N ALA P 427 0.10 -8.93 30.55
CA ALA P 427 -0.32 -10.20 31.14
C ALA P 427 0.88 -11.02 31.55
N ALA P 428 1.93 -11.02 30.73
CA ALA P 428 3.14 -11.74 31.09
C ALA P 428 3.71 -11.21 32.39
N LEU P 429 3.82 -9.88 32.50
CA LEU P 429 4.43 -9.31 33.70
C LEU P 429 3.61 -9.61 34.93
N ALA P 430 2.29 -9.39 34.85
CA ALA P 430 1.46 -9.61 36.03
C ALA P 430 1.40 -11.08 36.40
N GLU P 431 1.26 -11.95 35.42
CA GLU P 431 1.19 -13.38 35.71
C GLU P 431 2.48 -13.85 36.33
N GLY P 432 3.61 -13.39 35.83
CA GLY P 432 4.87 -13.77 36.44
C GLY P 432 5.00 -13.27 37.87
N ALA P 433 4.71 -11.99 38.08
CA ALA P 433 4.89 -11.42 39.41
C ALA P 433 4.00 -12.09 40.44
N LEU P 434 2.75 -12.32 40.10
CA LEU P 434 1.85 -12.89 41.11
C LEU P 434 1.89 -14.41 41.15
N GLU P 435 2.44 -15.07 40.14
CA GLU P 435 2.84 -16.45 40.37
C GLU P 435 4.00 -16.53 41.34
N ALA P 436 4.95 -15.60 41.23
CA ALA P 436 6.01 -15.54 42.23
C ALA P 436 5.45 -15.24 43.61
N ALA P 437 4.43 -14.39 43.68
CA ALA P 437 3.80 -14.08 44.96
C ALA P 437 3.16 -15.32 45.57
N ARG P 438 2.40 -16.07 44.77
CA ARG P 438 1.80 -17.29 45.31
C ARG P 438 2.88 -18.33 45.61
N ARG P 439 4.00 -18.30 44.89
CA ARG P 439 5.14 -19.13 45.24
C ARG P 439 5.66 -18.79 46.63
N ASP P 440 5.77 -17.49 46.92
CA ASP P 440 6.22 -17.07 48.24
C ASP P 440 5.23 -17.50 49.31
N ARG P 441 3.93 -17.37 49.01
CA ARG P 441 2.90 -17.84 49.94
C ARG P 441 3.08 -19.32 50.24
N SER P 442 3.32 -20.12 49.21
CA SER P 442 3.56 -21.54 49.43
C SER P 442 4.78 -21.74 50.32
N ARG P 443 5.89 -21.10 49.96
CA ARG P 443 7.15 -21.41 50.66
C ARG P 443 7.12 -20.92 52.10
N LEU P 444 6.32 -19.90 52.39
CA LEU P 444 6.19 -19.46 53.79
C LEU P 444 5.14 -20.28 54.53
N GLN P 445 3.88 -20.20 54.11
CA GLN P 445 2.80 -20.76 54.88
C GLN P 445 2.81 -22.29 54.89
N MET P 446 3.39 -22.94 53.89
CA MET P 446 3.87 -24.30 54.00
C MET P 446 5.36 -24.28 54.30
N GLU Q 1 -1.46 15.08 25.25
CA GLU Q 1 -1.84 14.02 24.32
C GLU Q 1 -3.22 13.46 24.66
N VAL Q 2 -3.30 12.15 24.84
CA VAL Q 2 -4.57 11.53 25.18
C VAL Q 2 -4.84 11.74 26.67
N GLN Q 3 -5.59 12.78 26.98
CA GLN Q 3 -5.87 13.15 28.35
C GLN Q 3 -7.00 12.28 28.90
N LEU Q 4 -7.11 12.24 30.22
CA LEU Q 4 -8.12 11.41 30.89
C LEU Q 4 -8.58 12.18 32.12
N GLN Q 5 -9.83 12.62 32.11
CA GLN Q 5 -10.45 13.24 33.28
C GLN Q 5 -11.67 12.43 33.67
N GLU Q 6 -12.09 12.55 34.93
CA GLU Q 6 -13.10 11.66 35.48
C GLU Q 6 -14.10 12.48 36.29
N SER Q 7 -14.88 11.80 37.11
CA SER Q 7 -15.80 12.44 38.04
C SER Q 7 -15.84 11.61 39.31
N GLY Q 8 -16.79 11.91 40.18
CA GLY Q 8 -16.97 11.13 41.39
C GLY Q 8 -16.42 11.74 42.67
N GLY Q 9 -16.91 11.26 43.81
CA GLY Q 9 -16.44 11.71 45.09
C GLY Q 9 -17.62 11.88 46.03
N GLY Q 10 -17.31 12.31 47.25
CA GLY Q 10 -18.36 12.72 48.15
C GLY Q 10 -18.97 11.64 49.02
N LEU Q 11 -19.56 12.08 50.14
CA LEU Q 11 -20.08 11.22 51.19
C LEU Q 11 -21.43 10.64 50.81
N VAL Q 12 -21.67 9.41 51.27
CA VAL Q 12 -22.94 8.72 51.11
C VAL Q 12 -23.00 7.68 52.23
N TYR Q 13 -24.15 7.01 52.36
CA TYR Q 13 -24.26 5.86 53.24
C TYR Q 13 -25.27 4.84 52.74
N ASP Q 789 -26.49 5.51 46.56
CA ASP Q 789 -26.54 4.07 46.37
C ASP Q 789 -25.70 3.65 45.18
N SER Q 790 -25.94 4.30 44.04
CA SER Q 790 -25.22 4.03 42.80
C SER Q 790 -24.80 5.35 42.17
N LEU Q 791 -23.65 5.34 41.52
CA LEU Q 791 -23.07 6.57 41.00
C LEU Q 791 -22.38 6.22 39.68
N ARG Q 792 -21.71 7.20 39.09
CA ARG Q 792 -21.03 6.99 37.83
C ARG Q 792 -19.68 7.66 37.89
N LEU Q 793 -18.76 7.17 37.06
CA LEU Q 793 -17.45 7.78 36.91
C LEU Q 793 -17.15 7.84 35.41
N SER Q 794 -16.45 8.88 34.99
CA SER Q 794 -16.21 9.10 33.57
C SER Q 794 -14.74 8.91 33.23
N CYS Q 795 -14.45 8.97 31.94
CA CYS Q 795 -13.10 8.94 31.40
C CYS Q 795 -13.09 9.85 30.18
N ALA Q 796 -12.74 11.10 30.37
CA ALA Q 796 -12.74 12.05 29.26
C ALA Q 796 -11.59 11.74 28.31
N SER Q 797 -11.93 11.44 27.06
CA SER Q 797 -10.94 11.20 26.04
C SER Q 797 -10.69 12.48 25.26
N SER Q 798 -9.41 12.82 25.09
CA SER Q 798 -9.03 14.09 24.51
C SER Q 798 -8.72 13.97 23.03
N ARG Q 799 -7.77 13.11 22.68
CA ARG Q 799 -7.40 12.99 21.28
C ARG Q 799 -7.33 11.52 20.89
N SER Q 800 -7.16 11.24 19.60
CA SER Q 800 -7.37 9.91 19.07
C SER Q 800 -8.72 9.36 19.54
N ILE Q 801 -9.70 10.26 19.59
CA ILE Q 801 -11.10 9.94 19.81
C ILE Q 801 -11.48 8.70 19.02
N ASP Q 802 -12.01 7.70 19.72
CA ASP Q 802 -12.14 6.36 19.19
C ASP Q 802 -10.82 5.88 18.60
N GLY Q 803 -9.78 5.92 19.42
CA GLY Q 803 -8.66 5.04 19.21
C GLY Q 803 -9.03 3.78 19.94
N ILE Q 804 -10.33 3.56 20.03
CA ILE Q 804 -10.85 2.69 21.07
C ILE Q 804 -10.31 1.29 20.89
N ASN Q 805 -9.76 0.80 21.99
CA ASN Q 805 -9.41 -0.55 22.27
C ASN Q 805 -9.61 -0.69 23.78
N ILE Q 806 -8.85 -1.56 24.40
CA ILE Q 806 -9.06 -1.79 25.82
C ILE Q 806 -9.04 -0.46 26.57
N MET Q 807 -10.19 -0.09 27.10
CA MET Q 807 -10.40 0.99 28.06
C MET Q 807 -10.82 0.34 29.36
N ARG Q 808 -9.84 -0.04 30.16
CA ARG Q 808 -10.13 -0.68 31.43
C ARG Q 808 -10.01 0.32 32.55
N TRP Q 809 -10.64 0.02 33.67
CA TRP Q 809 -10.56 0.87 34.85
C TRP Q 809 -9.90 0.17 36.02
N TYR Q 810 -9.15 0.95 36.79
CA TYR Q 810 -8.28 0.43 37.83
C TYR Q 810 -8.75 0.88 39.20
N ARG Q 811 -8.47 0.06 40.19
CA ARG Q 811 -8.95 0.23 41.56
C ARG Q 811 -7.78 0.19 42.52
N GLN Q 812 -7.46 1.31 43.14
CA GLN Q 812 -6.30 1.35 44.04
C GLN Q 812 -6.75 1.80 45.41
N ALA Q 813 -6.97 0.84 46.33
CA ALA Q 813 -7.22 1.20 47.72
C ALA Q 813 -5.92 1.63 48.39
N PRO Q 814 -5.98 2.59 49.31
CA PRO Q 814 -4.73 3.12 49.89
C PRO Q 814 -3.90 2.00 50.49
N GLY Q 815 -2.61 2.04 50.23
CA GLY Q 815 -1.76 0.95 50.64
C GLY Q 815 -1.95 -0.28 49.81
N LYS Q 816 -3.20 -0.66 49.57
CA LYS Q 816 -3.50 -1.77 48.68
C LYS Q 816 -3.06 -1.42 47.26
N GLN Q 817 -2.87 -2.46 46.43
CA GLN Q 817 -2.31 -2.25 45.11
C GLN Q 817 -3.42 -2.06 44.09
N ARG Q 818 -3.10 -1.40 42.98
CA ARG Q 818 -4.08 -1.14 41.93
C ARG Q 818 -4.59 -2.46 41.33
N GLY Q 819 -5.62 -2.34 40.49
CA GLY Q 819 -6.14 -3.51 39.78
C GLY Q 819 -7.14 -3.20 38.67
N MET Q 820 -6.93 -3.79 37.51
CA MET Q 820 -7.89 -3.61 36.41
C MET Q 820 -9.23 -4.21 36.79
N VAL Q 821 -10.29 -3.43 36.59
CA VAL Q 821 -11.59 -3.79 37.11
C VAL Q 821 -12.59 -4.08 36.01
N ALA Q 822 -12.87 -3.07 35.20
CA ALA Q 822 -13.88 -3.21 34.17
C ALA Q 822 -13.31 -2.72 32.86
N VAL Q 823 -13.57 -3.50 31.81
CA VAL Q 823 -12.94 -3.31 30.51
C VAL Q 823 -14.01 -3.13 29.47
N VAL Q 824 -13.83 -2.16 28.57
CA VAL Q 824 -14.51 -2.14 27.29
C VAL Q 824 -13.47 -2.26 26.20
N THR Q 825 -13.70 -3.18 25.28
CA THR Q 825 -12.82 -3.38 24.14
C THR Q 825 -13.01 -2.26 23.14
N GLY Q 826 -12.39 -2.39 21.98
CA GLY Q 826 -12.57 -1.37 20.98
C GLY Q 826 -13.89 -1.41 20.26
N TRP Q 827 -14.71 -2.41 20.58
CA TRP Q 827 -15.80 -2.77 19.71
C TRP Q 827 -17.06 -3.24 20.41
N GLY Q 828 -17.18 -3.05 21.72
CA GLY Q 828 -18.46 -3.30 22.35
C GLY Q 828 -18.47 -4.38 23.41
N SER Q 829 -17.59 -5.38 23.28
CA SER Q 829 -17.54 -6.45 24.28
C SER Q 829 -17.05 -5.90 25.61
N THR Q 830 -17.58 -6.45 26.69
CA THR Q 830 -17.29 -5.98 28.04
C THR Q 830 -17.07 -7.17 28.95
N ASN Q 831 -15.88 -7.31 29.50
CA ASN Q 831 -15.62 -8.20 30.60
C ASN Q 831 -15.21 -7.38 31.82
N TYR Q 832 -15.86 -7.62 32.95
CA TYR Q 832 -15.44 -7.03 34.20
C TYR Q 832 -14.56 -8.05 34.91
N VAL Q 833 -14.24 -7.81 36.17
CA VAL Q 833 -13.53 -8.77 37.01
C VAL Q 833 -14.50 -9.36 38.01
N ASP Q 834 -14.21 -10.57 38.47
CA ASP Q 834 -15.09 -11.24 39.40
C ASP Q 834 -15.35 -10.38 40.63
N SER Q 835 -14.38 -9.53 40.99
CA SER Q 835 -14.49 -8.79 42.23
C SER Q 835 -15.71 -7.88 42.22
N VAL Q 836 -16.20 -7.54 41.04
CA VAL Q 836 -17.42 -6.74 40.96
C VAL Q 836 -18.34 -7.38 39.93
N LYS Q 837 -18.03 -8.61 39.54
CA LYS Q 837 -18.73 -9.27 38.45
C LYS Q 837 -20.22 -9.10 38.57
N GLY Q 838 -20.86 -8.71 37.48
CA GLY Q 838 -22.28 -8.48 37.47
C GLY Q 838 -22.75 -7.34 38.33
N ARG Q 839 -21.87 -6.70 39.10
CA ARG Q 839 -22.35 -5.65 39.99
C ARG Q 839 -22.36 -4.30 39.28
N PHE Q 840 -21.21 -3.82 38.84
CA PHE Q 840 -21.15 -2.58 38.07
C PHE Q 840 -21.76 -2.78 36.69
N ILE Q 841 -21.77 -1.71 35.90
CA ILE Q 841 -22.06 -1.77 34.48
C ILE Q 841 -21.09 -0.85 33.77
N ILE Q 842 -20.49 -1.33 32.70
CA ILE Q 842 -19.61 -0.51 31.89
C ILE Q 842 -20.32 -0.19 30.59
N SER Q 843 -19.98 0.97 30.01
CA SER Q 843 -20.69 1.46 28.82
C SER Q 843 -19.79 2.45 28.11
N ARG Q 844 -19.58 2.23 26.81
CA ARG Q 844 -18.84 3.15 25.97
C ARG Q 844 -19.78 3.95 25.09
N ASP Q 845 -19.78 5.26 25.27
CA ASP Q 845 -20.69 6.14 24.53
C ASP Q 845 -19.85 7.10 23.70
N SER Q 846 -19.64 6.75 22.43
CA SER Q 846 -18.76 7.54 21.58
C SER Q 846 -19.35 8.88 21.19
N ALA Q 847 -20.52 9.24 21.73
CA ALA Q 847 -21.11 10.52 21.37
C ALA Q 847 -20.18 11.66 21.74
N LYS Q 848 -19.64 11.61 22.94
CA LYS Q 848 -18.51 12.47 23.32
C LYS Q 848 -17.26 11.64 23.54
N ASP Q 849 -17.32 10.36 23.17
CA ASP Q 849 -16.22 9.42 23.39
C ASP Q 849 -15.67 9.53 24.81
N THR Q 850 -16.55 9.28 25.78
CA THR Q 850 -16.14 9.16 27.17
C THR Q 850 -16.74 7.87 27.71
N VAL Q 851 -15.91 6.86 27.88
CA VAL Q 851 -16.35 5.57 28.39
C VAL Q 851 -16.82 5.74 29.83
N TYR Q 852 -18.01 5.22 30.13
CA TYR Q 852 -18.59 5.29 31.47
C TYR Q 852 -18.42 3.98 32.21
N LEU Q 853 -18.35 4.10 33.53
CA LEU Q 853 -18.50 2.99 34.46
C LEU Q 853 -19.67 3.32 35.38
N GLN Q 854 -20.70 2.48 35.34
CA GLN Q 854 -21.85 2.68 36.21
C GLN Q 854 -21.57 2.07 37.57
N MET Q 855 -21.08 2.88 38.49
CA MET Q 855 -20.86 2.41 39.85
C MET Q 855 -22.22 2.08 40.45
N ASN Q 856 -22.53 0.79 40.57
CA ASN Q 856 -23.86 0.33 40.94
C ASN Q 856 -23.90 -0.11 42.40
N ASN Q 857 -25.00 0.22 43.07
CA ASN Q 857 -25.33 -0.26 44.42
C ASN Q 857 -24.10 -0.28 45.31
N LEU Q 858 -23.58 0.91 45.57
CA LEU Q 858 -22.29 1.05 46.25
C LEU Q 858 -22.36 0.48 47.67
N LYS Q 859 -21.30 -0.20 48.06
CA LYS Q 859 -21.03 -0.70 49.39
C LYS Q 859 -19.60 -0.36 49.77
N PRO Q 860 -19.28 -0.25 51.06
CA PRO Q 860 -18.13 0.55 51.48
C PRO Q 860 -16.82 0.25 50.75
N GLU Q 861 -16.41 -1.01 50.73
CA GLU Q 861 -15.00 -1.35 50.53
C GLU Q 861 -14.47 -0.82 49.21
N ASP Q 862 -15.34 -0.54 48.25
CA ASP Q 862 -14.88 0.05 47.00
C ASP Q 862 -14.18 1.38 47.23
N THR Q 863 -14.48 2.06 48.33
CA THR Q 863 -13.85 3.33 48.66
C THR Q 863 -12.35 3.25 48.44
N ALA Q 864 -11.88 4.01 47.47
CA ALA Q 864 -10.51 3.92 46.98
C ALA Q 864 -10.32 5.04 45.96
N VAL Q 865 -9.16 5.08 45.32
CA VAL Q 865 -8.98 5.91 44.14
C VAL Q 865 -9.33 5.08 42.92
N TYR Q 866 -10.16 5.64 42.05
CA TYR Q 866 -10.40 5.07 40.75
C TYR Q 866 -9.85 5.99 39.67
N SER Q 867 -9.47 5.38 38.54
CA SER Q 867 -8.84 6.07 37.44
C SER Q 867 -9.39 5.52 36.14
N CYS Q 868 -8.77 5.93 35.03
CA CYS Q 868 -9.10 5.40 33.73
C CYS Q 868 -7.82 5.03 33.00
N ASN Q 869 -7.93 4.04 32.13
CA ASN Q 869 -6.77 3.52 31.41
C ASN Q 869 -7.13 3.47 29.94
N ALA Q 870 -6.14 3.60 29.09
CA ALA Q 870 -6.34 3.50 27.66
C ALA Q 870 -5.13 2.84 27.03
N ILE Q 871 -5.38 2.17 25.91
CA ILE Q 871 -4.31 1.69 25.04
C ILE Q 871 -4.57 2.20 23.62
N TYR Q 872 -3.65 3.01 23.10
CA TYR Q 872 -3.64 3.43 21.70
C TYR Q 872 -2.28 3.07 21.13
N ARG Q 873 -2.28 2.36 20.01
CA ARG Q 873 -1.04 1.95 19.33
C ARG Q 873 -0.12 1.17 20.25
N GLY Q 874 -0.67 0.39 21.17
CA GLY Q 874 0.14 -0.35 22.10
C GLY Q 874 0.80 0.48 23.18
N SER Q 875 0.36 1.72 23.36
CA SER Q 875 0.95 2.63 24.32
C SER Q 875 0.03 2.77 25.53
N GLU Q 876 0.55 2.48 26.70
CA GLU Q 876 -0.21 2.63 27.93
C GLU Q 876 -0.44 4.12 28.22
N TYR Q 877 -1.58 4.41 28.84
CA TYR Q 877 -1.83 5.75 29.32
C TYR Q 877 -2.54 5.68 30.66
N TRP Q 878 -2.50 6.78 31.39
CA TRP Q 878 -3.02 6.77 32.75
C TRP Q 878 -3.82 8.03 33.02
N GLY Q 879 -4.90 7.88 33.77
CA GLY Q 879 -5.70 8.99 34.19
C GLY Q 879 -5.05 9.71 35.35
N GLN Q 880 -5.83 10.58 35.97
CA GLN Q 880 -5.38 11.30 37.14
C GLN Q 880 -5.94 10.72 38.43
N GLY Q 881 -6.90 9.81 38.35
CA GLY Q 881 -7.43 9.17 39.53
C GLY Q 881 -8.46 10.00 40.27
N THR Q 882 -9.54 9.38 40.69
CA THR Q 882 -10.56 10.05 41.47
C THR Q 882 -10.85 9.25 42.71
N GLN Q 883 -11.24 9.94 43.78
CA GLN Q 883 -11.46 9.35 45.09
C GLN Q 883 -12.92 8.98 45.23
N VAL Q 884 -13.21 7.70 45.19
CA VAL Q 884 -14.55 7.23 45.53
C VAL Q 884 -14.58 6.91 47.01
N THR Q 885 -15.61 7.41 47.69
CA THR Q 885 -15.79 7.17 49.11
C THR Q 885 -17.26 6.91 49.37
N VAL Q 886 -17.58 5.74 49.91
CA VAL Q 886 -18.96 5.37 50.13
C VAL Q 886 -19.17 4.90 51.56
N SER Q 887 -20.41 5.05 52.04
CA SER Q 887 -20.87 4.67 53.38
C SER Q 887 -20.18 5.48 54.47
N GLU R 1 -10.34 -26.12 18.22
CA GLU R 1 -9.91 -27.51 18.13
C GLU R 1 -8.46 -27.57 17.70
N VAL R 2 -7.56 -27.80 18.65
CA VAL R 2 -6.15 -27.99 18.35
C VAL R 2 -5.63 -29.13 19.20
N GLN R 3 -4.45 -29.62 18.84
CA GLN R 3 -3.77 -30.66 19.59
C GLN R 3 -2.35 -30.21 19.86
N LEU R 4 -1.71 -30.82 20.84
CA LEU R 4 -0.46 -30.26 21.36
C LEU R 4 0.50 -31.38 21.69
N GLN R 5 1.77 -31.20 21.30
CA GLN R 5 2.84 -32.17 21.52
C GLN R 5 4.06 -31.40 22.01
N GLU R 6 5.00 -32.09 22.63
CA GLU R 6 6.12 -31.43 23.28
C GLU R 6 7.36 -32.29 23.16
N SER R 7 8.39 -31.95 23.94
CA SER R 7 9.64 -32.70 24.06
C SER R 7 10.47 -32.04 25.17
N GLY R 8 11.58 -32.70 25.53
CA GLY R 8 12.59 -32.05 26.36
C GLY R 8 12.92 -32.57 27.74
N GLY R 9 12.94 -33.88 27.95
CA GLY R 9 13.26 -34.44 29.26
C GLY R 9 14.75 -34.72 29.47
N GLY R 10 15.09 -35.07 30.71
CA GLY R 10 16.42 -35.49 31.08
C GLY R 10 17.30 -34.34 31.56
N LEU R 11 18.52 -34.70 31.98
CA LEU R 11 19.48 -33.75 32.52
C LEU R 11 20.77 -33.75 31.70
N VAL R 12 21.31 -32.56 31.47
CA VAL R 12 22.59 -32.38 30.79
C VAL R 12 23.40 -31.38 31.61
N TYR R 13 24.73 -31.45 31.49
CA TYR R 13 25.63 -30.53 32.17
C TYR R 13 26.15 -29.44 31.25
N SER R 790 25.33 -28.94 27.68
CA SER R 790 24.24 -28.43 26.87
C SER R 790 23.04 -28.11 27.78
N LEU R 791 21.87 -27.93 27.17
CA LEU R 791 20.60 -27.81 27.89
C LEU R 791 19.47 -27.73 26.85
N ARG R 792 18.36 -28.44 27.09
CA ARG R 792 17.41 -28.70 26.01
C ARG R 792 15.96 -28.53 26.42
N LEU R 793 15.10 -28.09 25.48
CA LEU R 793 13.65 -28.03 25.64
C LEU R 793 12.99 -27.59 24.34
N SER R 794 11.68 -27.93 24.18
CA SER R 794 10.84 -27.51 23.06
C SER R 794 9.38 -27.98 23.22
N CYS R 795 8.51 -27.66 22.26
CA CYS R 795 7.20 -28.33 22.08
C CYS R 795 6.92 -28.38 20.58
N ALA R 796 5.65 -28.60 20.24
CA ALA R 796 5.20 -28.63 18.85
C ALA R 796 3.73 -28.24 18.81
N SER R 797 3.12 -28.32 17.63
CA SER R 797 1.72 -27.98 17.43
C SER R 797 1.17 -28.88 16.33
N SER R 798 -0.15 -28.83 16.13
CA SER R 798 -0.83 -29.82 15.30
C SER R 798 -1.59 -29.23 14.12
N ARG R 799 -2.49 -28.27 14.34
CA ARG R 799 -3.62 -28.08 13.45
C ARG R 799 -3.68 -26.63 12.99
N SER R 800 -3.84 -26.44 11.67
CA SER R 800 -4.06 -25.15 11.05
C SER R 800 -3.04 -24.11 11.51
N ILE R 801 -1.78 -24.35 11.16
CA ILE R 801 -0.70 -23.50 11.63
C ILE R 801 -0.91 -22.07 11.13
N ASP R 802 -0.19 -21.14 11.74
CA ASP R 802 -0.22 -19.72 11.38
C ASP R 802 -1.58 -19.10 11.62
N GLY R 803 -2.48 -19.81 12.27
CA GLY R 803 -3.53 -19.15 13.02
C GLY R 803 -2.90 -18.77 14.34
N ILE R 804 -1.60 -18.48 14.29
CA ILE R 804 -0.79 -18.38 15.49
C ILE R 804 -1.02 -16.97 16.01
N ASN R 805 -2.14 -16.82 16.69
CA ASN R 805 -2.40 -15.73 17.61
C ASN R 805 -1.77 -16.19 18.91
N ILE R 806 -2.22 -15.65 20.04
CA ILE R 806 -1.53 -15.95 21.29
C ILE R 806 -1.36 -17.45 21.41
N MET R 807 -0.11 -17.87 21.29
CA MET R 807 0.28 -19.26 21.39
C MET R 807 1.33 -19.30 22.47
N ARG R 808 0.97 -19.84 23.63
CA ARG R 808 1.73 -19.61 24.84
C ARG R 808 2.07 -20.92 25.51
N TRP R 809 3.19 -20.89 26.20
CA TRP R 809 3.66 -21.93 27.08
C TRP R 809 3.11 -21.79 28.49
N TYR R 810 3.11 -22.92 29.21
CA TYR R 810 2.74 -22.97 30.60
C TYR R 810 3.71 -23.89 31.33
N ARG R 811 3.67 -23.84 32.66
CA ARG R 811 4.52 -24.69 33.49
C ARG R 811 3.89 -24.85 34.86
N GLN R 812 4.00 -26.05 35.43
CA GLN R 812 3.42 -26.32 36.75
C GLN R 812 4.39 -27.12 37.57
N ALA R 813 5.03 -26.47 38.55
CA ALA R 813 5.71 -27.23 39.59
C ALA R 813 4.67 -28.04 40.37
N PRO R 814 4.97 -29.31 40.65
CA PRO R 814 3.92 -30.21 41.17
C PRO R 814 3.37 -29.68 42.48
N GLY R 815 2.08 -29.90 42.68
CA GLY R 815 1.43 -29.38 43.87
C GLY R 815 1.43 -27.87 43.94
N LYS R 816 1.33 -27.22 42.79
CA LYS R 816 1.13 -25.78 42.72
C LYS R 816 0.07 -25.50 41.68
N GLN R 817 -0.33 -24.23 41.59
CA GLN R 817 -1.30 -23.83 40.59
C GLN R 817 -0.68 -23.91 39.20
N ARG R 818 -1.46 -23.52 38.20
CA ARG R 818 -0.95 -23.45 36.84
C ARG R 818 0.08 -22.34 36.74
N GLY R 819 0.61 -22.13 35.54
CA GLY R 819 1.48 -20.99 35.31
C GLY R 819 1.90 -20.78 33.87
N MET R 820 1.77 -19.56 33.36
CA MET R 820 2.22 -19.27 32.00
C MET R 820 3.63 -18.72 32.03
N VAL R 821 4.46 -19.18 31.11
CA VAL R 821 5.86 -18.81 31.06
C VAL R 821 6.16 -17.86 29.92
N ALA R 822 5.99 -18.33 28.68
CA ALA R 822 6.41 -17.56 27.53
C ALA R 822 5.30 -17.47 26.51
N VAL R 823 5.16 -16.29 25.92
CA VAL R 823 4.11 -16.01 24.95
C VAL R 823 4.75 -15.56 23.66
N VAL R 824 4.35 -16.18 22.55
CA VAL R 824 4.77 -15.77 21.21
C VAL R 824 3.57 -15.87 20.28
N THR R 825 3.47 -14.91 19.37
CA THR R 825 2.35 -14.92 18.43
C THR R 825 2.88 -14.94 17.01
N GLY R 826 1.98 -14.78 16.04
CA GLY R 826 2.37 -14.80 14.65
C GLY R 826 3.20 -13.62 14.23
N TRP R 827 3.07 -12.50 14.94
CA TRP R 827 3.69 -11.26 14.53
C TRP R 827 5.05 -11.06 15.17
N GLY R 828 5.80 -12.14 15.39
CA GLY R 828 7.13 -12.00 15.90
C GLY R 828 7.20 -11.38 17.27
N SER R 829 6.13 -11.48 18.05
CA SER R 829 6.15 -10.98 19.40
C SER R 829 7.17 -11.75 20.22
N THR R 830 7.72 -11.10 21.24
CA THR R 830 8.63 -11.76 22.16
C THR R 830 8.45 -11.20 23.56
N ASN R 831 7.83 -11.97 24.45
CA ASN R 831 7.75 -11.58 25.84
C ASN R 831 7.62 -12.84 26.67
N TYR R 832 8.14 -12.77 27.90
CA TYR R 832 8.40 -13.95 28.70
C TYR R 832 7.87 -13.72 30.11
N VAL R 833 8.10 -14.72 30.97
CA VAL R 833 7.78 -14.57 32.38
C VAL R 833 8.99 -13.99 33.11
N ASP R 834 8.73 -13.36 34.25
CA ASP R 834 9.78 -12.61 34.94
C ASP R 834 10.97 -13.46 35.32
N SER R 835 10.92 -14.76 35.06
CA SER R 835 11.95 -15.67 35.51
C SER R 835 12.78 -16.25 34.38
N VAL R 836 12.33 -16.14 33.14
CA VAL R 836 13.03 -16.88 32.09
C VAL R 836 13.73 -15.97 31.09
N LYS R 837 13.69 -14.65 31.31
CA LYS R 837 14.64 -13.83 30.58
C LYS R 837 16.04 -14.31 30.87
N GLY R 838 16.81 -14.52 29.82
CA GLY R 838 18.11 -15.13 29.98
C GLY R 838 18.00 -16.63 30.05
N ARG R 839 16.99 -17.12 30.76
CA ARG R 839 16.87 -18.55 30.97
C ARG R 839 16.29 -19.28 29.76
N PHE R 840 15.71 -18.57 28.81
CA PHE R 840 14.88 -19.25 27.85
C PHE R 840 14.81 -18.45 26.56
N ILE R 841 14.04 -18.98 25.61
CA ILE R 841 13.87 -18.35 24.31
C ILE R 841 12.64 -18.95 23.66
N ILE R 842 11.95 -18.16 22.83
CA ILE R 842 10.83 -18.62 22.02
C ILE R 842 11.26 -18.67 20.57
N SER R 843 10.79 -19.70 19.85
CA SER R 843 11.01 -19.80 18.43
C SER R 843 9.75 -20.31 17.77
N ARG R 844 9.63 -20.04 16.47
CA ARG R 844 8.39 -20.24 15.75
C ARG R 844 8.72 -20.69 14.33
N ASP R 845 8.65 -22.01 14.10
CA ASP R 845 8.87 -22.57 12.76
C ASP R 845 7.51 -22.75 12.09
N SER R 846 7.20 -21.85 11.17
CA SER R 846 5.93 -21.95 10.48
C SER R 846 5.86 -23.17 9.57
N ALA R 847 7.01 -23.74 9.20
CA ALA R 847 6.99 -24.84 8.26
C ALA R 847 6.30 -26.06 8.83
N LYS R 848 6.91 -26.71 9.82
CA LYS R 848 6.35 -27.97 10.31
C LYS R 848 5.45 -27.76 11.52
N ASP R 849 4.52 -26.83 11.38
CA ASP R 849 3.42 -26.62 12.33
C ASP R 849 3.90 -26.72 13.76
N THR R 850 4.83 -25.83 14.12
CA THR R 850 5.43 -25.96 15.43
C THR R 850 5.92 -24.61 15.94
N VAL R 851 6.03 -24.52 17.26
CA VAL R 851 6.61 -23.40 17.97
C VAL R 851 7.69 -23.95 18.88
N TYR R 852 8.80 -23.23 19.00
CA TYR R 852 9.91 -23.72 19.79
C TYR R 852 10.22 -22.83 20.97
N LEU R 853 10.71 -23.46 22.03
CA LEU R 853 11.18 -22.82 23.25
C LEU R 853 12.34 -23.64 23.81
N GLN R 854 13.52 -23.01 23.83
CA GLN R 854 14.76 -23.75 24.08
C GLN R 854 15.32 -23.28 25.42
N MET R 855 15.49 -24.20 26.36
CA MET R 855 15.99 -23.83 27.67
C MET R 855 17.43 -23.36 27.58
N ASN R 856 17.79 -22.44 28.49
CA ASN R 856 19.16 -22.02 28.69
C ASN R 856 19.39 -21.80 30.18
N ASN R 857 20.66 -21.78 30.59
CA ASN R 857 21.05 -21.46 31.96
C ASN R 857 20.43 -22.47 32.94
N LEU R 858 20.99 -23.68 32.90
CA LEU R 858 20.65 -24.76 33.81
C LEU R 858 20.39 -24.26 35.22
N LYS R 859 19.22 -24.59 35.76
CA LYS R 859 19.02 -24.51 37.20
C LYS R 859 17.80 -25.36 37.53
N PRO R 860 17.91 -26.26 38.51
CA PRO R 860 16.95 -27.38 38.57
C PRO R 860 15.51 -26.98 38.79
N GLU R 861 15.25 -25.85 39.45
CA GLU R 861 13.90 -25.58 39.92
C GLU R 861 12.91 -25.64 38.78
N ASP R 862 13.38 -25.32 37.56
CA ASP R 862 12.54 -25.36 36.38
C ASP R 862 11.88 -26.71 36.17
N THR R 863 12.29 -27.73 36.93
CA THR R 863 11.62 -29.02 36.93
C THR R 863 10.16 -28.88 37.29
N ALA R 864 9.29 -29.41 36.43
CA ALA R 864 7.85 -29.21 36.56
C ALA R 864 7.10 -29.97 35.49
N VAL R 865 5.77 -29.98 35.55
CA VAL R 865 4.95 -30.48 34.45
C VAL R 865 4.50 -29.30 33.60
N TYR R 866 4.51 -29.51 32.29
CA TYR R 866 4.52 -28.40 31.36
C TYR R 866 3.26 -28.41 30.51
N SER R 867 3.21 -27.52 29.52
CA SER R 867 2.14 -27.40 28.54
C SER R 867 2.54 -26.31 27.55
N CYS R 868 1.90 -26.33 26.38
CA CYS R 868 2.28 -25.41 25.31
C CYS R 868 1.06 -25.25 24.40
N ASN R 869 0.23 -24.21 24.65
CA ASN R 869 -1.08 -24.10 23.99
C ASN R 869 -1.15 -22.86 23.11
N ALA R 870 -2.36 -22.57 22.64
CA ALA R 870 -2.62 -21.45 21.74
C ALA R 870 -4.08 -21.04 21.88
N ILE R 871 -4.45 -19.96 21.20
CA ILE R 871 -5.79 -19.40 21.25
C ILE R 871 -6.32 -19.28 19.83
N TYR R 872 -7.59 -19.65 19.66
CA TYR R 872 -8.24 -19.70 18.35
C TYR R 872 -9.74 -19.57 18.55
N ARG R 873 -10.29 -18.44 18.10
CA ARG R 873 -11.64 -18.02 18.44
C ARG R 873 -11.81 -17.82 19.94
N GLY R 874 -10.72 -17.75 20.68
CA GLY R 874 -10.78 -17.60 22.12
C GLY R 874 -11.10 -18.87 22.87
N SER R 875 -10.87 -20.03 22.28
CA SER R 875 -11.24 -21.27 22.94
C SER R 875 -10.09 -21.82 23.77
N GLU R 876 -10.40 -22.15 25.02
CA GLU R 876 -9.44 -22.77 25.94
C GLU R 876 -8.81 -24.00 25.29
N TYR R 877 -7.50 -23.93 25.11
CA TYR R 877 -6.75 -24.99 24.47
C TYR R 877 -5.65 -25.44 25.40
N TRP R 878 -5.40 -26.75 25.42
CA TRP R 878 -4.47 -27.28 26.42
C TRP R 878 -3.93 -28.63 25.96
N GLY R 879 -2.79 -29.00 26.53
CA GLY R 879 -2.09 -30.22 26.17
C GLY R 879 -1.66 -31.05 27.37
N GLN R 880 -0.48 -31.68 27.28
CA GLN R 880 -0.04 -32.62 28.31
C GLN R 880 1.19 -32.14 29.07
N GLY R 881 2.31 -31.91 28.40
CA GLY R 881 3.48 -31.34 29.02
C GLY R 881 4.64 -32.31 29.13
N THR R 882 5.68 -31.85 29.83
CA THR R 882 6.95 -32.57 29.93
C THR R 882 7.60 -32.14 31.24
N GLN R 883 8.76 -32.70 31.56
CA GLN R 883 9.44 -32.48 32.84
C GLN R 883 10.84 -31.93 32.60
N VAL R 884 11.50 -31.52 33.69
CA VAL R 884 12.82 -30.91 33.67
C VAL R 884 13.61 -31.49 34.86
N THR R 885 14.89 -31.11 34.98
CA THR R 885 15.80 -31.92 35.76
C THR R 885 16.78 -31.15 36.65
N VAL R 886 17.81 -31.87 37.11
CA VAL R 886 18.84 -31.38 38.03
C VAL R 886 20.21 -31.77 37.49
N SER R 887 21.22 -30.96 37.82
CA SER R 887 22.62 -31.25 37.49
C SER R 887 22.92 -31.22 36.00
N GLY S 39 -27.60 -23.54 32.63
CA GLY S 39 -28.90 -24.07 32.30
C GLY S 39 -29.73 -24.51 33.50
N GLN S 40 -31.00 -24.82 33.26
CA GLN S 40 -31.97 -24.94 34.34
C GLN S 40 -31.72 -26.17 35.21
N ARG S 41 -31.53 -27.33 34.59
CA ARG S 41 -31.33 -28.55 35.36
C ARG S 41 -29.98 -28.53 36.06
N TYR S 42 -28.97 -28.01 35.36
CA TYR S 42 -27.67 -27.73 35.97
C TYR S 42 -27.85 -26.94 37.25
N GLU S 43 -28.61 -25.84 37.19
CA GLU S 43 -28.82 -25.00 38.35
C GLU S 43 -29.60 -25.72 39.44
N THR S 44 -30.58 -26.56 39.09
CA THR S 44 -31.31 -27.30 40.11
C THR S 44 -30.35 -28.14 40.94
N ILE S 45 -29.54 -28.96 40.26
CA ILE S 45 -28.67 -29.80 41.06
C ILE S 45 -27.48 -29.01 41.61
N HIS S 46 -27.24 -27.82 41.08
CA HIS S 46 -26.21 -26.96 41.67
C HIS S 46 -26.71 -26.37 42.98
N GLY S 47 -28.00 -26.06 43.06
CA GLY S 47 -28.60 -25.76 44.35
C GLY S 47 -28.53 -26.94 45.28
N GLY S 48 -28.61 -28.15 44.72
CA GLY S 48 -28.32 -29.34 45.52
C GLY S 48 -26.90 -29.33 46.10
N LEU S 49 -25.92 -28.95 45.27
CA LEU S 49 -24.54 -28.84 45.77
C LEU S 49 -24.41 -27.73 46.80
N ASP S 50 -25.17 -26.65 46.63
CA ASP S 50 -25.22 -25.61 47.65
C ASP S 50 -25.77 -26.15 48.96
N SER S 51 -26.79 -27.02 48.86
CA SER S 51 -27.33 -27.67 50.05
C SER S 51 -26.26 -28.51 50.73
N ILE S 52 -25.49 -29.26 49.95
CA ILE S 52 -24.46 -30.07 50.58
C ILE S 52 -23.39 -29.19 51.21
N GLY S 53 -23.10 -28.04 50.60
CA GLY S 53 -22.17 -27.10 51.21
C GLY S 53 -22.68 -26.55 52.53
N ARG S 54 -23.98 -26.26 52.60
CA ARG S 54 -24.53 -25.73 53.85
C ARG S 54 -24.53 -26.79 54.96
N VAL S 55 -24.75 -28.06 54.60
CA VAL S 55 -24.67 -29.10 55.63
C VAL S 55 -23.22 -29.26 56.11
N MET S 56 -22.25 -29.12 55.22
CA MET S 56 -20.88 -29.16 55.70
C MET S 56 -20.55 -27.93 56.54
N GLU S 57 -21.16 -26.78 56.23
CA GLU S 57 -21.08 -25.63 57.13
C GLU S 57 -21.62 -25.98 58.50
N HIS S 58 -22.67 -26.79 58.55
CA HIS S 58 -23.16 -27.30 59.83
C HIS S 58 -22.09 -28.12 60.53
N LEU S 59 -21.35 -28.93 59.78
CA LEU S 59 -20.20 -29.63 60.37
C LEU S 59 -19.22 -28.64 60.98
N LYS S 60 -18.83 -27.64 60.20
CA LYS S 60 -17.88 -26.64 60.66
C LYS S 60 -18.35 -25.93 61.92
N ALA S 61 -19.67 -25.74 62.07
CA ALA S 61 -20.22 -25.10 63.25
C ALA S 61 -20.37 -26.03 64.44
N ILE S 62 -20.49 -27.34 64.22
CA ILE S 62 -20.80 -28.25 65.34
C ILE S 62 -19.58 -28.98 65.88
N GLU S 63 -18.77 -29.57 65.00
CA GLU S 63 -17.79 -30.57 65.45
C GLU S 63 -16.80 -30.09 66.51
N PRO S 64 -16.13 -28.95 66.37
CA PRO S 64 -15.15 -28.59 67.41
C PRO S 64 -15.78 -28.38 68.78
N LEU S 65 -17.01 -27.85 68.82
CA LEU S 65 -17.71 -27.78 70.10
C LEU S 65 -17.82 -29.17 70.73
N ILE S 66 -18.02 -30.19 69.91
CA ILE S 66 -18.01 -31.55 70.42
C ILE S 66 -16.64 -31.89 70.97
N ALA S 67 -15.58 -31.43 70.30
CA ALA S 67 -14.24 -31.72 70.80
C ALA S 67 -14.02 -31.15 72.20
N GLU S 68 -14.28 -29.86 72.38
CA GLU S 68 -14.07 -29.31 73.72
C GLU S 68 -15.26 -29.48 74.65
N ILE S 69 -16.24 -30.30 74.30
CA ILE S 69 -17.08 -30.85 75.36
C ILE S 69 -16.61 -32.23 75.79
N ARG S 70 -15.94 -32.98 74.91
CA ARG S 70 -15.29 -34.20 75.37
C ARG S 70 -14.15 -33.88 76.33
N GLY S 71 -13.40 -32.83 76.04
CA GLY S 71 -12.23 -32.49 76.83
C GLY S 71 -12.39 -32.42 78.35
N PRO S 72 -13.26 -31.53 78.84
CA PRO S 72 -13.37 -31.34 80.29
C PRO S 72 -13.77 -32.58 81.05
N VAL S 73 -14.55 -33.46 80.42
CA VAL S 73 -14.83 -34.75 81.03
C VAL S 73 -13.52 -35.44 81.37
N SER S 74 -12.61 -35.45 80.40
CA SER S 74 -11.30 -36.05 80.62
C SER S 74 -10.50 -35.30 81.68
N GLN S 75 -10.61 -33.97 81.74
CA GLN S 75 -9.83 -33.26 82.75
C GLN S 75 -10.31 -33.62 84.16
N GLU S 76 -11.62 -33.77 84.32
CA GLU S 76 -12.15 -34.26 85.59
C GLU S 76 -11.61 -35.64 85.88
N PHE S 77 -11.53 -36.48 84.86
CA PHE S 77 -10.93 -37.81 85.05
C PHE S 77 -9.47 -37.70 85.48
N GLU S 78 -8.76 -36.66 85.07
CA GLU S 78 -7.39 -36.53 85.55
C GLU S 78 -7.38 -36.18 87.04
N ALA S 79 -8.29 -35.30 87.44
CA ALA S 79 -8.46 -35.05 88.87
C ALA S 79 -8.74 -36.37 89.59
N ARG S 80 -9.41 -37.28 88.90
CA ARG S 80 -9.62 -38.62 89.41
C ARG S 80 -8.32 -39.43 89.51
N ARG S 81 -7.38 -39.23 88.58
CA ARG S 81 -6.05 -39.85 88.79
C ARG S 81 -5.45 -39.37 90.09
N ALA S 82 -5.55 -38.06 90.34
CA ALA S 82 -5.00 -37.51 91.56
C ALA S 82 -5.60 -38.20 92.78
N GLU S 83 -6.92 -38.37 92.76
CA GLU S 83 -7.58 -39.13 93.82
C GLU S 83 -6.97 -40.52 93.95
N HIS S 84 -6.77 -41.21 92.83
CA HIS S 84 -6.24 -42.58 92.91
C HIS S 84 -4.88 -42.61 93.57
N ALA S 85 -4.02 -41.64 93.26
CA ALA S 85 -2.71 -41.60 93.91
C ALA S 85 -2.85 -41.35 95.41
N GLU S 86 -3.74 -40.42 95.79
CA GLU S 86 -3.98 -40.17 97.21
C GLU S 86 -4.34 -41.47 97.93
N LEU S 87 -5.23 -42.25 97.33
CA LEU S 87 -5.70 -43.44 98.01
C LEU S 87 -4.65 -44.56 97.99
N ILE S 88 -3.78 -44.57 96.98
CA ILE S 88 -2.61 -45.45 97.09
C ILE S 88 -1.83 -45.12 98.35
N ALA S 89 -1.59 -43.84 98.59
CA ALA S 89 -0.91 -43.45 99.83
C ALA S 89 -1.71 -43.89 101.04
N VAL S 90 -3.04 -43.85 100.93
CA VAL S 90 -3.91 -44.10 102.07
C VAL S 90 -3.94 -45.56 102.53
N ARG S 91 -3.97 -46.54 101.62
CA ARG S 91 -4.07 -47.92 102.10
C ARG S 91 -2.91 -48.31 103.02
N ALA S 92 -1.69 -47.95 102.64
CA ALA S 92 -0.53 -48.32 103.46
C ALA S 92 -0.62 -47.69 104.84
N ASN S 93 -1.02 -46.42 104.89
CA ASN S 93 -1.21 -45.77 106.18
C ASN S 93 -2.21 -46.54 107.02
N LEU S 94 -3.32 -46.95 106.41
CA LEU S 94 -4.32 -47.69 107.17
C LEU S 94 -3.74 -48.98 107.73
N ASP S 95 -2.93 -49.67 106.93
CA ASP S 95 -2.36 -50.95 107.36
C ASP S 95 -1.38 -50.76 108.52
N GLN S 96 -0.50 -49.77 108.42
CA GLN S 96 0.44 -49.55 109.52
C GLN S 96 -0.28 -49.10 110.78
N ALA S 97 -1.32 -48.27 110.62
CA ALA S 97 -2.10 -47.86 111.77
C ALA S 97 -2.74 -49.05 112.46
N GLN S 98 -3.36 -49.95 111.69
CA GLN S 98 -4.02 -51.10 112.32
C GLN S 98 -3.01 -52.02 113.00
N ARG S 99 -1.84 -52.22 112.38
CA ARG S 99 -0.86 -53.09 113.01
C ARG S 99 -0.37 -52.49 114.33
N GLN S 100 -0.12 -51.17 114.34
CA GLN S 100 0.35 -50.58 115.59
C GLN S 100 -0.77 -50.60 116.62
N ILE S 101 -2.03 -50.53 116.17
CA ILE S 101 -3.16 -50.68 117.07
C ILE S 101 -3.10 -52.04 117.75
N ALA S 102 -2.80 -53.08 116.97
CA ALA S 102 -2.70 -54.42 117.55
C ALA S 102 -1.58 -54.48 118.59
N LEU S 103 -0.42 -53.91 118.27
CA LEU S 103 0.68 -53.94 119.22
C LEU S 103 0.31 -53.22 120.51
N ILE S 104 -0.27 -52.03 120.38
CA ILE S 104 -0.64 -51.24 121.55
C ILE S 104 -1.72 -51.95 122.34
N GLN S 105 -2.64 -52.64 121.66
CA GLN S 105 -3.66 -53.39 122.37
C GLN S 105 -3.06 -54.50 123.22
N ALA S 106 -2.10 -55.24 122.65
CA ALA S 106 -1.45 -56.31 123.40
C ALA S 106 -0.70 -55.76 124.61
N GLU S 107 0.07 -54.70 124.41
CA GLU S 107 0.87 -54.19 125.53
C GLU S 107 -0.02 -53.49 126.55
N GLU S 108 -1.17 -52.98 126.11
CA GLU S 108 -2.20 -52.50 127.02
C GLU S 108 -2.76 -53.60 127.88
N ARG S 109 -3.04 -54.76 127.29
CA ARG S 109 -3.52 -55.87 128.12
C ARG S 109 -2.45 -56.28 129.13
N GLU S 110 -1.20 -56.29 128.71
CA GLU S 110 -0.11 -56.64 129.63
C GLU S 110 -0.05 -55.65 130.80
N VAL S 111 -0.12 -54.35 130.52
CA VAL S 111 -0.02 -53.38 131.60
C VAL S 111 -1.25 -53.44 132.49
N SER S 112 -2.42 -53.74 131.90
CA SER S 112 -3.60 -53.92 132.74
C SER S 112 -3.43 -55.08 133.71
N ALA S 113 -2.86 -56.20 133.23
CA ALA S 113 -2.63 -57.34 134.11
C ALA S 113 -1.67 -56.99 135.23
N ARG S 114 -0.58 -56.30 134.91
CA ARG S 114 0.37 -55.94 135.97
C ARG S 114 -0.26 -54.98 136.97
N LEU S 115 -1.09 -54.05 136.49
CA LEU S 115 -1.75 -53.13 137.40
C LEU S 115 -2.70 -53.87 138.33
N ALA S 116 -3.43 -54.85 137.80
CA ALA S 116 -4.29 -55.66 138.65
C ALA S 116 -3.46 -56.42 139.69
N ALA S 117 -2.34 -56.99 139.28
CA ALA S 117 -1.48 -57.72 140.21
C ALA S 117 -1.01 -56.81 141.34
N ALA S 118 -0.56 -55.62 140.99
CA ALA S 118 -0.10 -54.67 142.00
C ALA S 118 -1.22 -54.31 142.96
N GLU S 119 -2.43 -54.07 142.45
CA GLU S 119 -3.54 -53.74 143.34
C GLU S 119 -3.86 -54.89 144.28
N THR S 120 -3.81 -56.12 143.77
CA THR S 120 -4.05 -57.28 144.63
C THR S 120 -3.01 -57.38 145.75
N ALA S 121 -1.73 -57.25 145.40
CA ALA S 121 -0.68 -57.33 146.41
C ALA S 121 -0.82 -56.22 147.44
N LEU S 122 -1.14 -55.01 146.99
CA LEU S 122 -1.33 -53.92 147.94
C LEU S 122 -2.49 -54.21 148.87
N GLY S 123 -3.59 -54.74 148.34
CA GLY S 123 -4.71 -55.06 149.20
C GLY S 123 -4.36 -56.08 150.28
N GLU S 124 -3.69 -57.16 149.88
CA GLU S 124 -3.31 -58.19 150.85
C GLU S 124 -2.37 -57.62 151.90
N SER S 125 -1.35 -56.87 151.45
CA SER S 125 -0.37 -56.34 152.39
C SER S 125 -1.03 -55.35 153.35
N ASP S 126 -1.95 -54.53 152.87
CA ASP S 126 -2.62 -53.58 153.75
C ASP S 126 -3.56 -54.29 154.72
N ALA S 127 -4.16 -55.40 154.31
CA ALA S 127 -4.95 -56.20 155.24
C ALA S 127 -4.08 -56.73 156.37
N ARG S 128 -2.95 -57.35 156.03
CA ARG S 128 -2.03 -57.80 157.08
C ARG S 128 -1.58 -56.62 157.93
N ARG S 129 -1.40 -55.46 157.31
CA ARG S 129 -0.90 -54.29 158.03
C ARG S 129 -1.91 -53.85 159.09
N GLN S 130 -3.18 -53.77 158.72
CA GLN S 130 -4.22 -53.45 159.69
C GLN S 130 -4.28 -54.49 160.80
N THR S 131 -4.23 -55.78 160.44
CA THR S 131 -4.33 -56.83 161.44
C THR S 131 -3.21 -56.73 162.46
N GLN S 132 -1.97 -56.65 161.99
CA GLN S 132 -0.85 -56.57 162.91
C GLN S 132 -0.83 -55.24 163.64
N ASP S 133 -1.41 -54.19 163.05
CA ASP S 133 -1.50 -52.91 163.76
C ASP S 133 -2.37 -53.07 165.00
N ALA S 134 -3.57 -53.63 164.82
CA ALA S 134 -4.45 -53.84 165.97
C ALA S 134 -3.82 -54.79 166.99
N ALA S 135 -3.21 -55.87 166.50
CA ALA S 135 -2.58 -56.82 167.41
C ALA S 135 -1.47 -56.17 168.22
N LEU S 136 -0.66 -55.33 167.57
CA LEU S 136 0.41 -54.65 168.29
C LEU S 136 -0.14 -53.65 169.29
N GLU S 137 -1.28 -53.03 168.98
CA GLU S 137 -1.88 -52.14 169.96
C GLU S 137 -2.31 -52.90 171.21
N ASP S 138 -2.95 -54.05 171.01
CA ASP S 138 -3.34 -54.88 172.15
C ASP S 138 -2.13 -55.37 172.92
N ASN S 139 -1.09 -55.78 172.20
CA ASN S 139 0.13 -56.23 172.83
C ASN S 139 0.78 -55.10 173.61
N ALA S 140 0.64 -53.86 173.11
CA ALA S 140 1.17 -52.70 173.80
C ALA S 140 0.44 -52.46 175.12
N LEU S 141 -0.89 -52.55 175.11
CA LEU S 141 -1.60 -52.37 176.38
C LEU S 141 -1.23 -53.48 177.36
N GLU S 142 -1.08 -54.70 176.87
CA GLU S 142 -0.66 -55.80 177.73
C GLU S 142 0.72 -55.55 178.33
N ILE S 143 1.67 -55.10 177.51
CA ILE S 143 3.02 -54.87 178.00
C ILE S 143 3.01 -53.74 179.03
N ASP S 144 2.17 -52.73 178.83
CA ASP S 144 2.09 -51.64 179.81
C ASP S 144 1.57 -52.16 181.15
N ARG S 145 0.43 -52.87 181.13
CA ARG S 145 -0.13 -53.37 182.38
C ARG S 145 0.85 -54.30 183.08
N LEU S 146 1.60 -55.10 182.32
CA LEU S 146 2.44 -56.11 182.94
C LEU S 146 3.73 -55.51 183.47
N ARG S 147 4.27 -54.48 182.81
CA ARG S 147 5.40 -53.77 183.41
C ARG S 147 4.99 -53.08 184.71
N ASN S 148 3.80 -52.46 184.72
CA ASN S 148 3.34 -51.86 185.97
C ASN S 148 3.18 -52.90 187.07
N ALA S 149 2.59 -54.04 186.73
CA ALA S 149 2.43 -55.10 187.71
C ALA S 149 3.77 -55.60 188.21
N LEU S 150 4.75 -55.74 187.31
CA LEU S 150 6.07 -56.21 187.74
C LEU S 150 6.72 -55.22 188.71
N LEU S 151 6.57 -53.93 188.43
CA LEU S 151 7.09 -52.94 189.37
C LEU S 151 6.42 -53.10 190.73
N GLN S 152 5.09 -53.22 190.73
CA GLN S 152 4.36 -53.38 191.98
C GLN S 152 4.83 -54.63 192.72
N SER S 153 4.96 -55.73 191.99
CA SER S 153 5.32 -57.00 192.61
C SER S 153 6.69 -56.93 193.25
N ASP S 154 7.67 -56.42 192.50
CA ASP S 154 9.01 -56.32 193.04
C ASP S 154 9.04 -55.44 194.28
N LEU S 155 8.36 -54.28 194.24
CA LEU S 155 8.42 -53.37 195.37
C LEU S 155 7.72 -53.96 196.60
N LYS S 156 6.54 -54.55 196.42
CA LYS S 156 5.86 -55.11 197.57
C LYS S 156 6.61 -56.29 198.14
N VAL S 157 7.27 -57.08 197.28
CA VAL S 157 8.18 -58.10 197.76
C VAL S 157 9.28 -57.48 198.60
N SER S 158 9.79 -56.33 198.17
CA SER S 158 10.86 -55.69 198.93
C SER S 158 10.36 -55.28 200.32
N SER S 159 9.16 -54.68 200.38
CA SER S 159 8.65 -54.22 201.67
C SER S 159 8.38 -55.40 202.61
N LEU S 160 7.76 -56.45 202.09
CA LEU S 160 7.53 -57.62 202.91
C LEU S 160 8.83 -58.29 203.28
N ASP S 161 9.86 -58.15 202.43
CA ASP S 161 11.18 -58.63 202.78
C ASP S 161 11.75 -57.86 203.96
N ALA S 162 11.49 -56.55 204.00
CA ALA S 162 11.93 -55.75 205.14
C ALA S 162 11.24 -56.23 206.42
N SER S 163 9.95 -56.50 206.34
CA SER S 163 9.25 -57.07 207.49
C SER S 163 9.87 -58.41 207.89
N LEU S 164 10.31 -59.18 206.89
CA LEU S 164 10.95 -60.46 207.19
C LEU S 164 12.28 -60.26 207.92
N ARG S 165 13.07 -59.29 207.49
CA ARG S 165 14.27 -58.90 208.22
C ARG S 165 13.95 -58.53 209.66
N ASP S 166 12.88 -57.77 209.86
CA ASP S 166 12.46 -57.42 211.22
C ASP S 166 12.22 -58.67 212.06
N ALA S 167 11.42 -59.59 211.51
CA ALA S 167 11.13 -60.82 212.25
C ALA S 167 12.40 -61.58 212.58
N THR S 168 13.34 -61.64 211.64
CA THR S 168 14.61 -62.31 211.92
C THR S 168 15.31 -61.67 213.11
N ALA S 169 15.75 -60.42 212.93
CA ALA S 169 16.43 -59.73 214.02
C ALA S 169 15.77 -60.02 215.36
N ARG S 170 14.46 -59.85 215.43
CA ARG S 170 13.76 -60.04 216.69
C ARG S 170 13.88 -61.46 217.19
N ILE S 171 13.84 -62.44 216.28
CA ILE S 171 13.92 -63.80 216.77
C ILE S 171 15.26 -64.04 217.43
N GLU S 172 16.38 -63.64 216.79
CA GLU S 172 17.64 -63.97 217.45
C GLU S 172 17.84 -63.14 218.71
N HIS S 173 17.29 -61.91 218.76
CA HIS S 173 17.33 -61.18 220.02
C HIS S 173 16.65 -61.97 221.12
N LEU S 174 15.42 -62.43 220.88
CA LEU S 174 14.77 -63.27 221.87
C LEU S 174 15.58 -64.52 222.15
N VAL S 175 16.38 -64.96 221.18
CA VAL S 175 17.22 -66.13 221.42
C VAL S 175 18.26 -65.82 222.49
N GLN S 176 18.91 -64.65 222.41
CA GLN S 176 19.84 -64.33 223.50
C GLN S 176 19.08 -64.19 224.80
N ASP S 177 17.87 -63.62 224.75
CA ASP S 177 17.08 -63.46 225.97
C ASP S 177 16.84 -64.81 226.63
N VAL S 178 16.46 -65.82 225.83
CA VAL S 178 16.12 -67.12 226.38
C VAL S 178 17.37 -67.81 226.91
N GLU S 179 18.47 -67.75 226.17
CA GLU S 179 19.69 -68.38 226.68
C GLU S 179 20.19 -67.70 227.95
N GLY S 180 20.03 -66.39 228.05
CA GLY S 180 20.43 -65.69 229.27
C GLY S 180 19.61 -66.09 230.47
N LEU S 181 18.28 -66.18 230.30
CA LEU S 181 17.48 -66.64 231.44
C LEU S 181 17.78 -68.10 231.77
N ARG S 182 18.15 -68.91 230.78
CA ARG S 182 18.65 -70.25 231.08
C ARG S 182 19.88 -70.19 231.97
N VAL S 183 20.87 -69.40 231.58
CA VAL S 183 22.15 -69.42 232.31
C VAL S 183 21.97 -68.81 233.70
N GLN S 184 21.11 -67.80 233.84
CA GLN S 184 20.89 -67.26 235.17
C GLN S 184 20.00 -68.17 236.00
N ALA S 185 19.18 -69.00 235.37
CA ALA S 185 18.49 -70.05 236.10
C ALA S 185 19.50 -71.04 236.69
N GLN S 186 20.49 -71.43 235.89
CA GLN S 186 21.58 -72.25 236.41
C GLN S 186 22.28 -71.55 237.58
N ASP S 187 22.57 -70.26 237.40
CA ASP S 187 23.28 -69.48 238.41
C ASP S 187 22.49 -69.39 239.71
N ILE S 188 21.19 -69.10 239.61
CA ILE S 188 20.34 -68.96 240.78
C ILE S 188 20.21 -70.30 241.50
N ASP S 189 20.06 -71.40 240.77
CA ASP S 189 20.04 -72.69 241.44
C ASP S 189 21.35 -72.93 242.19
N ALA S 190 22.47 -72.64 241.54
CA ALA S 190 23.77 -72.89 242.16
C ALA S 190 23.94 -72.08 243.42
N ARG S 191 23.50 -70.82 243.41
CA ARG S 191 23.66 -69.98 244.58
C ARG S 191 22.66 -70.32 245.67
N ARG S 192 21.45 -70.71 245.31
CA ARG S 192 20.42 -71.02 246.29
C ARG S 192 20.56 -72.40 246.87
N GLY S 193 21.45 -73.22 246.33
CA GLY S 193 21.79 -74.45 247.00
C GLY S 193 22.47 -74.21 248.34
N GLN T 31 -20.96 -21.12 20.34
CA GLN T 31 -21.25 -22.46 19.83
C GLN T 31 -20.12 -23.45 20.11
N ILE T 32 -19.32 -23.76 19.10
CA ILE T 32 -18.30 -24.80 19.20
C ILE T 32 -17.24 -24.40 20.21
N GLU T 33 -16.86 -23.13 20.24
CA GLU T 33 -15.86 -22.67 21.20
C GLU T 33 -16.38 -22.84 22.62
N SER T 34 -17.65 -22.51 22.83
CA SER T 34 -18.25 -22.69 24.15
C SER T 34 -18.25 -24.16 24.54
N THR T 35 -18.63 -25.04 23.62
CA THR T 35 -18.71 -26.45 23.98
C THR T 35 -17.33 -27.07 24.18
N GLN T 36 -16.27 -26.53 23.55
CA GLN T 36 -14.93 -27.04 23.83
C GLN T 36 -14.43 -26.58 25.19
N ALA T 37 -14.66 -25.31 25.52
CA ALA T 37 -14.43 -24.85 26.87
C ALA T 37 -15.14 -25.74 27.87
N ILE T 38 -16.40 -26.07 27.56
CA ILE T 38 -17.20 -27.00 28.35
C ILE T 38 -16.53 -28.36 28.46
N GLY T 39 -16.00 -28.90 27.37
CA GLY T 39 -15.33 -30.17 27.46
C GLY T 39 -14.23 -30.16 28.49
N GLN T 40 -13.24 -29.28 28.30
CA GLN T 40 -12.13 -29.23 29.25
C GLN T 40 -12.63 -28.95 30.67
N ARG T 41 -13.69 -28.16 30.78
CA ARG T 41 -14.09 -27.71 32.09
C ARG T 41 -14.80 -28.83 32.87
N TYR T 42 -15.50 -29.72 32.18
CA TYR T 42 -15.93 -30.94 32.87
C TYR T 42 -14.81 -31.94 33.15
N GLU T 43 -13.70 -31.94 32.42
CA GLU T 43 -12.62 -32.72 33.04
C GLU T 43 -12.22 -32.13 34.39
N THR T 44 -12.18 -30.79 34.47
CA THR T 44 -11.97 -30.18 35.79
C THR T 44 -13.05 -30.63 36.77
N ILE T 45 -14.29 -30.68 36.32
CA ILE T 45 -15.41 -31.06 37.17
C ILE T 45 -15.25 -32.49 37.67
N HIS T 46 -14.82 -33.38 36.78
CA HIS T 46 -14.67 -34.78 37.16
C HIS T 46 -13.55 -34.94 38.18
N GLY T 47 -12.46 -34.19 38.03
CA GLY T 47 -11.42 -34.23 39.06
C GLY T 47 -11.92 -33.80 40.42
N GLY T 48 -12.62 -32.67 40.46
CA GLY T 48 -13.17 -32.21 41.73
C GLY T 48 -14.14 -33.19 42.35
N LEU T 49 -15.03 -33.76 41.51
CA LEU T 49 -16.03 -34.71 42.01
C LEU T 49 -15.36 -35.98 42.54
N ASP T 50 -14.31 -36.43 41.87
CA ASP T 50 -13.56 -37.56 42.37
C ASP T 50 -13.06 -37.30 43.78
N SER T 51 -12.39 -36.16 43.99
CA SER T 51 -11.87 -35.88 45.33
C SER T 51 -12.99 -35.78 46.36
N ILE T 52 -14.09 -35.11 46.02
CA ILE T 52 -15.12 -34.89 47.03
C ILE T 52 -15.80 -36.20 47.43
N GLY T 53 -16.19 -37.03 46.44
CA GLY T 53 -16.81 -38.30 46.77
C GLY T 53 -15.86 -39.20 47.54
N ARG T 54 -14.56 -39.13 47.20
CA ARG T 54 -13.57 -39.86 47.97
C ARG T 54 -13.65 -39.49 49.44
N VAL T 55 -13.63 -38.19 49.73
CA VAL T 55 -13.51 -37.80 51.13
C VAL T 55 -14.82 -38.10 51.88
N MET T 56 -15.95 -38.01 51.17
CA MET T 56 -17.21 -38.32 51.83
C MET T 56 -17.28 -39.79 52.24
N GLU T 57 -16.95 -40.70 51.32
CA GLU T 57 -16.87 -42.09 51.72
C GLU T 57 -15.82 -42.29 52.81
N HIS T 58 -14.79 -41.43 52.83
CA HIS T 58 -13.78 -41.50 53.88
C HIS T 58 -14.40 -41.26 55.25
N LEU T 59 -15.26 -40.24 55.35
CA LEU T 59 -15.98 -40.00 56.61
C LEU T 59 -16.91 -41.15 56.97
N LYS T 60 -17.62 -41.69 55.97
CA LYS T 60 -18.42 -42.89 56.19
C LYS T 60 -17.61 -43.94 56.93
N ALA T 61 -16.39 -44.18 56.44
CA ALA T 61 -15.53 -45.21 57.03
C ALA T 61 -14.94 -44.76 58.36
N ILE T 62 -14.90 -43.45 58.61
CA ILE T 62 -14.25 -42.94 59.83
C ILE T 62 -15.16 -43.09 61.05
N GLU T 63 -16.47 -43.02 60.86
CA GLU T 63 -17.39 -43.10 62.01
C GLU T 63 -17.14 -44.28 62.96
N PRO T 64 -16.87 -45.50 62.50
CA PRO T 64 -16.72 -46.62 63.45
C PRO T 64 -15.65 -46.40 64.49
N LEU T 65 -14.55 -45.72 64.16
CA LEU T 65 -13.57 -45.36 65.18
C LEU T 65 -14.22 -44.51 66.26
N ILE T 66 -15.05 -43.55 65.86
CA ILE T 66 -15.71 -42.69 66.83
C ILE T 66 -16.59 -43.50 67.76
N ALA T 67 -17.34 -44.46 67.21
CA ALA T 67 -18.20 -45.28 68.07
C ALA T 67 -17.37 -46.11 69.05
N GLU T 68 -16.35 -46.81 68.55
CA GLU T 68 -15.62 -47.74 69.41
C GLU T 68 -14.77 -47.00 70.42
N ILE T 69 -14.40 -45.75 70.16
CA ILE T 69 -13.70 -44.98 71.18
C ILE T 69 -14.69 -44.31 72.12
N ARG T 70 -15.92 -44.11 71.68
CA ARG T 70 -16.96 -43.65 72.58
C ARG T 70 -17.27 -44.69 73.64
N GLY T 71 -17.20 -45.96 73.29
CA GLY T 71 -17.45 -47.04 74.24
C GLY T 71 -16.63 -47.08 75.54
N PRO T 72 -15.32 -47.34 75.43
CA PRO T 72 -14.55 -47.69 76.63
C PRO T 72 -14.49 -46.57 77.63
N VAL T 73 -14.52 -45.31 77.18
CA VAL T 73 -14.70 -44.20 78.09
C VAL T 73 -15.84 -44.52 79.03
N SER T 74 -17.02 -44.72 78.46
CA SER T 74 -18.19 -45.04 79.26
C SER T 74 -17.91 -46.21 80.20
N GLN T 75 -17.57 -47.37 79.65
CA GLN T 75 -17.53 -48.55 80.51
C GLN T 75 -16.50 -48.40 81.62
N GLU T 76 -15.22 -48.27 81.24
CA GLU T 76 -14.15 -48.29 82.23
C GLU T 76 -14.33 -47.17 83.23
N PHE T 77 -14.80 -46.01 82.78
CA PHE T 77 -14.90 -44.90 83.69
C PHE T 77 -16.02 -45.05 84.68
N GLU T 78 -17.22 -45.47 84.26
CA GLU T 78 -18.25 -45.71 85.27
C GLU T 78 -17.80 -46.77 86.27
N ALA T 79 -17.24 -47.87 85.78
CA ALA T 79 -16.89 -48.96 86.68
C ALA T 79 -15.86 -48.53 87.71
N ARG T 80 -14.79 -47.86 87.28
CA ARG T 80 -13.75 -47.62 88.25
C ARG T 80 -13.90 -46.26 88.92
N ARG T 81 -14.90 -45.48 88.52
CA ARG T 81 -15.50 -44.55 89.48
C ARG T 81 -16.18 -45.27 90.63
N ALA T 82 -16.92 -46.35 90.35
CA ALA T 82 -17.45 -47.12 91.46
C ALA T 82 -16.32 -47.64 92.35
N GLU T 83 -15.23 -48.08 91.72
CA GLU T 83 -14.04 -48.53 92.46
C GLU T 83 -13.49 -47.43 93.38
N HIS T 84 -13.23 -46.25 92.83
CA HIS T 84 -12.74 -45.15 93.66
C HIS T 84 -13.75 -44.78 94.73
N ALA T 85 -15.04 -44.90 94.41
CA ALA T 85 -16.06 -44.54 95.38
C ALA T 85 -16.00 -45.44 96.60
N GLU T 86 -15.82 -46.75 96.38
CA GLU T 86 -15.67 -47.62 97.55
C GLU T 86 -14.34 -47.38 98.25
N LEU T 87 -13.28 -47.07 97.50
CA LEU T 87 -12.03 -46.79 98.19
C LEU T 87 -12.02 -45.44 98.88
N ILE T 88 -13.04 -44.61 98.66
CA ILE T 88 -13.17 -43.38 99.46
C ILE T 88 -13.26 -43.72 100.94
N ALA T 89 -14.08 -44.73 101.28
CA ALA T 89 -14.37 -45.02 102.69
C ALA T 89 -13.14 -45.53 103.44
N VAL T 90 -12.08 -45.90 102.72
CA VAL T 90 -10.84 -46.24 103.39
C VAL T 90 -10.34 -45.06 104.21
N ARG T 91 -10.58 -43.84 103.75
CA ARG T 91 -10.17 -42.67 104.50
C ARG T 91 -10.96 -42.55 105.80
N ALA T 92 -12.25 -42.86 105.77
CA ALA T 92 -13.04 -42.87 106.99
C ALA T 92 -12.55 -43.95 107.95
N ASN T 93 -12.22 -45.12 107.40
CA ASN T 93 -11.58 -46.15 108.20
C ASN T 93 -10.33 -45.62 108.87
N LEU T 94 -9.53 -44.86 108.12
CA LEU T 94 -8.30 -44.30 108.67
C LEU T 94 -8.58 -43.31 109.79
N ASP T 95 -9.61 -42.48 109.61
CA ASP T 95 -9.95 -41.52 110.67
C ASP T 95 -10.36 -42.24 111.93
N GLN T 96 -11.16 -43.30 111.80
CA GLN T 96 -11.49 -44.14 112.95
C GLN T 96 -10.23 -44.74 113.55
N ALA T 97 -9.29 -45.15 112.70
CA ALA T 97 -8.04 -45.70 113.19
C ALA T 97 -7.32 -44.71 114.08
N GLN T 98 -7.12 -43.48 113.61
CA GLN T 98 -6.42 -42.49 114.43
C GLN T 98 -7.19 -42.12 115.69
N ARG T 99 -8.52 -42.03 115.63
CA ARG T 99 -9.23 -41.70 116.86
C ARG T 99 -9.05 -42.81 117.90
N GLN T 100 -9.12 -44.07 117.46
CA GLN T 100 -8.90 -45.17 118.38
C GLN T 100 -7.47 -45.16 118.89
N ILE T 101 -6.51 -44.81 118.04
CA ILE T 101 -5.12 -44.75 118.47
C ILE T 101 -4.94 -43.70 119.55
N ALA T 102 -5.51 -42.51 119.36
CA ALA T 102 -5.39 -41.46 120.37
C ALA T 102 -6.00 -41.91 121.68
N LEU T 103 -7.19 -42.52 121.62
CA LEU T 103 -7.83 -42.97 122.85
C LEU T 103 -6.97 -44.01 123.57
N ILE T 104 -6.44 -44.98 122.83
CA ILE T 104 -5.68 -46.04 123.48
C ILE T 104 -4.39 -45.48 124.04
N GLN T 105 -3.81 -44.48 123.40
CA GLN T 105 -2.58 -43.89 123.92
C GLN T 105 -2.82 -43.10 125.20
N ALA T 106 -3.91 -42.32 125.25
CA ALA T 106 -4.24 -41.62 126.48
C ALA T 106 -4.50 -42.60 127.61
N GLU T 107 -5.33 -43.62 127.33
CA GLU T 107 -5.53 -44.71 128.28
C GLU T 107 -4.21 -45.32 128.73
N GLU T 108 -3.28 -45.51 127.80
CA GLU T 108 -2.02 -46.16 128.12
C GLU T 108 -1.19 -45.30 129.06
N ARG T 109 -1.13 -44.00 128.79
CA ARG T 109 -0.38 -43.12 129.68
C ARG T 109 -0.98 -43.10 131.07
N GLU T 110 -2.31 -43.01 131.16
CA GLU T 110 -2.96 -43.04 132.46
C GLU T 110 -2.63 -44.31 133.21
N VAL T 111 -2.76 -45.46 132.55
CA VAL T 111 -2.53 -46.73 133.22
C VAL T 111 -1.07 -46.85 133.65
N SER T 112 -0.14 -46.40 132.79
CA SER T 112 1.26 -46.46 133.14
C SER T 112 1.55 -45.61 134.37
N ALA T 113 1.01 -44.38 134.41
CA ALA T 113 1.27 -43.51 135.55
C ALA T 113 0.72 -44.09 136.84
N ARG T 114 -0.50 -44.61 136.80
CA ARG T 114 -1.09 -45.07 138.05
C ARG T 114 -0.47 -46.41 138.46
N LEU T 115 0.01 -47.19 137.49
CA LEU T 115 0.84 -48.33 137.84
C LEU T 115 2.11 -47.90 138.55
N ALA T 116 2.74 -46.84 138.07
CA ALA T 116 3.95 -46.35 138.73
C ALA T 116 3.69 -45.98 140.18
N ALA T 117 2.61 -45.22 140.40
CA ALA T 117 2.20 -44.92 141.77
C ALA T 117 1.98 -46.20 142.56
N ALA T 118 1.45 -47.22 141.89
CA ALA T 118 1.21 -48.49 142.56
C ALA T 118 2.50 -49.12 143.06
N GLU T 119 3.55 -49.20 142.22
CA GLU T 119 4.73 -49.87 142.76
C GLU T 119 5.40 -49.01 143.83
N THR T 120 5.27 -47.69 143.75
CA THR T 120 5.79 -46.86 144.83
C THR T 120 5.11 -47.23 146.15
N ALA T 121 3.78 -47.32 146.13
CA ALA T 121 3.06 -47.72 147.33
C ALA T 121 3.46 -49.13 147.78
N LEU T 122 3.65 -50.05 146.83
CA LEU T 122 4.03 -51.41 147.21
C LEU T 122 5.41 -51.45 147.83
N GLY T 123 6.34 -50.62 147.36
CA GLY T 123 7.63 -50.52 148.01
C GLY T 123 7.54 -50.00 149.43
N GLU T 124 6.75 -48.94 149.62
CA GLU T 124 6.50 -48.47 150.98
C GLU T 124 5.91 -49.58 151.84
N SER T 125 5.00 -50.36 151.27
CA SER T 125 4.39 -51.47 152.00
C SER T 125 5.44 -52.49 152.39
N ASP T 126 6.37 -52.78 151.49
CA ASP T 126 7.45 -53.72 151.81
C ASP T 126 8.28 -53.20 152.98
N ALA T 127 8.65 -51.91 152.92
CA ALA T 127 9.47 -51.34 153.99
C ALA T 127 8.74 -51.42 155.32
N ARG T 128 7.50 -50.95 155.37
CA ARG T 128 6.78 -50.97 156.62
C ARG T 128 6.52 -52.40 157.07
N ARG T 129 6.41 -53.33 156.13
CA ARG T 129 6.31 -54.73 156.49
C ARG T 129 7.53 -55.17 157.27
N GLN T 130 8.73 -54.85 156.76
CA GLN T 130 9.93 -55.24 157.49
C GLN T 130 10.00 -54.57 158.86
N THR T 131 9.66 -53.29 158.93
CA THR T 131 9.72 -52.60 160.21
C THR T 131 8.80 -53.25 161.23
N GLN T 132 7.55 -53.50 160.83
CA GLN T 132 6.59 -54.10 161.76
C GLN T 132 6.97 -55.54 162.09
N ASP T 133 7.66 -56.22 161.19
CA ASP T 133 8.18 -57.54 161.53
C ASP T 133 9.16 -57.44 162.69
N ALA T 134 10.08 -56.48 162.60
CA ALA T 134 11.01 -56.26 163.70
C ALA T 134 10.28 -55.88 164.97
N ALA T 135 9.26 -55.04 164.85
CA ALA T 135 8.52 -54.60 166.03
C ALA T 135 7.84 -55.78 166.72
N LEU T 136 7.18 -56.63 165.93
CA LEU T 136 6.57 -57.82 166.51
C LEU T 136 7.61 -58.71 167.18
N GLU T 137 8.75 -58.92 166.51
CA GLU T 137 9.77 -59.78 167.11
C GLU T 137 10.22 -59.24 168.47
N ASP T 138 10.60 -57.96 168.50
CA ASP T 138 11.11 -57.36 169.73
C ASP T 138 10.07 -57.42 170.83
N ASN T 139 8.85 -56.99 170.54
CA ASN T 139 7.85 -56.87 171.59
C ASN T 139 7.41 -58.23 172.09
N ALA T 140 7.29 -59.20 171.18
CA ALA T 140 6.94 -60.55 171.59
C ALA T 140 8.01 -61.13 172.52
N LEU T 141 9.28 -60.97 172.16
CA LEU T 141 10.33 -61.49 173.03
C LEU T 141 10.28 -60.83 174.39
N GLU T 142 10.12 -59.51 174.42
CA GLU T 142 10.17 -58.81 175.70
C GLU T 142 9.00 -59.22 176.57
N ILE T 143 7.81 -59.40 175.98
CA ILE T 143 6.65 -59.77 176.78
C ILE T 143 6.79 -61.21 177.28
N ASP T 144 7.40 -62.09 176.49
CA ASP T 144 7.67 -63.43 176.99
C ASP T 144 8.59 -63.38 178.22
N ARG T 145 9.67 -62.62 178.13
CA ARG T 145 10.59 -62.50 179.26
C ARG T 145 9.91 -61.85 180.45
N LEU T 146 9.04 -60.86 180.20
CA LEU T 146 8.32 -60.24 181.29
C LEU T 146 7.47 -61.25 182.03
N ARG T 147 6.74 -62.09 181.30
CA ARG T 147 5.93 -63.10 181.96
C ARG T 147 6.79 -64.05 182.77
N ASN T 148 7.95 -64.46 182.23
CA ASN T 148 8.81 -65.38 182.97
C ASN T 148 9.36 -64.76 184.24
N ALA T 149 9.79 -63.50 184.16
CA ALA T 149 10.31 -62.82 185.34
C ALA T 149 9.22 -62.64 186.39
N LEU T 150 8.00 -62.31 185.97
CA LEU T 150 6.91 -62.20 186.92
C LEU T 150 6.62 -63.53 187.59
N LEU T 151 6.70 -64.62 186.81
CA LEU T 151 6.49 -65.94 187.40
C LEU T 151 7.53 -66.22 188.47
N GLN T 152 8.79 -65.97 188.17
CA GLN T 152 9.83 -66.17 189.19
C GLN T 152 9.58 -65.28 190.40
N SER T 153 9.10 -64.07 190.16
CA SER T 153 8.81 -63.16 191.26
C SER T 153 7.75 -63.74 192.17
N ASP T 154 6.68 -64.29 191.59
CA ASP T 154 5.63 -64.86 192.43
C ASP T 154 6.09 -66.13 193.14
N LEU T 155 7.01 -66.88 192.52
CA LEU T 155 7.62 -68.01 193.21
C LEU T 155 8.37 -67.53 194.46
N LYS T 156 9.13 -66.45 194.31
CA LYS T 156 9.82 -65.89 195.46
C LYS T 156 8.83 -65.33 196.47
N VAL T 157 7.65 -64.89 196.01
CA VAL T 157 6.60 -64.46 196.93
C VAL T 157 6.15 -65.63 197.80
N SER T 158 5.90 -66.76 197.17
CA SER T 158 5.57 -67.95 197.94
C SER T 158 6.68 -68.26 198.94
N SER T 159 7.93 -68.10 198.53
CA SER T 159 9.04 -68.37 199.43
C SER T 159 9.04 -67.43 200.62
N LEU T 160 8.78 -66.15 200.38
CA LEU T 160 8.85 -65.18 201.48
C LEU T 160 7.70 -65.39 202.45
N ASP T 161 6.53 -65.77 201.95
CA ASP T 161 5.45 -66.14 202.86
C ASP T 161 5.81 -67.40 203.65
N ALA T 162 6.51 -68.34 203.03
CA ALA T 162 7.00 -69.50 203.77
C ALA T 162 7.89 -69.07 204.93
N SER T 163 8.89 -68.23 204.64
CA SER T 163 9.75 -67.74 205.70
C SER T 163 8.98 -66.89 206.72
N LEU T 164 7.88 -66.27 206.29
CA LEU T 164 7.05 -65.50 207.22
C LEU T 164 6.40 -66.39 208.25
N ARG T 165 5.77 -67.47 207.82
CA ARG T 165 5.30 -68.43 208.83
C ARG T 165 6.44 -69.08 209.60
N ASP T 166 7.61 -69.29 208.99
CA ASP T 166 8.76 -69.76 209.77
C ASP T 166 9.04 -68.84 210.95
N ALA T 167 9.19 -67.55 210.65
CA ALA T 167 9.51 -66.56 211.66
C ALA T 167 8.40 -66.43 212.69
N THR T 168 7.13 -66.40 212.26
CA THR T 168 6.05 -66.30 213.23
C THR T 168 6.00 -67.52 214.13
N ALA T 169 6.22 -68.70 213.58
CA ALA T 169 6.18 -69.89 214.41
C ALA T 169 7.25 -69.83 215.49
N ARG T 170 8.52 -69.62 215.11
CA ARG T 170 9.54 -69.60 216.15
C ARG T 170 9.39 -68.41 217.09
N ILE T 171 8.94 -67.26 216.58
CA ILE T 171 8.84 -66.12 217.49
C ILE T 171 7.77 -66.39 218.53
N GLU T 172 6.66 -67.04 218.14
CA GLU T 172 5.65 -67.38 219.12
C GLU T 172 6.17 -68.45 220.09
N HIS T 173 6.90 -69.45 219.56
CA HIS T 173 7.46 -70.46 220.44
C HIS T 173 8.40 -69.83 221.45
N LEU T 174 9.22 -68.90 221.01
CA LEU T 174 10.16 -68.25 221.90
C LEU T 174 9.48 -67.29 222.87
N VAL T 175 8.32 -66.71 222.50
CA VAL T 175 7.65 -65.89 223.49
C VAL T 175 7.07 -66.77 224.60
N GLN T 176 6.54 -67.94 224.24
CA GLN T 176 6.15 -68.84 225.33
C GLN T 176 7.36 -69.24 226.17
N ASP T 177 8.50 -69.50 225.53
CA ASP T 177 9.69 -69.89 226.29
C ASP T 177 10.14 -68.81 227.25
N VAL T 178 10.12 -67.55 226.80
CA VAL T 178 10.56 -66.47 227.68
C VAL T 178 9.55 -66.27 228.78
N GLU T 179 8.27 -66.53 228.51
CA GLU T 179 7.29 -66.54 229.60
C GLU T 179 7.65 -67.59 230.63
N GLY T 180 8.04 -68.79 230.18
CA GLY T 180 8.40 -69.84 231.11
C GLY T 180 9.61 -69.49 231.96
N LEU T 181 10.66 -68.97 231.32
CA LEU T 181 11.85 -68.61 232.08
C LEU T 181 11.59 -67.44 233.02
N ARG T 182 10.70 -66.52 232.62
CA ARG T 182 10.26 -65.49 233.55
C ARG T 182 9.60 -66.10 234.77
N VAL T 183 8.73 -67.09 234.55
CA VAL T 183 8.09 -67.79 235.66
C VAL T 183 9.13 -68.47 236.53
N GLN T 184 10.14 -69.09 235.91
CA GLN T 184 11.19 -69.80 236.66
C GLN T 184 11.97 -68.84 237.55
N ALA T 185 12.49 -67.77 236.96
CA ALA T 185 13.24 -66.79 237.73
C ALA T 185 12.38 -66.21 238.84
N GLN T 186 11.11 -65.91 238.55
CA GLN T 186 10.22 -65.34 239.56
C GLN T 186 10.02 -66.29 240.72
N ASP T 187 9.78 -67.58 240.43
CA ASP T 187 9.53 -68.54 241.49
C ASP T 187 10.75 -68.69 242.38
N ILE T 188 11.94 -68.79 241.77
CA ILE T 188 13.13 -69.00 242.59
C ILE T 188 13.53 -67.72 243.30
N ASP T 189 13.16 -66.56 242.76
CA ASP T 189 13.44 -65.31 243.47
C ASP T 189 12.50 -65.12 244.66
N ALA T 190 11.22 -65.43 244.49
CA ALA T 190 10.31 -65.43 245.62
C ALA T 190 10.77 -66.43 246.68
N ARG T 191 11.37 -67.53 246.23
CA ARG T 191 12.02 -68.45 247.16
C ARG T 191 13.17 -67.76 247.89
N ARG T 192 13.95 -66.97 247.17
CA ARG T 192 14.98 -66.15 247.82
C ARG T 192 14.36 -65.27 248.90
N GLY T 193 13.17 -64.75 248.65
CA GLY T 193 12.46 -63.95 249.65
C GLY T 193 12.13 -64.72 250.91
N VAL U 327 23.31 -55.11 226.63
CA VAL U 327 22.20 -54.64 227.42
C VAL U 327 21.19 -53.95 226.49
N ALA U 328 19.90 -54.06 226.85
CA ALA U 328 18.81 -53.63 225.97
C ALA U 328 19.15 -52.33 225.25
N LEU U 329 19.65 -51.34 225.98
CA LEU U 329 20.07 -50.10 225.35
C LEU U 329 21.25 -50.33 224.43
N GLU U 330 22.19 -51.18 224.83
CA GLU U 330 23.36 -51.42 224.01
C GLU U 330 22.96 -51.98 222.65
N ARG U 331 22.11 -53.01 222.66
CA ARG U 331 21.65 -53.60 221.41
C ARG U 331 20.74 -52.65 220.64
N ALA U 332 19.93 -51.88 221.35
CA ALA U 332 19.08 -50.92 220.66
C ALA U 332 19.94 -49.95 219.86
N LEU U 333 20.91 -49.33 220.51
CA LEU U 333 21.74 -48.35 219.81
C LEU U 333 22.59 -49.01 218.74
N ASP U 334 23.02 -50.25 218.96
CA ASP U 334 23.77 -50.95 217.92
C ASP U 334 22.93 -51.14 216.67
N ARG U 335 21.68 -51.58 216.84
CA ARG U 335 20.88 -51.81 215.64
C ARG U 335 20.45 -50.49 215.05
N ILE U 336 20.34 -49.46 215.87
CA ILE U 336 20.12 -48.12 215.34
C ILE U 336 21.27 -47.71 214.43
N ARG U 337 22.50 -47.83 214.90
CA ARG U 337 23.63 -47.38 214.09
C ARG U 337 23.81 -48.25 212.85
N ALA U 338 23.50 -49.53 212.96
CA ALA U 338 23.53 -50.38 211.77
C ALA U 338 22.56 -49.87 210.71
N LEU U 339 21.30 -49.67 211.10
CA LEU U 339 20.32 -49.18 210.15
C LEU U 339 20.74 -47.82 209.63
N GLU U 340 21.36 -47.01 210.48
CA GLU U 340 21.78 -45.68 210.06
C GLU U 340 22.80 -45.76 208.95
N GLU U 341 23.84 -46.57 209.13
CA GLU U 341 24.87 -46.65 208.10
C GLU U 341 24.31 -47.24 206.81
N GLU U 342 23.42 -48.22 206.94
CA GLU U 342 22.81 -48.82 205.75
C GLU U 342 21.99 -47.78 204.98
N ALA U 343 21.17 -47.01 205.71
CA ALA U 343 20.37 -45.98 205.07
C ALA U 343 21.24 -44.88 204.48
N ASP U 344 22.36 -44.58 205.14
CA ASP U 344 23.33 -43.65 204.57
C ASP U 344 23.74 -44.11 203.18
N GLY U 345 24.24 -45.33 203.10
CA GLY U 345 24.69 -45.85 201.81
C GLY U 345 23.58 -45.83 200.77
N LEU U 346 22.36 -46.18 201.18
CA LEU U 346 21.25 -46.08 200.25
C LEU U 346 21.03 -44.63 199.80
N ARG U 347 21.28 -43.67 200.68
CA ARG U 347 21.09 -42.28 200.27
C ARG U 347 22.14 -41.86 199.27
N GLN U 348 23.39 -42.27 199.51
CA GLN U 348 24.53 -41.94 198.61
C GLN U 348 24.42 -42.79 197.34
N ARG U 349 23.69 -43.90 197.41
CA ARG U 349 23.52 -44.82 196.24
C ARG U 349 22.30 -44.36 195.43
N HIS U 350 21.50 -43.44 195.99
CA HIS U 350 20.30 -42.91 195.29
C HIS U 350 20.56 -41.48 194.82
N ALA U 351 21.47 -40.77 195.48
CA ALA U 351 21.81 -39.39 195.12
C ALA U 351 22.62 -39.39 193.80
N GLY U 352 23.47 -40.40 193.62
CA GLY U 352 24.29 -40.52 192.43
C GLY U 352 23.57 -41.22 191.29
N VAL U 353 22.91 -42.33 191.59
CA VAL U 353 22.16 -43.06 190.58
C VAL U 353 21.03 -42.22 190.04
N ASP U 354 20.40 -41.40 190.90
CA ASP U 354 19.33 -40.53 190.43
C ASP U 354 19.89 -39.51 189.45
N THR U 355 21.07 -38.96 189.74
CA THR U 355 21.70 -38.04 188.79
C THR U 355 22.00 -38.75 187.46
N ALA U 356 22.48 -40.00 187.52
CA ALA U 356 22.77 -40.74 186.31
C ALA U 356 21.51 -40.98 185.49
N ARG U 357 20.41 -41.30 186.14
CA ARG U 357 19.19 -41.53 185.38
C ARG U 357 18.60 -40.21 184.89
N ALA U 358 18.83 -39.11 185.60
CA ALA U 358 18.45 -37.81 185.08
C ALA U 358 19.21 -37.47 183.80
N THR U 359 20.51 -37.77 183.76
CA THR U 359 21.23 -37.49 182.51
C THR U 359 20.88 -38.50 181.43
N ALA U 360 20.39 -39.68 181.81
CA ALA U 360 19.77 -40.56 180.81
C ALA U 360 18.54 -39.90 180.20
N ILE U 361 17.70 -39.27 181.04
CA ILE U 361 16.57 -38.52 180.51
C ILE U 361 17.05 -37.40 179.58
N GLU U 362 18.15 -36.74 179.95
CA GLU U 362 18.63 -35.64 179.12
C GLU U 362 19.23 -36.12 177.79
N ARG U 363 19.90 -37.27 177.79
CA ARG U 363 20.37 -37.82 176.51
C ARG U 363 19.19 -38.24 175.65
N ALA U 364 18.14 -38.77 176.27
CA ALA U 364 16.91 -39.03 175.52
C ALA U 364 16.36 -37.74 174.92
N ASP U 365 16.49 -36.62 175.65
CA ASP U 365 16.08 -35.33 175.12
C ASP U 365 16.90 -34.94 173.89
N GLN U 366 18.22 -35.09 173.98
CA GLN U 366 19.07 -34.77 172.85
C GLN U 366 18.71 -35.63 171.64
N LEU U 367 18.47 -36.92 171.86
CA LEU U 367 18.08 -37.80 170.77
C LEU U 367 16.75 -37.38 170.19
N ALA U 368 15.81 -36.94 171.03
CA ALA U 368 14.53 -36.47 170.51
C ALA U 368 14.72 -35.26 169.60
N LYS U 369 15.62 -34.34 169.99
CA LYS U 369 15.91 -33.21 169.11
C LYS U 369 16.51 -33.68 167.78
N SER U 370 17.44 -34.64 167.84
CA SER U 370 17.99 -35.18 166.60
C SER U 370 16.90 -35.83 165.75
N ALA U 371 15.93 -36.47 166.40
CA ALA U 371 14.83 -37.10 165.67
C ALA U 371 13.94 -36.05 165.01
N VAL U 372 13.75 -34.91 165.69
CA VAL U 372 12.99 -33.82 165.08
C VAL U 372 13.72 -33.32 163.84
N ALA U 373 15.05 -33.19 163.93
CA ALA U 373 15.82 -32.79 162.77
C ALA U 373 15.66 -33.81 161.65
N GLN U 374 15.69 -35.09 162.00
CA GLN U 374 15.49 -36.13 160.98
C GLN U 374 14.12 -36.02 160.35
N GLU U 375 13.12 -35.65 161.14
CA GLU U 375 11.78 -35.40 160.59
C GLU U 375 11.81 -34.29 159.55
N LYS U 376 12.44 -33.17 159.90
CA LYS U 376 12.45 -32.05 158.95
C LYS U 376 13.20 -32.42 157.67
N ALA U 377 14.31 -33.17 157.81
CA ALA U 377 15.03 -33.63 156.63
C ALA U 377 14.14 -34.50 155.76
N LEU U 378 13.37 -35.39 156.40
CA LEU U 378 12.49 -36.27 155.62
C LEU U 378 11.45 -35.47 154.85
N LYS U 379 10.80 -34.50 155.50
CA LYS U 379 9.84 -33.71 154.74
C LYS U 379 10.50 -32.93 153.62
N ARG U 380 11.67 -32.33 153.86
CA ARG U 380 12.25 -31.52 152.79
C ARG U 380 12.61 -32.40 151.59
N ALA U 381 13.17 -33.58 151.85
CA ALA U 381 13.51 -34.47 150.75
C ALA U 381 12.26 -34.91 150.00
N GLU U 382 11.20 -35.27 150.73
CA GLU U 382 10.00 -35.74 150.06
C GLU U 382 9.37 -34.63 149.22
N GLU U 383 9.31 -33.40 149.74
CA GLU U 383 8.70 -32.32 148.96
C GLU U 383 9.55 -31.99 147.74
N ARG U 384 10.88 -31.98 147.89
CA ARG U 384 11.75 -31.76 146.74
C ARG U 384 11.52 -32.83 145.68
N ALA U 385 11.40 -34.09 146.12
CA ALA U 385 11.13 -35.18 145.19
C ALA U 385 9.80 -34.96 144.48
N GLN U 386 8.80 -34.47 145.20
CA GLN U 386 7.52 -34.20 144.56
C GLN U 386 7.64 -33.10 143.51
N GLN U 387 8.35 -32.01 143.80
CA GLN U 387 8.47 -30.97 142.77
C GLN U 387 9.23 -31.49 141.57
N LEU U 388 10.29 -32.26 141.80
CA LEU U 388 11.03 -32.77 140.67
C LEU U 388 10.19 -33.76 139.88
N ARG U 389 9.34 -34.52 140.56
CA ARG U 389 8.37 -35.36 139.86
C ARG U 389 7.42 -34.54 138.99
N ALA U 390 6.90 -33.45 139.54
CA ALA U 390 5.94 -32.64 138.80
C ALA U 390 6.57 -32.06 137.54
N ARG U 391 7.78 -31.52 137.66
CA ARG U 391 8.40 -30.92 136.47
C ARG U 391 8.85 -31.99 135.50
N LEU U 392 9.17 -33.18 136.01
CA LEU U 392 9.46 -34.28 135.11
C LEU U 392 8.24 -34.62 134.27
N ASP U 393 7.07 -34.68 134.90
CA ASP U 393 5.87 -34.98 134.13
C ASP U 393 5.54 -33.86 133.14
N ALA U 394 5.74 -32.61 133.55
CA ALA U 394 5.50 -31.50 132.63
C ALA U 394 6.42 -31.59 131.41
N MET U 395 7.69 -31.89 131.64
CA MET U 395 8.63 -32.03 130.54
C MET U 395 8.28 -33.23 129.66
N GLN U 396 7.70 -34.27 130.24
CA GLN U 396 7.23 -35.38 129.41
C GLN U 396 6.08 -34.92 128.51
N GLU U 397 5.19 -34.11 129.07
CA GLU U 397 4.12 -33.53 128.24
C GLU U 397 4.72 -32.68 127.12
N ALA U 398 5.79 -31.96 127.42
CA ALA U 398 6.48 -31.18 126.39
C ALA U 398 7.02 -32.09 125.29
N GLN U 399 7.56 -33.25 125.67
CA GLN U 399 7.96 -34.24 124.69
C GLN U 399 6.78 -34.63 123.81
N ASP U 400 5.60 -34.78 124.42
CA ASP U 400 4.41 -35.08 123.62
C ASP U 400 4.13 -33.99 122.60
N GLN U 401 4.20 -32.73 123.05
CA GLN U 401 4.00 -31.60 122.15
C GLN U 401 4.97 -31.65 120.99
N VAL U 402 6.24 -31.92 121.27
CA VAL U 402 7.23 -31.95 120.22
C VAL U 402 6.96 -33.10 119.27
N ARG U 403 6.45 -34.22 119.78
CA ARG U 403 6.08 -35.32 118.90
C ARG U 403 4.99 -34.90 117.93
N ARG U 404 3.95 -34.22 118.44
CA ARG U 404 2.89 -33.76 117.55
C ARG U 404 3.41 -32.76 116.53
N ASP U 405 4.28 -31.85 116.97
CA ASP U 405 4.86 -30.87 116.04
C ASP U 405 5.68 -31.56 114.96
N SER U 406 6.42 -32.61 115.32
CA SER U 406 7.17 -33.36 114.32
C SER U 406 6.23 -34.01 113.32
N ALA U 407 5.11 -34.54 113.79
CA ALA U 407 4.14 -35.10 112.86
C ALA U 407 3.62 -34.04 111.90
N THR U 408 3.34 -32.84 112.42
CA THR U 408 2.88 -31.76 111.56
C THR U 408 3.93 -31.38 110.52
N HIS U 409 5.19 -31.30 110.93
CA HIS U 409 6.25 -31.04 109.97
C HIS U 409 6.32 -32.12 108.92
N GLU U 410 6.13 -33.38 109.31
CA GLU U 410 6.19 -34.45 108.32
C GLU U 410 5.08 -34.29 107.29
N ALA U 411 3.86 -34.03 107.77
CA ALA U 411 2.75 -33.86 106.84
C ALA U 411 2.98 -32.68 105.91
N LYS U 412 3.44 -31.56 106.46
CA LYS U 412 3.63 -30.36 105.65
C LYS U 412 4.77 -30.54 104.66
N ILE U 413 5.84 -31.23 105.05
CA ILE U 413 6.94 -31.43 104.12
C ILE U 413 6.50 -32.36 103.00
N ALA U 414 5.69 -33.38 103.30
CA ALA U 414 5.17 -34.21 102.23
C ALA U 414 4.32 -33.39 101.27
N GLU U 415 3.42 -32.57 101.80
CA GLU U 415 2.56 -31.76 100.94
C GLU U 415 3.38 -30.83 100.06
N LEU U 416 4.37 -30.18 100.64
CA LEU U 416 5.17 -29.26 99.88
C LEU U 416 6.00 -30.00 98.85
N GLN U 417 6.42 -31.22 99.17
CA GLN U 417 7.14 -32.02 98.19
C GLN U 417 6.25 -32.32 97.00
N ALA U 418 4.98 -32.61 97.27
CA ALA U 418 4.06 -32.90 96.18
C ALA U 418 3.84 -31.66 95.31
N THR U 419 3.79 -30.49 95.94
CA THR U 419 3.66 -29.28 95.16
C THR U 419 4.88 -29.05 94.29
N ILE U 420 6.07 -29.32 94.81
CA ILE U 420 7.25 -29.29 93.96
C ILE U 420 7.06 -30.22 92.78
N GLU U 421 6.60 -31.43 93.05
CA GLU U 421 6.36 -32.40 91.99
C GLU U 421 5.52 -31.81 90.88
N ARG U 422 4.33 -31.32 91.22
CA ARG U 422 3.43 -30.89 90.18
C ARG U 422 3.97 -29.66 89.47
N LEU U 423 4.34 -28.62 90.23
CA LEU U 423 4.89 -27.43 89.59
C LEU U 423 6.01 -27.76 88.64
N THR U 424 6.84 -28.74 89.00
CA THR U 424 7.85 -29.15 88.05
C THR U 424 7.22 -29.76 86.82
N SER U 425 6.13 -30.51 86.99
CA SER U 425 5.53 -31.18 85.82
C SER U 425 4.96 -30.17 84.84
N GLU U 426 4.13 -29.24 85.32
CA GLU U 426 3.64 -28.19 84.44
C GLU U 426 4.75 -27.31 83.91
N ALA U 427 5.83 -27.12 84.68
CA ALA U 427 6.96 -26.42 84.10
C ALA U 427 7.47 -27.16 82.87
N ALA U 428 7.58 -28.48 82.98
CA ALA U 428 8.07 -29.27 81.86
C ALA U 428 7.14 -29.16 80.67
N LEU U 429 5.85 -29.33 80.90
CA LEU U 429 4.89 -29.28 79.79
C LEU U 429 4.91 -27.92 79.12
N ALA U 430 4.94 -26.87 79.92
CA ALA U 430 4.94 -25.52 79.36
C ALA U 430 6.19 -25.29 78.55
N GLU U 431 7.34 -25.56 79.14
CA GLU U 431 8.58 -25.35 78.41
C GLU U 431 8.60 -26.17 77.13
N GLY U 432 7.95 -27.33 77.13
CA GLY U 432 7.93 -28.14 75.92
C GLY U 432 7.06 -27.55 74.83
N ALA U 433 5.80 -27.25 75.16
CA ALA U 433 4.92 -26.67 74.17
C ALA U 433 5.47 -25.35 73.67
N LEU U 434 6.28 -24.70 74.48
CA LEU U 434 6.80 -23.41 74.08
C LEU U 434 8.11 -23.52 73.33
N GLU U 435 8.88 -24.58 73.53
CA GLU U 435 9.92 -24.92 72.59
C GLU U 435 9.33 -25.23 71.22
N ALA U 436 8.20 -25.94 71.22
CA ALA U 436 7.51 -26.20 69.96
C ALA U 436 7.06 -24.90 69.32
N ALA U 437 6.57 -23.97 70.13
CA ALA U 437 6.24 -22.64 69.62
C ALA U 437 7.47 -21.97 69.05
N ARG U 438 8.61 -22.07 69.74
CA ARG U 438 9.83 -21.47 69.21
C ARG U 438 10.15 -22.06 67.85
N ARG U 439 10.11 -23.38 67.73
CA ARG U 439 10.48 -24.02 66.47
C ARG U 439 9.55 -23.59 65.35
N ASP U 440 8.25 -23.74 65.56
CA ASP U 440 7.28 -23.43 64.51
C ASP U 440 7.38 -21.98 64.10
N ARG U 441 7.52 -21.08 65.07
CA ARG U 441 7.44 -19.67 64.74
C ARG U 441 8.78 -19.11 64.27
N SER U 442 9.88 -19.73 64.67
CA SER U 442 11.16 -19.41 64.05
C SER U 442 11.17 -19.82 62.59
N ARG U 443 10.54 -20.94 62.25
CA ARG U 443 10.35 -21.26 60.84
C ARG U 443 9.46 -20.22 60.17
N LEU U 444 8.30 -19.95 60.76
CA LEU U 444 7.27 -19.12 60.15
C LEU U 444 7.65 -17.65 60.05
N GLN U 445 8.73 -17.23 60.68
CA GLN U 445 9.32 -15.93 60.34
C GLN U 445 10.67 -16.04 59.66
N MET U 446 11.31 -17.20 59.70
CA MET U 446 12.64 -17.39 59.10
C MET U 446 12.64 -18.67 58.29
N VAL V 327 13.20 -45.05 229.19
CA VAL V 327 13.72 -43.70 229.31
C VAL V 327 14.57 -43.38 228.07
N ALA V 328 15.89 -43.52 228.21
CA ALA V 328 16.77 -43.41 227.06
C ALA V 328 16.41 -44.45 226.01
N LEU V 329 15.92 -45.61 226.45
CA LEU V 329 15.38 -46.59 225.52
C LEU V 329 14.16 -46.05 224.79
N GLU V 330 13.32 -45.26 225.47
CA GLU V 330 12.19 -44.64 224.78
C GLU V 330 12.66 -43.65 223.72
N ARG V 331 13.68 -42.85 224.06
CA ARG V 331 14.23 -41.92 223.07
C ARG V 331 14.79 -42.69 221.88
N ALA V 332 15.47 -43.81 222.16
CA ALA V 332 15.94 -44.66 221.08
C ALA V 332 14.78 -45.18 220.25
N LEU V 333 13.66 -45.51 220.90
CA LEU V 333 12.49 -46.01 220.17
C LEU V 333 11.92 -44.94 219.25
N ASP V 334 11.88 -43.69 219.72
CA ASP V 334 11.44 -42.59 218.86
C ASP V 334 12.40 -42.43 217.68
N ARG V 335 13.70 -42.50 217.94
CA ARG V 335 14.65 -42.45 216.85
C ARG V 335 14.44 -43.58 215.86
N ILE V 336 14.11 -44.76 216.37
CA ILE V 336 13.91 -45.91 215.51
C ILE V 336 12.67 -45.70 214.65
N ARG V 337 11.63 -45.10 215.24
CA ARG V 337 10.45 -44.75 214.45
C ARG V 337 10.82 -43.78 213.33
N ALA V 338 11.66 -42.80 213.64
CA ALA V 338 12.12 -41.87 212.60
C ALA V 338 12.89 -42.61 211.50
N LEU V 339 13.75 -43.54 211.90
CA LEU V 339 14.52 -44.29 210.91
C LEU V 339 13.62 -45.13 210.03
N GLU V 340 12.59 -45.75 210.62
CA GLU V 340 11.70 -46.59 209.83
C GLU V 340 10.85 -45.75 208.89
N GLU V 341 10.44 -44.56 209.33
CA GLU V 341 9.73 -43.66 208.42
C GLU V 341 10.61 -43.23 207.26
N GLU V 342 11.88 -42.91 207.53
CA GLU V 342 12.81 -42.59 206.44
C GLU V 342 12.98 -43.79 205.52
N ALA V 343 13.04 -45.00 206.09
CA ALA V 343 13.20 -46.19 205.28
C ALA V 343 12.01 -46.39 204.34
N ASP V 344 10.80 -46.18 204.85
CA ASP V 344 9.61 -46.30 203.99
C ASP V 344 9.63 -45.25 202.88
N GLY V 345 9.91 -43.99 203.23
CA GLY V 345 9.98 -42.95 202.22
C GLY V 345 11.07 -43.23 201.20
N LEU V 346 12.14 -43.89 201.62
CA LEU V 346 13.24 -44.13 200.70
C LEU V 346 13.02 -45.38 199.87
N ARG V 347 12.18 -46.32 200.33
CA ARG V 347 11.71 -47.35 199.40
C ARG V 347 10.76 -46.79 198.37
N GLN V 348 9.97 -45.79 198.76
CA GLN V 348 9.19 -45.04 197.77
C GLN V 348 10.12 -44.37 196.75
N ARG V 349 11.20 -43.75 197.23
CA ARG V 349 12.18 -43.16 196.32
C ARG V 349 12.81 -44.23 195.43
N HIS V 350 13.08 -45.40 196.00
CA HIS V 350 13.61 -46.50 195.22
C HIS V 350 12.68 -46.84 194.07
N ALA V 351 11.39 -46.94 194.36
CA ALA V 351 10.40 -47.22 193.31
C ALA V 351 10.40 -46.13 192.26
N GLY V 352 10.44 -44.87 192.69
CA GLY V 352 10.41 -43.77 191.73
C GLY V 352 11.62 -43.79 190.80
N VAL V 353 12.81 -43.99 191.37
CA VAL V 353 14.03 -44.01 190.57
C VAL V 353 14.04 -45.23 189.66
N ASP V 354 13.50 -46.37 190.13
CA ASP V 354 13.40 -47.54 189.28
C ASP V 354 12.50 -47.26 188.08
N THR V 355 11.37 -46.59 188.31
CA THR V 355 10.51 -46.20 187.19
C THR V 355 11.25 -45.26 186.24
N ALA V 356 12.02 -44.33 186.79
CA ALA V 356 12.80 -43.42 185.95
C ALA V 356 13.72 -44.19 185.02
N ARG V 357 14.51 -45.10 185.57
CA ARG V 357 15.43 -45.86 184.72
C ARG V 357 14.69 -46.74 183.73
N ALA V 358 13.59 -47.36 184.17
CA ALA V 358 12.85 -48.25 183.28
C ALA V 358 12.32 -47.50 182.07
N THR V 359 11.61 -46.40 182.31
CA THR V 359 11.08 -45.62 181.19
C THR V 359 12.22 -45.04 180.37
N ALA V 360 13.36 -44.73 181.02
CA ALA V 360 14.47 -44.18 180.28
C ALA V 360 15.00 -45.17 179.27
N ILE V 361 15.27 -46.40 179.71
CA ILE V 361 15.82 -47.39 178.79
C ILE V 361 14.79 -47.80 177.75
N GLU V 362 13.50 -47.82 178.13
CA GLU V 362 12.47 -48.18 177.17
C GLU V 362 12.36 -47.13 176.07
N ARG V 363 12.33 -45.85 176.45
CA ARG V 363 12.39 -44.78 175.46
C ARG V 363 13.66 -44.86 174.63
N ALA V 364 14.77 -45.22 175.26
CA ALA V 364 16.03 -45.34 174.53
C ALA V 364 15.91 -46.35 173.41
N ASP V 365 15.42 -47.55 173.74
CA ASP V 365 15.26 -48.58 172.72
C ASP V 365 14.26 -48.17 171.65
N GLN V 366 13.11 -47.63 172.07
CA GLN V 366 12.07 -47.26 171.11
C GLN V 366 12.58 -46.20 170.14
N LEU V 367 13.22 -45.15 170.65
CA LEU V 367 13.74 -44.13 169.78
C LEU V 367 14.91 -44.63 168.95
N ALA V 368 15.66 -45.61 169.46
CA ALA V 368 16.67 -46.20 168.61
C ALA V 368 16.04 -46.83 167.39
N LYS V 369 14.95 -47.60 167.59
CA LYS V 369 14.26 -48.20 166.47
C LYS V 369 13.67 -47.15 165.54
N SER V 370 13.03 -46.13 166.10
CA SER V 370 12.43 -45.10 165.27
C SER V 370 13.49 -44.36 164.48
N ALA V 371 14.63 -44.05 165.11
CA ALA V 371 15.69 -43.34 164.43
C ALA V 371 16.26 -44.18 163.30
N VAL V 372 16.48 -45.47 163.54
CA VAL V 372 17.06 -46.28 162.47
C VAL V 372 16.08 -46.44 161.32
N ALA V 373 14.79 -46.62 161.64
CA ALA V 373 13.79 -46.76 160.59
C ALA V 373 13.67 -45.50 159.76
N GLN V 374 13.66 -44.33 160.42
CA GLN V 374 13.53 -43.11 159.66
C GLN V 374 14.81 -42.78 158.92
N GLU V 375 15.97 -43.19 159.44
CA GLU V 375 17.21 -43.02 158.70
C GLU V 375 17.18 -43.82 157.41
N LYS V 376 16.72 -45.07 157.49
CA LYS V 376 16.67 -45.87 156.27
C LYS V 376 15.56 -45.38 155.33
N ALA V 377 14.49 -44.80 155.87
CA ALA V 377 13.49 -44.17 155.00
C ALA V 377 14.07 -42.96 154.28
N LEU V 378 14.89 -42.16 154.98
CA LEU V 378 15.58 -41.07 154.31
C LEU V 378 16.53 -41.60 153.25
N LYS V 379 17.19 -42.72 153.53
CA LYS V 379 17.97 -43.38 152.49
C LYS V 379 17.10 -43.76 151.30
N ARG V 380 15.87 -44.20 151.57
CA ARG V 380 14.94 -44.53 150.49
C ARG V 380 14.63 -43.32 149.64
N ALA V 381 14.34 -42.19 150.30
CA ALA V 381 14.24 -40.93 149.60
C ALA V 381 15.48 -40.65 148.78
N GLU V 382 16.65 -40.97 149.32
CA GLU V 382 17.88 -40.64 148.64
C GLU V 382 18.01 -41.41 147.32
N GLU V 383 17.82 -42.73 147.34
CA GLU V 383 18.08 -43.40 146.07
C GLU V 383 16.93 -43.22 145.10
N ARG V 384 15.69 -43.05 145.58
CA ARG V 384 14.65 -42.72 144.61
C ARG V 384 14.99 -41.39 143.95
N ALA V 385 15.55 -40.45 144.72
CA ALA V 385 15.92 -39.15 144.17
C ALA V 385 17.00 -39.29 143.11
N GLN V 386 18.03 -40.08 143.40
CA GLN V 386 19.11 -40.20 142.42
C GLN V 386 18.61 -40.89 141.15
N GLN V 387 17.83 -41.97 141.28
CA GLN V 387 17.35 -42.64 140.08
C GLN V 387 16.38 -41.76 139.32
N LEU V 388 15.60 -40.94 140.01
CA LEU V 388 14.67 -40.08 139.32
C LEU V 388 15.42 -39.00 138.57
N ARG V 389 16.52 -38.50 139.16
CA ARG V 389 17.37 -37.59 138.40
C ARG V 389 17.93 -38.28 137.17
N ALA V 390 18.27 -39.57 137.30
CA ALA V 390 18.78 -40.29 136.14
C ALA V 390 17.74 -40.33 135.02
N ARG V 391 16.50 -40.69 135.37
CA ARG V 391 15.43 -40.73 134.37
C ARG V 391 15.19 -39.35 133.78
N LEU V 392 15.18 -38.32 134.62
CA LEU V 392 14.93 -36.98 134.15
C LEU V 392 16.01 -36.52 133.20
N ASP V 393 17.27 -36.83 133.51
CA ASP V 393 18.37 -36.43 132.63
C ASP V 393 18.28 -37.17 131.30
N ALA V 394 17.92 -38.45 131.34
CA ALA V 394 17.71 -39.18 130.10
C ALA V 394 16.60 -38.55 129.28
N MET V 395 15.50 -38.19 129.93
CA MET V 395 14.39 -37.61 129.19
C MET V 395 14.69 -36.22 128.67
N GLN V 396 15.54 -35.46 129.36
CA GLN V 396 15.89 -34.17 128.79
C GLN V 396 16.89 -34.30 127.66
N GLU V 397 17.80 -35.28 127.68
CA GLU V 397 18.65 -35.42 126.51
C GLU V 397 17.86 -35.97 125.33
N ALA V 398 16.85 -36.80 125.62
CA ALA V 398 15.93 -37.23 124.56
C ALA V 398 15.17 -36.03 124.00
N GLN V 399 14.72 -35.14 124.88
CA GLN V 399 14.20 -33.85 124.45
C GLN V 399 15.18 -33.18 123.51
N ASP V 400 16.47 -33.21 123.87
CA ASP V 400 17.46 -32.50 123.07
C ASP V 400 17.62 -33.12 121.68
N GLN V 401 17.64 -34.45 121.61
CA GLN V 401 17.80 -35.10 120.31
C GLN V 401 16.58 -34.88 119.44
N VAL V 402 15.38 -34.96 120.02
CA VAL V 402 14.20 -34.66 119.22
C VAL V 402 14.18 -33.19 118.84
N ARG V 403 14.74 -32.32 119.69
CA ARG V 403 14.90 -30.91 119.33
C ARG V 403 15.73 -30.76 118.08
N ARG V 404 16.91 -31.39 118.04
CA ARG V 404 17.77 -31.21 116.88
C ARG V 404 17.15 -31.85 115.64
N ASP V 405 16.43 -32.95 115.81
CA ASP V 405 15.71 -33.52 114.68
C ASP V 405 14.67 -32.55 114.14
N SER V 406 13.92 -31.92 115.03
CA SER V 406 12.94 -30.94 114.60
C SER V 406 13.62 -29.78 113.90
N ALA V 407 14.80 -29.40 114.37
CA ALA V 407 15.55 -28.33 113.71
C ALA V 407 15.92 -28.75 112.29
N THR V 408 16.34 -30.00 112.12
CA THR V 408 16.67 -30.48 110.78
C THR V 408 15.45 -30.44 109.87
N HIS V 409 14.30 -30.87 110.38
CA HIS V 409 13.10 -30.83 109.54
C HIS V 409 12.69 -29.40 109.22
N GLU V 410 12.88 -28.47 110.17
CA GLU V 410 12.63 -27.07 109.86
C GLU V 410 13.57 -26.58 108.77
N ALA V 411 14.83 -27.00 108.81
CA ALA V 411 15.76 -26.64 107.75
C ALA V 411 15.28 -27.20 106.41
N LYS V 412 14.82 -28.44 106.41
CA LYS V 412 14.33 -29.04 105.17
C LYS V 412 13.14 -28.29 104.61
N ILE V 413 12.19 -27.91 105.46
CA ILE V 413 11.02 -27.19 104.95
C ILE V 413 11.43 -25.82 104.44
N ALA V 414 12.39 -25.17 105.10
CA ALA V 414 12.84 -23.87 104.62
C ALA V 414 13.52 -24.01 103.26
N GLU V 415 14.39 -25.00 103.12
CA GLU V 415 15.07 -25.22 101.84
C GLU V 415 14.06 -25.48 100.74
N LEU V 416 13.17 -26.44 100.95
CA LEU V 416 12.20 -26.77 99.92
C LEU V 416 11.29 -25.60 99.63
N GLN V 417 11.00 -24.77 100.62
CA GLN V 417 10.11 -23.67 100.32
C GLN V 417 10.81 -22.65 99.45
N ALA V 418 12.08 -22.35 99.74
CA ALA V 418 12.85 -21.45 98.87
C ALA V 418 12.84 -21.96 97.45
N THR V 419 12.98 -23.27 97.29
CA THR V 419 12.91 -23.83 95.95
C THR V 419 11.54 -23.60 95.33
N ILE V 420 10.50 -23.63 96.16
CA ILE V 420 9.17 -23.34 95.64
C ILE V 420 9.12 -21.93 95.07
N GLU V 421 9.65 -20.95 95.80
CA GLU V 421 9.59 -19.60 95.22
C GLU V 421 10.41 -19.53 93.94
N ARG V 422 11.55 -20.21 93.90
CA ARG V 422 12.35 -20.16 92.68
C ARG V 422 11.58 -20.69 91.49
N LEU V 423 10.96 -21.86 91.66
CA LEU V 423 10.16 -22.41 90.58
C LEU V 423 9.02 -21.49 90.19
N THR V 424 8.37 -20.90 91.18
CA THR V 424 7.26 -20.02 90.84
C THR V 424 7.72 -18.86 89.98
N SER V 425 8.81 -18.20 90.37
CA SER V 425 9.27 -17.05 89.61
C SER V 425 9.73 -17.45 88.21
N GLU V 426 10.49 -18.53 88.10
CA GLU V 426 10.96 -18.96 86.79
C GLU V 426 9.79 -19.34 85.89
N ALA V 427 8.81 -20.05 86.43
CA ALA V 427 7.66 -20.44 85.63
C ALA V 427 6.87 -19.23 85.18
N ALA V 428 6.78 -18.22 86.04
CA ALA V 428 6.11 -16.99 85.64
C ALA V 428 6.83 -16.32 84.49
N LEU V 429 8.15 -16.26 84.56
CA LEU V 429 8.91 -15.63 83.48
C LEU V 429 8.70 -16.37 82.17
N ALA V 430 8.73 -17.69 82.22
CA ALA V 430 8.49 -18.48 81.01
C ALA V 430 7.10 -18.20 80.46
N GLU V 431 6.09 -18.22 81.34
CA GLU V 431 4.73 -17.99 80.90
C GLU V 431 4.59 -16.64 80.24
N GLY V 432 5.22 -15.62 80.82
CA GLY V 432 5.14 -14.28 80.25
C GLY V 432 5.78 -14.18 78.88
N ALA V 433 7.05 -14.57 78.80
CA ALA V 433 7.75 -14.49 77.52
C ALA V 433 6.99 -15.25 76.44
N LEU V 434 6.36 -16.35 76.82
CA LEU V 434 5.86 -17.23 75.78
C LEU V 434 4.41 -16.95 75.45
N GLU V 435 3.67 -16.35 76.38
CA GLU V 435 2.42 -15.71 75.99
C GLU V 435 2.70 -14.55 75.05
N ALA V 436 3.77 -13.81 75.29
CA ALA V 436 4.16 -12.76 74.35
C ALA V 436 4.52 -13.36 72.99
N ALA V 437 5.21 -14.49 72.99
CA ALA V 437 5.53 -15.15 71.73
C ALA V 437 4.26 -15.57 71.00
N ARG V 438 3.31 -16.19 71.71
CA ARG V 438 2.02 -16.48 71.09
C ARG V 438 1.43 -15.22 70.48
N ARG V 439 1.23 -14.19 71.28
CA ARG V 439 0.62 -12.95 70.80
C ARG V 439 1.30 -12.50 69.51
N ASP V 440 2.60 -12.19 69.61
CA ASP V 440 3.35 -11.59 68.51
C ASP V 440 3.31 -12.45 67.26
N ARG V 441 3.86 -13.65 67.34
CA ARG V 441 4.02 -14.40 66.10
C ARG V 441 2.74 -15.09 65.64
N SER V 442 1.78 -15.35 66.53
CA SER V 442 0.46 -15.76 66.05
C SER V 442 -0.21 -14.63 65.28
N ARG V 443 0.04 -13.36 65.66
CA ARG V 443 -0.45 -12.27 64.82
C ARG V 443 0.31 -12.18 63.51
N LEU V 444 1.63 -12.39 63.52
CA LEU V 444 2.39 -12.35 62.28
C LEU V 444 2.11 -13.54 61.37
N GLN V 445 1.45 -14.58 61.88
CA GLN V 445 1.10 -15.72 61.03
C GLN V 445 -0.37 -15.81 60.65
N MET V 446 -1.30 -15.69 61.61
CA MET V 446 -2.72 -15.78 61.32
C MET V 446 -3.50 -14.63 61.94
N GLU W 1 30.14 -20.32 95.78
CA GLU W 1 29.03 -20.84 94.98
C GLU W 1 29.34 -22.24 94.46
N VAL W 2 28.30 -23.04 94.28
CA VAL W 2 28.47 -24.40 93.80
C VAL W 2 28.98 -24.38 92.37
N GLN W 3 30.12 -25.01 92.13
CA GLN W 3 30.63 -25.18 90.79
C GLN W 3 30.11 -26.49 90.21
N LEU W 4 30.11 -26.58 88.89
CA LEU W 4 29.50 -27.70 88.19
C LEU W 4 30.41 -28.10 87.03
N GLN W 5 30.89 -29.34 87.06
CA GLN W 5 31.63 -29.90 85.95
C GLN W 5 30.78 -30.98 85.30
N GLU W 6 30.93 -31.13 83.99
CA GLU W 6 30.03 -31.98 83.23
C GLU W 6 30.86 -33.05 82.54
N SER W 7 30.26 -33.74 81.58
CA SER W 7 30.87 -34.89 80.94
C SER W 7 30.42 -34.93 79.49
N GLY W 8 30.55 -36.08 78.87
CA GLY W 8 29.91 -36.34 77.60
C GLY W 8 30.76 -35.92 76.41
N GLY W 9 30.37 -36.38 75.23
CA GLY W 9 31.06 -36.03 74.00
C GLY W 9 31.20 -37.25 73.11
N GLY W 10 31.52 -36.98 71.85
CA GLY W 10 31.79 -38.01 70.88
C GLY W 10 31.05 -37.80 69.57
N LEU W 11 31.17 -38.81 68.71
CA LEU W 11 30.54 -38.79 67.39
C LEU W 11 30.55 -40.21 66.83
N VAL W 12 29.36 -40.79 66.63
CA VAL W 12 29.23 -42.13 66.05
C VAL W 12 28.12 -42.07 65.01
N TYR W 13 28.07 -43.07 64.14
CA TYR W 13 26.99 -43.17 63.17
C TYR W 13 25.63 -43.24 63.84
N ASP W 789 22.75 -43.59 68.91
CA ASP W 789 21.65 -44.32 69.53
C ASP W 789 21.73 -44.30 71.06
N SER W 790 22.89 -43.94 71.59
CA SER W 790 23.08 -43.93 73.04
C SER W 790 24.35 -43.16 73.40
N LEU W 791 24.26 -42.33 74.43
CA LEU W 791 25.44 -41.68 74.99
C LEU W 791 25.06 -41.10 76.34
N ARG W 792 26.07 -40.67 77.10
CA ARG W 792 25.93 -40.45 78.53
C ARG W 792 26.43 -39.06 78.90
N LEU W 793 25.77 -38.45 79.89
CA LEU W 793 26.06 -37.08 80.28
C LEU W 793 25.64 -36.86 81.72
N SER W 794 26.61 -36.54 82.57
CA SER W 794 26.38 -36.37 84.00
C SER W 794 27.29 -35.25 84.50
N CYS W 795 26.71 -34.30 85.23
CA CYS W 795 27.50 -33.22 85.79
C CYS W 795 27.53 -33.33 87.30
N ALA W 796 28.72 -33.10 87.88
CA ALA W 796 28.94 -33.23 89.31
C ALA W 796 29.07 -31.85 89.94
N SER W 797 28.37 -31.66 91.05
CA SER W 797 28.45 -30.38 91.75
C SER W 797 29.71 -30.32 92.61
N SER W 798 30.12 -29.10 92.93
CA SER W 798 31.39 -28.89 93.60
C SER W 798 31.23 -29.00 95.10
N ARG W 799 30.04 -28.70 95.60
CA ARG W 799 29.80 -28.74 97.03
C ARG W 799 28.32 -29.03 97.26
N SER W 800 27.95 -29.12 98.52
CA SER W 800 26.59 -29.46 98.90
C SER W 800 26.13 -30.71 98.16
N ILE W 801 26.96 -31.75 98.21
CA ILE W 801 26.59 -33.03 97.63
C ILE W 801 25.26 -33.46 98.22
N ASP W 802 24.33 -33.85 97.34
CA ASP W 802 22.95 -34.13 97.71
C ASP W 802 22.27 -32.91 98.31
N GLY W 803 22.82 -31.73 98.03
CA GLY W 803 22.27 -30.47 98.55
C GLY W 803 21.61 -29.64 97.46
N ILE W 804 20.69 -30.25 96.71
CA ILE W 804 19.97 -29.54 95.61
C ILE W 804 18.60 -30.20 95.40
N ASN W 805 17.52 -29.42 95.54
CA ASN W 805 16.14 -29.94 95.35
C ASN W 805 15.92 -30.21 93.86
N ILE W 806 15.62 -29.16 93.09
CA ILE W 806 15.42 -29.28 91.65
C ILE W 806 16.74 -29.17 90.92
N MET W 807 17.04 -30.18 90.12
CA MET W 807 18.11 -30.15 89.14
C MET W 807 17.53 -30.44 87.78
N ARG W 808 18.06 -29.79 86.76
CA ARG W 808 17.56 -30.00 85.43
C ARG W 808 18.59 -29.56 84.41
N TRP W 809 18.72 -30.34 83.35
CA TRP W 809 19.52 -29.94 82.22
C TRP W 809 18.69 -29.14 81.23
N TYR W 810 19.33 -28.19 80.57
CA TYR W 810 18.69 -27.47 79.49
C TYR W 810 19.43 -27.80 78.20
N ARG W 811 18.69 -27.82 77.10
CA ARG W 811 19.29 -27.89 75.77
C ARG W 811 19.60 -26.47 75.29
N GLN W 812 20.77 -26.29 74.69
CA GLN W 812 21.14 -25.00 74.12
C GLN W 812 21.56 -25.22 72.69
N ALA W 813 20.64 -25.12 71.79
CA ALA W 813 20.92 -25.25 70.39
C ALA W 813 21.56 -23.96 69.86
N PRO W 814 22.31 -24.03 68.76
CA PRO W 814 23.00 -22.83 68.28
C PRO W 814 22.03 -21.72 67.95
N GLY W 815 22.48 -20.49 68.16
CA GLY W 815 21.76 -19.32 67.73
C GLY W 815 20.48 -19.11 68.51
N LYS W 816 19.60 -20.09 68.45
CA LYS W 816 18.34 -20.03 69.15
C LYS W 816 18.56 -20.15 70.64
N GLN W 817 17.55 -19.77 71.40
CA GLN W 817 17.71 -19.66 72.84
C GLN W 817 17.71 -21.05 73.50
N ARG W 818 17.68 -21.03 74.83
CA ARG W 818 17.94 -22.20 75.65
C ARG W 818 16.65 -22.73 76.26
N GLY W 819 16.61 -24.04 76.47
CA GLY W 819 15.41 -24.66 77.01
C GLY W 819 15.71 -25.98 77.71
N MET W 820 14.90 -26.27 78.71
CA MET W 820 15.06 -27.42 79.57
C MET W 820 14.74 -28.71 78.82
N VAL W 821 15.32 -29.81 79.29
CA VAL W 821 15.16 -31.11 78.66
C VAL W 821 14.56 -32.13 79.62
N ALA W 822 15.03 -32.14 80.87
CA ALA W 822 14.55 -33.12 81.84
C ALA W 822 14.84 -32.60 83.24
N VAL W 823 14.08 -33.11 84.21
CA VAL W 823 14.19 -32.67 85.59
C VAL W 823 14.32 -33.86 86.51
N VAL W 824 14.94 -33.62 87.66
CA VAL W 824 14.91 -34.53 88.79
C VAL W 824 14.57 -33.73 90.03
N THR W 825 13.60 -34.19 90.79
CA THR W 825 13.29 -33.56 92.06
C THR W 825 14.39 -33.89 93.05
N GLY W 826 14.22 -33.46 94.29
CA GLY W 826 15.24 -33.77 95.26
C GLY W 826 15.26 -35.22 95.67
N TRP W 827 14.32 -36.00 95.20
CA TRP W 827 14.04 -37.31 95.76
C TRP W 827 13.71 -38.40 94.77
N GLY W 828 13.61 -38.11 93.48
CA GLY W 828 13.59 -39.21 92.52
C GLY W 828 12.64 -39.11 91.35
N SER W 829 11.52 -38.41 91.52
CA SER W 829 10.57 -38.30 90.42
C SER W 829 11.17 -37.44 89.31
N THR W 830 10.74 -37.71 88.07
CA THR W 830 11.39 -37.14 86.90
C THR W 830 10.36 -36.82 85.83
N ASN W 831 9.91 -35.57 85.77
CA ASN W 831 9.21 -35.10 84.60
C ASN W 831 10.19 -34.79 83.48
N TYR W 832 9.70 -34.78 82.26
CA TYR W 832 10.55 -34.50 81.10
C TYR W 832 9.84 -33.55 80.17
N VAL W 833 10.58 -33.12 79.15
CA VAL W 833 10.01 -32.34 78.06
C VAL W 833 9.37 -33.28 77.06
N ASP W 834 8.22 -32.89 76.52
CA ASP W 834 7.50 -33.74 75.58
C ASP W 834 8.37 -34.10 74.39
N SER W 835 9.31 -33.23 74.02
CA SER W 835 10.15 -33.52 72.87
C SER W 835 11.01 -34.75 73.08
N VAL W 836 11.24 -35.16 74.33
CA VAL W 836 12.16 -36.25 74.57
C VAL W 836 11.61 -37.29 75.53
N LYS W 837 10.29 -37.34 75.72
CA LYS W 837 9.77 -38.37 76.60
C LYS W 837 10.21 -39.75 76.15
N GLY W 838 10.55 -40.59 77.13
CA GLY W 838 11.03 -41.92 76.86
C GLY W 838 12.36 -41.98 76.18
N ARG W 839 12.83 -40.89 75.59
CA ARG W 839 14.09 -40.87 74.87
C ARG W 839 15.28 -40.69 75.80
N PHE W 840 15.05 -40.13 76.98
CA PHE W 840 16.09 -39.87 77.96
C PHE W 840 15.70 -40.52 79.27
N ILE W 841 16.72 -40.87 80.05
CA ILE W 841 16.54 -41.22 81.45
C ILE W 841 17.36 -40.24 82.25
N ILE W 842 16.72 -39.58 83.21
CA ILE W 842 17.40 -38.68 84.13
C ILE W 842 17.28 -39.26 85.53
N SER W 843 18.41 -39.38 86.23
CA SER W 843 18.44 -40.09 87.50
C SER W 843 19.64 -39.62 88.30
N ARG W 844 19.44 -39.42 89.60
CA ARG W 844 20.50 -38.93 90.45
C ARG W 844 21.56 -39.99 90.70
N ASP W 845 22.71 -39.54 91.16
CA ASP W 845 23.75 -40.40 91.72
C ASP W 845 24.46 -39.60 92.80
N SER W 846 24.07 -39.82 94.06
CA SER W 846 24.71 -39.10 95.15
C SER W 846 26.16 -39.53 95.33
N ALA W 847 26.58 -40.59 94.67
CA ALA W 847 27.97 -41.02 94.77
C ALA W 847 28.91 -39.93 94.26
N LYS W 848 28.58 -39.32 93.12
CA LYS W 848 29.36 -38.21 92.61
C LYS W 848 28.51 -36.95 92.45
N ASP W 849 27.32 -36.92 93.04
CA ASP W 849 26.35 -35.86 92.81
C ASP W 849 26.14 -35.64 91.31
N THR W 850 26.20 -36.72 90.55
CA THR W 850 26.07 -36.68 89.10
C THR W 850 24.69 -37.22 88.75
N VAL W 851 23.72 -36.34 88.59
CA VAL W 851 22.48 -36.76 87.99
C VAL W 851 22.78 -37.30 86.60
N TYR W 852 22.16 -38.41 86.25
CA TYR W 852 22.50 -39.14 85.03
C TYR W 852 21.49 -38.79 83.94
N LEU W 853 21.86 -37.84 83.09
CA LEU W 853 21.11 -37.51 81.89
C LEU W 853 21.53 -38.46 80.79
N GLN W 854 20.74 -39.50 80.56
CA GLN W 854 21.13 -40.53 79.62
C GLN W 854 20.55 -40.27 78.24
N MET W 855 21.42 -40.23 77.23
CA MET W 855 21.02 -40.05 75.85
C MET W 855 20.85 -41.42 75.20
N ASN W 856 19.63 -41.72 74.77
CA ASN W 856 19.34 -42.99 74.13
C ASN W 856 18.52 -42.72 72.88
N ASN W 857 18.62 -43.65 71.92
CA ASN W 857 17.92 -43.61 70.64
C ASN W 857 17.86 -42.20 70.08
N LEU W 858 19.01 -41.55 70.11
CA LEU W 858 19.11 -40.16 69.72
C LEU W 858 18.71 -39.94 68.28
N LYS W 859 17.87 -38.95 68.03
CA LYS W 859 17.69 -38.47 66.68
C LYS W 859 18.70 -37.37 66.41
N PRO W 860 19.66 -37.59 65.51
CA PRO W 860 20.90 -36.79 65.54
C PRO W 860 20.68 -35.31 65.34
N GLU W 861 19.56 -34.90 64.76
CA GLU W 861 19.28 -33.47 64.63
C GLU W 861 19.17 -32.81 65.99
N ASP W 862 18.91 -33.59 67.04
CA ASP W 862 18.64 -33.02 68.35
C ASP W 862 19.88 -32.53 69.07
N THR W 863 20.98 -32.32 68.35
CA THR W 863 22.20 -31.89 69.01
C THR W 863 22.05 -30.48 69.56
N ALA W 864 22.77 -30.21 70.63
CA ALA W 864 22.73 -28.92 71.30
C ALA W 864 23.77 -28.90 72.42
N VAL W 865 24.31 -27.71 72.68
CA VAL W 865 25.12 -27.52 73.86
C VAL W 865 24.25 -27.76 75.08
N TYR W 866 24.79 -28.51 76.04
CA TYR W 866 24.01 -28.97 77.18
C TYR W 866 24.62 -28.40 78.45
N SER W 867 23.86 -27.57 79.14
CA SER W 867 24.23 -27.08 80.45
C SER W 867 23.24 -27.58 81.49
N CYS W 868 23.76 -27.98 82.66
CA CYS W 868 22.93 -28.50 83.73
C CYS W 868 22.78 -27.46 84.82
N ASN W 869 21.58 -27.37 85.37
CA ASN W 869 21.20 -26.33 86.31
C ASN W 869 21.09 -26.90 87.70
N ALA W 870 21.20 -26.05 88.71
CA ALA W 870 20.99 -26.42 90.09
C ALA W 870 20.26 -25.29 90.79
N ILE W 871 19.16 -25.62 91.43
CA ILE W 871 18.40 -24.66 92.24
C ILE W 871 18.64 -25.00 93.69
N TYR W 872 19.55 -24.27 94.34
CA TYR W 872 19.94 -24.54 95.72
C TYR W 872 19.67 -23.31 96.57
N ARG W 873 18.97 -23.52 97.69
CA ARG W 873 18.68 -22.48 98.66
C ARG W 873 17.99 -21.27 98.05
N GLY W 874 17.17 -21.50 97.02
CA GLY W 874 16.52 -20.43 96.31
C GLY W 874 17.38 -19.75 95.27
N SER W 875 18.64 -20.14 95.15
CA SER W 875 19.54 -19.56 94.17
C SER W 875 19.84 -20.56 93.06
N GLU W 876 19.99 -20.04 91.85
CA GLU W 876 20.09 -20.83 90.64
C GLU W 876 21.50 -20.76 90.09
N TYR W 877 22.09 -21.94 89.85
CA TYR W 877 23.50 -22.07 89.48
C TYR W 877 23.62 -22.82 88.17
N TRP W 878 24.44 -22.29 87.26
CA TRP W 878 24.45 -22.72 85.87
C TRP W 878 25.74 -23.47 85.58
N GLY W 879 25.65 -24.49 84.75
CA GLY W 879 26.82 -25.23 84.32
C GLY W 879 27.55 -24.54 83.19
N GLN W 880 28.52 -25.25 82.62
CA GLN W 880 29.38 -24.71 81.58
C GLN W 880 28.95 -25.07 80.17
N GLY W 881 27.93 -25.91 80.01
CA GLY W 881 27.45 -26.26 78.69
C GLY W 881 28.27 -27.35 78.01
N THR W 882 27.61 -28.27 77.29
CA THR W 882 28.34 -29.32 76.60
C THR W 882 27.62 -29.70 75.31
N GLN W 883 28.37 -29.85 74.22
CA GLN W 883 27.81 -30.18 72.92
C GLN W 883 28.17 -31.59 72.52
N VAL W 884 27.18 -32.32 72.02
CA VAL W 884 27.35 -33.71 71.60
C VAL W 884 26.58 -33.91 70.30
N THR W 885 27.13 -34.73 69.41
CA THR W 885 26.41 -35.10 68.20
C THR W 885 26.95 -36.44 67.71
N VAL W 886 26.08 -37.21 67.05
CA VAL W 886 26.43 -38.47 66.42
C VAL W 886 25.79 -38.52 65.04
N SER W 887 26.10 -39.59 64.29
CA SER W 887 25.56 -39.82 62.95
C SER W 887 25.97 -38.71 61.98
N GLU X 1 -10.35 -33.79 97.21
CA GLU X 1 -11.70 -33.30 97.00
C GLU X 1 -11.82 -31.86 97.50
N VAL X 2 -11.66 -30.91 96.58
CA VAL X 2 -11.69 -29.49 96.89
C VAL X 2 -12.53 -28.79 95.84
N GLN X 3 -13.32 -27.81 96.24
CA GLN X 3 -14.06 -26.98 95.32
C GLN X 3 -13.62 -25.54 95.46
N LEU X 4 -13.43 -24.87 94.32
CA LEU X 4 -13.02 -23.48 94.28
C LEU X 4 -14.11 -22.68 93.57
N GLN X 5 -15.05 -22.16 94.34
CA GLN X 5 -16.11 -21.32 93.80
C GLN X 5 -15.57 -19.91 93.62
N GLU X 6 -15.93 -19.26 92.53
CA GLU X 6 -15.45 -17.93 92.22
C GLU X 6 -16.37 -16.85 92.77
N SER X 7 -15.93 -15.61 92.64
CA SER X 7 -16.76 -14.47 92.97
C SER X 7 -16.37 -13.33 92.03
N GLY X 8 -16.76 -12.11 92.39
CA GLY X 8 -16.37 -10.96 91.61
C GLY X 8 -16.97 -10.90 90.23
N LEU X 791 -13.43 -3.91 90.45
CA LEU X 791 -12.11 -4.25 89.94
C LEU X 791 -11.40 -5.14 90.93
N ARG X 792 -12.06 -6.18 91.41
CA ARG X 792 -11.61 -6.88 92.61
C ARG X 792 -12.32 -8.23 92.66
N LEU X 793 -11.58 -9.34 92.64
CA LEU X 793 -12.24 -10.60 92.40
C LEU X 793 -11.59 -11.68 93.25
N SER X 794 -12.40 -12.67 93.65
CA SER X 794 -11.97 -13.62 94.66
C SER X 794 -12.58 -14.98 94.41
N CYS X 795 -12.13 -15.95 95.21
CA CYS X 795 -12.63 -17.30 95.20
C CYS X 795 -12.55 -17.86 96.61
N ALA X 796 -13.33 -18.91 96.86
CA ALA X 796 -13.28 -19.60 98.13
C ALA X 796 -13.04 -21.09 97.89
N SER X 797 -12.24 -21.68 98.76
CA SER X 797 -11.91 -23.09 98.63
C SER X 797 -12.89 -23.90 99.45
N SER X 798 -12.87 -25.21 99.22
CA SER X 798 -13.70 -26.10 100.02
C SER X 798 -13.29 -26.02 101.49
N ARG X 799 -12.00 -26.02 101.77
CA ARG X 799 -11.51 -26.11 103.13
C ARG X 799 -9.99 -26.00 103.11
N SER X 800 -9.43 -25.80 104.30
CA SER X 800 -7.99 -25.90 104.53
C SER X 800 -7.20 -24.83 103.78
N ILE X 801 -7.68 -23.59 103.84
CA ILE X 801 -6.86 -22.49 103.38
C ILE X 801 -5.58 -22.47 104.21
N ASP X 802 -4.45 -22.32 103.53
CA ASP X 802 -3.11 -22.31 104.14
C ASP X 802 -2.73 -23.71 104.62
N GLY X 803 -3.70 -24.61 104.64
CA GLY X 803 -3.41 -26.01 104.45
C GLY X 803 -3.40 -26.36 103.00
N ILE X 804 -3.76 -25.39 102.18
CA ILE X 804 -3.68 -25.46 100.73
C ILE X 804 -2.41 -24.73 100.30
N ASN X 805 -1.50 -25.47 99.72
CA ASN X 805 -0.25 -24.92 99.25
C ASN X 805 -0.55 -24.28 97.90
N ILE X 806 0.46 -24.06 97.07
CA ILE X 806 0.45 -23.13 95.95
C ILE X 806 -0.87 -23.03 95.19
N MET X 807 -1.35 -21.81 95.03
CA MET X 807 -2.52 -21.52 94.22
C MET X 807 -2.27 -20.27 93.40
N ARG X 808 -2.90 -20.21 92.24
CA ARG X 808 -2.64 -19.15 91.28
C ARG X 808 -3.90 -18.90 90.48
N TRP X 809 -3.90 -17.84 89.69
CA TRP X 809 -5.03 -17.53 88.83
C TRP X 809 -4.62 -17.51 87.37
N TYR X 810 -5.60 -17.74 86.51
CA TYR X 810 -5.37 -17.89 85.08
C TYR X 810 -6.34 -17.01 84.30
N ARG X 811 -5.88 -16.56 83.14
CA ARG X 811 -6.62 -15.66 82.27
C ARG X 811 -6.87 -16.34 80.94
N GLN X 812 -8.12 -16.33 80.50
CA GLN X 812 -8.50 -16.94 79.23
C GLN X 812 -8.98 -15.83 78.29
N ALA X 813 -8.05 -15.26 77.53
CA ALA X 813 -8.44 -14.36 76.47
C ALA X 813 -9.21 -15.15 75.41
N PRO X 814 -10.26 -14.58 74.82
CA PRO X 814 -11.08 -15.37 73.90
C PRO X 814 -10.32 -15.69 72.62
N GLY X 815 -10.65 -16.83 72.04
CA GLY X 815 -9.93 -17.29 70.87
C GLY X 815 -8.48 -17.64 71.16
N LYS X 816 -8.11 -17.74 72.43
CA LYS X 816 -6.75 -18.08 72.82
C LYS X 816 -6.80 -19.24 73.80
N GLN X 817 -5.63 -19.76 74.13
CA GLN X 817 -5.53 -20.88 75.05
C GLN X 817 -5.19 -20.36 76.45
N ARG X 818 -4.98 -21.28 77.39
CA ARG X 818 -4.89 -20.95 78.80
C ARG X 818 -3.69 -20.05 79.09
N GLY X 819 -3.78 -19.29 80.18
CA GLY X 819 -2.67 -18.44 80.58
C GLY X 819 -2.66 -18.05 82.04
N MET X 820 -1.52 -18.22 82.71
CA MET X 820 -1.40 -17.93 84.14
C MET X 820 -1.38 -16.42 84.38
N VAL X 821 -1.82 -16.02 85.56
CA VAL X 821 -1.90 -14.59 85.86
C VAL X 821 -0.95 -14.20 86.97
N ALA X 822 -1.20 -14.69 88.18
CA ALA X 822 -0.51 -14.24 89.37
C ALA X 822 -0.47 -15.38 90.37
N VAL X 823 0.49 -15.33 91.29
CA VAL X 823 0.73 -16.46 92.17
C VAL X 823 0.85 -15.99 93.60
N VAL X 824 0.00 -16.52 94.47
CA VAL X 824 0.21 -16.49 95.91
C VAL X 824 0.65 -17.88 96.34
N THR X 825 1.45 -17.93 97.38
CA THR X 825 1.86 -19.21 97.95
C THR X 825 1.30 -19.35 99.36
N GLY X 826 1.65 -20.43 100.03
CA GLY X 826 1.32 -20.53 101.44
C GLY X 826 2.08 -19.53 102.29
N TRP X 827 3.22 -19.09 101.81
CA TRP X 827 4.08 -18.13 102.46
C TRP X 827 3.51 -16.74 102.42
N GLY X 828 2.63 -16.45 101.47
CA GLY X 828 2.39 -15.11 101.07
C GLY X 828 3.40 -14.60 100.07
N SER X 829 4.41 -15.39 99.74
CA SER X 829 5.30 -15.05 98.64
C SER X 829 4.50 -14.98 97.35
N THR X 830 4.80 -13.97 96.55
CA THR X 830 3.91 -13.53 95.50
C THR X 830 4.70 -13.08 94.28
N ASN X 831 4.13 -13.32 93.10
CA ASN X 831 4.67 -12.73 91.88
C ASN X 831 3.57 -12.69 90.84
N TYR X 832 3.82 -11.92 89.80
CA TYR X 832 2.87 -11.75 88.71
C TYR X 832 3.53 -12.17 87.40
N VAL X 833 2.76 -12.12 86.34
CA VAL X 833 3.29 -12.37 85.01
C VAL X 833 3.63 -11.02 84.41
N ASP X 834 4.51 -11.00 83.42
CA ASP X 834 5.08 -9.75 82.95
C ASP X 834 4.01 -8.81 82.40
N SER X 835 3.01 -9.36 81.72
CA SER X 835 1.98 -8.52 81.14
C SER X 835 1.25 -7.73 82.22
N VAL X 836 0.86 -8.40 83.31
CA VAL X 836 0.11 -7.75 84.36
C VAL X 836 0.99 -7.26 85.48
N LYS X 837 2.31 -7.34 85.33
CA LYS X 837 3.20 -6.88 86.38
C LYS X 837 2.91 -5.42 86.70
N GLY X 838 2.91 -5.09 87.98
CA GLY X 838 2.58 -3.73 88.35
C GLY X 838 1.09 -3.50 88.29
N ARG X 839 0.43 -4.05 87.29
CA ARG X 839 -1.02 -3.92 87.20
C ARG X 839 -1.70 -4.55 88.40
N PHE X 840 -1.71 -5.88 88.47
CA PHE X 840 -2.60 -6.53 89.42
C PHE X 840 -1.93 -6.77 90.76
N ILE X 841 -2.78 -6.95 91.76
CA ILE X 841 -2.36 -7.13 93.14
C ILE X 841 -3.18 -8.27 93.71
N ILE X 842 -2.52 -9.14 94.46
CA ILE X 842 -3.13 -10.35 94.96
C ILE X 842 -2.84 -10.50 96.44
N SER X 843 -3.81 -11.02 97.16
CA SER X 843 -3.74 -11.03 98.61
C SER X 843 -4.53 -12.20 99.15
N ARG X 844 -4.02 -12.82 100.20
CA ARG X 844 -4.64 -13.97 100.83
C ARG X 844 -5.22 -13.57 102.18
N ASP X 845 -6.44 -14.02 102.44
CA ASP X 845 -7.06 -13.90 103.77
C ASP X 845 -7.08 -15.28 104.40
N SER X 846 -6.25 -15.45 105.44
CA SER X 846 -6.15 -16.75 106.07
C SER X 846 -7.48 -17.16 106.70
N ALA X 847 -8.24 -16.20 107.20
CA ALA X 847 -9.45 -16.54 107.94
C ALA X 847 -10.49 -17.24 107.08
N LYS X 848 -11.07 -16.52 106.13
CA LYS X 848 -12.28 -16.98 105.46
C LYS X 848 -11.98 -17.70 104.16
N ASP X 849 -11.04 -18.65 104.19
CA ASP X 849 -10.84 -19.65 103.15
C ASP X 849 -10.91 -19.05 101.75
N THR X 850 -9.99 -18.12 101.45
CA THR X 850 -10.16 -17.35 100.23
C THR X 850 -8.84 -16.76 99.77
N VAL X 851 -8.85 -16.29 98.53
CA VAL X 851 -7.75 -15.57 97.91
C VAL X 851 -8.35 -14.42 97.13
N TYR X 852 -7.53 -13.40 96.87
CA TYR X 852 -8.02 -12.18 96.25
C TYR X 852 -7.17 -11.74 95.06
N LEU X 853 -7.86 -11.28 94.02
CA LEU X 853 -7.28 -10.52 92.91
C LEU X 853 -8.07 -9.24 92.71
N GLN X 854 -7.35 -8.12 92.61
CA GLN X 854 -7.96 -6.82 92.43
C GLN X 854 -7.48 -6.23 91.10
N MET X 855 -8.43 -5.91 90.23
CA MET X 855 -8.11 -5.32 88.94
C MET X 855 -7.51 -3.93 89.16
N ASN X 856 -6.55 -3.55 88.32
CA ASN X 856 -5.96 -2.23 88.48
C ASN X 856 -5.69 -1.56 87.15
N ASN X 857 -6.00 -0.27 87.07
CA ASN X 857 -5.70 0.62 85.95
C ASN X 857 -5.81 -0.11 84.62
N LEU X 858 -6.89 -0.85 84.43
CA LEU X 858 -6.94 -1.81 83.35
C LEU X 858 -7.10 -1.11 82.01
N LYS X 859 -6.31 -1.56 81.04
CA LYS X 859 -6.54 -1.24 79.65
C LYS X 859 -7.34 -2.38 79.04
N PRO X 860 -8.32 -2.07 78.19
CA PRO X 860 -9.26 -3.11 77.73
C PRO X 860 -8.59 -4.36 77.23
N GLU X 861 -7.32 -4.29 76.83
CA GLU X 861 -6.65 -5.44 76.24
C GLU X 861 -6.70 -6.66 77.16
N ASP X 862 -6.75 -6.44 78.47
CA ASP X 862 -6.81 -7.56 79.40
C ASP X 862 -8.18 -8.22 79.41
N THR X 863 -9.17 -7.64 78.74
CA THR X 863 -10.51 -8.21 78.67
C THR X 863 -10.44 -9.70 78.38
N ALA X 864 -10.99 -10.50 79.28
CA ALA X 864 -10.89 -11.95 79.14
C ALA X 864 -11.81 -12.59 80.17
N VAL X 865 -11.86 -13.92 80.12
CA VAL X 865 -12.53 -14.71 81.13
C VAL X 865 -11.48 -15.37 82.00
N TYR X 866 -11.62 -15.17 83.29
CA TYR X 866 -10.62 -15.59 84.27
C TYR X 866 -11.15 -16.77 85.05
N SER X 867 -10.23 -17.61 85.49
CA SER X 867 -10.58 -18.79 86.27
C SER X 867 -9.50 -19.01 87.31
N CYS X 868 -9.92 -19.19 88.56
CA CYS X 868 -8.98 -19.30 89.66
C CYS X 868 -8.61 -20.74 89.94
N ASN X 869 -7.31 -20.97 90.12
CA ASN X 869 -6.71 -22.29 90.15
C ASN X 869 -6.07 -22.54 91.51
N ALA X 870 -5.83 -23.82 91.81
CA ALA X 870 -5.14 -24.22 93.03
C ALA X 870 -4.53 -25.59 92.82
N ILE X 871 -3.55 -25.92 93.66
CA ILE X 871 -2.77 -27.15 93.54
C ILE X 871 -2.78 -27.80 94.92
N TYR X 872 -3.12 -29.09 94.99
CA TYR X 872 -3.28 -29.78 96.26
C TYR X 872 -2.74 -31.20 96.17
N ARG X 873 -1.64 -31.44 96.88
CA ARG X 873 -0.95 -32.73 96.90
C ARG X 873 -0.78 -33.31 95.49
N GLY X 874 -0.44 -32.46 94.53
CA GLY X 874 -0.12 -32.91 93.20
C GLY X 874 -1.28 -32.95 92.24
N SER X 875 -2.37 -32.27 92.55
CA SER X 875 -3.56 -32.30 91.72
C SER X 875 -3.84 -30.93 91.14
N GLU X 876 -4.49 -30.90 89.97
CA GLU X 876 -5.16 -29.69 89.54
C GLU X 876 -6.32 -29.39 90.47
N TYR X 877 -6.76 -28.14 90.46
CA TYR X 877 -8.06 -27.79 90.98
C TYR X 877 -8.54 -26.53 90.28
N TRP X 878 -9.58 -26.70 89.47
CA TRP X 878 -10.13 -25.63 88.68
C TRP X 878 -11.58 -25.44 89.08
N GLY X 879 -12.02 -24.19 89.08
CA GLY X 879 -13.41 -23.85 89.31
C GLY X 879 -14.17 -23.64 88.01
N GLN X 880 -15.15 -22.75 88.07
CA GLN X 880 -15.92 -22.38 86.89
C GLN X 880 -15.36 -21.13 86.21
N GLY X 881 -14.74 -20.24 86.98
CA GLY X 881 -14.17 -19.05 86.43
C GLY X 881 -15.24 -18.01 86.11
N THR X 882 -14.76 -16.83 85.75
CA THR X 882 -15.64 -15.71 85.44
C THR X 882 -14.92 -14.79 84.47
N GLN X 883 -15.68 -13.92 83.83
CA GLN X 883 -15.19 -13.12 82.72
C GLN X 883 -15.05 -11.67 83.12
N VAL X 884 -14.20 -10.96 82.37
CA VAL X 884 -14.00 -9.53 82.53
C VAL X 884 -14.18 -8.91 81.16
N THR X 885 -14.59 -7.64 81.15
CA THR X 885 -15.06 -6.99 79.94
C THR X 885 -14.12 -5.89 79.46
N VAL X 886 -14.54 -5.20 78.41
CA VAL X 886 -13.75 -4.13 77.79
C VAL X 886 -13.66 -2.95 78.74
N SER X 887 -12.54 -2.22 78.66
CA SER X 887 -12.35 -0.98 79.43
C SER X 887 -12.37 -1.20 80.94
#